data_7UZ5
#
_entry.id   7UZ5
#
_cell.length_a   1.00
_cell.length_b   1.00
_cell.length_c   1.00
_cell.angle_alpha   90.00
_cell.angle_beta   90.00
_cell.angle_gamma   90.00
#
_symmetry.space_group_name_H-M   'P 1'
#
loop_
_entity.id
_entity.type
_entity.pdbx_description
1 polymer 'Spike glycoprotein'
2 polymer 'M8a-6 Fab heavy chain'
3 polymer 'M8a-6 Fab light chain'
4 non-polymer 2-acetamido-2-deoxy-beta-D-glucopyranose
#
loop_
_entity_poly.entity_id
_entity_poly.type
_entity_poly.pdbx_seq_one_letter_code
_entity_poly.pdbx_strand_id
1 'polypeptide(L)'
;MFVFLVLLPLVSSQCVNLTTRTQLPPAYTNSFTRGVYYPDKVFRSSVLHSTQDLFLPFFSNVTWFHAIHVSGTNGTKRFD
NPVLPFNDGVYFASTEKSNIIRGWIFGTTLDSKTQSLLIVNNATNVVIKVCEFQFCNDPFLGVYYHKNNKSWMESEFRVY
SSANNCTFEYVSQPFLMDLEGKQGNFKNLREFVFKNIDGYFKIYSKHTPINLVRDLPQGFSALEPLVDLPIGINITRFQT
LLALHRSYLTPGDSSSGWTAGAAAYYVGYLQPRTFLLKYNENGTITDAVDCALDPLSETKCTLKSFTVEKGIYQTSNFRV
QPTESIVRFPNITNLCPFGEVFNATRFASVYAWNRKRISNCVADYSVLYNSASFSTFKCYGVSPTKLNDLCFTNVYADSF
VIRGDEVRQIAPGQTGKIADYNYKLPDDFTGCVIAWNSNNLDSKVGGNYNYLYRLFRKSNLKPFERDISTEIYQAGSTPC
NGVEGFNCYFPLQSYGFQPTNGVGYQPYRVVVLSFELLHAPATVCGPKKSTNLVKNKCVNFNFNGLTGTGVLTESNKKFL
PFQQFGRDIADTTDAVRDPQTLEILDITPCSFGGVSVITPGTNTSNQVAVLYQDVNCTEVPVAIHADQLTPTWRVYSTGS
NVFQTRAGCLIGAEHVNNSYECDIPIGAGICASYQTQTNSPASVASQSIIAYTMSLGAENSVAYSNNSIAIPTNFTISVT
TEILPVSMTKTSVDCTMYICGDSTECSNLLLQYGSFCTQLNRALTGIAVEQDKNTQEVFAQVKQIYKTPPIKDFGGFNFS
QILPDPSKPSKRSPIEDLLFNKVTLADAGFIKQYGDCLGDIAARDLICAQKFNGLTVLPPLLTDEMIAQYTSALLAGTIT
SGWTFGAGPALQIPFPMQMAYRFNGIGVTQNVLYENQKLIANQFNSAIGKIQDSLSSTPSALGKLQDVVNQNAQALNTLV
KQLSSNFGAISSVLNDILSRLDPPEAEVQIDRLITGRLQSLQTYVTQQLIRAAEIRASANLAATKMSECVLGQSKRVDFC
GKGYHLMSFPQSAPHGVVFLHVTYVPAQEKNFTTAPAICHDGKAHFPREGVFVSNGTHWFVTQRNFYEPQIITTDNTFVS
GNCDVVIGIVNNTVYDPLQPELDSFKEELDKYFKNHTSPDVDLGDISGINASVVNIQKEIDRLNEVAKNLNESLIDLQEL
GKYEQYIKWPSGRLVPRGSPGSGYIPEAPRDGQAYVRKDGEWVLLSTFLGHHHHHH
;
A,B,C
2 'polypeptide(L)'
;QVQLQQPGTELVMPGASVKLSCKTSGYTFTHYWMHWVKQRPGEGLEWIGEIAPSDNYVKYNQKFKGKSTLSVDRSSSTAY
MQLSSLTSEDSAVYFCARPDNSGYPVYFDYWGQGTSLTVSSASTKGPSVFPLAPSSKSTSGGTAALGCLVKDYFPEPVTV
SWNSGALTSGVHTFPAVLQSSGLYSLSSVVTVPSSSLGTQTYICNVNHKPSNTKVDKRVEPKSCDKTHHHHHH
;
H
3 'polypeptide(L)'
;DIVMTQSQKFMSTSLGDRVSISCKASQDVGTTVAWYQQKPGQSPKLLIYWASTRHTGVPDRFTGTGSGTDYTLTISSVAA
EDLALYYCQQHYNTPYTFGGGTKLEIERTVAAPSVFIFPPSDEQLKSGTASVVCLLNNFYPREAKVQWKVDNALQSGNSQ
ESVTEQDSKDSTYSLSSTLTLSKADYEKHKVYACEVTHQGLSSPVTKSFNRGEC
;
L
#
# COMPACT_ATOMS: atom_id res chain seq x y z
N TYR A 28 12.47 48.12 21.58
CA TYR A 28 11.62 46.99 21.24
C TYR A 28 10.17 47.41 21.05
N THR A 29 9.65 47.24 19.84
CA THR A 29 8.27 47.53 19.51
C THR A 29 7.73 46.44 18.61
N ASN A 30 6.40 46.31 18.60
CA ASN A 30 5.74 45.24 17.84
C ASN A 30 5.93 45.46 16.36
N SER A 31 6.28 44.39 15.63
CA SER A 31 6.38 44.49 14.18
C SER A 31 5.03 44.62 13.50
N PHE A 32 3.95 44.35 14.22
CA PHE A 32 2.59 44.34 13.67
C PHE A 32 2.56 43.28 12.56
N THR A 33 1.98 43.57 11.40
CA THR A 33 1.84 42.58 10.33
C THR A 33 2.87 42.75 9.23
N ARG A 34 3.84 43.64 9.40
CA ARG A 34 4.78 43.96 8.35
C ARG A 34 5.86 42.88 8.23
N GLY A 35 6.63 42.96 7.15
CA GLY A 35 7.75 42.06 6.93
C GLY A 35 7.51 40.93 5.97
N VAL A 36 6.38 40.92 5.27
CA VAL A 36 6.04 39.81 4.37
C VAL A 36 6.38 40.21 2.94
N TYR A 37 7.13 39.36 2.25
CA TYR A 37 7.57 39.59 0.89
C TYR A 37 7.06 38.49 -0.02
N TYR A 38 7.07 38.76 -1.32
CA TYR A 38 6.70 37.73 -2.28
C TYR A 38 7.77 36.65 -2.30
N PRO A 39 7.44 35.40 -1.99
CA PRO A 39 8.50 34.37 -1.91
C PRO A 39 9.17 34.08 -3.24
N ASP A 40 8.42 34.10 -4.34
CA ASP A 40 8.95 33.71 -5.64
C ASP A 40 8.28 34.52 -6.75
N LYS A 41 8.81 34.37 -7.96
CA LYS A 41 8.33 35.14 -9.10
C LYS A 41 6.97 34.67 -9.60
N VAL A 42 6.47 33.54 -9.09
CA VAL A 42 5.22 32.99 -9.58
C VAL A 42 4.07 33.93 -9.28
N PHE A 43 3.21 34.12 -10.26
CA PHE A 43 2.01 34.95 -10.12
C PHE A 43 0.83 34.05 -9.81
N ARG A 44 0.02 34.45 -8.83
CA ARG A 44 -1.18 33.73 -8.48
C ARG A 44 -2.32 34.72 -8.29
N SER A 45 -3.53 34.32 -8.67
CA SER A 45 -4.68 35.22 -8.71
C SER A 45 -5.81 34.66 -7.86
N SER A 46 -6.21 35.44 -6.84
CA SER A 46 -7.39 35.13 -6.02
C SER A 46 -7.31 33.73 -5.41
N VAL A 47 -6.12 33.35 -4.96
CA VAL A 47 -5.91 32.04 -4.35
C VAL A 47 -5.12 32.23 -3.05
N LEU A 48 -5.17 31.20 -2.21
CA LEU A 48 -4.49 31.19 -0.93
C LEU A 48 -3.36 30.17 -1.00
N HIS A 49 -2.13 30.65 -0.96
CA HIS A 49 -0.94 29.81 -1.11
C HIS A 49 -0.19 29.75 0.20
N SER A 50 0.04 28.53 0.68
CA SER A 50 0.77 28.32 1.93
C SER A 50 2.21 27.96 1.60
N THR A 51 3.15 28.80 2.05
CA THR A 51 4.55 28.63 1.74
C THR A 51 5.35 28.58 3.03
N GLN A 52 6.34 27.68 3.08
CA GLN A 52 7.21 27.54 4.24
C GLN A 52 8.57 28.11 3.89
N ASP A 53 8.80 29.36 4.30
CA ASP A 53 10.06 30.03 4.00
C ASP A 53 10.42 30.92 5.18
N LEU A 54 11.42 31.77 4.97
CA LEU A 54 11.86 32.69 6.01
C LEU A 54 11.00 33.95 6.00
N PHE A 55 10.39 34.26 7.14
CA PHE A 55 9.58 35.46 7.26
C PHE A 55 9.75 36.04 8.65
N LEU A 56 9.39 37.31 8.78
CA LEU A 56 9.33 37.95 10.10
C LEU A 56 8.02 37.56 10.77
N PRO A 57 8.05 36.90 11.92
CA PRO A 57 6.80 36.47 12.57
C PRO A 57 5.92 37.66 12.94
N PHE A 58 4.62 37.46 12.87
CA PHE A 58 3.66 38.50 13.17
C PHE A 58 3.81 38.95 14.62
N PHE A 59 3.73 40.27 14.83
CA PHE A 59 3.73 40.92 16.14
C PHE A 59 5.02 40.70 16.92
N SER A 60 6.07 40.19 16.28
CA SER A 60 7.34 40.00 16.99
C SER A 60 7.96 41.36 17.32
N ASN A 61 8.58 41.44 18.48
CA ASN A 61 9.26 42.67 18.87
C ASN A 61 10.48 42.90 17.99
N VAL A 62 10.62 44.14 17.53
CA VAL A 62 11.68 44.52 16.60
C VAL A 62 12.61 45.50 17.32
N THR A 63 13.90 45.23 17.27
CA THR A 63 14.87 46.06 17.99
C THR A 63 15.02 47.40 17.29
N TRP A 64 14.57 48.47 17.95
CA TRP A 64 14.64 49.81 17.39
C TRP A 64 15.98 50.43 17.74
N PHE A 65 16.75 50.78 16.72
CA PHE A 65 18.08 51.36 16.89
C PHE A 65 18.08 52.80 16.39
N HIS A 66 18.56 53.70 17.23
CA HIS A 66 18.88 55.05 16.79
C HIS A 66 20.33 55.10 16.31
N ALA A 67 20.52 55.46 15.04
CA ALA A 67 21.82 55.32 14.42
C ALA A 67 22.87 56.17 15.11
N ILE A 68 22.60 57.48 15.26
CA ILE A 68 23.50 58.38 15.97
C ILE A 68 22.65 59.38 16.73
N HIS A 69 22.99 59.58 18.00
CA HIS A 69 22.30 60.54 18.85
C HIS A 69 23.19 61.75 19.05
N VAL A 70 22.65 62.94 18.78
CA VAL A 70 23.35 64.20 18.93
C VAL A 70 22.76 64.94 20.12
N SER A 71 23.60 65.27 21.09
CA SER A 71 23.16 65.97 22.29
C SER A 71 23.14 67.48 22.08
N ASN A 74 24.90 70.53 23.61
CA ASN A 74 26.32 70.65 23.36
C ASN A 74 26.68 70.14 21.97
N GLY A 75 25.76 69.38 21.37
CA GLY A 75 25.99 68.84 20.05
C GLY A 75 26.87 67.62 20.00
N THR A 76 27.15 66.98 21.15
CA THR A 76 27.99 65.79 21.17
C THR A 76 27.33 64.67 20.37
N LYS A 77 28.12 64.01 19.53
CA LYS A 77 27.62 62.98 18.62
C LYS A 77 27.94 61.60 19.20
N ARG A 78 26.91 60.78 19.34
CA ARG A 78 27.06 59.42 19.87
C ARG A 78 26.98 58.44 18.70
N PHE A 79 28.13 57.84 18.36
CA PHE A 79 28.23 56.89 17.26
C PHE A 79 27.81 55.52 17.77
N ASP A 80 26.59 55.09 17.42
CA ASP A 80 26.03 53.83 17.87
C ASP A 80 25.51 53.06 16.66
N ASN A 81 26.40 52.33 16.00
CA ASN A 81 26.06 51.45 14.89
C ASN A 81 26.77 50.10 15.07
N PRO A 82 26.33 49.31 16.04
CA PRO A 82 26.96 48.01 16.26
C PRO A 82 26.80 47.11 15.05
N VAL A 83 27.82 46.28 14.83
CA VAL A 83 27.83 45.38 13.68
C VAL A 83 26.97 44.18 14.05
N LEU A 84 25.69 44.24 13.70
CA LEU A 84 24.72 43.27 14.20
C LEU A 84 24.92 41.91 13.52
N PRO A 85 24.79 40.82 14.27
CA PRO A 85 24.93 39.49 13.65
C PRO A 85 23.85 39.23 12.61
N PHE A 86 24.22 38.53 11.54
CA PHE A 86 23.31 38.23 10.44
C PHE A 86 22.74 36.82 10.65
N ASN A 87 21.67 36.76 11.42
CA ASN A 87 21.00 35.48 11.71
C ASN A 87 19.94 35.25 10.64
N ASP A 88 20.29 34.47 9.62
CA ASP A 88 19.40 34.12 8.50
C ASP A 88 18.89 35.43 7.88
N GLY A 89 17.60 35.56 7.62
CA GLY A 89 17.11 36.80 7.04
C GLY A 89 17.00 37.91 8.06
N VAL A 90 17.07 39.14 7.56
CA VAL A 90 16.98 40.34 8.40
C VAL A 90 16.02 41.32 7.74
N TYR A 91 14.97 41.68 8.47
CA TYR A 91 13.99 42.67 8.00
C TYR A 91 14.47 44.05 8.43
N PHE A 92 14.89 44.86 7.46
CA PHE A 92 15.44 46.18 7.71
C PHE A 92 14.42 47.22 7.29
N ALA A 93 14.01 48.08 8.23
CA ALA A 93 13.06 49.14 7.97
C ALA A 93 13.62 50.45 8.51
N SER A 94 13.21 51.57 7.91
CA SER A 94 13.69 52.88 8.30
C SER A 94 12.65 53.93 7.97
N THR A 95 12.55 54.95 8.81
CA THR A 95 11.66 56.08 8.59
C THR A 95 12.41 57.36 8.28
N GLU A 96 13.72 57.28 8.06
CA GLU A 96 14.53 58.49 7.86
C GLU A 96 14.18 59.15 6.53
N LYS A 97 13.99 60.46 6.57
CA LYS A 97 13.71 61.24 5.36
C LYS A 97 14.96 61.86 4.75
N SER A 98 16.07 61.89 5.48
CA SER A 98 17.30 62.49 4.99
C SER A 98 18.22 61.47 4.31
N ASN A 99 17.80 60.21 4.21
CA ASN A 99 18.60 59.16 3.59
C ASN A 99 19.99 59.05 4.22
N ILE A 100 20.02 59.01 5.55
CA ILE A 100 21.29 58.87 6.26
C ILE A 100 21.94 57.53 5.92
N ILE A 101 21.15 56.47 5.87
CA ILE A 101 21.65 55.16 5.48
C ILE A 101 22.02 55.21 4.00
N ARG A 102 23.25 54.83 3.69
CA ARG A 102 23.77 54.90 2.33
C ARG A 102 24.28 53.55 1.85
N GLY A 103 23.92 52.48 2.54
CA GLY A 103 24.32 51.15 2.15
C GLY A 103 24.44 50.24 3.36
N TRP A 104 24.92 49.02 3.12
CA TRP A 104 25.04 48.02 4.15
C TRP A 104 26.37 47.29 3.99
N ILE A 105 26.79 46.65 5.09
CA ILE A 105 27.96 45.79 5.11
C ILE A 105 27.50 44.37 5.39
N PHE A 106 28.06 43.40 4.66
CA PHE A 106 27.81 41.98 4.90
C PHE A 106 29.13 41.24 4.86
N GLY A 107 29.40 40.45 5.89
CA GLY A 107 30.63 39.68 5.95
C GLY A 107 30.61 38.69 7.09
N THR A 108 31.27 37.55 6.87
CA THR A 108 31.34 36.53 7.92
C THR A 108 32.27 36.97 9.05
N THR A 109 33.35 37.67 8.73
CA THR A 109 34.31 38.12 9.72
C THR A 109 34.71 39.58 9.56
N LEU A 110 34.39 40.21 8.43
CA LEU A 110 34.72 41.62 8.18
C LEU A 110 36.22 41.85 8.29
N ASP A 111 37.00 40.98 7.64
CA ASP A 111 38.45 41.10 7.61
C ASP A 111 38.94 40.86 6.19
N SER A 112 40.17 41.30 5.93
CA SER A 112 40.75 41.14 4.60
C SER A 112 41.00 39.68 4.26
N LYS A 113 41.10 38.81 5.27
CA LYS A 113 41.36 37.40 5.02
C LYS A 113 40.21 36.74 4.28
N THR A 114 38.97 37.09 4.63
CA THR A 114 37.78 36.49 4.05
C THR A 114 37.05 37.50 3.18
N GLN A 115 36.45 37.01 2.09
CA GLN A 115 35.70 37.88 1.21
C GLN A 115 34.46 38.42 1.91
N SER A 116 34.12 39.67 1.60
CA SER A 116 32.98 40.33 2.21
C SER A 116 32.18 41.06 1.14
N LEU A 117 30.91 41.30 1.45
CA LEU A 117 29.99 41.98 0.53
C LEU A 117 29.81 43.43 0.98
N LEU A 118 30.10 44.35 0.06
CA LEU A 118 29.97 45.78 0.33
C LEU A 118 28.92 46.36 -0.61
N ILE A 119 27.93 47.04 -0.04
CA ILE A 119 26.89 47.73 -0.80
C ILE A 119 26.82 49.17 -0.30
N VAL A 120 27.01 50.11 -1.22
CA VAL A 120 26.81 51.53 -0.93
C VAL A 120 25.97 52.13 -2.04
N ASN A 121 24.89 52.81 -1.67
CA ASN A 121 24.02 53.49 -2.63
C ASN A 121 24.19 55.00 -2.50
N ASN A 122 25.21 55.52 -3.19
CA ASN A 122 25.45 56.95 -3.01
C ASN A 122 24.53 57.76 -3.91
N ALA A 123 24.83 59.06 -4.01
CA ALA A 123 23.92 59.99 -4.67
C ALA A 123 23.69 59.62 -6.12
N THR A 124 24.74 59.22 -6.83
CA THR A 124 24.61 58.97 -8.26
C THR A 124 23.93 57.62 -8.53
N ASN A 125 24.52 56.53 -8.07
CA ASN A 125 24.00 55.23 -8.45
C ASN A 125 24.48 54.19 -7.45
N VAL A 126 23.80 53.03 -7.44
CA VAL A 126 24.11 51.97 -6.49
C VAL A 126 25.47 51.36 -6.79
N VAL A 127 26.24 51.08 -5.75
CA VAL A 127 27.54 50.43 -5.87
C VAL A 127 27.52 49.15 -5.05
N ILE A 128 27.95 48.05 -5.66
CA ILE A 128 28.03 46.76 -4.98
C ILE A 128 29.42 46.18 -5.21
N LYS A 129 30.06 45.75 -4.13
CA LYS A 129 31.38 45.12 -4.20
C LYS A 129 31.37 43.81 -3.45
N VAL A 130 32.05 42.81 -3.99
CA VAL A 130 32.32 41.55 -3.31
C VAL A 130 33.81 41.25 -3.48
N CYS A 131 34.61 41.66 -2.50
CA CYS A 131 36.05 41.49 -2.56
C CYS A 131 36.58 41.23 -1.16
N GLU A 132 37.88 40.97 -1.08
CA GLU A 132 38.55 40.91 0.21
C GLU A 132 38.80 42.31 0.72
N PHE A 133 38.14 42.68 1.82
CA PHE A 133 38.16 44.05 2.32
C PHE A 133 38.73 44.08 3.73
N GLN A 134 39.70 44.96 3.95
CA GLN A 134 40.25 45.19 5.28
C GLN A 134 39.41 46.28 5.93
N PHE A 135 38.52 45.88 6.85
CA PHE A 135 37.56 46.80 7.41
C PHE A 135 38.21 47.74 8.42
N CYS A 136 37.77 48.99 8.41
CA CYS A 136 38.22 49.96 9.40
C CYS A 136 37.55 49.71 10.73
N ASN A 137 38.10 50.33 11.78
CA ASN A 137 37.49 50.23 13.10
C ASN A 137 36.08 50.81 13.11
N ASP A 138 35.90 51.97 12.48
CA ASP A 138 34.60 52.63 12.36
C ASP A 138 34.40 53.01 10.89
N PRO A 139 34.00 52.06 10.06
CA PRO A 139 33.79 52.36 8.64
C PRO A 139 32.72 53.43 8.44
N PHE A 140 32.93 54.29 7.45
CA PHE A 140 32.02 55.39 7.19
C PHE A 140 32.17 55.84 5.75
N LEU A 141 31.19 56.62 5.31
CA LEU A 141 31.21 57.24 3.99
C LEU A 141 31.37 58.75 4.15
N GLY A 142 32.36 59.31 3.46
CA GLY A 142 32.67 60.72 3.60
C GLY A 142 32.01 61.60 2.56
N VAL A 143 31.22 62.57 3.00
CA VAL A 143 30.52 63.50 2.13
C VAL A 143 30.78 64.92 2.61
N TYR A 144 31.02 65.84 1.67
CA TYR A 144 31.32 67.23 2.00
C TYR A 144 30.31 68.14 1.31
N TYR A 145 30.21 69.36 1.84
CA TYR A 145 29.30 70.38 1.32
C TYR A 145 30.11 71.39 0.52
N HIS A 146 29.72 71.61 -0.73
CA HIS A 146 30.39 72.57 -1.60
C HIS A 146 29.66 73.90 -1.53
N LYS A 147 30.41 74.96 -1.27
CA LYS A 147 29.80 76.29 -1.12
C LYS A 147 29.14 76.74 -2.41
N ASN A 148 29.80 76.53 -3.55
CA ASN A 148 29.25 76.98 -4.83
C ASN A 148 28.07 76.12 -5.25
N ASN A 149 28.20 74.79 -5.16
CA ASN A 149 27.13 73.91 -5.61
C ASN A 149 25.98 73.86 -4.62
N LYS A 150 26.23 74.23 -3.35
CA LYS A 150 25.22 74.23 -2.30
C LYS A 150 24.57 72.85 -2.13
N SER A 151 25.38 71.80 -2.20
CA SER A 151 24.89 70.43 -2.09
C SER A 151 25.96 69.56 -1.45
N TRP A 152 25.56 68.39 -0.99
CA TRP A 152 26.46 67.44 -0.37
C TRP A 152 26.82 66.33 -1.34
N MET A 153 28.12 66.18 -1.61
CA MET A 153 28.62 65.12 -2.48
C MET A 153 29.81 64.44 -1.80
N GLU A 154 29.99 63.16 -2.12
CA GLU A 154 30.91 62.29 -1.38
C GLU A 154 32.34 62.73 -1.57
N SER A 155 33.08 62.86 -0.47
CA SER A 155 34.50 63.20 -0.54
C SER A 155 35.36 61.95 -0.76
N GLU A 156 35.20 60.95 0.11
CA GLU A 156 36.06 59.77 0.08
C GLU A 156 35.33 58.63 0.76
N PHE A 157 35.59 57.42 0.28
CA PHE A 157 35.03 56.21 0.86
C PHE A 157 36.08 55.58 1.77
N ARG A 158 35.80 55.55 3.07
CA ARG A 158 36.76 55.12 4.08
C ARG A 158 36.15 53.98 4.91
N VAL A 159 35.50 53.05 4.22
CA VAL A 159 34.95 51.86 4.86
C VAL A 159 35.93 50.71 4.81
N TYR A 160 36.55 50.48 3.66
CA TYR A 160 37.51 49.40 3.46
C TYR A 160 38.88 49.98 3.22
N SER A 161 39.91 49.31 3.74
CA SER A 161 41.28 49.75 3.49
C SER A 161 41.71 49.46 2.06
N SER A 162 41.40 48.26 1.56
CA SER A 162 41.79 47.88 0.21
C SER A 162 40.85 46.80 -0.28
N ALA A 163 40.85 46.59 -1.60
CA ALA A 163 40.02 45.60 -2.26
C ALA A 163 40.91 44.55 -2.91
N ASN A 164 40.60 43.28 -2.65
CA ASN A 164 41.39 42.18 -3.21
C ASN A 164 40.45 41.04 -3.60
N ASN A 165 40.85 40.31 -4.64
CA ASN A 165 40.12 39.13 -5.13
C ASN A 165 38.65 39.46 -5.38
N CYS A 166 38.40 40.55 -6.10
CA CYS A 166 37.03 40.93 -6.42
C CYS A 166 36.39 39.88 -7.32
N THR A 167 35.15 39.51 -7.00
CA THR A 167 34.43 38.48 -7.72
C THR A 167 33.17 39.01 -8.41
N PHE A 168 32.30 39.70 -7.66
CA PHE A 168 31.03 40.16 -8.20
C PHE A 168 30.91 41.66 -8.00
N GLU A 169 30.79 42.41 -9.10
CA GLU A 169 30.55 43.84 -9.08
C GLU A 169 29.26 44.11 -9.84
N TYR A 170 28.32 44.79 -9.20
CA TYR A 170 27.01 45.03 -9.77
C TYR A 170 26.60 46.48 -9.55
N VAL A 171 25.87 47.03 -10.52
CA VAL A 171 25.38 48.41 -10.49
C VAL A 171 23.98 48.43 -11.08
N SER A 172 23.05 49.08 -10.37
CA SER A 172 21.68 49.22 -10.83
C SER A 172 21.07 50.47 -10.19
N GLN A 173 19.94 50.90 -10.74
CA GLN A 173 19.41 52.22 -10.39
C GLN A 173 19.14 52.33 -8.89
N PRO A 174 19.31 53.51 -8.31
CA PRO A 174 19.15 53.66 -6.85
C PRO A 174 17.72 53.37 -6.40
N PHE A 175 17.59 52.82 -5.20
CA PHE A 175 16.33 52.41 -4.63
C PHE A 175 16.02 53.07 -3.30
N LEU A 176 17.04 53.35 -2.48
CA LEU A 176 16.79 53.92 -1.16
C LEU A 176 16.29 55.35 -1.26
N MET A 177 16.72 56.08 -2.29
CA MET A 177 16.32 57.48 -2.43
C MET A 177 14.83 57.59 -2.71
N ASP A 178 14.23 58.64 -2.16
CA ASP A 178 12.81 58.93 -2.36
C ASP A 178 11.92 57.75 -1.96
N LYS A 187 10.14 60.19 6.99
CA LYS A 187 8.87 60.62 6.42
C LYS A 187 8.14 59.45 5.77
N ASN A 188 8.83 58.77 4.85
CA ASN A 188 8.28 57.62 4.14
C ASN A 188 9.01 56.36 4.60
N LEU A 189 8.24 55.35 5.00
CA LEU A 189 8.84 54.12 5.49
C LEU A 189 9.44 53.32 4.34
N ARG A 190 10.69 52.89 4.51
CA ARG A 190 11.38 52.05 3.55
C ARG A 190 11.68 50.72 4.23
N GLU A 191 11.28 49.62 3.59
CA GLU A 191 11.49 48.28 4.12
C GLU A 191 12.41 47.52 3.17
N PHE A 192 13.37 46.80 3.74
CA PHE A 192 14.30 45.97 2.96
C PHE A 192 14.48 44.65 3.67
N VAL A 193 14.53 43.57 2.89
CA VAL A 193 14.75 42.22 3.40
C VAL A 193 16.01 41.69 2.74
N PHE A 194 16.96 41.22 3.56
CA PHE A 194 18.21 40.67 3.06
C PHE A 194 18.29 39.20 3.45
N LYS A 195 18.48 38.33 2.47
CA LYS A 195 18.48 36.89 2.68
C LYS A 195 19.64 36.25 1.95
N ASN A 196 20.24 35.24 2.58
CA ASN A 196 21.33 34.47 1.99
C ASN A 196 20.93 32.99 1.98
N ILE A 197 20.47 32.51 0.83
CA ILE A 197 20.07 31.12 0.66
C ILE A 197 20.84 30.55 -0.52
N ASP A 198 21.54 29.43 -0.29
CA ASP A 198 22.29 28.73 -1.33
C ASP A 198 23.27 29.66 -2.04
N GLY A 199 23.92 30.52 -1.25
CA GLY A 199 24.89 31.45 -1.82
C GLY A 199 24.29 32.54 -2.66
N TYR A 200 23.00 32.81 -2.50
CA TYR A 200 22.31 33.84 -3.26
C TYR A 200 21.84 34.93 -2.30
N PHE A 201 22.18 36.18 -2.59
CA PHE A 201 21.76 37.33 -1.80
C PHE A 201 20.58 37.98 -2.50
N LYS A 202 19.46 38.08 -1.79
CA LYS A 202 18.21 38.55 -2.37
C LYS A 202 17.72 39.76 -1.60
N ILE A 203 17.31 40.80 -2.33
CA ILE A 203 16.83 42.04 -1.73
C ILE A 203 15.37 42.24 -2.13
N TYR A 204 14.51 42.35 -1.13
CA TYR A 204 13.10 42.67 -1.32
C TYR A 204 12.82 44.01 -0.66
N SER A 205 12.08 44.88 -1.34
CA SER A 205 11.85 46.22 -0.84
C SER A 205 10.41 46.63 -1.04
N LYS A 206 9.99 47.64 -0.27
CA LYS A 206 8.68 48.25 -0.39
C LYS A 206 8.75 49.66 0.17
N HIS A 207 8.18 50.62 -0.55
CA HIS A 207 8.18 52.02 -0.16
C HIS A 207 6.75 52.45 0.12
N THR A 208 6.52 53.00 1.31
CA THR A 208 5.19 53.44 1.72
C THR A 208 5.30 54.68 2.59
N PRO A 209 4.61 55.77 2.25
CA PRO A 209 4.60 56.93 3.15
C PRO A 209 3.88 56.61 4.44
N ILE A 210 4.37 57.19 5.53
CA ILE A 210 3.83 56.95 6.87
C ILE A 210 3.70 58.27 7.61
N ASN A 211 2.88 58.27 8.66
CA ASN A 211 2.68 59.43 9.50
C ASN A 211 3.18 59.24 10.93
N LEU A 212 3.34 57.99 11.37
CA LEU A 212 3.82 57.69 12.72
C LEU A 212 5.31 57.39 12.64
N VAL A 213 6.13 58.40 12.93
CA VAL A 213 7.58 58.24 12.84
C VAL A 213 8.10 57.36 13.97
N ARG A 214 7.46 57.42 15.15
CA ARG A 214 7.99 56.72 16.32
C ARG A 214 7.98 55.21 16.14
N ASP A 215 6.89 54.66 15.58
CA ASP A 215 6.72 53.22 15.50
C ASP A 215 6.26 52.82 14.11
N LEU A 216 6.45 51.54 13.79
CA LEU A 216 5.97 51.00 12.53
C LEU A 216 4.43 51.03 12.52
N PRO A 217 3.82 51.55 11.46
CA PRO A 217 2.36 51.65 11.44
C PRO A 217 1.71 50.27 11.37
N GLN A 218 0.51 50.19 11.93
CA GLN A 218 -0.28 48.96 11.82
C GLN A 218 -0.90 48.87 10.44
N GLY A 219 -0.69 47.75 9.78
CA GLY A 219 -1.15 47.56 8.41
C GLY A 219 -0.26 46.56 7.71
N PHE A 220 -0.60 46.32 6.44
CA PHE A 220 0.09 45.31 5.64
C PHE A 220 0.53 45.92 4.31
N SER A 221 1.72 45.55 3.87
CA SER A 221 2.25 45.94 2.57
C SER A 221 3.35 44.96 2.19
N ALA A 222 3.13 44.23 1.09
CA ALA A 222 4.09 43.22 0.66
C ALA A 222 5.35 43.87 0.10
N LEU A 223 6.44 43.12 0.10
CA LEU A 223 7.74 43.59 -0.36
C LEU A 223 8.07 42.95 -1.71
N GLU A 224 8.19 43.76 -2.75
CA GLU A 224 8.46 43.26 -4.08
C GLU A 224 9.96 43.07 -4.27
N PRO A 225 10.41 41.94 -4.82
CA PRO A 225 11.85 41.72 -4.99
C PRO A 225 12.48 42.78 -5.89
N LEU A 226 13.68 43.21 -5.51
CA LEU A 226 14.38 44.19 -6.33
C LEU A 226 15.52 43.56 -7.13
N VAL A 227 16.48 42.95 -6.45
CA VAL A 227 17.69 42.44 -7.07
C VAL A 227 18.04 41.10 -6.46
N ASP A 228 18.43 40.15 -7.31
CA ASP A 228 18.93 38.85 -6.87
C ASP A 228 20.40 38.73 -7.29
N LEU A 229 21.26 38.35 -6.35
CA LEU A 229 22.69 38.31 -6.60
C LEU A 229 23.25 36.93 -6.27
N PRO A 230 23.98 36.30 -7.18
CA PRO A 230 24.67 35.02 -6.88
C PRO A 230 26.05 35.25 -6.29
N ILE A 231 26.08 35.85 -5.09
CA ILE A 231 27.34 36.21 -4.46
C ILE A 231 28.14 34.96 -4.10
N GLY A 232 27.49 33.99 -3.48
CA GLY A 232 28.15 32.74 -3.12
C GLY A 232 29.24 32.89 -2.08
N ILE A 233 29.04 33.77 -1.10
CA ILE A 233 29.98 33.94 0.01
C ILE A 233 29.21 33.79 1.31
N ASN A 234 29.93 33.39 2.36
CA ASN A 234 29.30 33.25 3.67
C ASN A 234 29.30 34.58 4.40
N ILE A 235 28.15 34.95 4.96
CA ILE A 235 27.98 36.20 5.69
C ILE A 235 27.27 35.88 6.99
N THR A 236 27.88 36.27 8.12
CA THR A 236 27.33 35.97 9.43
C THR A 236 27.01 37.21 10.26
N ARG A 237 27.44 38.39 9.84
CA ARG A 237 27.27 39.60 10.63
C ARG A 237 27.25 40.81 9.70
N PHE A 238 26.33 41.74 9.95
CA PHE A 238 26.12 42.88 9.05
C PHE A 238 26.22 44.18 9.83
N GLN A 239 26.50 45.27 9.11
CA GLN A 239 26.64 46.59 9.69
C GLN A 239 25.96 47.61 8.78
N THR A 240 25.25 48.57 9.39
CA THR A 240 24.57 49.61 8.62
C THR A 240 25.51 50.77 8.33
N LEU A 241 25.54 51.19 7.07
CA LEU A 241 26.43 52.24 6.60
C LEU A 241 25.70 53.58 6.58
N LEU A 242 26.34 54.61 7.13
CA LEU A 242 25.83 55.97 7.10
C LEU A 242 26.88 56.87 6.45
N ALA A 243 26.42 57.77 5.59
CA ALA A 243 27.33 58.76 5.02
C ALA A 243 27.57 59.88 6.02
N LEU A 244 28.75 59.86 6.64
CA LEU A 244 29.12 60.86 7.63
C LEU A 244 29.55 62.13 6.93
N HIS A 245 28.95 63.26 7.31
CA HIS A 245 29.25 64.52 6.67
C HIS A 245 30.65 64.99 7.03
N ARG A 246 31.14 65.97 6.27
CA ARG A 246 32.46 66.53 6.52
C ARG A 246 32.56 67.14 7.92
N SER A 247 31.46 67.73 8.40
CA SER A 247 31.43 68.24 9.77
C SER A 247 31.59 67.11 10.77
N TYR A 248 30.95 65.96 10.51
CA TYR A 248 31.16 64.79 11.36
C TYR A 248 32.60 64.31 11.31
N LEU A 249 33.21 64.35 10.11
CA LEU A 249 34.56 63.85 9.95
C LEU A 249 35.59 64.76 10.61
N THR A 250 35.19 65.94 11.05
CA THR A 250 36.10 66.84 11.73
C THR A 250 36.60 66.20 13.03
N PRO A 251 37.85 66.43 13.42
CA PRO A 251 38.34 65.85 14.68
C PRO A 251 37.59 66.34 15.92
N GLY A 252 36.92 67.48 15.82
CA GLY A 252 36.15 68.00 16.93
C GLY A 252 35.06 67.05 17.40
N ASP A 253 34.97 66.85 18.71
CA ASP A 253 33.98 65.92 19.25
C ASP A 253 32.56 66.40 18.99
N SER A 254 32.32 67.70 19.12
CA SER A 254 30.99 68.29 18.93
C SER A 254 30.99 69.09 17.64
N SER A 255 30.10 68.73 16.72
CA SER A 255 29.93 69.43 15.46
C SER A 255 28.46 69.71 15.23
N SER A 256 28.13 70.98 14.98
CA SER A 256 26.75 71.38 14.72
C SER A 256 26.42 71.44 13.24
N GLY A 257 27.38 71.15 12.36
CA GLY A 257 27.11 71.21 10.93
C GLY A 257 26.11 70.16 10.48
N TRP A 258 26.25 68.94 10.99
CA TRP A 258 25.36 67.84 10.63
C TRP A 258 24.97 67.07 11.88
N THR A 259 23.69 66.73 11.98
CA THR A 259 23.15 65.95 13.09
C THR A 259 22.41 64.74 12.54
N ALA A 260 22.71 63.56 13.07
CA ALA A 260 22.08 62.32 12.65
C ALA A 260 21.06 61.80 13.65
N GLY A 261 20.56 62.66 14.55
CA GLY A 261 19.58 62.22 15.52
C GLY A 261 18.28 61.77 14.88
N ALA A 262 17.91 62.39 13.76
CA ALA A 262 16.66 62.04 13.09
C ALA A 262 16.70 60.61 12.54
N ALA A 263 17.90 60.07 12.34
CA ALA A 263 18.03 58.71 11.82
C ALA A 263 17.57 57.69 12.86
N ALA A 264 16.73 56.76 12.41
CA ALA A 264 16.22 55.68 13.27
C ALA A 264 15.82 54.51 12.38
N TYR A 265 16.50 53.39 12.56
CA TYR A 265 16.28 52.20 11.73
C TYR A 265 15.91 51.02 12.62
N TYR A 266 14.97 50.21 12.15
CA TYR A 266 14.49 49.04 12.87
C TYR A 266 15.11 47.79 12.24
N VAL A 267 15.59 46.88 13.06
CA VAL A 267 16.18 45.63 12.59
C VAL A 267 15.39 44.46 13.16
N GLY A 268 14.81 43.65 12.28
CA GLY A 268 14.10 42.47 12.69
C GLY A 268 14.75 41.23 12.10
N TYR A 269 14.50 40.10 12.74
CA TYR A 269 15.13 38.84 12.38
C TYR A 269 14.09 37.88 11.83
N LEU A 270 14.43 37.20 10.73
CA LEU A 270 13.53 36.22 10.13
C LEU A 270 13.89 34.81 10.58
N GLN A 271 12.86 34.00 10.83
CA GLN A 271 13.03 32.60 11.16
C GLN A 271 12.11 31.76 10.28
N PRO A 272 12.46 30.49 10.06
CA PRO A 272 11.59 29.63 9.23
C PRO A 272 10.20 29.52 9.83
N ARG A 273 9.19 29.82 9.01
CA ARG A 273 7.81 29.85 9.46
C ARG A 273 6.92 29.39 8.33
N THR A 274 5.69 29.01 8.70
CA THR A 274 4.66 28.67 7.73
C THR A 274 3.67 29.82 7.65
N PHE A 275 3.44 30.32 6.44
CA PHE A 275 2.62 31.49 6.22
C PHE A 275 1.55 31.18 5.19
N LEU A 276 0.44 31.90 5.29
CA LEU A 276 -0.62 31.85 4.29
C LEU A 276 -0.70 33.22 3.62
N LEU A 277 -0.63 33.24 2.30
CA LEU A 277 -0.61 34.49 1.53
C LEU A 277 -1.89 34.59 0.71
N LYS A 278 -2.55 35.75 0.79
CA LYS A 278 -3.81 35.97 0.08
C LYS A 278 -3.54 36.83 -1.14
N TYR A 279 -3.22 36.18 -2.26
CA TYR A 279 -3.15 36.88 -3.52
C TYR A 279 -4.54 37.33 -3.94
N ASN A 280 -4.65 38.56 -4.43
CA ASN A 280 -5.92 39.07 -4.93
C ASN A 280 -6.01 38.76 -6.43
N GLU A 281 -6.93 39.40 -7.14
CA GLU A 281 -7.08 39.17 -8.57
C GLU A 281 -5.78 39.47 -9.31
N ASN A 282 -4.98 40.38 -8.78
CA ASN A 282 -3.66 40.66 -9.33
C ASN A 282 -2.59 39.97 -8.48
N GLY A 283 -1.32 40.28 -8.78
CA GLY A 283 -0.24 39.62 -8.09
C GLY A 283 -0.01 40.07 -6.66
N THR A 284 -0.66 41.16 -6.24
CA THR A 284 -0.41 41.72 -4.92
C THR A 284 -0.97 40.81 -3.83
N ILE A 285 -0.40 40.92 -2.63
CA ILE A 285 -0.86 40.18 -1.47
C ILE A 285 -1.62 41.13 -0.56
N THR A 286 -2.94 40.92 -0.45
CA THR A 286 -3.76 41.80 0.37
C THR A 286 -3.58 41.51 1.86
N ASP A 287 -3.49 40.25 2.25
CA ASP A 287 -3.43 39.89 3.66
C ASP A 287 -2.65 38.60 3.82
N ALA A 288 -2.14 38.38 5.04
CA ALA A 288 -1.40 37.18 5.38
C ALA A 288 -1.59 36.87 6.85
N VAL A 289 -1.49 35.59 7.20
CA VAL A 289 -1.61 35.12 8.57
C VAL A 289 -0.43 34.19 8.86
N ASP A 290 0.11 34.28 10.08
CA ASP A 290 1.19 33.42 10.52
C ASP A 290 0.59 32.23 11.25
N CYS A 291 0.91 31.02 10.79
CA CYS A 291 0.27 29.83 11.34
C CYS A 291 0.60 29.63 12.81
N ALA A 292 1.86 29.89 13.20
CA ALA A 292 2.28 29.59 14.56
C ALA A 292 2.02 30.74 15.53
N LEU A 293 1.40 31.83 15.07
CA LEU A 293 1.20 32.98 15.94
C LEU A 293 0.27 32.66 17.10
N ASP A 294 -0.91 32.11 16.80
CA ASP A 294 -1.92 31.87 17.81
C ASP A 294 -2.85 30.76 17.31
N PRO A 295 -3.59 30.10 18.21
CA PRO A 295 -4.43 28.97 17.77
C PRO A 295 -5.45 29.34 16.72
N LEU A 296 -6.03 30.54 16.76
CA LEU A 296 -6.95 30.94 15.71
C LEU A 296 -6.24 30.99 14.36
N SER A 297 -5.00 31.49 14.34
CA SER A 297 -4.24 31.51 13.10
C SER A 297 -3.89 30.11 12.64
N GLU A 298 -3.62 29.19 13.57
CA GLU A 298 -3.39 27.80 13.19
C GLU A 298 -4.63 27.19 12.57
N THR A 299 -5.81 27.52 13.12
CA THR A 299 -7.06 27.08 12.50
C THR A 299 -7.22 27.66 11.11
N LYS A 300 -6.89 28.94 10.94
CA LYS A 300 -6.99 29.57 9.62
C LYS A 300 -6.08 28.87 8.62
N CYS A 301 -4.85 28.55 9.01
CA CYS A 301 -3.93 27.84 8.15
C CYS A 301 -4.38 26.42 7.83
N THR A 302 -4.93 25.69 8.80
CA THR A 302 -5.37 24.33 8.55
C THR A 302 -6.54 24.30 7.57
N LEU A 303 -7.53 25.16 7.78
CA LEU A 303 -8.65 25.22 6.85
C LEU A 303 -8.28 25.92 5.56
N LYS A 304 -7.13 26.59 5.53
CA LYS A 304 -6.65 27.33 4.36
C LYS A 304 -7.70 28.36 3.92
N SER A 305 -8.15 29.16 4.89
CA SER A 305 -9.12 30.21 4.65
C SER A 305 -8.86 31.33 5.66
N PHE A 306 -9.57 32.45 5.50
CA PHE A 306 -9.46 33.55 6.45
C PHE A 306 -10.70 33.77 7.29
N THR A 307 -11.82 33.13 6.99
CA THR A 307 -13.06 33.28 7.76
C THR A 307 -13.52 31.89 8.15
N VAL A 308 -13.03 31.40 9.30
CA VAL A 308 -13.44 30.10 9.79
C VAL A 308 -14.76 30.24 10.54
N GLU A 309 -15.67 29.31 10.30
CA GLU A 309 -17.00 29.37 10.88
C GLU A 309 -17.02 28.68 12.24
N LYS A 310 -18.12 28.85 12.96
CA LYS A 310 -18.27 28.26 14.29
C LYS A 310 -18.16 26.75 14.21
N GLY A 311 -17.29 26.17 15.04
CA GLY A 311 -17.15 24.73 15.06
C GLY A 311 -15.88 24.31 15.79
N ILE A 312 -15.48 23.06 15.53
CA ILE A 312 -14.31 22.45 16.13
C ILE A 312 -13.40 21.95 15.00
N TYR A 313 -12.10 22.22 15.13
CA TYR A 313 -11.15 21.86 14.10
C TYR A 313 -9.87 21.31 14.73
N GLN A 314 -9.56 20.06 14.42
CA GLN A 314 -8.36 19.41 14.94
C GLN A 314 -7.17 19.95 14.15
N THR A 315 -6.38 20.81 14.79
CA THR A 315 -5.30 21.50 14.10
C THR A 315 -3.98 20.74 14.14
N SER A 316 -3.61 20.16 15.28
CA SER A 316 -2.36 19.44 15.41
C SER A 316 -2.44 18.51 16.61
N ASN A 317 -1.33 17.82 16.88
CA ASN A 317 -1.27 16.80 17.92
C ASN A 317 -0.34 17.25 19.04
N PHE A 318 -0.76 17.02 20.28
CA PHE A 318 0.03 17.35 21.46
C PHE A 318 0.72 16.08 21.95
N ARG A 319 2.03 16.00 21.78
CA ARG A 319 2.81 14.85 22.23
C ARG A 319 3.77 15.30 23.33
N VAL A 320 3.77 14.57 24.44
CA VAL A 320 4.63 14.90 25.57
C VAL A 320 5.97 14.21 25.40
N GLN A 321 7.02 15.01 25.19
CA GLN A 321 8.35 14.44 25.01
C GLN A 321 8.88 13.89 26.33
N PRO A 322 9.70 12.84 26.28
CA PRO A 322 10.29 12.31 27.50
C PRO A 322 11.22 13.32 28.15
N THR A 323 11.13 13.44 29.47
CA THR A 323 11.96 14.41 30.19
C THR A 323 13.41 13.93 30.26
N GLU A 324 13.61 12.64 30.56
CA GLU A 324 14.96 12.10 30.72
C GLU A 324 14.92 10.61 30.39
N SER A 325 16.08 9.97 30.52
CA SER A 325 16.22 8.55 30.27
C SER A 325 16.79 7.88 31.52
N ILE A 326 16.26 6.71 31.86
CA ILE A 326 16.72 5.95 33.01
C ILE A 326 17.03 4.52 32.57
N VAL A 327 18.14 3.99 33.08
CA VAL A 327 18.55 2.61 32.82
C VAL A 327 18.80 1.95 34.16
N ARG A 328 18.10 0.84 34.42
CA ARG A 328 18.22 0.11 35.67
C ARG A 328 18.64 -1.32 35.38
N PHE A 329 19.57 -1.83 36.19
CA PHE A 329 20.14 -3.15 36.02
C PHE A 329 20.33 -3.76 37.41
N PRO A 330 20.30 -5.08 37.51
CA PRO A 330 20.32 -5.71 38.83
C PRO A 330 21.63 -5.46 39.59
N ASN A 331 21.59 -5.70 40.90
CA ASN A 331 22.77 -5.51 41.73
C ASN A 331 23.93 -6.35 41.22
N ILE A 332 25.14 -5.81 41.35
CA ILE A 332 26.33 -6.59 41.06
C ILE A 332 26.41 -7.74 42.05
N THR A 333 26.28 -8.96 41.54
CA THR A 333 26.23 -10.15 42.37
C THR A 333 27.28 -11.14 41.91
N ASN A 334 27.76 -11.95 42.86
CA ASN A 334 28.82 -12.92 42.60
C ASN A 334 30.04 -12.25 41.99
N LEU A 335 30.67 -11.38 42.77
CA LEU A 335 31.84 -10.65 42.30
C LEU A 335 33.00 -11.60 42.02
N CYS A 336 33.75 -11.31 40.97
CA CYS A 336 34.89 -12.13 40.64
C CYS A 336 35.95 -12.03 41.73
N PRO A 337 36.70 -13.09 42.00
CA PRO A 337 37.76 -13.04 43.04
C PRO A 337 39.05 -12.43 42.51
N PHE A 338 38.98 -11.15 42.13
CA PHE A 338 40.16 -10.45 41.64
C PHE A 338 41.13 -10.08 42.75
N GLY A 339 40.74 -10.23 44.02
CA GLY A 339 41.68 -9.95 45.10
C GLY A 339 42.90 -10.85 45.04
N GLU A 340 42.71 -12.10 44.63
CA GLU A 340 43.85 -13.01 44.50
C GLU A 340 44.83 -12.53 43.43
N VAL A 341 44.34 -12.25 42.22
CA VAL A 341 45.25 -11.79 41.17
C VAL A 341 45.84 -10.43 41.53
N PHE A 342 45.26 -9.74 42.51
CA PHE A 342 45.84 -8.49 42.97
C PHE A 342 46.99 -8.73 43.94
N ASN A 343 46.70 -9.30 45.12
CA ASN A 343 47.73 -9.46 46.14
C ASN A 343 47.64 -10.84 46.81
N ALA A 344 47.59 -11.89 45.99
CA ALA A 344 47.59 -13.25 46.53
C ALA A 344 48.80 -13.48 47.43
N THR A 345 48.64 -14.39 48.40
CA THR A 345 49.69 -14.68 49.35
C THR A 345 50.94 -15.25 48.69
N ARG A 346 50.78 -15.97 47.59
CA ARG A 346 51.92 -16.55 46.88
C ARG A 346 51.60 -16.64 45.40
N PHE A 347 52.66 -16.68 44.60
CA PHE A 347 52.56 -16.80 43.16
C PHE A 347 53.37 -18.00 42.68
N ALA A 348 53.00 -18.53 41.52
CA ALA A 348 53.71 -19.65 40.94
C ALA A 348 54.86 -19.16 40.06
N SER A 349 55.79 -20.06 39.78
CA SER A 349 56.91 -19.74 38.92
C SER A 349 56.44 -19.57 37.48
N VAL A 350 57.27 -18.93 36.66
CA VAL A 350 56.86 -18.60 35.31
C VAL A 350 56.71 -19.85 34.45
N TYR A 351 57.60 -20.84 34.62
CA TYR A 351 57.48 -22.06 33.83
C TYR A 351 56.21 -22.84 34.19
N ALA A 352 55.94 -22.97 35.49
CA ALA A 352 54.69 -23.56 35.98
C ALA A 352 53.68 -22.46 36.31
N TRP A 353 53.41 -21.60 35.33
CA TRP A 353 52.53 -20.46 35.57
C TRP A 353 51.13 -20.91 35.92
N ASN A 354 50.55 -20.25 36.93
CA ASN A 354 49.23 -20.59 37.41
C ASN A 354 48.16 -19.96 36.53
N ARG A 355 47.16 -20.75 36.15
CA ARG A 355 46.04 -20.28 35.35
C ARG A 355 44.78 -20.31 36.20
N LYS A 356 44.06 -19.20 36.24
CA LYS A 356 42.85 -19.06 37.03
C LYS A 356 41.67 -18.78 36.11
N ARG A 357 40.61 -19.57 36.24
CA ARG A 357 39.41 -19.37 35.44
C ARG A 357 38.50 -18.36 36.13
N ILE A 358 38.10 -17.33 35.39
CA ILE A 358 37.17 -16.32 35.89
C ILE A 358 35.97 -16.30 34.95
N SER A 359 34.79 -16.59 35.50
CA SER A 359 33.57 -16.65 34.70
C SER A 359 32.38 -16.56 35.64
N ASN A 360 31.20 -16.37 35.05
CA ASN A 360 29.93 -16.27 35.77
C ASN A 360 29.95 -15.16 36.82
N CYS A 361 30.58 -14.03 36.51
CA CYS A 361 30.72 -12.94 37.47
C CYS A 361 30.75 -11.63 36.70
N VAL A 362 30.85 -10.52 37.44
CA VAL A 362 30.95 -9.19 36.85
C VAL A 362 32.35 -8.65 37.13
N ALA A 363 33.06 -8.27 36.06
CA ALA A 363 34.45 -7.85 36.14
C ALA A 363 34.55 -6.36 35.81
N ASP A 364 35.10 -5.59 36.75
CA ASP A 364 35.27 -4.14 36.55
C ASP A 364 36.70 -3.89 36.10
N TYR A 365 36.92 -4.01 34.80
CA TYR A 365 38.25 -3.76 34.24
C TYR A 365 38.64 -2.29 34.36
N SER A 366 37.65 -1.40 34.29
CA SER A 366 37.94 0.03 34.46
C SER A 366 38.48 0.30 35.86
N VAL A 367 37.86 -0.30 36.89
CA VAL A 367 38.36 -0.15 38.25
C VAL A 367 39.78 -0.69 38.36
N LEU A 368 40.06 -1.80 37.68
CA LEU A 368 41.43 -2.32 37.65
C LEU A 368 42.39 -1.31 37.03
N TYR A 369 41.96 -0.65 35.95
CA TYR A 369 42.82 0.34 35.30
C TYR A 369 43.06 1.55 36.18
N ASN A 370 42.04 2.00 36.91
CA ASN A 370 42.19 3.18 37.75
C ASN A 370 43.20 2.96 38.87
N SER A 371 43.24 1.75 39.43
CA SER A 371 44.17 1.45 40.50
C SER A 371 45.61 1.64 40.02
N ALA A 372 46.39 2.38 40.81
CA ALA A 372 47.75 2.75 40.45
C ALA A 372 48.80 1.77 40.97
N SER A 373 48.38 0.67 41.62
CA SER A 373 49.33 -0.29 42.13
C SER A 373 50.11 -0.96 41.00
N PHE A 374 49.47 -1.15 39.86
CA PHE A 374 50.11 -1.81 38.72
C PHE A 374 51.07 -0.85 38.04
N SER A 375 52.35 -1.20 38.02
CA SER A 375 53.34 -0.38 37.34
C SER A 375 53.20 -0.49 35.83
N THR A 376 53.05 -1.71 35.32
CA THR A 376 52.95 -1.96 33.88
C THR A 376 51.56 -2.49 33.58
N PHE A 377 50.83 -1.79 32.71
CA PHE A 377 49.49 -2.18 32.29
C PHE A 377 49.41 -2.09 30.76
N LYS A 378 49.83 -3.16 30.09
CA LYS A 378 49.89 -3.19 28.63
C LYS A 378 48.76 -4.06 28.09
N CYS A 379 47.96 -3.49 27.19
CA CYS A 379 46.87 -4.19 26.54
C CYS A 379 47.11 -4.11 25.04
N TYR A 380 47.70 -5.17 24.48
CA TYR A 380 48.01 -5.19 23.05
C TYR A 380 46.76 -5.42 22.21
N GLY A 381 45.83 -6.25 22.71
CA GLY A 381 44.67 -6.59 21.91
C GLY A 381 43.68 -5.44 21.77
N VAL A 382 43.21 -4.91 22.90
CA VAL A 382 42.16 -3.90 22.89
C VAL A 382 42.35 -2.99 24.10
N SER A 383 41.73 -1.82 24.08
CA SER A 383 41.94 -0.84 25.13
C SER A 383 41.40 -1.37 26.46
N PRO A 384 42.06 -1.06 27.58
CA PRO A 384 41.52 -1.48 28.89
C PRO A 384 40.16 -0.91 29.21
N THR A 385 39.87 0.32 28.76
CA THR A 385 38.59 0.94 29.10
C THR A 385 37.44 0.27 28.36
N LYS A 386 37.68 -0.18 27.12
CA LYS A 386 36.64 -0.87 26.38
C LYS A 386 36.29 -2.22 27.00
N LEU A 387 37.20 -2.77 27.82
CA LEU A 387 36.95 -4.07 28.42
C LEU A 387 35.71 -4.05 29.32
N ASN A 388 35.53 -2.97 30.07
CA ASN A 388 34.36 -2.86 30.94
C ASN A 388 33.07 -2.86 30.13
N ASP A 389 33.07 -2.19 28.97
CA ASP A 389 31.89 -2.21 28.11
C ASP A 389 31.77 -3.52 27.36
N LEU A 390 32.89 -4.12 26.99
CA LEU A 390 32.87 -5.35 26.20
C LEU A 390 32.51 -6.55 27.07
N CYS A 391 32.21 -7.66 26.39
CA CYS A 391 31.82 -8.91 27.06
C CYS A 391 32.65 -10.06 26.50
N PHE A 392 33.02 -10.99 27.38
CA PHE A 392 33.80 -12.15 27.01
C PHE A 392 33.18 -13.40 27.63
N THR A 393 33.25 -14.51 26.90
CA THR A 393 32.65 -15.74 27.40
C THR A 393 33.49 -16.36 28.51
N ASN A 394 34.80 -16.16 28.48
CA ASN A 394 35.67 -16.62 29.56
C ASN A 394 36.98 -15.84 29.52
N VAL A 395 37.57 -15.64 30.69
CA VAL A 395 38.86 -14.99 30.83
C VAL A 395 39.72 -15.79 31.80
N TYR A 396 41.02 -15.85 31.49
CA TYR A 396 41.99 -16.58 32.30
C TYR A 396 43.07 -15.61 32.78
N ALA A 397 43.49 -15.78 34.02
CA ALA A 397 44.56 -14.97 34.60
C ALA A 397 45.81 -15.85 34.77
N ASP A 398 46.92 -15.41 34.19
CA ASP A 398 48.18 -16.13 34.28
C ASP A 398 49.09 -15.40 35.25
N SER A 399 49.22 -15.94 36.46
CA SER A 399 50.01 -15.33 37.52
C SER A 399 51.38 -16.00 37.60
N PHE A 400 52.43 -15.20 37.42
CA PHE A 400 53.79 -15.72 37.50
C PHE A 400 54.72 -14.58 37.91
N VAL A 401 55.92 -14.95 38.36
CA VAL A 401 56.91 -14.01 38.86
C VAL A 401 58.10 -14.00 37.92
N ILE A 402 58.38 -12.84 37.34
CA ILE A 402 59.57 -12.62 36.52
C ILE A 402 60.20 -11.29 36.94
N ARG A 403 61.49 -11.17 36.66
CA ARG A 403 62.19 -9.93 36.97
C ARG A 403 61.81 -8.85 35.97
N GLY A 404 62.17 -7.60 36.31
CA GLY A 404 61.76 -6.47 35.49
C GLY A 404 62.31 -6.53 34.07
N ASP A 405 63.53 -7.04 33.91
CA ASP A 405 64.12 -7.13 32.58
C ASP A 405 63.40 -8.17 31.73
N GLU A 406 62.83 -9.19 32.35
CA GLU A 406 62.10 -10.23 31.64
C GLU A 406 60.64 -9.86 31.39
N VAL A 407 60.22 -8.67 31.81
CA VAL A 407 58.84 -8.24 31.59
C VAL A 407 58.56 -8.14 30.08
N ARG A 408 59.55 -7.66 29.32
CA ARG A 408 59.38 -7.49 27.88
C ARG A 408 59.16 -8.82 27.18
N GLN A 409 59.80 -9.89 27.67
CA GLN A 409 59.77 -11.16 26.95
C GLN A 409 58.35 -11.72 26.85
N ILE A 410 57.48 -11.34 27.79
CA ILE A 410 56.09 -11.76 27.74
C ILE A 410 55.26 -10.73 26.99
N ALA A 411 55.25 -10.83 25.66
CA ALA A 411 54.49 -9.94 24.80
C ALA A 411 54.52 -10.49 23.38
N PRO A 412 53.47 -10.23 22.59
CA PRO A 412 53.50 -10.68 21.18
C PRO A 412 54.60 -10.00 20.40
N GLY A 413 55.18 -10.76 19.46
CA GLY A 413 56.25 -10.26 18.64
C GLY A 413 57.63 -10.27 19.26
N GLN A 414 57.81 -10.95 20.38
CA GLN A 414 59.02 -10.87 21.17
C GLN A 414 59.64 -12.24 21.35
N THR A 415 60.96 -12.31 21.24
CA THR A 415 61.73 -13.54 21.46
C THR A 415 62.60 -13.39 22.69
N GLY A 416 62.51 -14.36 23.61
CA GLY A 416 63.35 -14.37 24.79
C GLY A 416 63.33 -15.74 25.43
N LYS A 417 64.24 -15.94 26.38
CA LYS A 417 64.33 -17.25 27.05
C LYS A 417 63.05 -17.56 27.82
N ILE A 418 62.49 -16.55 28.51
CA ILE A 418 61.22 -16.74 29.20
C ILE A 418 60.11 -17.00 28.20
N ALA A 419 60.10 -16.23 27.10
CA ALA A 419 59.11 -16.45 26.05
C ALA A 419 59.28 -17.82 25.41
N ASP A 420 60.53 -18.23 25.18
CA ASP A 420 60.78 -19.46 24.44
C ASP A 420 60.47 -20.70 25.27
N TYR A 421 60.85 -20.70 26.55
CA TYR A 421 60.82 -21.91 27.35
C TYR A 421 59.95 -21.84 28.60
N ASN A 422 59.38 -20.68 28.93
CA ASN A 422 58.56 -20.55 30.13
C ASN A 422 57.11 -20.22 29.79
N TYR A 423 56.86 -19.16 29.04
CA TYR A 423 55.49 -18.76 28.72
C TYR A 423 55.49 -17.94 27.44
N LYS A 424 54.63 -18.33 26.50
CA LYS A 424 54.59 -17.70 25.18
C LYS A 424 53.21 -17.10 24.95
N LEU A 425 53.19 -16.01 24.17
CA LEU A 425 51.97 -15.29 23.86
C LEU A 425 51.69 -15.35 22.36
N PRO A 426 50.46 -15.64 21.95
CA PRO A 426 50.15 -15.66 20.51
C PRO A 426 50.32 -14.27 19.90
N ASP A 427 50.65 -14.26 18.60
CA ASP A 427 50.83 -12.99 17.90
C ASP A 427 49.52 -12.21 17.81
N ASP A 428 48.42 -12.89 17.53
CA ASP A 428 47.11 -12.27 17.42
C ASP A 428 46.35 -12.26 18.74
N PHE A 429 47.02 -12.61 19.85
CA PHE A 429 46.37 -12.68 21.15
C PHE A 429 45.84 -11.32 21.57
N THR A 430 44.63 -11.31 22.12
CA THR A 430 44.00 -10.10 22.65
C THR A 430 43.97 -10.23 24.17
N GLY A 431 44.68 -9.35 24.86
CA GLY A 431 44.72 -9.41 26.31
C GLY A 431 45.51 -8.26 26.88
N CYS A 432 45.54 -8.20 28.21
CA CYS A 432 46.25 -7.17 28.95
C CYS A 432 47.35 -7.82 29.77
N VAL A 433 48.53 -7.22 29.76
CA VAL A 433 49.65 -7.66 30.57
C VAL A 433 49.79 -6.73 31.76
N ILE A 434 49.66 -7.28 32.97
CA ILE A 434 49.68 -6.50 34.19
C ILE A 434 50.92 -6.88 34.99
N ALA A 435 51.76 -5.91 35.28
CA ALA A 435 52.97 -6.12 36.06
C ALA A 435 53.16 -4.98 37.04
N TRP A 436 53.53 -5.33 38.28
CA TRP A 436 53.79 -4.35 39.31
C TRP A 436 54.97 -4.82 40.16
N ASN A 437 55.62 -3.86 40.81
CA ASN A 437 56.84 -4.16 41.55
C ASN A 437 56.54 -5.04 42.75
N SER A 438 57.31 -6.12 42.89
CA SER A 438 57.20 -7.06 44.00
C SER A 438 58.52 -7.19 44.75
N ASN A 439 59.27 -6.09 44.84
CA ASN A 439 60.58 -6.13 45.49
C ASN A 439 60.45 -6.47 46.97
N ASN A 440 59.47 -5.89 47.65
CA ASN A 440 59.28 -6.18 49.06
C ASN A 440 58.82 -7.62 49.29
N LEU A 441 58.03 -8.16 48.36
CA LEU A 441 57.41 -9.46 48.59
C LEU A 441 58.33 -10.61 48.17
N ASP A 442 58.94 -10.52 46.99
CA ASP A 442 59.66 -11.65 46.40
C ASP A 442 61.17 -11.45 46.37
N SER A 443 61.71 -10.53 47.16
CA SER A 443 63.15 -10.34 47.27
C SER A 443 63.56 -10.38 48.73
N LYS A 444 64.65 -11.10 49.02
CA LYS A 444 65.17 -11.23 50.36
C LYS A 444 66.66 -10.92 50.35
N VAL A 445 67.18 -10.55 51.52
CA VAL A 445 68.62 -10.26 51.64
C VAL A 445 69.42 -11.51 51.32
N GLY A 446 69.01 -12.66 51.87
CA GLY A 446 69.68 -13.91 51.53
C GLY A 446 69.47 -14.29 50.07
N GLY A 447 68.28 -14.01 49.54
CA GLY A 447 67.98 -14.33 48.16
C GLY A 447 66.78 -15.26 48.01
N ASN A 448 65.88 -14.92 47.09
CA ASN A 448 64.69 -15.72 46.83
C ASN A 448 64.96 -16.63 45.64
N TYR A 449 65.24 -17.90 45.93
CA TYR A 449 65.46 -18.91 44.90
C TYR A 449 64.27 -19.84 44.73
N ASN A 450 63.16 -19.57 45.40
CA ASN A 450 61.99 -20.44 45.27
C ASN A 450 61.44 -20.42 43.84
N TYR A 451 61.36 -19.25 43.23
CA TYR A 451 60.88 -19.14 41.86
C TYR A 451 61.92 -19.69 40.89
N LEU A 452 61.44 -20.37 39.85
CA LEU A 452 62.30 -21.03 38.89
C LEU A 452 61.92 -20.61 37.47
N TYR A 453 62.93 -20.46 36.61
CA TYR A 453 62.73 -20.17 35.20
C TYR A 453 63.61 -21.09 34.37
N ARG A 454 63.13 -21.45 33.20
CA ARG A 454 63.81 -22.40 32.33
C ARG A 454 64.78 -21.66 31.42
N LEU A 455 66.08 -21.91 31.59
CA LEU A 455 67.08 -21.25 30.75
C LEU A 455 67.02 -21.76 29.31
N PHE A 456 66.79 -23.05 29.11
CA PHE A 456 66.85 -23.65 27.80
C PHE A 456 65.92 -24.84 27.72
N ARG A 457 65.56 -25.21 26.48
CA ARG A 457 64.72 -26.36 26.22
C ARG A 457 65.03 -26.89 24.83
N LYS A 458 64.59 -28.12 24.56
CA LYS A 458 64.81 -28.72 23.25
C LYS A 458 64.11 -27.92 22.16
N SER A 459 62.88 -27.48 22.41
CA SER A 459 62.12 -26.69 21.45
C SER A 459 61.44 -25.53 22.18
N ASN A 460 61.12 -24.49 21.41
CA ASN A 460 60.41 -23.35 21.97
C ASN A 460 59.00 -23.73 22.36
N LEU A 461 58.54 -23.20 23.50
CA LEU A 461 57.19 -23.47 23.95
C LEU A 461 56.16 -22.82 23.04
N LYS A 462 55.08 -23.57 22.77
CA LYS A 462 53.99 -23.03 21.99
C LYS A 462 53.24 -21.98 22.80
N PRO A 463 52.52 -21.07 22.13
CA PRO A 463 51.73 -20.06 22.86
C PRO A 463 50.71 -20.72 23.77
N PHE A 464 50.56 -20.17 24.97
CA PHE A 464 49.63 -20.66 25.98
C PHE A 464 49.87 -22.14 26.29
N GLU A 465 51.14 -22.53 26.35
CA GLU A 465 51.54 -23.88 26.72
C GLU A 465 52.31 -23.84 28.02
N ARG A 466 51.93 -24.68 28.98
CA ARG A 466 52.54 -24.70 30.30
C ARG A 466 53.44 -25.92 30.41
N ASP A 467 54.72 -25.69 30.68
CA ASP A 467 55.72 -26.74 30.77
C ASP A 467 56.25 -26.81 32.20
N ILE A 468 55.95 -27.92 32.87
CA ILE A 468 56.44 -28.18 34.22
C ILE A 468 57.43 -29.34 34.25
N SER A 469 57.78 -29.87 33.07
CA SER A 469 58.67 -31.02 33.02
C SER A 469 60.03 -30.69 33.62
N THR A 470 60.51 -31.59 34.47
CA THR A 470 61.82 -31.43 35.11
C THR A 470 62.90 -32.30 34.47
N GLU A 471 62.62 -32.83 33.28
CA GLU A 471 63.60 -33.66 32.59
C GLU A 471 64.86 -32.84 32.28
N ILE A 472 66.02 -33.41 32.61
CA ILE A 472 67.28 -32.71 32.40
C ILE A 472 67.54 -32.55 30.92
N TYR A 473 67.88 -31.32 30.51
CA TYR A 473 68.08 -31.03 29.10
C TYR A 473 69.33 -31.72 28.57
N GLN A 474 69.27 -32.15 27.31
CA GLN A 474 70.38 -32.81 26.64
C GLN A 474 70.92 -31.88 25.56
N ALA A 475 72.17 -31.47 25.71
CA ALA A 475 72.83 -30.59 24.75
C ALA A 475 73.88 -31.31 23.92
N GLY A 476 73.95 -32.64 24.01
CA GLY A 476 74.92 -33.40 23.27
C GLY A 476 74.34 -34.71 22.78
N SER A 477 75.15 -35.43 21.99
CA SER A 477 74.71 -36.71 21.46
C SER A 477 74.52 -37.74 22.57
N THR A 478 75.34 -37.66 23.62
CA THR A 478 75.23 -38.61 24.71
C THR A 478 73.92 -38.40 25.46
N PRO A 479 73.10 -39.45 25.63
CA PRO A 479 71.83 -39.28 26.33
C PRO A 479 72.03 -38.97 27.80
N CYS A 480 71.11 -38.17 28.35
CA CYS A 480 71.16 -37.86 29.76
C CYS A 480 70.69 -39.04 30.60
N ASN A 481 71.35 -39.24 31.73
CA ASN A 481 71.03 -40.36 32.63
C ASN A 481 70.33 -39.91 33.90
N GLY A 482 69.74 -38.71 33.89
CA GLY A 482 69.08 -38.19 35.07
C GLY A 482 70.00 -37.56 36.09
N VAL A 483 71.28 -37.39 35.75
CA VAL A 483 72.26 -36.80 36.65
C VAL A 483 72.99 -35.68 35.92
N GLU A 484 73.56 -34.76 36.69
CA GLU A 484 74.29 -33.64 36.08
C GLU A 484 75.52 -34.14 35.35
N GLY A 485 75.75 -33.59 34.16
CA GLY A 485 76.88 -33.99 33.34
C GLY A 485 77.46 -32.81 32.59
N PHE A 486 78.51 -33.09 31.81
CA PHE A 486 79.13 -32.05 31.01
C PHE A 486 78.18 -31.53 29.94
N ASN A 487 77.45 -32.42 29.28
CA ASN A 487 76.49 -32.05 28.26
C ASN A 487 75.05 -32.05 28.76
N CYS A 488 74.83 -32.42 30.01
CA CYS A 488 73.49 -32.47 30.60
C CYS A 488 73.38 -31.41 31.68
N TYR A 489 72.39 -30.52 31.54
CA TYR A 489 72.15 -29.45 32.50
C TYR A 489 70.67 -29.39 32.83
N PHE A 490 70.35 -29.11 34.08
CA PHE A 490 68.96 -29.01 34.49
C PHE A 490 68.31 -27.79 33.83
N PRO A 491 67.16 -27.95 33.18
CA PRO A 491 66.58 -26.81 32.46
C PRO A 491 66.18 -25.65 33.35
N LEU A 492 65.66 -25.91 34.55
CA LEU A 492 65.18 -24.83 35.40
C LEU A 492 66.33 -24.16 36.12
N GLN A 493 66.21 -22.85 36.31
CA GLN A 493 67.20 -22.05 37.02
C GLN A 493 66.51 -21.25 38.11
N SER A 494 67.13 -21.20 39.29
CA SER A 494 66.57 -20.44 40.39
C SER A 494 66.75 -18.94 40.15
N TYR A 495 65.70 -18.17 40.38
CA TYR A 495 65.78 -16.73 40.25
C TYR A 495 66.71 -16.12 41.29
N GLY A 496 67.40 -15.05 40.91
CA GLY A 496 68.17 -14.29 41.86
C GLY A 496 67.49 -12.99 42.21
N PHE A 497 66.90 -12.93 43.40
CA PHE A 497 66.12 -11.76 43.83
C PHE A 497 66.74 -11.21 45.11
N GLN A 498 67.12 -9.95 45.08
CA GLN A 498 67.63 -9.25 46.26
C GLN A 498 67.18 -7.79 46.20
N PRO A 499 66.91 -7.19 47.35
CA PRO A 499 66.56 -5.76 47.36
C PRO A 499 67.67 -4.87 46.81
N THR A 500 68.93 -5.27 47.00
CA THR A 500 70.05 -4.46 46.53
C THR A 500 70.18 -4.52 45.01
N ASN A 501 69.54 -5.50 44.37
CA ASN A 501 69.63 -5.62 42.92
C ASN A 501 68.89 -4.47 42.24
N GLY A 502 69.22 -4.25 40.98
CA GLY A 502 68.59 -3.20 40.21
C GLY A 502 67.13 -3.50 39.92
N VAL A 503 66.42 -2.44 39.50
CA VAL A 503 64.98 -2.56 39.28
C VAL A 503 64.67 -3.64 38.25
N GLY A 504 65.47 -3.71 37.18
CA GLY A 504 65.31 -4.79 36.22
C GLY A 504 65.53 -6.15 36.83
N TYR A 505 66.51 -6.25 37.75
CA TYR A 505 66.77 -7.52 38.40
C TYR A 505 65.82 -7.76 39.56
N GLN A 506 65.16 -6.70 40.05
CA GLN A 506 64.24 -6.85 41.16
C GLN A 506 63.01 -7.66 40.73
N PRO A 507 62.46 -8.48 41.62
CA PRO A 507 61.32 -9.31 41.25
C PRO A 507 60.06 -8.50 40.97
N TYR A 508 59.26 -9.02 40.05
CA TYR A 508 57.98 -8.44 39.69
C TYR A 508 56.94 -9.55 39.59
N ARG A 509 55.73 -9.27 40.07
CA ARG A 509 54.63 -10.21 39.96
C ARG A 509 53.74 -9.81 38.78
N VAL A 510 53.59 -10.72 37.82
CA VAL A 510 52.94 -10.42 36.56
C VAL A 510 51.68 -11.29 36.45
N VAL A 511 50.55 -10.64 36.19
CA VAL A 511 49.29 -11.32 35.93
C VAL A 511 48.84 -10.96 34.51
N VAL A 512 48.59 -11.97 33.69
CA VAL A 512 48.21 -11.78 32.29
C VAL A 512 46.75 -12.18 32.16
N LEU A 513 45.92 -11.24 31.71
CA LEU A 513 44.51 -11.49 31.48
C LEU A 513 44.28 -11.82 30.01
N SER A 514 43.68 -12.99 29.75
CA SER A 514 43.42 -13.46 28.40
C SER A 514 41.93 -13.37 28.12
N PHE A 515 41.57 -12.65 27.06
CA PHE A 515 40.18 -12.44 26.69
C PHE A 515 39.86 -13.34 25.50
N GLU A 516 38.91 -14.25 25.69
CA GLU A 516 38.62 -15.32 24.73
C GLU A 516 37.14 -15.31 24.40
N LEU A 517 36.82 -15.41 23.11
CA LEU A 517 35.45 -15.55 22.63
C LEU A 517 35.32 -16.87 21.89
N LEU A 518 34.32 -17.66 22.27
CA LEU A 518 34.08 -18.97 21.68
C LEU A 518 32.78 -18.99 20.87
N HIS A 519 32.36 -17.83 20.36
CA HIS A 519 31.08 -17.68 19.66
C HIS A 519 29.91 -18.17 20.52
N ALA A 520 29.99 -17.89 21.81
CA ALA A 520 29.01 -18.32 22.79
C ALA A 520 28.63 -17.14 23.65
N PRO A 521 27.47 -17.17 24.31
CA PRO A 521 27.08 -16.07 25.19
C PRO A 521 28.12 -15.84 26.29
N ALA A 522 28.31 -14.57 26.64
CA ALA A 522 29.36 -14.18 27.57
C ALA A 522 28.94 -14.50 29.00
N THR A 523 29.75 -15.33 29.67
CA THR A 523 29.48 -15.64 31.08
C THR A 523 29.88 -14.49 31.99
N VAL A 524 30.96 -13.78 31.64
CA VAL A 524 31.47 -12.69 32.45
C VAL A 524 31.38 -11.39 31.64
N CYS A 525 30.91 -10.33 32.28
CA CYS A 525 30.75 -9.04 31.63
C CYS A 525 31.04 -7.94 32.65
N GLY A 526 31.31 -6.74 32.14
CA GLY A 526 31.50 -5.59 32.98
C GLY A 526 30.21 -5.18 33.66
N PRO A 527 30.30 -4.60 34.86
CA PRO A 527 29.09 -4.16 35.56
C PRO A 527 28.34 -3.12 34.73
N LYS A 528 27.02 -3.21 34.77
CA LYS A 528 26.20 -2.32 33.96
C LYS A 528 25.72 -1.13 34.79
N LYS A 529 25.62 0.02 34.13
CA LYS A 529 25.24 1.24 34.82
C LYS A 529 23.77 1.20 35.23
N SER A 530 23.48 1.74 36.41
CA SER A 530 22.13 1.81 36.95
C SER A 530 21.84 3.22 37.38
N THR A 531 20.71 3.77 36.94
CA THR A 531 20.28 5.11 37.29
C THR A 531 19.09 5.02 38.24
N ASN A 532 18.96 6.01 39.12
CA ASN A 532 17.87 6.02 40.09
C ASN A 532 16.53 6.07 39.37
N LEU A 533 15.58 5.27 39.86
CA LEU A 533 14.27 5.20 39.23
C LEU A 533 13.45 6.46 39.51
N VAL A 534 12.74 6.92 38.49
CA VAL A 534 11.85 8.07 38.60
C VAL A 534 10.44 7.62 38.21
N LYS A 535 9.46 7.98 39.03
CA LYS A 535 8.08 7.60 38.82
C LYS A 535 7.25 8.82 38.49
N ASN A 536 6.12 8.59 37.79
CA ASN A 536 5.13 9.60 37.45
C ASN A 536 5.66 10.66 36.50
N LYS A 537 6.76 10.40 35.81
CA LYS A 537 7.28 11.32 34.81
C LYS A 537 7.59 10.54 33.54
N CYS A 538 7.13 11.05 32.40
CA CYS A 538 7.35 10.36 31.13
C CYS A 538 8.83 10.36 30.79
N VAL A 539 9.45 9.17 30.88
CA VAL A 539 10.88 9.03 30.70
C VAL A 539 11.15 7.85 29.79
N ASN A 540 12.32 7.86 29.17
CA ASN A 540 12.81 6.68 28.46
C ASN A 540 13.38 5.70 29.47
N PHE A 541 13.00 4.43 29.35
CA PHE A 541 13.41 3.41 30.31
C PHE A 541 14.04 2.23 29.60
N ASN A 542 15.03 1.63 30.27
CA ASN A 542 15.72 0.43 29.78
C ASN A 542 15.83 -0.53 30.96
N PHE A 543 14.83 -1.39 31.10
CA PHE A 543 14.78 -2.37 32.18
C PHE A 543 15.29 -3.70 31.64
N ASN A 544 16.61 -3.90 31.67
CA ASN A 544 17.22 -5.14 31.18
C ASN A 544 16.87 -5.38 29.70
N GLY A 545 16.78 -4.30 28.93
CA GLY A 545 16.60 -4.41 27.50
C GLY A 545 15.20 -4.27 26.98
N LEU A 546 14.25 -3.79 27.78
CA LEU A 546 12.92 -3.51 27.25
C LEU A 546 12.96 -2.40 26.21
N THR A 547 13.73 -1.33 26.47
CA THR A 547 13.89 -0.21 25.54
C THR A 547 12.53 0.36 25.11
N GLY A 548 11.80 0.89 26.09
CA GLY A 548 10.50 1.48 25.82
C GLY A 548 10.42 2.88 26.39
N THR A 549 9.38 3.60 25.98
CA THR A 549 9.13 4.96 26.43
C THR A 549 7.73 5.06 27.02
N GLY A 550 7.66 5.56 28.24
CA GLY A 550 6.37 5.72 28.91
C GLY A 550 6.56 6.29 30.29
N VAL A 551 5.44 6.59 30.94
CA VAL A 551 5.47 7.13 32.30
C VAL A 551 5.23 5.98 33.27
N LEU A 552 6.15 5.79 34.20
CA LEU A 552 6.12 4.64 35.09
C LEU A 552 5.28 4.96 36.33
N THR A 553 4.65 3.92 36.88
CA THR A 553 3.82 4.05 38.06
C THR A 553 3.89 2.77 38.87
N GLU A 554 3.90 2.91 40.19
CA GLU A 554 3.81 1.74 41.05
C GLU A 554 2.47 1.05 40.84
N SER A 555 2.50 -0.28 40.70
CA SER A 555 1.33 -1.04 40.32
C SER A 555 1.04 -2.13 41.36
N ASN A 556 -0.23 -2.48 41.46
CA ASN A 556 -0.69 -3.47 42.42
C ASN A 556 -0.73 -4.89 41.87
N LYS A 557 -0.49 -5.07 40.57
CA LYS A 557 -0.51 -6.41 40.01
C LYS A 557 0.70 -7.20 40.50
N LYS A 558 0.47 -8.48 40.78
CA LYS A 558 1.46 -9.35 41.40
C LYS A 558 2.04 -10.29 40.35
N PHE A 559 3.33 -10.14 40.08
CA PHE A 559 4.01 -11.01 39.14
C PHE A 559 4.37 -12.33 39.81
N LEU A 560 4.55 -13.36 38.99
CA LEU A 560 5.19 -14.58 39.46
C LEU A 560 6.67 -14.29 39.71
N PRO A 561 7.27 -14.96 40.69
CA PRO A 561 8.65 -14.62 41.07
C PRO A 561 9.65 -14.73 39.92
N PHE A 562 9.49 -15.71 39.03
CA PHE A 562 10.41 -15.82 37.91
C PHE A 562 10.10 -14.80 36.83
N GLN A 563 8.84 -14.39 36.71
CA GLN A 563 8.44 -13.47 35.65
C GLN A 563 9.06 -12.09 35.86
N GLN A 564 9.35 -11.40 34.75
CA GLN A 564 10.02 -10.11 34.79
C GLN A 564 9.15 -8.97 34.30
N PHE A 565 8.63 -9.04 33.07
CA PHE A 565 7.86 -7.95 32.50
C PHE A 565 6.53 -8.47 31.99
N GLY A 566 5.47 -7.72 32.24
CA GLY A 566 4.14 -8.15 31.84
C GLY A 566 3.77 -7.70 30.45
N ARG A 567 2.58 -8.12 30.03
CA ARG A 567 2.04 -7.75 28.72
C ARG A 567 0.52 -7.77 28.79
N ASP A 568 -0.10 -7.02 27.88
CA ASP A 568 -1.54 -6.95 27.79
C ASP A 568 -2.06 -7.88 26.69
N ILE A 569 -3.33 -7.74 26.34
CA ILE A 569 -3.94 -8.60 25.32
C ILE A 569 -3.23 -8.43 23.98
N ALA A 570 -2.98 -7.18 23.57
CA ALA A 570 -2.51 -6.88 22.23
C ALA A 570 -1.00 -7.00 22.09
N ASP A 571 -0.34 -7.75 22.97
CA ASP A 571 1.09 -8.03 22.86
C ASP A 571 1.91 -6.74 22.91
N THR A 572 1.58 -5.87 23.87
CA THR A 572 2.35 -4.66 24.14
C THR A 572 2.74 -4.64 25.62
N THR A 573 3.98 -4.24 25.90
CA THR A 573 4.46 -4.19 27.27
C THR A 573 3.61 -3.27 28.11
N ASP A 574 3.19 -3.75 29.28
CA ASP A 574 2.31 -3.01 30.16
C ASP A 574 2.81 -2.92 31.59
N ALA A 575 3.79 -3.73 31.97
CA ALA A 575 4.33 -3.68 33.33
C ALA A 575 5.71 -4.32 33.31
N VAL A 576 6.59 -3.79 34.18
CA VAL A 576 7.95 -4.29 34.30
C VAL A 576 8.32 -4.32 35.77
N ARG A 577 9.15 -5.29 36.15
CA ARG A 577 9.66 -5.43 37.50
C ARG A 577 11.05 -4.79 37.57
N ASP A 578 11.25 -3.95 38.57
CA ASP A 578 12.54 -3.30 38.75
C ASP A 578 13.58 -4.35 39.13
N PRO A 579 14.65 -4.52 38.34
CA PRO A 579 15.66 -5.53 38.70
C PRO A 579 16.33 -5.30 40.04
N GLN A 580 16.57 -4.04 40.41
CA GLN A 580 17.26 -3.78 41.69
C GLN A 580 16.36 -4.13 42.87
N THR A 581 15.13 -3.64 42.87
CA THR A 581 14.17 -3.94 43.92
C THR A 581 12.93 -4.55 43.28
N LEU A 582 12.56 -5.74 43.74
CA LEU A 582 11.54 -6.54 43.07
C LEU A 582 10.16 -5.92 43.34
N GLU A 583 9.91 -4.81 42.67
CA GLU A 583 8.61 -4.13 42.71
C GLU A 583 8.08 -4.04 41.29
N ILE A 584 6.77 -4.22 41.14
CA ILE A 584 6.16 -4.25 39.82
C ILE A 584 5.70 -2.84 39.46
N LEU A 585 6.18 -2.34 38.32
CA LEU A 585 5.88 -0.99 37.85
C LEU A 585 5.00 -1.07 36.62
N ASP A 586 3.85 -0.40 36.66
CA ASP A 586 3.04 -0.27 35.46
C ASP A 586 3.69 0.72 34.50
N ILE A 587 3.39 0.57 33.22
CA ILE A 587 3.88 1.48 32.19
C ILE A 587 2.70 2.01 31.39
N THR A 588 2.27 3.22 31.73
CA THR A 588 1.34 3.80 30.77
C THR A 588 2.09 4.75 29.84
N PRO A 589 1.66 4.87 28.58
CA PRO A 589 2.43 5.67 27.63
C PRO A 589 2.29 7.16 27.90
N CYS A 590 3.22 7.93 27.33
CA CYS A 590 3.17 9.38 27.45
C CYS A 590 1.90 9.92 26.80
N SER A 591 1.34 10.96 27.40
CA SER A 591 0.05 11.48 26.95
C SER A 591 0.15 12.05 25.55
N PHE A 592 -0.92 11.87 24.77
CA PHE A 592 -1.01 12.41 23.42
C PHE A 592 -2.48 12.67 23.09
N GLY A 593 -2.70 13.54 22.13
CA GLY A 593 -4.06 13.87 21.74
C GLY A 593 -4.10 14.80 20.55
N GLY A 594 -5.16 15.58 20.48
CA GLY A 594 -5.31 16.56 19.42
C GLY A 594 -5.57 17.94 19.98
N VAL A 595 -5.02 18.95 19.31
CA VAL A 595 -5.13 20.31 19.81
C VAL A 595 -6.55 20.84 19.66
N SER A 596 -7.18 20.59 18.51
CA SER A 596 -8.62 20.74 18.33
C SER A 596 -9.15 22.09 18.83
N VAL A 597 -8.76 23.15 18.13
CA VAL A 597 -9.10 24.50 18.54
C VAL A 597 -10.61 24.70 18.51
N ILE A 598 -11.15 25.28 19.59
CA ILE A 598 -12.56 25.66 19.68
C ILE A 598 -12.72 27.12 19.28
N THR A 599 -13.34 27.36 18.14
CA THR A 599 -13.47 28.76 17.78
C THR A 599 -14.91 29.10 17.39
N PRO A 600 -15.36 30.31 17.68
CA PRO A 600 -16.56 30.82 17.02
C PRO A 600 -16.19 31.43 15.69
N GLY A 601 -17.16 31.97 14.95
CA GLY A 601 -16.86 32.59 13.68
C GLY A 601 -15.91 33.77 13.82
N THR A 602 -14.94 33.89 12.90
CA THR A 602 -14.02 35.02 12.96
C THR A 602 -14.76 36.34 12.77
N ASN A 603 -15.95 36.30 12.16
CA ASN A 603 -16.76 37.51 12.06
C ASN A 603 -17.18 38.01 13.44
N THR A 604 -17.33 37.09 14.39
CA THR A 604 -17.86 37.41 15.71
C THR A 604 -16.78 37.72 16.73
N SER A 605 -15.74 36.91 16.81
CA SER A 605 -14.69 37.13 17.80
C SER A 605 -13.37 36.64 17.23
N ASN A 606 -12.29 36.95 17.94
CA ASN A 606 -10.95 36.55 17.54
C ASN A 606 -10.25 35.74 18.63
N GLN A 607 -11.00 35.30 19.64
CA GLN A 607 -10.47 34.51 20.74
C GLN A 607 -11.00 33.09 20.64
N VAL A 608 -10.17 32.13 21.06
CA VAL A 608 -10.45 30.73 20.85
C VAL A 608 -10.23 29.96 22.16
N ALA A 609 -10.55 28.68 22.12
CA ALA A 609 -10.32 27.77 23.23
C ALA A 609 -9.62 26.53 22.71
N VAL A 610 -8.61 26.08 23.41
CA VAL A 610 -7.81 24.94 22.99
C VAL A 610 -8.22 23.71 23.80
N LEU A 611 -8.53 22.62 23.11
CA LEU A 611 -8.98 21.39 23.74
C LEU A 611 -7.88 20.34 23.67
N TYR A 612 -7.41 19.90 24.83
CA TYR A 612 -6.37 18.88 24.91
C TYR A 612 -7.06 17.57 25.30
N GLN A 613 -7.46 16.80 24.29
CA GLN A 613 -8.25 15.60 24.53
C GLN A 613 -7.45 14.54 25.27
N ASP A 614 -8.13 13.86 26.20
CA ASP A 614 -7.58 12.73 26.93
C ASP A 614 -6.30 13.09 27.66
N VAL A 615 -6.15 14.36 28.04
CA VAL A 615 -4.99 14.85 28.77
C VAL A 615 -5.48 15.74 29.89
N ASN A 616 -5.03 15.46 31.11
CA ASN A 616 -5.33 16.31 32.26
C ASN A 616 -4.21 17.33 32.43
N CYS A 617 -4.58 18.61 32.52
CA CYS A 617 -3.59 19.68 32.47
C CYS A 617 -2.70 19.68 33.71
N THR A 618 -3.22 19.19 34.85
CA THR A 618 -2.43 19.22 36.08
C THR A 618 -1.18 18.35 35.96
N GLU A 619 -1.31 17.16 35.36
CA GLU A 619 -0.15 16.28 35.21
C GLU A 619 0.89 16.91 34.28
N VAL A 620 0.44 17.55 33.21
CA VAL A 620 1.35 18.18 32.26
C VAL A 620 2.04 19.38 32.89
N TYR A 636 -2.68 28.10 23.75
CA TYR A 636 -2.67 28.98 24.91
C TYR A 636 -1.97 28.33 26.10
N SER A 637 -1.18 29.12 26.81
CA SER A 637 -0.44 28.60 27.96
C SER A 637 -1.40 28.28 29.10
N THR A 638 -0.95 27.37 29.96
CA THR A 638 -1.76 26.96 31.10
C THR A 638 -1.89 28.10 32.12
N GLY A 639 -2.91 28.00 32.96
CA GLY A 639 -3.16 28.98 33.99
C GLY A 639 -4.24 29.99 33.68
N SER A 640 -4.97 29.83 32.57
CA SER A 640 -6.01 30.77 32.17
C SER A 640 -7.34 30.02 32.10
N ASN A 641 -8.04 29.97 33.23
CA ASN A 641 -9.35 29.32 33.33
C ASN A 641 -9.30 27.88 32.83
N VAL A 642 -8.38 27.12 33.40
CA VAL A 642 -8.22 25.71 33.03
C VAL A 642 -9.46 24.94 33.47
N PHE A 643 -10.15 24.34 32.51
CA PHE A 643 -11.34 23.56 32.77
C PHE A 643 -11.14 22.16 32.24
N GLN A 644 -11.52 21.16 33.05
CA GLN A 644 -11.26 19.77 32.75
C GLN A 644 -12.58 19.02 32.63
N THR A 645 -12.72 18.26 31.55
CA THR A 645 -13.90 17.43 31.33
C THR A 645 -13.47 16.05 30.84
N ARG A 646 -14.46 15.19 30.60
CA ARG A 646 -14.16 13.81 30.22
C ARG A 646 -13.49 13.76 28.85
N ALA A 647 -13.93 14.58 27.91
CA ALA A 647 -13.34 14.59 26.59
C ALA A 647 -11.91 15.11 26.59
N GLY A 648 -11.57 15.97 27.54
CA GLY A 648 -10.23 16.53 27.60
C GLY A 648 -10.20 17.68 28.59
N CYS A 649 -9.07 18.38 28.58
CA CYS A 649 -8.87 19.52 29.47
C CYS A 649 -8.71 20.76 28.60
N LEU A 650 -9.82 21.43 28.32
CA LEU A 650 -9.83 22.58 27.43
C LEU A 650 -9.32 23.82 28.14
N ILE A 651 -8.67 24.69 27.38
CA ILE A 651 -8.03 25.88 27.90
C ILE A 651 -8.64 27.10 27.22
N GLY A 652 -9.02 28.09 28.02
CA GLY A 652 -9.51 29.36 27.50
C GLY A 652 -10.99 29.58 27.61
N ALA A 653 -11.76 28.59 28.06
CA ALA A 653 -13.19 28.75 28.27
C ALA A 653 -13.51 28.44 29.71
N GLU A 654 -14.36 29.29 30.31
CA GLU A 654 -14.69 29.20 31.72
C GLU A 654 -15.99 28.43 31.90
N HIS A 655 -15.98 27.46 32.81
CA HIS A 655 -17.14 26.60 33.02
C HIS A 655 -18.30 27.37 33.62
N VAL A 656 -19.51 26.99 33.23
CA VAL A 656 -20.74 27.54 33.79
C VAL A 656 -21.66 26.40 34.14
N ASN A 657 -22.36 26.52 35.28
CA ASN A 657 -23.29 25.47 35.69
C ASN A 657 -24.58 25.54 34.89
N ASN A 658 -25.00 26.74 34.49
CA ASN A 658 -26.22 26.90 33.71
C ASN A 658 -26.08 26.19 32.37
N SER A 659 -27.14 25.51 31.96
CA SER A 659 -27.13 24.67 30.76
C SER A 659 -28.00 25.26 29.67
N TYR A 660 -27.45 25.34 28.46
CA TYR A 660 -28.16 25.84 27.29
C TYR A 660 -28.13 24.78 26.20
N GLU A 661 -28.62 25.14 25.02
CA GLU A 661 -28.58 24.24 23.88
C GLU A 661 -27.14 24.09 23.38
N CYS A 662 -26.87 22.95 22.75
CA CYS A 662 -25.52 22.65 22.29
C CYS A 662 -25.19 23.49 21.05
N ASP A 663 -24.02 24.10 21.06
CA ASP A 663 -23.55 24.90 19.92
C ASP A 663 -22.31 24.31 19.27
N ILE A 664 -21.24 24.12 20.02
CA ILE A 664 -20.01 23.52 19.50
C ILE A 664 -19.79 22.21 20.25
N PRO A 665 -19.88 21.06 19.58
CA PRO A 665 -19.63 19.78 20.28
C PRO A 665 -18.22 19.71 20.80
N ILE A 666 -18.07 19.10 21.98
CA ILE A 666 -16.75 18.85 22.55
C ILE A 666 -16.62 17.37 22.85
N GLY A 667 -17.56 16.83 23.62
CA GLY A 667 -17.56 15.42 23.98
C GLY A 667 -18.14 15.21 25.35
N ALA A 668 -18.76 14.04 25.53
CA ALA A 668 -19.36 13.63 26.81
C ALA A 668 -20.38 14.65 27.30
N GLY A 669 -21.18 15.18 26.38
CA GLY A 669 -22.24 16.10 26.75
C GLY A 669 -21.82 17.52 26.98
N ILE A 670 -20.56 17.86 26.75
CA ILE A 670 -20.07 19.23 26.94
C ILE A 670 -20.11 19.96 25.61
N CYS A 671 -20.72 21.14 25.61
CA CYS A 671 -20.83 21.95 24.40
C CYS A 671 -20.39 23.37 24.71
N ALA A 672 -19.52 23.91 23.87
CA ALA A 672 -18.99 25.26 24.04
C ALA A 672 -19.84 26.25 23.25
N SER A 673 -19.79 27.51 23.66
CA SER A 673 -20.56 28.56 23.01
C SER A 673 -19.92 29.91 23.30
N TYR A 674 -20.29 30.89 22.48
CA TYR A 674 -19.85 32.27 22.65
C TYR A 674 -20.99 33.07 23.27
N GLN A 675 -20.85 33.40 24.55
CA GLN A 675 -21.91 34.10 25.26
C GLN A 675 -21.29 34.89 26.40
N THR A 676 -21.97 35.96 26.78
CA THR A 676 -21.56 36.79 27.91
C THR A 676 -21.68 36.00 29.22
N SER A 686 -16.36 41.22 28.55
CA SER A 686 -17.77 40.92 28.77
C SER A 686 -18.23 39.76 27.89
N GLN A 687 -17.36 39.35 26.95
CA GLN A 687 -17.65 38.24 26.05
C GLN A 687 -16.51 37.22 26.15
N SER A 688 -16.87 35.96 26.38
CA SER A 688 -15.88 34.91 26.54
C SER A 688 -16.50 33.58 26.15
N ILE A 689 -15.64 32.64 25.78
CA ILE A 689 -16.09 31.29 25.45
C ILE A 689 -16.49 30.56 26.72
N ILE A 690 -17.65 29.91 26.70
CA ILE A 690 -18.16 29.17 27.84
C ILE A 690 -18.36 27.72 27.46
N ALA A 691 -18.08 26.82 28.39
CA ALA A 691 -18.29 25.39 28.22
C ALA A 691 -19.22 24.88 29.32
N TYR A 692 -20.14 24.01 28.95
CA TYR A 692 -21.17 23.57 29.88
C TYR A 692 -21.72 22.23 29.43
N THR A 693 -22.45 21.58 30.33
CA THR A 693 -23.18 20.37 29.98
C THR A 693 -24.41 20.74 29.17
N MET A 694 -24.57 20.12 28.01
CA MET A 694 -25.66 20.49 27.12
C MET A 694 -27.00 20.11 27.72
N SER A 695 -28.01 20.90 27.37
CA SER A 695 -29.38 20.68 27.81
C SER A 695 -30.19 20.13 26.65
N LEU A 696 -30.94 19.07 26.90
CA LEU A 696 -31.62 18.37 25.82
C LEU A 696 -32.90 19.07 25.37
N GLY A 697 -33.37 20.04 26.11
CA GLY A 697 -34.57 20.77 25.75
C GLY A 697 -35.37 21.12 26.99
N ALA A 698 -36.40 21.92 26.79
CA ALA A 698 -37.23 22.36 27.89
C ALA A 698 -38.09 21.21 28.40
N GLU A 699 -38.08 21.02 29.71
CA GLU A 699 -38.80 19.93 30.35
C GLU A 699 -40.30 20.21 30.25
N ASN A 700 -40.98 19.48 29.39
CA ASN A 700 -42.41 19.63 29.16
C ASN A 700 -43.12 18.46 29.84
N SER A 701 -43.60 18.72 31.06
CA SER A 701 -44.38 17.72 31.78
C SER A 701 -45.82 17.80 31.29
N VAL A 702 -46.24 16.83 30.49
CA VAL A 702 -47.58 16.84 29.91
C VAL A 702 -48.59 16.54 30.99
N ALA A 703 -49.65 17.35 31.05
CA ALA A 703 -50.65 17.25 32.11
C ALA A 703 -51.55 16.02 31.89
N TYR A 704 -50.98 14.86 32.18
CA TYR A 704 -51.70 13.60 31.99
C TYR A 704 -52.78 13.42 33.04
N SER A 705 -53.86 12.75 32.66
CA SER A 705 -54.88 12.27 33.57
C SER A 705 -55.54 11.06 32.93
N ASN A 706 -56.46 10.44 33.66
CA ASN A 706 -57.23 9.34 33.09
C ASN A 706 -58.49 9.81 32.40
N ASN A 707 -58.80 11.11 32.43
CA ASN A 707 -59.96 11.61 31.73
C ASN A 707 -59.72 12.97 31.07
N SER A 708 -58.48 13.27 30.65
CA SER A 708 -58.17 14.56 30.06
C SER A 708 -57.58 14.40 28.67
N ILE A 709 -58.12 15.17 27.71
CA ILE A 709 -57.70 15.15 26.32
C ILE A 709 -57.48 16.58 25.86
N ALA A 710 -56.51 16.77 24.97
CA ALA A 710 -56.22 18.09 24.38
C ALA A 710 -56.40 17.99 22.88
N ILE A 711 -57.46 18.58 22.37
CA ILE A 711 -57.74 18.64 20.94
C ILE A 711 -57.28 19.98 20.42
N PRO A 712 -56.42 20.03 19.41
CA PRO A 712 -56.04 21.31 18.82
C PRO A 712 -57.25 22.00 18.20
N THR A 713 -57.31 23.31 18.35
CA THR A 713 -58.38 24.10 17.77
C THR A 713 -57.93 24.91 16.57
N ASN A 714 -56.70 24.75 16.12
CA ASN A 714 -56.16 25.50 15.00
C ASN A 714 -54.95 24.77 14.47
N PHE A 715 -54.59 25.04 13.21
CA PHE A 715 -53.50 24.36 12.56
C PHE A 715 -52.43 25.35 12.10
N THR A 716 -51.44 24.82 11.40
CA THR A 716 -50.38 25.65 10.84
C THR A 716 -49.74 24.87 9.70
N ILE A 717 -49.94 25.34 8.47
CA ILE A 717 -49.43 24.67 7.28
C ILE A 717 -47.97 25.08 7.15
N SER A 718 -47.07 24.24 7.65
CA SER A 718 -45.65 24.56 7.66
C SER A 718 -44.94 23.85 6.53
N VAL A 719 -44.13 24.59 5.78
CA VAL A 719 -43.35 24.06 4.67
C VAL A 719 -41.90 23.94 5.13
N THR A 720 -41.37 22.72 5.09
CA THR A 720 -40.00 22.46 5.51
C THR A 720 -39.21 21.90 4.33
N THR A 721 -37.92 22.21 4.31
CA THR A 721 -37.05 21.87 3.19
C THR A 721 -36.13 20.71 3.56
N GLU A 722 -36.01 19.75 2.65
CA GLU A 722 -35.10 18.63 2.82
C GLU A 722 -34.16 18.57 1.63
N ILE A 723 -32.86 18.46 1.92
CA ILE A 723 -31.82 18.46 0.89
C ILE A 723 -31.22 17.07 0.82
N LEU A 724 -31.19 16.50 -0.38
CA LEU A 724 -30.63 15.17 -0.59
C LEU A 724 -29.70 15.18 -1.79
N PRO A 725 -28.44 14.79 -1.63
CA PRO A 725 -27.59 14.56 -2.79
C PRO A 725 -28.13 13.42 -3.62
N VAL A 726 -28.00 13.55 -4.94
CA VAL A 726 -28.48 12.52 -5.86
C VAL A 726 -27.36 12.06 -6.77
N SER A 727 -26.39 12.94 -7.02
CA SER A 727 -25.34 12.63 -7.96
C SER A 727 -24.10 13.41 -7.58
N MET A 728 -22.95 12.83 -7.86
CA MET A 728 -21.67 13.49 -7.68
C MET A 728 -21.03 13.71 -9.04
N THR A 729 -19.82 14.29 -9.02
CA THR A 729 -19.14 14.61 -10.27
C THR A 729 -18.88 13.35 -11.07
N LYS A 730 -19.41 13.31 -12.29
CA LYS A 730 -19.27 12.16 -13.16
C LYS A 730 -17.86 12.09 -13.71
N THR A 731 -16.89 11.81 -12.85
CA THR A 731 -15.48 11.88 -13.23
C THR A 731 -14.99 10.57 -13.81
N SER A 732 -13.87 10.64 -14.52
CA SER A 732 -13.17 9.46 -15.04
C SER A 732 -11.69 9.78 -15.11
N VAL A 733 -10.86 8.80 -14.82
CA VAL A 733 -9.41 8.97 -14.78
C VAL A 733 -8.78 7.94 -15.70
N ASP A 734 -7.86 8.39 -16.55
CA ASP A 734 -7.12 7.49 -17.42
C ASP A 734 -5.89 6.98 -16.66
N CYS A 735 -5.87 5.67 -16.39
CA CYS A 735 -4.82 5.12 -15.54
C CYS A 735 -3.44 5.29 -16.15
N THR A 736 -3.30 4.98 -17.45
CA THR A 736 -1.99 5.02 -18.07
C THR A 736 -1.41 6.43 -18.10
N MET A 737 -2.24 7.41 -18.46
CA MET A 737 -1.75 8.79 -18.55
C MET A 737 -1.41 9.34 -17.17
N TYR A 738 -2.21 8.98 -16.16
CA TYR A 738 -1.92 9.42 -14.80
C TYR A 738 -0.60 8.83 -14.31
N ILE A 739 -0.47 7.51 -14.39
CA ILE A 739 0.73 6.85 -13.89
C ILE A 739 1.96 7.30 -14.67
N CYS A 740 1.87 7.35 -15.98
CA CYS A 740 3.00 7.65 -16.84
C CYS A 740 2.62 8.76 -17.80
N GLY A 741 3.52 9.72 -17.97
CA GLY A 741 3.25 10.85 -18.85
C GLY A 741 3.45 10.50 -20.30
N ASP A 742 4.09 11.39 -21.05
CA ASP A 742 4.32 11.13 -22.46
C ASP A 742 5.39 10.06 -22.66
N SER A 743 6.10 9.70 -21.60
CA SER A 743 7.14 8.69 -21.70
C SER A 743 6.55 7.33 -22.03
N THR A 744 7.19 6.61 -22.95
CA THR A 744 6.67 5.31 -23.37
C THR A 744 7.22 4.19 -22.50
N GLU A 745 8.49 4.29 -22.09
CA GLU A 745 9.11 3.24 -21.29
C GLU A 745 8.36 3.02 -19.98
N CYS A 746 7.83 4.10 -19.39
CA CYS A 746 6.98 3.95 -18.22
C CYS A 746 5.72 3.15 -18.56
N SER A 747 5.13 3.41 -19.73
CA SER A 747 3.95 2.65 -20.13
C SER A 747 4.29 1.16 -20.28
N ASN A 748 5.41 0.85 -20.92
CA ASN A 748 5.80 -0.55 -21.08
C ASN A 748 6.04 -1.21 -19.73
N LEU A 749 6.68 -0.50 -18.80
CA LEU A 749 6.96 -1.09 -17.50
C LEU A 749 5.67 -1.29 -16.71
N LEU A 750 4.72 -0.35 -16.83
CA LEU A 750 3.43 -0.52 -16.16
C LEU A 750 2.64 -1.66 -16.78
N LEU A 751 2.84 -1.93 -18.07
CA LEU A 751 2.06 -2.97 -18.73
C LEU A 751 2.26 -4.34 -18.10
N GLN A 752 3.38 -4.53 -17.40
CA GLN A 752 3.65 -5.81 -16.75
C GLN A 752 3.00 -5.94 -15.39
N TYR A 753 2.31 -4.92 -14.91
CA TYR A 753 1.59 -5.02 -13.64
C TYR A 753 0.24 -5.69 -13.77
N GLY A 754 -0.19 -6.01 -14.99
CA GLY A 754 -1.43 -6.72 -15.20
C GLY A 754 -2.59 -5.82 -15.61
N SER A 755 -3.79 -6.18 -15.18
CA SER A 755 -5.00 -5.46 -15.57
C SER A 755 -5.47 -4.51 -14.47
N PHE A 756 -4.52 -3.92 -13.74
CA PHE A 756 -4.90 -2.93 -12.73
C PHE A 756 -5.58 -1.73 -13.38
N CYS A 757 -5.01 -1.21 -14.45
CA CYS A 757 -5.58 -0.03 -15.10
C CYS A 757 -6.91 -0.34 -15.75
N THR A 758 -7.05 -1.54 -16.32
CA THR A 758 -8.31 -1.90 -16.97
C THR A 758 -9.46 -1.95 -15.98
N GLN A 759 -9.30 -2.69 -14.88
CA GLN A 759 -10.36 -2.75 -13.88
C GLN A 759 -10.53 -1.40 -13.19
N LEU A 760 -9.45 -0.63 -13.09
CA LEU A 760 -9.54 0.69 -12.49
C LEU A 760 -10.43 1.61 -13.31
N ASN A 761 -10.25 1.60 -14.63
CA ASN A 761 -11.13 2.37 -15.51
C ASN A 761 -12.54 1.81 -15.51
N ARG A 762 -12.67 0.48 -15.40
CA ARG A 762 -13.99 -0.13 -15.36
C ARG A 762 -14.77 0.34 -14.14
N ALA A 763 -14.11 0.47 -12.99
CA ALA A 763 -14.77 0.95 -11.79
C ALA A 763 -15.30 2.37 -11.98
N LEU A 764 -14.50 3.25 -12.55
CA LEU A 764 -14.93 4.63 -12.75
C LEU A 764 -16.05 4.72 -13.79
N THR A 765 -15.97 3.90 -14.84
CA THR A 765 -17.06 3.88 -15.81
C THR A 765 -18.36 3.40 -15.17
N GLY A 766 -18.26 2.37 -14.33
CA GLY A 766 -19.43 1.92 -13.59
C GLY A 766 -20.00 3.00 -12.70
N ILE A 767 -19.12 3.75 -12.03
CA ILE A 767 -19.58 4.86 -11.18
C ILE A 767 -20.28 5.92 -12.02
N ALA A 768 -19.73 6.24 -13.20
CA ALA A 768 -20.35 7.26 -14.05
C ALA A 768 -21.73 6.83 -14.52
N VAL A 769 -21.84 5.60 -15.00
CA VAL A 769 -23.15 5.11 -15.42
C VAL A 769 -24.11 5.06 -14.23
N GLU A 770 -23.58 4.75 -13.04
CA GLU A 770 -24.39 4.76 -11.84
C GLU A 770 -24.92 6.15 -11.53
N GLN A 771 -24.10 7.19 -11.74
CA GLN A 771 -24.56 8.56 -11.51
C GLN A 771 -25.67 8.93 -12.48
N ASP A 772 -25.50 8.58 -13.75
CA ASP A 772 -26.56 8.83 -14.71
C ASP A 772 -27.84 8.09 -14.33
N LYS A 773 -27.70 6.84 -13.88
CA LYS A 773 -28.87 6.08 -13.45
C LYS A 773 -29.53 6.69 -12.23
N ASN A 774 -28.74 7.23 -11.29
CA ASN A 774 -29.32 7.89 -10.13
C ASN A 774 -30.16 9.08 -10.54
N THR A 775 -29.61 9.95 -11.38
CA THR A 775 -30.37 11.12 -11.81
C THR A 775 -31.64 10.72 -12.55
N GLN A 776 -31.52 9.78 -13.49
CA GLN A 776 -32.69 9.35 -14.24
C GLN A 776 -33.70 8.60 -13.38
N GLU A 777 -33.24 7.96 -12.29
CA GLU A 777 -34.15 7.25 -11.42
C GLU A 777 -34.94 8.21 -10.55
N VAL A 778 -34.30 9.24 -10.02
CA VAL A 778 -35.01 10.14 -9.11
C VAL A 778 -35.86 11.13 -9.88
N PHE A 779 -35.45 11.54 -11.07
CA PHE A 779 -36.12 12.66 -11.72
C PHE A 779 -37.09 12.24 -12.81
N ALA A 780 -36.95 11.04 -13.38
CA ALA A 780 -37.77 10.60 -14.50
C ALA A 780 -38.86 9.64 -14.07
N GLN A 781 -39.46 9.88 -12.91
CA GLN A 781 -40.59 9.07 -12.47
C GLN A 781 -41.74 9.22 -13.44
N VAL A 782 -41.97 10.45 -13.90
CA VAL A 782 -43.02 10.69 -14.88
C VAL A 782 -42.44 10.54 -16.28
N LYS A 783 -43.24 10.00 -17.19
CA LYS A 783 -42.80 9.75 -18.55
C LYS A 783 -43.38 10.73 -19.57
N GLN A 784 -44.40 11.50 -19.19
CA GLN A 784 -44.96 12.53 -20.05
C GLN A 784 -44.75 13.89 -19.39
N ILE A 785 -44.22 14.84 -20.16
CA ILE A 785 -43.94 16.17 -19.63
C ILE A 785 -45.26 16.92 -19.54
N TYR A 786 -45.70 17.20 -18.32
CA TYR A 786 -46.92 17.95 -18.09
C TYR A 786 -46.64 19.44 -18.03
N LYS A 787 -47.63 20.23 -18.40
CA LYS A 787 -47.51 21.68 -18.43
C LYS A 787 -48.63 22.29 -17.60
N THR A 788 -48.30 23.36 -16.86
CA THR A 788 -49.29 24.08 -16.10
C THR A 788 -50.18 24.89 -17.05
N PRO A 789 -51.40 25.21 -16.62
CA PRO A 789 -52.28 26.00 -17.47
C PRO A 789 -51.71 27.39 -17.70
N PRO A 790 -52.09 28.05 -18.80
CA PRO A 790 -51.59 29.41 -19.03
C PRO A 790 -51.98 30.39 -17.94
N ILE A 791 -53.17 30.23 -17.37
CA ILE A 791 -53.62 31.10 -16.27
C ILE A 791 -53.47 30.35 -14.95
N LYS A 792 -52.78 30.98 -14.00
CA LYS A 792 -52.48 30.35 -12.72
C LYS A 792 -53.53 30.69 -11.66
N ASP A 793 -54.72 30.15 -11.87
CA ASP A 793 -55.81 30.25 -10.89
C ASP A 793 -55.90 28.93 -10.15
N PHE A 794 -55.36 28.90 -8.92
CA PHE A 794 -55.22 27.67 -8.15
C PHE A 794 -56.01 27.80 -6.86
N GLY A 795 -57.14 28.50 -6.94
CA GLY A 795 -58.02 28.65 -5.78
C GLY A 795 -57.39 29.39 -4.63
N GLY A 796 -56.57 30.40 -4.92
CA GLY A 796 -55.93 31.18 -3.89
C GLY A 796 -54.54 30.75 -3.51
N PHE A 797 -54.09 29.58 -3.93
CA PHE A 797 -52.73 29.11 -3.70
C PHE A 797 -51.81 29.74 -4.72
N ASN A 798 -50.61 30.11 -4.30
CA ASN A 798 -49.65 30.82 -5.14
C ASN A 798 -48.43 29.95 -5.36
N PHE A 799 -48.28 29.42 -6.57
CA PHE A 799 -47.15 28.58 -6.94
C PHE A 799 -46.18 29.31 -7.86
N SER A 800 -46.30 30.63 -7.98
CA SER A 800 -45.41 31.38 -8.86
C SER A 800 -43.97 31.32 -8.35
N GLN A 801 -43.78 30.87 -7.11
CA GLN A 801 -42.45 30.84 -6.53
C GLN A 801 -41.72 29.55 -6.87
N ILE A 802 -42.45 28.46 -7.05
CA ILE A 802 -41.80 27.17 -7.32
C ILE A 802 -41.97 26.76 -8.77
N LEU A 803 -42.87 27.42 -9.50
CA LEU A 803 -43.08 27.10 -10.89
C LEU A 803 -42.13 27.93 -11.76
N PRO A 804 -41.61 27.36 -12.85
CA PRO A 804 -40.69 28.11 -13.72
C PRO A 804 -41.37 29.33 -14.31
N ASP A 805 -40.59 30.40 -14.48
CA ASP A 805 -41.13 31.65 -14.99
C ASP A 805 -40.57 31.93 -16.38
N PRO A 806 -41.43 32.28 -17.34
CA PRO A 806 -40.93 32.57 -18.69
C PRO A 806 -40.02 33.78 -18.77
N SER A 807 -40.15 34.71 -17.82
CA SER A 807 -39.37 35.95 -17.88
C SER A 807 -37.87 35.66 -17.78
N LYS A 808 -37.49 34.77 -16.88
CA LYS A 808 -36.09 34.41 -16.74
C LYS A 808 -35.61 33.73 -18.03
N PRO A 809 -34.42 34.05 -18.52
CA PRO A 809 -33.92 33.34 -19.72
C PRO A 809 -33.77 31.85 -19.49
N SER A 810 -33.40 31.45 -18.29
CA SER A 810 -33.40 30.04 -17.95
C SER A 810 -34.78 29.61 -17.47
N LYS A 811 -35.19 28.41 -17.90
CA LYS A 811 -36.52 27.88 -17.57
C LYS A 811 -36.48 27.28 -16.17
N ARG A 812 -36.29 28.16 -15.20
CA ARG A 812 -36.11 27.77 -13.80
C ARG A 812 -36.95 28.64 -12.90
N SER A 813 -37.42 28.08 -11.80
CA SER A 813 -38.24 28.82 -10.86
C SER A 813 -37.36 29.61 -9.89
N PRO A 814 -37.92 30.64 -9.23
CA PRO A 814 -37.09 31.46 -8.33
C PRO A 814 -36.38 30.67 -7.24
N ILE A 815 -37.01 29.64 -6.68
CA ILE A 815 -36.35 28.90 -5.61
C ILE A 815 -35.09 28.22 -6.12
N GLU A 816 -35.19 27.49 -7.23
CA GLU A 816 -34.02 26.78 -7.72
C GLU A 816 -33.00 27.70 -8.36
N ASP A 817 -33.38 28.92 -8.74
CA ASP A 817 -32.40 29.89 -9.19
C ASP A 817 -31.41 30.20 -8.08
N LEU A 818 -31.92 30.55 -6.89
CA LEU A 818 -31.02 30.81 -5.77
C LEU A 818 -30.44 29.52 -5.21
N LEU A 819 -31.07 28.38 -5.48
CA LEU A 819 -30.45 27.11 -5.14
C LEU A 819 -29.18 26.89 -5.96
N PHE A 820 -29.23 27.21 -7.26
CA PHE A 820 -28.04 27.09 -8.10
C PHE A 820 -27.02 28.19 -7.79
N ASN A 821 -27.49 29.39 -7.46
CA ASN A 821 -26.57 30.48 -7.19
C ASN A 821 -25.72 30.22 -5.96
N LYS A 822 -26.30 29.61 -4.92
CA LYS A 822 -25.58 29.43 -3.67
C LYS A 822 -24.44 28.43 -3.81
N VAL A 823 -24.69 27.30 -4.47
CA VAL A 823 -23.68 26.25 -4.56
C VAL A 823 -22.64 26.64 -5.60
N THR A 824 -21.37 26.59 -5.20
CA THR A 824 -20.27 26.93 -6.09
C THR A 824 -19.70 25.69 -6.77
N LYS A 851 -9.24 21.60 -15.50
CA LYS A 851 -8.48 20.50 -14.93
C LYS A 851 -8.15 19.43 -15.96
N PHE A 852 -6.87 19.38 -16.37
CA PHE A 852 -6.40 18.37 -17.30
C PHE A 852 -5.00 17.91 -16.86
N ASN A 853 -4.97 16.86 -16.03
CA ASN A 853 -3.74 16.19 -15.65
C ASN A 853 -3.91 14.69 -15.73
N GLY A 854 -4.45 14.19 -16.84
CA GLY A 854 -4.85 12.81 -16.95
C GLY A 854 -6.29 12.54 -16.53
N LEU A 855 -6.91 13.48 -15.84
CA LEU A 855 -8.30 13.33 -15.42
C LEU A 855 -9.24 13.94 -16.45
N THR A 856 -10.46 13.46 -16.46
CA THR A 856 -11.50 14.03 -17.31
C THR A 856 -12.83 13.97 -16.57
N VAL A 857 -13.68 14.94 -16.85
CA VAL A 857 -15.01 15.03 -16.23
C VAL A 857 -16.05 14.88 -17.32
N LEU A 858 -16.81 13.79 -17.27
CA LEU A 858 -17.85 13.54 -18.25
C LEU A 858 -19.10 14.33 -17.88
N PRO A 859 -19.66 15.10 -18.82
CA PRO A 859 -20.88 15.82 -18.50
C PRO A 859 -22.01 14.86 -18.21
N PRO A 860 -22.94 15.23 -17.33
CA PRO A 860 -24.08 14.36 -17.07
C PRO A 860 -24.94 14.21 -18.32
N LEU A 861 -25.59 13.05 -18.44
CA LEU A 861 -26.46 12.83 -19.60
C LEU A 861 -27.58 13.85 -19.64
N LEU A 862 -28.21 14.12 -18.50
CA LEU A 862 -29.26 15.11 -18.42
C LEU A 862 -28.66 16.45 -18.01
N THR A 863 -28.84 17.46 -18.86
CA THR A 863 -28.34 18.79 -18.52
C THR A 863 -29.19 19.40 -17.41
N ASP A 864 -28.62 20.41 -16.75
CA ASP A 864 -29.35 21.11 -15.70
C ASP A 864 -30.62 21.75 -16.25
N GLU A 865 -30.61 22.14 -17.52
CA GLU A 865 -31.83 22.64 -18.14
C GLU A 865 -32.77 21.49 -18.52
N MET A 866 -32.29 20.25 -18.44
CA MET A 866 -33.12 19.11 -18.79
C MET A 866 -33.85 18.56 -17.57
N ILE A 867 -33.13 18.33 -16.48
CA ILE A 867 -33.76 17.88 -15.25
C ILE A 867 -34.71 18.94 -14.72
N ALA A 868 -34.51 20.19 -15.11
CA ALA A 868 -35.49 21.22 -14.80
C ALA A 868 -36.82 20.90 -15.47
N GLN A 869 -36.80 20.25 -16.63
CA GLN A 869 -38.05 19.90 -17.28
C GLN A 869 -38.75 18.74 -16.58
N TYR A 870 -37.99 17.74 -16.10
CA TYR A 870 -38.57 16.74 -15.21
C TYR A 870 -39.18 17.37 -13.96
N THR A 871 -38.45 18.28 -13.32
CA THR A 871 -38.98 18.90 -12.10
C THR A 871 -40.23 19.71 -12.40
N SER A 872 -40.23 20.46 -13.49
CA SER A 872 -41.42 21.21 -13.89
C SER A 872 -42.58 20.29 -14.22
N ALA A 873 -42.33 19.16 -14.89
CA ALA A 873 -43.41 18.22 -15.21
C ALA A 873 -43.98 17.59 -13.94
N LEU A 874 -43.11 17.17 -13.02
CA LEU A 874 -43.58 16.60 -11.76
C LEU A 874 -44.38 17.62 -10.98
N LEU A 875 -43.90 18.85 -10.90
CA LEU A 875 -44.62 19.89 -10.19
C LEU A 875 -45.96 20.20 -10.85
N ALA A 876 -45.98 20.27 -12.18
CA ALA A 876 -47.22 20.52 -12.89
C ALA A 876 -48.23 19.42 -12.65
N GLY A 877 -47.79 18.16 -12.71
CA GLY A 877 -48.68 17.05 -12.45
C GLY A 877 -49.20 17.05 -11.02
N THR A 878 -48.33 17.37 -10.07
CA THR A 878 -48.75 17.45 -8.67
C THR A 878 -49.78 18.55 -8.49
N ILE A 879 -49.62 19.67 -9.18
CA ILE A 879 -50.55 20.79 -9.01
C ILE A 879 -51.89 20.50 -9.66
N THR A 880 -51.89 20.13 -10.94
CA THR A 880 -53.14 20.00 -11.67
C THR A 880 -53.80 18.63 -11.50
N SER A 881 -53.04 17.57 -11.26
CA SER A 881 -53.57 16.22 -11.22
C SER A 881 -53.57 15.60 -9.83
N GLY A 882 -52.52 15.79 -9.05
CA GLY A 882 -52.47 15.21 -7.72
C GLY A 882 -51.59 13.99 -7.67
N TRP A 883 -52.12 12.88 -7.15
CA TRP A 883 -51.40 11.62 -7.15
C TRP A 883 -51.79 10.71 -8.29
N THR A 884 -52.76 11.11 -9.13
CA THR A 884 -53.21 10.24 -10.19
C THR A 884 -52.17 10.08 -11.27
N PHE A 885 -51.39 11.13 -11.53
CA PHE A 885 -50.41 11.05 -12.62
C PHE A 885 -49.26 10.12 -12.31
N GLY A 886 -49.03 9.78 -11.05
CA GLY A 886 -48.04 8.78 -10.70
C GLY A 886 -48.57 7.37 -10.64
N ALA A 887 -49.85 7.17 -10.96
CA ALA A 887 -50.50 5.87 -10.90
C ALA A 887 -51.38 5.67 -12.13
N GLY A 888 -50.91 6.12 -13.29
CA GLY A 888 -51.64 5.97 -14.52
C GLY A 888 -51.87 7.27 -15.24
N PRO A 889 -53.06 7.44 -15.82
CA PRO A 889 -53.38 8.66 -16.58
C PRO A 889 -53.52 9.85 -15.65
N ALA A 890 -52.88 10.96 -16.01
CA ALA A 890 -53.04 12.19 -15.26
C ALA A 890 -54.50 12.65 -15.35
N LEU A 891 -55.08 13.02 -14.21
CA LEU A 891 -56.49 13.38 -14.13
C LEU A 891 -56.61 14.77 -13.53
N GLN A 892 -57.16 15.71 -14.29
CA GLN A 892 -57.29 17.07 -13.80
C GLN A 892 -58.25 17.13 -12.62
N ILE A 893 -57.88 17.88 -11.60
CA ILE A 893 -58.67 18.08 -10.39
C ILE A 893 -58.40 19.48 -9.87
N PRO A 894 -59.42 20.24 -9.49
CA PRO A 894 -59.17 21.57 -8.92
C PRO A 894 -58.32 21.46 -7.67
N PHE A 895 -57.37 22.39 -7.54
CA PHE A 895 -56.44 22.31 -6.42
C PHE A 895 -57.12 22.39 -5.06
N PRO A 896 -58.14 23.22 -4.83
CA PRO A 896 -58.84 23.13 -3.54
C PRO A 896 -59.38 21.75 -3.24
N MET A 897 -59.95 21.06 -4.23
CA MET A 897 -60.43 19.70 -3.98
C MET A 897 -59.28 18.75 -3.68
N GLN A 898 -58.17 18.91 -4.39
CA GLN A 898 -57.02 18.05 -4.11
C GLN A 898 -56.47 18.28 -2.71
N MET A 899 -56.36 19.53 -2.26
CA MET A 899 -55.93 19.77 -0.89
C MET A 899 -56.95 19.25 0.11
N ALA A 900 -58.24 19.32 -0.23
CA ALA A 900 -59.24 18.74 0.66
C ALA A 900 -59.04 17.24 0.80
N TYR A 901 -58.65 16.57 -0.28
CA TYR A 901 -58.44 15.14 -0.19
C TYR A 901 -57.13 14.81 0.52
N ARG A 902 -56.13 15.69 0.41
CA ARG A 902 -54.93 15.52 1.22
C ARG A 902 -55.25 15.67 2.69
N PHE A 903 -56.12 16.61 3.05
CA PHE A 903 -56.62 16.66 4.43
C PHE A 903 -57.33 15.38 4.80
N ASN A 904 -58.29 14.94 3.98
CA ASN A 904 -59.07 13.76 4.28
C ASN A 904 -58.18 12.53 4.43
N GLY A 905 -56.99 12.55 3.86
CA GLY A 905 -56.04 11.47 4.03
C GLY A 905 -55.23 11.48 5.29
N ILE A 906 -55.37 12.48 6.16
CA ILE A 906 -54.62 12.51 7.41
C ILE A 906 -55.58 12.61 8.59
N GLY A 907 -56.80 12.14 8.41
CA GLY A 907 -57.74 12.01 9.50
C GLY A 907 -58.52 13.26 9.86
N VAL A 908 -58.21 14.39 9.25
CA VAL A 908 -58.95 15.62 9.44
C VAL A 908 -59.85 15.83 8.23
N THR A 909 -61.13 16.04 8.47
CA THR A 909 -62.10 16.06 7.39
C THR A 909 -61.81 17.20 6.42
N GLN A 910 -62.36 17.07 5.22
CA GLN A 910 -62.32 18.07 4.16
C GLN A 910 -63.14 19.27 4.47
N ASN A 911 -63.96 19.14 5.53
CA ASN A 911 -64.72 20.27 6.03
C ASN A 911 -63.81 21.42 6.44
N VAL A 912 -62.61 21.12 6.93
CA VAL A 912 -61.72 22.14 7.44
C VAL A 912 -61.22 23.04 6.31
N LEU A 913 -60.81 22.45 5.19
CA LEU A 913 -60.19 23.24 4.13
C LEU A 913 -61.16 24.25 3.54
N TYR A 914 -62.34 23.78 3.13
CA TYR A 914 -63.26 24.63 2.37
C TYR A 914 -63.71 25.83 3.20
N GLU A 915 -63.89 25.64 4.50
CA GLU A 915 -64.25 26.76 5.36
C GLU A 915 -63.05 27.66 5.62
N ASN A 916 -61.85 27.09 5.67
CA ASN A 916 -60.64 27.83 5.94
C ASN A 916 -59.76 28.01 4.71
N GLN A 917 -60.36 28.15 3.53
CA GLN A 917 -59.59 28.13 2.30
C GLN A 917 -58.66 29.34 2.20
N LYS A 918 -59.18 30.54 2.49
CA LYS A 918 -58.35 31.73 2.40
C LYS A 918 -57.21 31.70 3.41
N LEU A 919 -57.50 31.31 4.64
CA LEU A 919 -56.46 31.25 5.67
C LEU A 919 -55.37 30.27 5.29
N ILE A 920 -55.75 29.09 4.78
CA ILE A 920 -54.76 28.07 4.44
C ILE A 920 -53.96 28.50 3.22
N ALA A 921 -54.60 29.17 2.26
CA ALA A 921 -53.86 29.70 1.12
C ALA A 921 -52.82 30.72 1.57
N ASN A 922 -53.20 31.62 2.49
CA ASN A 922 -52.25 32.60 2.99
C ASN A 922 -51.13 31.92 3.78
N GLN A 923 -51.47 30.89 4.56
CA GLN A 923 -50.44 30.13 5.27
C GLN A 923 -49.45 29.54 4.29
N PHE A 924 -49.94 28.94 3.20
CA PHE A 924 -49.07 28.37 2.18
C PHE A 924 -48.17 29.42 1.56
N ASN A 925 -48.74 30.54 1.14
CA ASN A 925 -47.95 31.57 0.47
C ASN A 925 -46.89 32.13 1.40
N SER A 926 -47.26 32.41 2.65
CA SER A 926 -46.30 32.94 3.61
C SER A 926 -45.21 31.91 3.91
N ALA A 927 -45.57 30.63 3.97
CA ALA A 927 -44.57 29.60 4.18
C ALA A 927 -43.57 29.55 3.02
N ILE A 928 -44.06 29.68 1.79
CA ILE A 928 -43.16 29.69 0.64
C ILE A 928 -42.23 30.90 0.69
N GLY A 929 -42.78 32.07 0.99
CA GLY A 929 -41.94 33.25 1.10
C GLY A 929 -40.89 33.12 2.18
N LYS A 930 -41.29 32.62 3.35
CA LYS A 930 -40.35 32.46 4.46
C LYS A 930 -39.29 31.43 4.14
N ILE A 931 -39.64 30.38 3.39
CA ILE A 931 -38.63 29.37 3.08
C ILE A 931 -37.64 29.91 2.05
N GLN A 932 -38.11 30.73 1.11
CA GLN A 932 -37.18 31.42 0.23
C GLN A 932 -36.24 32.30 1.01
N ASP A 933 -36.77 33.06 1.97
CA ASP A 933 -35.92 33.95 2.76
C ASP A 933 -34.91 33.16 3.59
N SER A 934 -35.33 32.03 4.16
CA SER A 934 -34.42 31.22 4.96
C SER A 934 -33.32 30.62 4.08
N LEU A 935 -33.67 30.19 2.87
CA LEU A 935 -32.65 29.69 1.95
C LEU A 935 -31.66 30.79 1.59
N SER A 936 -32.17 31.99 1.28
CA SER A 936 -31.29 33.05 0.79
C SER A 936 -30.39 33.59 1.90
N SER A 937 -30.93 33.74 3.12
CA SER A 937 -30.17 34.39 4.18
C SER A 937 -29.10 33.47 4.74
N THR A 938 -29.39 32.18 4.88
CA THR A 938 -28.47 31.24 5.50
C THR A 938 -27.62 30.57 4.43
N PRO A 939 -26.31 30.86 4.37
CA PRO A 939 -25.47 30.17 3.37
C PRO A 939 -25.32 28.69 3.63
N SER A 940 -25.40 28.27 4.90
CA SER A 940 -25.20 26.87 5.22
C SER A 940 -26.46 26.03 5.01
N ALA A 941 -27.45 26.56 4.28
CA ALA A 941 -28.66 25.78 4.01
C ALA A 941 -28.35 24.56 3.17
N LEU A 942 -27.60 24.73 2.07
CA LEU A 942 -27.30 23.62 1.18
C LEU A 942 -26.06 22.87 1.63
N GLY A 943 -26.05 22.50 2.91
CA GLY A 943 -24.87 21.88 3.48
C GLY A 943 -24.52 20.55 2.86
N LYS A 944 -25.53 19.72 2.59
CA LYS A 944 -25.25 18.40 2.05
C LYS A 944 -24.65 18.48 0.64
N LEU A 945 -25.26 19.27 -0.24
CA LEU A 945 -24.73 19.40 -1.59
C LEU A 945 -23.36 20.06 -1.59
N GLN A 946 -23.18 21.10 -0.79
CA GLN A 946 -21.87 21.73 -0.73
C GLN A 946 -20.82 20.77 -0.20
N ASP A 947 -21.18 19.96 0.79
CA ASP A 947 -20.23 18.98 1.32
C ASP A 947 -19.87 17.94 0.27
N VAL A 948 -20.86 17.47 -0.50
CA VAL A 948 -20.57 16.50 -1.55
C VAL A 948 -19.61 17.09 -2.57
N VAL A 949 -19.91 18.29 -3.06
CA VAL A 949 -19.08 18.90 -4.08
C VAL A 949 -17.67 19.17 -3.55
N ASN A 950 -17.57 19.73 -2.35
CA ASN A 950 -16.27 20.05 -1.78
C ASN A 950 -15.46 18.78 -1.49
N GLN A 951 -16.13 17.70 -1.09
CA GLN A 951 -15.42 16.47 -0.78
C GLN A 951 -14.89 15.82 -2.05
N ASN A 952 -15.69 15.81 -3.12
CA ASN A 952 -15.20 15.31 -4.40
C ASN A 952 -14.04 16.15 -4.90
N ALA A 953 -14.15 17.47 -4.78
CA ALA A 953 -13.09 18.35 -5.23
C ALA A 953 -11.82 18.14 -4.41
N GLN A 954 -11.96 17.91 -3.11
CA GLN A 954 -10.79 17.66 -2.27
C GLN A 954 -10.14 16.34 -2.62
N ALA A 955 -10.95 15.32 -2.93
CA ALA A 955 -10.38 14.05 -3.36
C ALA A 955 -9.60 14.21 -4.66
N LEU A 956 -10.16 14.95 -5.62
CA LEU A 956 -9.46 15.19 -6.88
C LEU A 956 -8.19 15.98 -6.66
N ASN A 957 -8.25 17.00 -5.80
CA ASN A 957 -7.06 17.81 -5.51
C ASN A 957 -5.98 16.99 -4.85
N THR A 958 -6.35 16.10 -3.93
CA THR A 958 -5.39 15.21 -3.31
C THR A 958 -4.76 14.29 -4.35
N LEU A 959 -5.59 13.75 -5.26
CA LEU A 959 -5.06 12.88 -6.30
C LEU A 959 -4.06 13.61 -7.18
N VAL A 960 -4.38 14.84 -7.57
CA VAL A 960 -3.47 15.61 -8.43
C VAL A 960 -2.20 15.97 -7.68
N LYS A 961 -2.33 16.43 -6.42
CA LYS A 961 -1.15 16.83 -5.66
C LYS A 961 -0.28 15.64 -5.31
N GLN A 962 -0.82 14.42 -5.37
CA GLN A 962 -0.01 13.24 -5.11
C GLN A 962 1.06 13.03 -6.18
N LEU A 963 0.95 13.70 -7.32
CA LEU A 963 2.00 13.63 -8.33
C LEU A 963 3.26 14.36 -7.86
N SER A 964 3.13 15.22 -6.85
CA SER A 964 4.25 15.98 -6.31
C SER A 964 5.05 15.21 -5.28
N SER A 965 4.73 13.94 -5.06
CA SER A 965 5.40 13.16 -4.03
C SER A 965 6.50 12.29 -4.62
N ASN A 966 7.65 12.25 -3.94
CA ASN A 966 8.77 11.44 -4.43
C ASN A 966 8.48 9.96 -4.32
N PHE A 967 7.67 9.55 -3.34
CA PHE A 967 7.31 8.14 -3.14
C PHE A 967 8.54 7.26 -2.95
N GLY A 968 9.63 7.85 -2.45
CA GLY A 968 10.88 7.14 -2.29
C GLY A 968 11.82 7.25 -3.47
N ALA A 969 11.37 7.80 -4.60
CA ALA A 969 12.27 8.02 -5.72
C ALA A 969 13.08 9.30 -5.49
N ILE A 970 14.17 9.42 -6.25
CA ILE A 970 15.05 10.58 -6.10
C ILE A 970 14.43 11.86 -6.66
N SER A 971 13.38 11.75 -7.46
CA SER A 971 12.71 12.93 -7.99
C SER A 971 11.23 12.63 -8.17
N SER A 972 10.42 13.69 -8.09
CA SER A 972 8.98 13.57 -8.21
C SER A 972 8.47 13.72 -9.64
N VAL A 973 9.30 14.22 -10.55
CA VAL A 973 8.93 14.39 -11.94
C VAL A 973 9.65 13.34 -12.76
N LEU A 974 8.91 12.63 -13.61
CA LEU A 974 9.43 11.47 -14.31
C LEU A 974 10.43 11.82 -15.40
N ASN A 975 10.26 12.97 -16.06
CA ASN A 975 11.16 13.34 -17.14
C ASN A 975 12.57 13.57 -16.63
N ASP A 976 12.72 14.16 -15.44
CA ASP A 976 14.04 14.39 -14.88
C ASP A 976 14.75 13.07 -14.59
N ILE A 977 14.00 12.06 -14.11
CA ILE A 977 14.60 10.78 -13.76
C ILE A 977 15.27 10.13 -14.95
N LEU A 978 14.61 10.13 -16.11
CA LEU A 978 15.21 9.55 -17.30
C LEU A 978 16.40 10.37 -17.77
N SER A 979 16.37 11.69 -17.57
CA SER A 979 17.47 12.53 -18.01
C SER A 979 18.72 12.36 -17.16
N ARG A 980 18.56 12.18 -15.84
CA ARG A 980 19.72 12.13 -14.97
C ARG A 980 20.27 10.73 -14.76
N LEU A 981 19.51 9.69 -15.10
CA LEU A 981 19.95 8.32 -14.89
C LEU A 981 19.80 7.50 -16.17
N ASP A 982 20.66 6.50 -16.30
CA ASP A 982 20.55 5.56 -17.41
C ASP A 982 19.35 4.62 -17.17
N PRO A 983 18.82 4.03 -18.24
CA PRO A 983 17.58 3.23 -18.12
C PRO A 983 17.68 2.13 -17.07
N PRO A 984 18.72 1.27 -17.09
CA PRO A 984 18.69 0.12 -16.16
C PRO A 984 18.70 0.51 -14.69
N GLU A 985 19.36 1.61 -14.33
CA GLU A 985 19.34 2.06 -12.95
C GLU A 985 18.11 2.92 -12.64
N ALA A 986 17.65 3.70 -13.61
CA ALA A 986 16.42 4.48 -13.41
C ALA A 986 15.19 3.60 -13.36
N GLU A 987 15.30 2.33 -13.75
CA GLU A 987 14.15 1.44 -13.76
C GLU A 987 13.57 1.25 -12.36
N VAL A 988 14.43 1.11 -11.35
CA VAL A 988 13.94 0.89 -10.00
C VAL A 988 13.24 2.14 -9.46
N GLN A 989 13.77 3.32 -9.78
CA GLN A 989 13.12 4.56 -9.35
C GLN A 989 11.76 4.70 -10.02
N ILE A 990 11.70 4.40 -11.32
CA ILE A 990 10.42 4.46 -12.03
C ILE A 990 9.44 3.47 -11.42
N ASP A 991 9.91 2.28 -11.06
CA ASP A 991 9.04 1.28 -10.45
C ASP A 991 8.50 1.76 -9.11
N ARG A 992 9.35 2.37 -8.29
CA ARG A 992 8.91 2.91 -7.01
C ARG A 992 7.84 3.98 -7.21
N LEU A 993 8.08 4.90 -8.14
CA LEU A 993 7.13 5.97 -8.39
C LEU A 993 5.82 5.43 -8.93
N ILE A 994 5.87 4.43 -9.81
CA ILE A 994 4.64 3.80 -10.31
C ILE A 994 3.89 3.11 -9.20
N THR A 995 4.60 2.42 -8.30
CA THR A 995 3.91 1.78 -7.18
C THR A 995 3.20 2.82 -6.33
N GLY A 996 3.87 3.93 -6.04
CA GLY A 996 3.23 4.98 -5.25
C GLY A 996 2.00 5.55 -5.93
N ARG A 997 2.11 5.88 -7.22
CA ARG A 997 1.00 6.49 -7.92
C ARG A 997 -0.16 5.50 -8.11
N LEU A 998 0.16 4.23 -8.33
CA LEU A 998 -0.88 3.22 -8.47
C LEU A 998 -1.61 3.01 -7.15
N GLN A 999 -0.87 3.01 -6.04
CA GLN A 999 -1.52 2.97 -4.73
C GLN A 999 -2.40 4.18 -4.52
N SER A 1000 -1.96 5.35 -4.97
CA SER A 1000 -2.79 6.55 -4.85
C SER A 1000 -4.08 6.41 -5.66
N LEU A 1001 -3.99 5.92 -6.89
CA LEU A 1001 -5.21 5.71 -7.67
C LEU A 1001 -6.11 4.66 -7.01
N GLN A 1002 -5.53 3.58 -6.48
CA GLN A 1002 -6.35 2.55 -5.87
C GLN A 1002 -7.10 3.09 -4.66
N THR A 1003 -6.43 3.86 -3.80
CA THR A 1003 -7.11 4.41 -2.65
C THR A 1003 -8.12 5.47 -3.06
N TYR A 1004 -7.82 6.26 -4.10
CA TYR A 1004 -8.80 7.23 -4.58
C TYR A 1004 -10.04 6.54 -5.11
N VAL A 1005 -9.86 5.45 -5.85
CA VAL A 1005 -11.00 4.74 -6.42
C VAL A 1005 -11.80 4.05 -5.34
N THR A 1006 -11.14 3.51 -4.31
CA THR A 1006 -11.87 2.95 -3.19
C THR A 1006 -12.68 4.01 -2.46
N GLN A 1007 -12.09 5.19 -2.24
CA GLN A 1007 -12.84 6.28 -1.64
C GLN A 1007 -14.01 6.69 -2.51
N GLN A 1008 -13.81 6.73 -3.82
CA GLN A 1008 -14.88 7.13 -4.72
C GLN A 1008 -15.97 6.08 -4.77
N LEU A 1009 -15.61 4.80 -4.59
CA LEU A 1009 -16.62 3.75 -4.57
C LEU A 1009 -17.44 3.82 -3.29
N ILE A 1010 -16.80 4.12 -2.16
CA ILE A 1010 -17.55 4.36 -0.92
C ILE A 1010 -18.48 5.54 -1.10
N ARG A 1011 -17.97 6.63 -1.70
CA ARG A 1011 -18.79 7.80 -1.93
C ARG A 1011 -19.95 7.49 -2.86
N ALA A 1012 -19.71 6.68 -3.88
CA ALA A 1012 -20.77 6.32 -4.82
C ALA A 1012 -21.82 5.45 -4.16
N ALA A 1013 -21.41 4.55 -3.27
CA ALA A 1013 -22.39 3.76 -2.52
C ALA A 1013 -23.23 4.67 -1.63
N GLU A 1014 -22.59 5.62 -0.95
CA GLU A 1014 -23.34 6.55 -0.10
C GLU A 1014 -24.30 7.39 -0.94
N ILE A 1015 -23.84 7.86 -2.09
CA ILE A 1015 -24.69 8.70 -2.94
C ILE A 1015 -25.80 7.88 -3.56
N ARG A 1016 -25.54 6.60 -3.85
CA ARG A 1016 -26.60 5.73 -4.35
C ARG A 1016 -27.65 5.49 -3.28
N ALA A 1017 -27.22 5.34 -2.04
CA ALA A 1017 -28.19 5.25 -0.94
C ALA A 1017 -29.01 6.52 -0.85
N SER A 1018 -28.36 7.69 -0.96
CA SER A 1018 -29.10 8.95 -0.92
C SER A 1018 -30.02 9.09 -2.11
N ALA A 1019 -29.63 8.58 -3.28
CA ALA A 1019 -30.45 8.71 -4.47
C ALA A 1019 -31.62 7.75 -4.44
N ASN A 1020 -31.43 6.55 -3.90
CA ASN A 1020 -32.56 5.65 -3.69
C ASN A 1020 -33.52 6.22 -2.68
N LEU A 1021 -33.00 6.82 -1.61
CA LEU A 1021 -33.86 7.49 -0.65
C LEU A 1021 -34.60 8.66 -1.28
N ALA A 1022 -33.93 9.41 -2.17
CA ALA A 1022 -34.58 10.52 -2.84
C ALA A 1022 -35.64 10.04 -3.81
N ALA A 1023 -35.39 8.94 -4.50
CA ALA A 1023 -36.39 8.37 -5.40
C ALA A 1023 -37.60 7.90 -4.62
N THR A 1024 -37.37 7.27 -3.46
CA THR A 1024 -38.48 6.88 -2.60
C THR A 1024 -39.24 8.11 -2.09
N LYS A 1025 -38.51 9.16 -1.69
CA LYS A 1025 -39.15 10.40 -1.27
C LYS A 1025 -40.04 10.95 -2.38
N MET A 1026 -39.50 11.04 -3.59
CA MET A 1026 -40.25 11.58 -4.72
C MET A 1026 -41.48 10.74 -5.00
N SER A 1027 -41.31 9.42 -5.11
CA SER A 1027 -42.44 8.55 -5.41
C SER A 1027 -43.51 8.61 -4.34
N GLU A 1028 -43.12 8.52 -3.07
CA GLU A 1028 -44.07 8.33 -1.98
C GLU A 1028 -44.56 9.62 -1.36
N CYS A 1029 -43.98 10.77 -1.72
CA CYS A 1029 -44.42 12.05 -1.19
C CYS A 1029 -44.79 13.02 -2.29
N VAL A 1030 -43.97 13.16 -3.33
CA VAL A 1030 -44.29 14.09 -4.41
C VAL A 1030 -45.51 13.61 -5.18
N LEU A 1031 -45.52 12.32 -5.54
CA LEU A 1031 -46.66 11.78 -6.29
C LEU A 1031 -47.91 11.76 -5.43
N GLY A 1032 -47.93 10.95 -4.37
CA GLY A 1032 -49.04 10.94 -3.44
C GLY A 1032 -48.51 11.11 -2.04
N GLN A 1033 -49.40 11.46 -1.12
CA GLN A 1033 -48.98 11.71 0.24
C GLN A 1033 -48.71 10.39 0.97
N SER A 1034 -47.82 10.43 1.94
CA SER A 1034 -47.38 9.24 2.66
C SER A 1034 -47.88 9.30 4.09
N LYS A 1035 -48.50 8.21 4.54
CA LYS A 1035 -48.91 8.10 5.93
C LYS A 1035 -47.73 7.79 6.85
N ARG A 1036 -46.55 7.52 6.30
CA ARG A 1036 -45.37 7.34 7.12
C ARG A 1036 -45.05 8.63 7.85
N VAL A 1037 -45.07 8.58 9.18
CA VAL A 1037 -44.89 9.76 10.01
C VAL A 1037 -43.41 10.10 10.10
N ASP A 1038 -43.10 11.37 9.85
CA ASP A 1038 -41.79 12.00 9.94
C ASP A 1038 -40.90 11.50 8.79
N PHE A 1039 -41.43 10.71 7.84
CA PHE A 1039 -40.68 10.39 6.63
C PHE A 1039 -40.47 11.63 5.78
N CYS A 1040 -41.55 12.35 5.49
CA CYS A 1040 -41.49 13.56 4.69
C CYS A 1040 -42.04 14.73 5.50
N GLY A 1041 -41.14 15.55 6.02
CA GLY A 1041 -41.53 16.69 6.82
C GLY A 1041 -41.84 16.31 8.25
N LYS A 1042 -42.04 17.32 9.07
CA LYS A 1042 -42.39 17.15 10.47
C LYS A 1042 -43.85 17.53 10.63
N GLY A 1043 -44.64 16.58 11.11
CA GLY A 1043 -46.08 16.75 11.20
C GLY A 1043 -46.79 15.89 10.17
N TYR A 1044 -48.12 16.01 10.17
CA TYR A 1044 -48.92 15.28 9.20
C TYR A 1044 -48.65 15.81 7.80
N HIS A 1045 -48.36 14.91 6.88
CA HIS A 1045 -47.91 15.27 5.54
C HIS A 1045 -49.09 15.66 4.67
N LEU A 1046 -48.90 16.70 3.87
CA LEU A 1046 -49.90 17.14 2.90
C LEU A 1046 -49.46 16.96 1.46
N MET A 1047 -48.33 17.55 1.07
CA MET A 1047 -47.87 17.50 -0.31
C MET A 1047 -46.35 17.50 -0.31
N SER A 1048 -45.77 17.65 -1.49
CA SER A 1048 -44.34 17.85 -1.65
C SER A 1048 -44.03 18.35 -3.05
N PHE A 1049 -43.06 19.25 -3.16
CA PHE A 1049 -42.71 19.83 -4.45
C PHE A 1049 -41.23 19.62 -4.72
N PRO A 1050 -40.87 18.92 -5.77
CA PRO A 1050 -39.46 18.80 -6.12
C PRO A 1050 -38.89 20.14 -6.54
N GLN A 1051 -37.60 20.31 -6.25
CA GLN A 1051 -36.88 21.48 -6.71
C GLN A 1051 -35.49 21.03 -7.11
N SER A 1052 -35.16 21.19 -8.39
CA SER A 1052 -33.85 20.77 -8.85
C SER A 1052 -32.76 21.54 -8.13
N ALA A 1053 -31.69 20.83 -7.79
CA ALA A 1053 -30.57 21.42 -7.08
C ALA A 1053 -29.29 20.93 -7.76
N PRO A 1054 -28.19 21.67 -7.63
CA PRO A 1054 -26.96 21.27 -8.31
C PRO A 1054 -26.42 20.00 -7.70
N HIS A 1055 -26.47 18.91 -8.47
CA HIS A 1055 -26.02 17.59 -8.03
C HIS A 1055 -26.86 17.09 -6.86
N GLY A 1056 -28.15 17.38 -6.87
CA GLY A 1056 -29.03 16.97 -5.79
C GLY A 1056 -30.46 17.33 -6.10
N VAL A 1057 -31.32 17.19 -5.09
CA VAL A 1057 -32.73 17.53 -5.20
C VAL A 1057 -33.16 18.20 -3.91
N VAL A 1058 -34.07 19.17 -4.01
CA VAL A 1058 -34.61 19.89 -2.88
C VAL A 1058 -36.10 19.62 -2.84
N PHE A 1059 -36.61 19.26 -1.67
CA PHE A 1059 -38.04 19.02 -1.47
C PHE A 1059 -38.64 20.12 -0.61
N LEU A 1060 -39.86 20.51 -0.94
CA LEU A 1060 -40.61 21.48 -0.15
C LEU A 1060 -41.79 20.75 0.48
N HIS A 1061 -41.56 20.15 1.64
CA HIS A 1061 -42.51 19.24 2.27
C HIS A 1061 -43.59 20.03 2.97
N VAL A 1062 -44.75 20.17 2.33
CA VAL A 1062 -45.88 20.87 2.92
C VAL A 1062 -46.53 19.93 3.93
N THR A 1063 -46.49 20.31 5.19
CA THR A 1063 -47.00 19.47 6.27
C THR A 1063 -48.02 20.24 7.09
N TYR A 1064 -48.94 19.50 7.69
CA TYR A 1064 -50.02 20.03 8.51
C TYR A 1064 -49.61 19.84 9.97
N VAL A 1065 -49.52 20.94 10.71
CA VAL A 1065 -49.11 20.88 12.11
C VAL A 1065 -50.16 21.57 12.96
N PRO A 1066 -50.84 20.86 13.87
CA PRO A 1066 -51.79 21.52 14.78
C PRO A 1066 -51.07 22.52 15.67
N ALA A 1067 -51.77 23.61 16.00
CA ALA A 1067 -51.13 24.72 16.71
C ALA A 1067 -51.71 24.98 18.09
N GLN A 1068 -53.00 25.25 18.18
CA GLN A 1068 -53.59 25.75 19.43
C GLN A 1068 -54.46 24.67 20.04
N GLU A 1069 -54.03 24.13 21.17
CA GLU A 1069 -54.84 23.15 21.87
C GLU A 1069 -55.71 23.82 22.92
N LYS A 1070 -56.66 23.05 23.45
CA LYS A 1070 -57.54 23.51 24.52
C LYS A 1070 -57.86 22.30 25.37
N ASN A 1071 -57.91 22.48 26.68
CA ASN A 1071 -57.85 21.35 27.59
C ASN A 1071 -59.24 20.72 27.52
N PHE A 1072 -59.36 19.40 27.68
CA PHE A 1072 -60.69 18.81 27.68
C PHE A 1072 -60.76 17.57 28.54
N THR A 1073 -61.95 17.37 29.12
CA THR A 1073 -62.27 16.17 29.88
C THR A 1073 -63.00 15.20 28.96
N THR A 1074 -62.47 13.97 28.86
CA THR A 1074 -62.94 12.98 27.90
C THR A 1074 -63.65 11.83 28.61
N ALA A 1075 -64.05 10.84 27.83
CA ALA A 1075 -64.66 9.61 28.30
C ALA A 1075 -64.62 8.61 27.17
N PRO A 1076 -64.25 7.35 27.42
CA PRO A 1076 -64.10 6.41 26.30
C PRO A 1076 -65.43 5.90 25.78
N ALA A 1077 -66.54 6.17 26.45
CA ALA A 1077 -67.83 5.64 26.05
C ALA A 1077 -68.91 6.53 26.65
N ILE A 1078 -70.16 6.26 26.29
CA ILE A 1078 -71.31 6.97 26.84
C ILE A 1078 -72.46 5.98 27.01
N CYS A 1079 -72.89 5.78 28.24
CA CYS A 1079 -73.98 4.86 28.55
C CYS A 1079 -75.29 5.62 28.45
N HIS A 1080 -76.08 5.30 27.43
CA HIS A 1080 -77.40 5.87 27.27
C HIS A 1080 -78.38 4.73 27.05
N ASP A 1081 -79.52 4.78 27.76
CA ASP A 1081 -80.52 3.71 27.73
C ASP A 1081 -79.91 2.37 28.10
N GLY A 1082 -78.96 2.37 29.03
CA GLY A 1082 -78.36 1.13 29.50
C GLY A 1082 -77.51 0.42 28.47
N LYS A 1083 -77.03 1.13 27.45
CA LYS A 1083 -76.19 0.52 26.43
C LYS A 1083 -75.07 1.50 26.08
N ALA A 1084 -73.88 0.95 25.85
CA ALA A 1084 -72.73 1.79 25.56
C ALA A 1084 -72.89 2.44 24.19
N HIS A 1085 -72.12 3.52 23.99
CA HIS A 1085 -72.13 4.25 22.73
C HIS A 1085 -70.73 4.77 22.48
N PHE A 1086 -69.99 4.11 21.61
CA PHE A 1086 -68.63 4.54 21.33
C PHE A 1086 -68.61 5.47 20.12
N PRO A 1087 -67.64 6.36 20.02
CA PRO A 1087 -67.61 7.29 18.89
C PRO A 1087 -67.19 6.59 17.61
N ARG A 1088 -67.94 6.86 16.54
CA ARG A 1088 -67.61 6.26 15.25
C ARG A 1088 -66.28 6.76 14.72
N GLU A 1089 -66.07 8.09 14.75
CA GLU A 1089 -64.80 8.67 14.36
C GLU A 1089 -64.57 9.91 15.22
N GLY A 1090 -63.60 9.86 16.12
CA GLY A 1090 -63.26 10.96 16.98
C GLY A 1090 -63.32 10.58 18.44
N VAL A 1091 -63.06 11.56 19.30
CA VAL A 1091 -63.07 11.36 20.74
C VAL A 1091 -64.38 11.92 21.27
N PHE A 1092 -64.74 11.52 22.50
CA PHE A 1092 -65.76 12.26 23.24
C PHE A 1092 -65.10 13.29 24.13
N VAL A 1093 -65.63 14.52 24.08
CA VAL A 1093 -65.10 15.62 24.89
C VAL A 1093 -66.25 16.30 25.61
N SER A 1094 -65.89 17.10 26.61
CA SER A 1094 -66.86 17.79 27.45
C SER A 1094 -66.71 19.29 27.27
N ASN A 1095 -67.80 19.93 26.84
CA ASN A 1095 -67.86 21.39 26.83
C ASN A 1095 -67.62 21.95 28.23
N GLY A 1096 -68.03 21.19 29.24
CA GLY A 1096 -67.96 21.60 30.63
C GLY A 1096 -69.25 21.27 31.32
N THR A 1097 -70.34 21.37 30.57
CA THR A 1097 -71.66 20.94 31.01
C THR A 1097 -72.37 20.11 29.95
N HIS A 1098 -71.75 19.91 28.79
CA HIS A 1098 -72.37 19.18 27.68
C HIS A 1098 -71.28 18.31 27.05
N TRP A 1099 -71.63 17.06 26.77
CA TRP A 1099 -70.68 16.16 26.14
C TRP A 1099 -70.78 16.26 24.62
N PHE A 1100 -69.61 16.25 23.96
CA PHE A 1100 -69.54 16.41 22.52
C PHE A 1100 -68.58 15.39 21.94
N VAL A 1101 -68.79 15.07 20.67
CA VAL A 1101 -67.89 14.21 19.91
C VAL A 1101 -67.18 15.06 18.87
N THR A 1102 -65.87 14.84 18.75
CA THR A 1102 -65.02 15.74 17.98
C THR A 1102 -63.96 14.93 17.26
N GLN A 1103 -63.66 15.33 16.02
CA GLN A 1103 -62.60 14.66 15.28
C GLN A 1103 -61.28 14.79 16.02
N ARG A 1104 -60.35 13.88 15.72
CA ARG A 1104 -59.18 13.72 16.58
C ARG A 1104 -58.15 14.83 16.38
N ASN A 1105 -58.06 15.39 15.18
CA ASN A 1105 -56.98 16.33 14.86
C ASN A 1105 -57.46 17.77 14.72
N PHE A 1106 -58.70 18.06 15.11
CA PHE A 1106 -59.23 19.41 15.01
C PHE A 1106 -60.44 19.50 15.92
N TYR A 1107 -60.72 20.68 16.43
CA TYR A 1107 -61.82 20.87 17.36
C TYR A 1107 -63.07 21.31 16.59
N GLU A 1108 -63.93 20.36 16.27
CA GLU A 1108 -65.26 20.64 15.71
C GLU A 1108 -66.28 19.87 16.54
N PRO A 1109 -66.80 20.47 17.60
CA PRO A 1109 -67.75 19.74 18.45
C PRO A 1109 -69.06 19.47 17.73
N GLN A 1110 -69.57 18.25 17.92
CA GLN A 1110 -70.83 17.84 17.33
C GLN A 1110 -71.68 17.18 18.40
N ILE A 1111 -72.98 17.43 18.36
CA ILE A 1111 -73.90 16.83 19.32
C ILE A 1111 -73.88 15.32 19.16
N ILE A 1112 -73.89 14.59 20.28
CA ILE A 1112 -73.84 13.14 20.24
C ILE A 1112 -75.08 12.61 19.53
N THR A 1113 -74.87 11.83 18.48
CA THR A 1113 -75.96 11.35 17.65
C THR A 1113 -75.73 9.87 17.37
N THR A 1114 -76.80 9.16 17.01
CA THR A 1114 -76.66 7.76 16.62
C THR A 1114 -75.95 7.61 15.27
N ASP A 1115 -75.75 8.71 14.54
CA ASP A 1115 -75.03 8.62 13.28
C ASP A 1115 -73.53 8.43 13.48
N ASN A 1116 -72.96 9.09 14.49
CA ASN A 1116 -71.52 9.03 14.76
C ASN A 1116 -71.21 8.24 16.03
N THR A 1117 -72.17 7.43 16.49
CA THR A 1117 -71.95 6.55 17.63
C THR A 1117 -72.54 5.19 17.30
N PHE A 1118 -71.81 4.13 17.66
CA PHE A 1118 -72.32 2.78 17.46
C PHE A 1118 -72.42 2.07 18.81
N VAL A 1119 -73.61 1.56 19.11
CA VAL A 1119 -73.84 0.84 20.36
C VAL A 1119 -73.01 -0.44 20.36
N SER A 1120 -72.48 -0.79 21.52
CA SER A 1120 -71.57 -1.92 21.64
C SER A 1120 -71.87 -2.74 22.89
N GLY A 1121 -73.15 -3.00 23.15
CA GLY A 1121 -73.51 -3.87 24.24
C GLY A 1121 -73.97 -3.14 25.48
N ASN A 1122 -73.57 -3.64 26.65
CA ASN A 1122 -73.98 -3.09 27.93
C ASN A 1122 -72.87 -2.20 28.50
N CYS A 1123 -73.27 -1.24 29.33
CA CYS A 1123 -72.36 -0.25 29.87
C CYS A 1123 -71.85 -0.60 31.26
N ASP A 1124 -71.65 -1.89 31.55
CA ASP A 1124 -71.09 -2.29 32.83
C ASP A 1124 -69.64 -2.72 32.70
N VAL A 1125 -69.24 -3.18 31.51
CA VAL A 1125 -67.92 -3.77 31.35
C VAL A 1125 -66.87 -2.72 31.04
N VAL A 1126 -67.26 -1.62 30.40
CA VAL A 1126 -66.28 -0.59 30.05
C VAL A 1126 -65.95 0.24 31.29
N ILE A 1127 -64.66 0.51 31.47
CA ILE A 1127 -64.17 1.27 32.62
C ILE A 1127 -64.05 2.73 32.22
N GLY A 1128 -64.74 3.60 32.95
CA GLY A 1128 -64.70 5.02 32.68
C GLY A 1128 -65.87 5.58 31.90
N ILE A 1129 -66.91 4.78 31.66
CA ILE A 1129 -68.08 5.29 30.95
C ILE A 1129 -68.74 6.38 31.78
N VAL A 1130 -69.41 7.30 31.09
CA VAL A 1130 -70.10 8.42 31.72
C VAL A 1130 -71.55 8.43 31.29
N ASN A 1131 -72.45 8.63 32.25
CA ASN A 1131 -73.86 8.77 31.91
C ASN A 1131 -74.08 10.05 31.13
N ASN A 1132 -74.80 9.93 30.01
CA ASN A 1132 -75.11 11.08 29.17
C ASN A 1132 -76.22 10.67 28.22
N THR A 1133 -76.87 11.68 27.64
CA THR A 1133 -77.91 11.42 26.65
C THR A 1133 -77.34 11.48 25.25
N VAL A 1134 -77.91 10.67 24.36
CA VAL A 1134 -77.50 10.60 22.97
C VAL A 1134 -78.70 10.92 22.09
N TYR A 1135 -78.58 11.99 21.30
CA TYR A 1135 -79.68 12.45 20.47
C TYR A 1135 -79.90 11.49 19.31
N ASP A 1136 -81.14 11.04 19.16
CA ASP A 1136 -81.54 10.18 18.05
C ASP A 1136 -82.41 10.99 17.10
N PRO A 1137 -81.96 11.23 15.86
CA PRO A 1137 -82.69 12.16 14.99
C PRO A 1137 -84.07 11.70 14.56
N LEU A 1138 -84.41 10.42 14.76
CA LEU A 1138 -85.66 9.90 14.19
C LEU A 1138 -86.90 10.41 14.91
N GLN A 1139 -86.84 10.59 16.23
CA GLN A 1139 -88.04 10.96 16.99
C GLN A 1139 -88.66 12.29 16.56
N PRO A 1140 -87.91 13.38 16.35
CA PRO A 1140 -88.56 14.66 16.02
C PRO A 1140 -89.41 14.61 14.76
N GLU A 1141 -89.21 13.63 13.88
CA GLU A 1141 -90.13 13.45 12.77
C GLU A 1141 -91.33 12.58 13.13
N LEU A 1142 -91.24 11.80 14.20
CA LEU A 1142 -92.36 10.94 14.59
C LEU A 1142 -93.56 11.76 15.03
N ASP A 1143 -93.35 12.70 15.96
CA ASP A 1143 -94.45 13.51 16.47
C ASP A 1143 -94.88 14.56 15.45
N SER A 1144 -93.93 15.11 14.70
CA SER A 1144 -94.23 16.13 13.71
C SER A 1144 -94.36 15.51 12.32
N TYR B 28 -2.36 -2.51 -56.40
CA TYR B 28 -2.01 -3.90 -56.16
C TYR B 28 -3.24 -4.69 -55.71
N THR B 29 -3.02 -5.61 -54.77
CA THR B 29 -4.09 -6.42 -54.19
C THR B 29 -4.07 -6.26 -52.68
N ASN B 30 -5.25 -6.35 -52.06
CA ASN B 30 -5.35 -6.22 -50.61
C ASN B 30 -5.58 -7.59 -49.99
N SER B 31 -4.76 -7.94 -48.99
CA SER B 31 -4.97 -9.17 -48.25
C SER B 31 -6.21 -9.05 -47.38
N PHE B 32 -7.31 -9.67 -47.81
CA PHE B 32 -8.57 -9.51 -47.10
C PHE B 32 -8.46 -9.95 -45.65
N THR B 33 -8.20 -11.24 -45.44
CA THR B 33 -7.99 -11.73 -44.08
C THR B 33 -6.79 -12.65 -43.96
N ARG B 34 -5.97 -12.79 -45.00
CA ARG B 34 -4.83 -13.69 -44.96
C ARG B 34 -3.74 -13.14 -44.05
N GLY B 35 -2.83 -14.01 -43.65
CA GLY B 35 -1.67 -13.61 -42.88
C GLY B 35 -1.75 -13.86 -41.39
N VAL B 36 -2.61 -14.75 -40.93
CA VAL B 36 -2.72 -15.07 -39.50
C VAL B 36 -2.29 -16.50 -39.29
N TYR B 37 -1.35 -16.70 -38.36
CA TYR B 37 -0.75 -17.99 -38.06
C TYR B 37 -0.94 -18.29 -36.58
N TYR B 38 -0.60 -19.51 -36.20
CA TYR B 38 -0.62 -19.87 -34.79
C TYR B 38 0.68 -19.40 -34.14
N PRO B 39 0.64 -18.44 -33.21
CA PRO B 39 1.91 -17.91 -32.68
C PRO B 39 2.64 -18.88 -31.76
N ASP B 40 1.91 -19.65 -30.97
CA ASP B 40 2.52 -20.54 -29.99
C ASP B 40 1.92 -21.93 -30.12
N LYS B 41 2.52 -22.88 -29.40
CA LYS B 41 2.06 -24.26 -29.39
C LYS B 41 0.80 -24.45 -28.56
N VAL B 42 0.41 -23.43 -27.77
CA VAL B 42 -0.69 -23.59 -26.84
C VAL B 42 -1.99 -23.86 -27.58
N PHE B 43 -2.79 -24.77 -27.03
CA PHE B 43 -4.12 -25.09 -27.53
C PHE B 43 -5.14 -24.31 -26.72
N ARG B 44 -6.16 -23.81 -27.39
CA ARG B 44 -7.27 -23.14 -26.74
C ARG B 44 -8.57 -23.56 -27.41
N SER B 45 -9.64 -23.65 -26.63
CA SER B 45 -10.93 -24.13 -27.12
C SER B 45 -12.03 -23.14 -26.78
N SER B 46 -12.71 -22.65 -27.82
CA SER B 46 -13.89 -21.80 -27.65
C SER B 46 -13.61 -20.58 -26.79
N VAL B 47 -12.42 -19.99 -26.96
CA VAL B 47 -12.04 -18.79 -26.23
C VAL B 47 -11.52 -17.75 -27.21
N LEU B 48 -11.23 -16.57 -26.69
CA LEU B 48 -10.74 -15.45 -27.48
C LEU B 48 -9.44 -14.96 -26.87
N HIS B 49 -8.33 -15.13 -27.59
CA HIS B 49 -7.00 -14.80 -27.09
C HIS B 49 -6.42 -13.64 -27.88
N SER B 50 -6.00 -12.60 -27.17
CA SER B 50 -5.42 -11.41 -27.78
C SER B 50 -3.92 -11.39 -27.47
N THR B 51 -3.10 -11.28 -28.51
CA THR B 51 -1.66 -11.36 -28.38
C THR B 51 -0.99 -10.21 -29.12
N GLN B 52 0.19 -9.83 -28.65
CA GLN B 52 0.97 -8.74 -29.25
C GLN B 52 2.19 -9.34 -29.94
N ASP B 53 2.05 -9.65 -31.24
CA ASP B 53 3.14 -10.24 -32.00
C ASP B 53 3.10 -9.69 -33.42
N LEU B 54 4.05 -10.14 -34.24
CA LEU B 54 4.14 -9.69 -35.61
C LEU B 54 3.08 -10.37 -36.47
N PHE B 55 2.32 -9.56 -37.21
CA PHE B 55 1.30 -10.08 -38.11
C PHE B 55 1.21 -9.18 -39.34
N LEU B 56 0.58 -9.71 -40.39
CA LEU B 56 0.22 -8.89 -41.53
C LEU B 56 -1.13 -8.24 -41.29
N PRO B 57 -1.22 -6.91 -41.23
CA PRO B 57 -2.51 -6.27 -40.95
C PRO B 57 -3.54 -6.59 -42.01
N PHE B 58 -4.79 -6.70 -41.59
CA PHE B 58 -5.88 -6.97 -42.51
C PHE B 58 -6.03 -5.83 -43.51
N PHE B 59 -6.41 -6.19 -44.73
CA PHE B 59 -6.75 -5.27 -45.81
C PHE B 59 -5.57 -4.42 -46.26
N SER B 60 -4.38 -4.67 -45.76
CA SER B 60 -3.19 -3.99 -46.28
C SER B 60 -2.95 -4.41 -47.72
N ASN B 61 -2.53 -3.46 -48.55
CA ASN B 61 -2.30 -3.75 -49.95
C ASN B 61 -0.98 -4.48 -50.13
N VAL B 62 -1.04 -5.71 -50.65
CA VAL B 62 0.10 -6.59 -50.76
C VAL B 62 0.65 -6.48 -52.19
N THR B 63 1.95 -6.26 -52.30
CA THR B 63 2.57 -6.07 -53.60
C THR B 63 2.59 -7.37 -54.39
N TRP B 64 2.09 -7.33 -55.62
CA TRP B 64 2.00 -8.50 -56.49
C TRP B 64 3.09 -8.41 -57.54
N PHE B 65 3.86 -9.48 -57.69
CA PHE B 65 4.93 -9.56 -58.68
C PHE B 65 4.63 -10.68 -59.67
N HIS B 66 4.80 -10.37 -60.96
CA HIS B 66 4.71 -11.37 -62.01
C HIS B 66 6.14 -11.78 -62.38
N ALA B 67 6.57 -12.93 -61.88
CA ALA B 67 7.98 -13.31 -61.99
C ALA B 67 8.39 -13.55 -63.44
N ILE B 68 7.62 -14.37 -64.16
CA ILE B 68 7.96 -14.75 -65.53
C ILE B 68 6.76 -14.52 -66.42
N HIS B 69 7.00 -13.86 -67.55
CA HIS B 69 5.99 -13.65 -68.58
C HIS B 69 6.49 -14.23 -69.89
N VAL B 70 5.62 -14.99 -70.57
CA VAL B 70 5.94 -15.60 -71.86
C VAL B 70 4.95 -15.09 -72.89
N SER B 71 5.46 -14.52 -73.97
CA SER B 71 4.61 -13.97 -75.03
C SER B 71 4.02 -15.07 -75.89
N ASN B 74 4.83 -13.95 -79.26
CA ASN B 74 6.21 -14.01 -79.72
C ASN B 74 6.98 -15.11 -79.00
N GLY B 75 6.51 -15.48 -77.80
CA GLY B 75 7.15 -16.50 -77.01
C GLY B 75 8.39 -16.06 -76.26
N THR B 76 8.68 -14.76 -76.23
CA THR B 76 9.88 -14.28 -75.57
C THR B 76 9.80 -14.54 -74.07
N LYS B 77 10.92 -15.03 -73.50
CA LYS B 77 11.00 -15.33 -72.08
C LYS B 77 11.46 -14.09 -71.33
N ARG B 78 10.65 -13.65 -70.37
CA ARG B 78 10.96 -12.52 -69.51
C ARG B 78 11.14 -13.02 -68.09
N PHE B 79 12.29 -12.72 -67.50
CA PHE B 79 12.62 -13.12 -66.14
C PHE B 79 12.85 -11.89 -65.29
N ASP B 80 12.13 -11.79 -64.17
CA ASP B 80 12.24 -10.66 -63.26
C ASP B 80 12.01 -11.14 -61.83
N ASN B 81 13.09 -11.27 -61.08
CA ASN B 81 13.04 -11.66 -59.66
C ASN B 81 13.79 -10.62 -58.86
N PRO B 82 13.14 -9.50 -58.54
CA PRO B 82 13.82 -8.44 -57.78
C PRO B 82 14.20 -8.91 -56.39
N VAL B 83 15.28 -8.34 -55.87
CA VAL B 83 15.82 -8.73 -54.57
C VAL B 83 15.08 -7.91 -53.53
N LEU B 84 13.93 -8.42 -53.09
CA LEU B 84 13.09 -7.69 -52.16
C LEU B 84 13.70 -7.71 -50.76
N PRO B 85 13.66 -6.60 -50.03
CA PRO B 85 14.21 -6.58 -48.67
C PRO B 85 13.37 -7.44 -47.73
N PHE B 86 14.04 -8.03 -46.74
CA PHE B 86 13.39 -8.84 -45.72
C PHE B 86 13.34 -8.02 -44.43
N ASN B 87 12.28 -7.25 -44.26
CA ASN B 87 12.10 -6.40 -43.09
C ASN B 87 11.03 -7.02 -42.19
N ASP B 88 11.41 -7.30 -40.95
CA ASP B 88 10.53 -7.96 -39.96
C ASP B 88 10.06 -9.27 -40.56
N GLY B 89 8.77 -9.47 -40.77
CA GLY B 89 8.29 -10.70 -41.39
C GLY B 89 7.78 -10.49 -42.79
N VAL B 90 7.78 -11.54 -43.59
CA VAL B 90 7.31 -11.49 -44.97
C VAL B 90 6.27 -12.59 -45.17
N TYR B 91 5.07 -12.20 -45.61
CA TYR B 91 4.02 -13.16 -45.94
C TYR B 91 4.08 -13.46 -47.42
N PHE B 92 4.48 -14.68 -47.77
CA PHE B 92 4.73 -15.09 -49.14
C PHE B 92 3.66 -16.07 -49.57
N ALA B 93 3.09 -15.85 -50.76
CA ALA B 93 2.09 -16.74 -51.32
C ALA B 93 2.41 -16.99 -52.79
N SER B 94 1.78 -18.01 -53.35
CA SER B 94 1.92 -18.33 -54.77
C SER B 94 0.78 -19.24 -55.20
N THR B 95 0.34 -19.07 -56.45
CA THR B 95 -0.72 -19.90 -57.03
C THR B 95 -0.23 -20.40 -58.40
N GLU B 96 0.45 -21.54 -58.38
CA GLU B 96 0.98 -22.15 -59.60
C GLU B 96 0.61 -23.63 -59.61
N LYS B 97 -0.14 -24.04 -60.64
CA LYS B 97 -0.52 -25.45 -60.76
C LYS B 97 0.68 -26.33 -61.06
N SER B 98 1.62 -25.83 -61.86
CA SER B 98 2.79 -26.61 -62.24
C SER B 98 3.93 -26.50 -61.23
N ASN B 99 3.74 -25.77 -60.13
CA ASN B 99 4.76 -25.61 -59.11
C ASN B 99 6.04 -24.99 -59.69
N ILE B 100 5.89 -23.89 -60.41
CA ILE B 100 7.04 -23.20 -60.98
C ILE B 100 7.95 -22.68 -59.87
N ILE B 101 7.34 -22.12 -58.82
CA ILE B 101 8.12 -21.65 -57.68
C ILE B 101 8.76 -22.84 -56.99
N ARG B 102 10.07 -22.75 -56.73
CA ARG B 102 10.82 -23.87 -56.21
C ARG B 102 11.39 -23.65 -54.82
N GLY B 103 11.65 -22.41 -54.42
CA GLY B 103 12.21 -22.17 -53.11
C GLY B 103 12.47 -20.70 -52.88
N TRP B 104 13.22 -20.42 -51.82
CA TRP B 104 13.53 -19.07 -51.40
C TRP B 104 15.03 -18.94 -51.12
N ILE B 105 15.53 -17.72 -51.26
CA ILE B 105 16.91 -17.37 -50.92
C ILE B 105 16.86 -16.24 -49.90
N PHE B 106 17.58 -16.42 -48.79
CA PHE B 106 17.63 -15.44 -47.72
C PHE B 106 19.08 -15.07 -47.45
N GLY B 107 19.36 -13.77 -47.39
CA GLY B 107 20.71 -13.31 -47.11
C GLY B 107 20.83 -11.82 -46.91
N THR B 108 21.65 -11.40 -45.95
CA THR B 108 21.84 -9.97 -45.68
C THR B 108 22.57 -9.30 -46.85
N THR B 109 23.68 -9.89 -47.29
CA THR B 109 24.47 -9.34 -48.38
C THR B 109 24.60 -10.26 -49.58
N LEU B 110 24.20 -11.53 -49.46
CA LEU B 110 24.21 -12.49 -50.57
C LEU B 110 25.62 -12.63 -51.15
N ASP B 111 26.61 -12.73 -50.27
CA ASP B 111 28.00 -12.95 -50.66
C ASP B 111 28.56 -14.12 -49.88
N SER B 112 29.69 -14.65 -50.39
CA SER B 112 30.31 -15.80 -49.75
C SER B 112 30.91 -15.45 -48.40
N LYS B 113 31.05 -14.15 -48.11
CA LYS B 113 31.63 -13.74 -46.83
C LYS B 113 30.68 -14.04 -45.67
N THR B 114 29.38 -13.90 -45.89
CA THR B 114 28.39 -14.02 -44.83
C THR B 114 27.48 -15.22 -45.08
N GLN B 115 26.92 -15.75 -43.99
CA GLN B 115 25.98 -16.86 -44.09
C GLN B 115 24.68 -16.41 -44.72
N SER B 116 24.08 -17.28 -45.54
CA SER B 116 22.82 -17.00 -46.21
C SER B 116 21.95 -18.25 -46.14
N LEU B 117 20.69 -18.06 -45.74
CA LEU B 117 19.77 -19.17 -45.62
C LEU B 117 19.20 -19.55 -46.98
N LEU B 118 19.16 -20.86 -47.25
CA LEU B 118 18.68 -21.37 -48.53
C LEU B 118 17.59 -22.40 -48.29
N ILE B 119 16.52 -22.33 -49.08
CA ILE B 119 15.46 -23.32 -49.08
C ILE B 119 15.22 -23.73 -50.53
N VAL B 120 15.45 -25.01 -50.82
CA VAL B 120 15.24 -25.54 -52.16
C VAL B 120 14.50 -26.86 -52.06
N ASN B 121 13.73 -27.16 -53.10
CA ASN B 121 12.94 -28.39 -53.18
C ASN B 121 13.50 -29.26 -54.29
N ASN B 122 13.75 -30.53 -53.96
CA ASN B 122 14.31 -31.49 -54.92
C ASN B 122 13.23 -32.33 -55.60
N ALA B 123 11.95 -32.07 -55.32
CA ALA B 123 10.81 -32.83 -55.82
C ALA B 123 10.78 -34.23 -55.22
N THR B 124 11.80 -34.55 -54.42
CA THR B 124 11.76 -35.78 -53.64
C THR B 124 11.76 -35.46 -52.14
N ASN B 125 12.72 -34.65 -51.70
CA ASN B 125 12.74 -34.10 -50.35
C ASN B 125 13.11 -32.64 -50.44
N VAL B 126 12.64 -31.86 -49.47
CA VAL B 126 12.96 -30.43 -49.43
C VAL B 126 14.29 -30.24 -48.72
N VAL B 127 15.18 -29.46 -49.34
CA VAL B 127 16.53 -29.25 -48.83
C VAL B 127 16.58 -27.85 -48.22
N ILE B 128 16.68 -27.80 -46.90
CA ILE B 128 16.79 -26.54 -46.15
C ILE B 128 18.14 -26.56 -45.47
N LYS B 129 19.12 -25.88 -46.07
CA LYS B 129 20.50 -25.93 -45.64
C LYS B 129 21.15 -24.57 -45.77
N VAL B 130 21.82 -24.13 -44.71
CA VAL B 130 22.34 -22.76 -44.60
C VAL B 130 23.86 -22.83 -44.62
N CYS B 131 24.46 -22.11 -45.56
CA CYS B 131 25.90 -22.00 -45.70
C CYS B 131 26.22 -20.65 -46.35
N GLU B 132 27.49 -20.27 -46.30
CA GLU B 132 27.94 -19.08 -47.01
C GLU B 132 27.99 -19.38 -48.50
N PHE B 133 27.21 -18.65 -49.29
CA PHE B 133 27.02 -18.94 -50.70
C PHE B 133 27.63 -17.84 -51.56
N GLN B 134 28.31 -18.24 -52.64
CA GLN B 134 28.55 -17.33 -53.74
C GLN B 134 27.36 -17.35 -54.68
N PHE B 135 26.64 -16.24 -54.76
CA PHE B 135 25.33 -16.20 -55.38
C PHE B 135 25.44 -15.76 -56.83
N CYS B 136 24.82 -16.54 -57.72
CA CYS B 136 24.73 -16.15 -59.12
C CYS B 136 23.70 -15.04 -59.29
N ASN B 137 23.78 -14.35 -60.42
CA ASN B 137 22.85 -13.26 -60.69
C ASN B 137 21.42 -13.76 -60.79
N ASP B 138 21.21 -14.88 -61.48
CA ASP B 138 19.88 -15.48 -61.66
C ASP B 138 19.94 -16.96 -61.31
N PRO B 139 19.93 -17.30 -60.02
CA PRO B 139 19.88 -18.70 -59.63
C PRO B 139 18.61 -19.37 -60.13
N PHE B 140 18.71 -20.65 -60.49
CA PHE B 140 17.58 -21.39 -61.01
C PHE B 140 17.87 -22.88 -60.87
N LEU B 141 16.85 -23.68 -61.15
CA LEU B 141 16.94 -25.14 -61.13
C LEU B 141 16.61 -25.68 -62.51
N GLY B 142 17.45 -26.58 -63.02
CA GLY B 142 17.23 -27.17 -64.32
C GLY B 142 16.45 -28.47 -64.21
N VAL B 143 15.41 -28.59 -65.03
CA VAL B 143 14.55 -29.78 -65.04
C VAL B 143 14.27 -30.14 -66.50
N TYR B 144 14.30 -31.43 -66.81
CA TYR B 144 14.07 -31.91 -68.16
C TYR B 144 13.08 -33.07 -68.14
N TYR B 145 12.50 -33.34 -69.30
CA TYR B 145 11.48 -34.37 -69.47
C TYR B 145 12.07 -35.59 -70.15
N HIS B 146 11.82 -36.76 -69.57
CA HIS B 146 12.29 -38.02 -70.14
C HIS B 146 11.13 -38.69 -70.88
N LYS B 147 11.31 -38.92 -72.17
CA LYS B 147 10.23 -39.48 -72.99
C LYS B 147 9.87 -40.90 -72.55
N ASN B 148 10.87 -41.72 -72.26
CA ASN B 148 10.61 -43.11 -71.88
C ASN B 148 9.84 -43.20 -70.56
N ASN B 149 10.26 -42.41 -69.57
CA ASN B 149 9.60 -42.45 -68.27
C ASN B 149 8.31 -41.62 -68.23
N LYS B 150 8.11 -40.73 -69.22
CA LYS B 150 6.93 -39.87 -69.28
C LYS B 150 6.77 -39.05 -68.01
N SER B 151 7.89 -38.52 -67.50
CA SER B 151 7.88 -37.75 -66.27
C SER B 151 8.98 -36.71 -66.32
N TRP B 152 8.87 -35.72 -65.44
CA TRP B 152 9.83 -34.63 -65.34
C TRP B 152 10.71 -34.82 -64.12
N MET B 153 12.02 -34.72 -64.31
CA MET B 153 12.98 -34.77 -63.22
C MET B 153 14.07 -33.72 -63.45
N GLU B 154 14.68 -33.29 -62.34
CA GLU B 154 15.60 -32.16 -62.37
C GLU B 154 16.89 -32.54 -63.09
N SER B 155 17.24 -31.78 -64.13
CA SER B 155 18.48 -32.05 -64.85
C SER B 155 19.70 -31.64 -64.02
N GLU B 156 19.69 -30.45 -63.45
CA GLU B 156 20.83 -29.92 -62.74
C GLU B 156 20.37 -28.78 -61.83
N PHE B 157 21.20 -28.46 -60.84
CA PHE B 157 20.94 -27.36 -59.93
C PHE B 157 22.06 -26.34 -60.06
N ARG B 158 21.71 -25.11 -60.48
CA ARG B 158 22.67 -24.05 -60.74
C ARG B 158 22.26 -22.81 -59.94
N VAL B 159 21.97 -23.01 -58.67
CA VAL B 159 21.52 -21.94 -57.79
C VAL B 159 22.69 -21.15 -57.20
N TYR B 160 23.64 -21.85 -56.57
CA TYR B 160 24.75 -21.21 -55.90
C TYR B 160 26.05 -21.60 -56.58
N SER B 161 26.95 -20.62 -56.73
CA SER B 161 28.27 -20.90 -57.28
C SER B 161 29.09 -21.79 -56.34
N SER B 162 29.01 -21.53 -55.04
CA SER B 162 29.77 -22.29 -54.07
C SER B 162 29.06 -22.26 -52.73
N ALA B 163 29.38 -23.23 -51.88
CA ALA B 163 28.84 -23.32 -50.53
C ALA B 163 30.00 -23.44 -49.55
N ASN B 164 30.02 -22.56 -48.56
CA ASN B 164 31.09 -22.53 -47.56
C ASN B 164 30.49 -22.35 -46.17
N ASN B 165 31.24 -22.83 -45.17
CA ASN B 165 30.85 -22.70 -43.76
C ASN B 165 29.45 -23.24 -43.52
N CYS B 166 29.24 -24.50 -43.92
CA CYS B 166 27.94 -25.13 -43.75
C CYS B 166 27.72 -25.48 -42.28
N THR B 167 26.57 -25.06 -41.74
CA THR B 167 26.29 -25.23 -40.31
C THR B 167 25.13 -26.21 -40.10
N PHE B 168 23.97 -25.97 -40.70
CA PHE B 168 22.79 -26.79 -40.46
C PHE B 168 22.21 -27.25 -41.80
N GLU B 169 21.80 -28.51 -41.86
CA GLU B 169 21.13 -29.08 -43.02
C GLU B 169 19.84 -29.73 -42.56
N TYR B 170 18.74 -29.42 -43.25
CA TYR B 170 17.44 -29.98 -42.93
C TYR B 170 16.85 -30.63 -44.16
N VAL B 171 16.27 -31.82 -43.97
CA VAL B 171 15.60 -32.56 -45.04
C VAL B 171 14.26 -33.05 -44.52
N SER B 172 13.21 -32.85 -45.30
CA SER B 172 11.88 -33.31 -44.94
C SER B 172 11.11 -33.66 -46.20
N GLN B 173 9.89 -34.16 -46.00
CA GLN B 173 9.04 -34.51 -47.12
C GLN B 173 8.64 -33.23 -47.88
N PRO B 174 8.41 -33.32 -49.18
CA PRO B 174 8.03 -32.11 -49.94
C PRO B 174 6.67 -31.60 -49.50
N PHE B 175 6.59 -30.28 -49.33
CA PHE B 175 5.34 -29.63 -48.92
C PHE B 175 4.71 -28.78 -50.03
N LEU B 176 5.53 -28.03 -50.78
CA LEU B 176 4.97 -27.17 -51.83
C LEU B 176 4.51 -28.00 -53.02
N MET B 177 5.11 -29.17 -53.23
CA MET B 177 4.69 -30.04 -54.32
C MET B 177 3.27 -30.52 -54.10
N ASP B 178 2.47 -30.47 -55.18
CA ASP B 178 1.08 -30.88 -55.16
C ASP B 178 0.28 -30.15 -54.08
N LYS B 187 -4.93 -23.04 -59.18
CA LYS B 187 -5.29 -24.38 -58.72
C LYS B 187 -5.35 -24.45 -57.21
N ASN B 188 -4.21 -24.25 -56.56
CA ASN B 188 -4.10 -24.27 -55.11
C ASN B 188 -3.26 -23.09 -54.65
N LEU B 189 -3.59 -22.59 -53.45
CA LEU B 189 -2.88 -21.46 -52.87
C LEU B 189 -1.91 -21.97 -51.81
N ARG B 190 -0.64 -21.57 -51.94
CA ARG B 190 0.41 -21.98 -51.02
C ARG B 190 0.93 -20.75 -50.31
N GLU B 191 0.60 -20.60 -49.03
CA GLU B 191 0.96 -19.44 -48.24
C GLU B 191 2.10 -19.80 -47.30
N PHE B 192 3.03 -18.87 -47.10
CA PHE B 192 4.16 -19.05 -46.20
C PHE B 192 4.43 -17.77 -45.45
N VAL B 193 4.91 -17.89 -44.21
CA VAL B 193 5.28 -16.76 -43.37
C VAL B 193 6.68 -17.00 -42.85
N PHE B 194 7.56 -16.01 -43.03
CA PHE B 194 8.96 -16.12 -42.64
C PHE B 194 9.26 -15.08 -41.57
N LYS B 195 9.85 -15.53 -40.46
CA LYS B 195 10.16 -14.65 -39.33
C LYS B 195 11.46 -15.10 -38.68
N ASN B 196 12.29 -14.13 -38.32
CA ASN B 196 13.56 -14.37 -37.63
C ASN B 196 13.59 -13.54 -36.35
N ILE B 197 13.35 -14.20 -35.22
CA ILE B 197 13.45 -13.58 -33.91
C ILE B 197 14.26 -14.50 -33.01
N ASP B 198 15.19 -13.90 -32.26
CA ASP B 198 16.02 -14.63 -31.29
C ASP B 198 16.82 -15.75 -31.95
N GLY B 199 17.31 -15.49 -33.16
CA GLY B 199 18.12 -16.46 -33.86
C GLY B 199 17.39 -17.70 -34.30
N TYR B 200 16.06 -17.66 -34.38
CA TYR B 200 15.25 -18.80 -34.79
C TYR B 200 14.45 -18.42 -36.02
N PHE B 201 14.55 -19.23 -37.06
CA PHE B 201 13.76 -19.04 -38.27
C PHE B 201 12.44 -19.79 -38.12
N LYS B 202 11.34 -19.03 -38.10
CA LYS B 202 10.00 -19.60 -37.98
C LYS B 202 9.32 -19.57 -39.33
N ILE B 203 8.84 -20.72 -39.78
CA ILE B 203 8.14 -20.85 -41.05
C ILE B 203 6.76 -21.44 -40.78
N TYR B 204 5.76 -20.96 -41.50
CA TYR B 204 4.39 -21.42 -41.40
C TYR B 204 3.83 -21.63 -42.79
N SER B 205 2.80 -22.48 -42.90
CA SER B 205 2.29 -22.81 -44.21
C SER B 205 0.81 -23.17 -44.13
N LYS B 206 0.16 -23.10 -45.29
CA LYS B 206 -1.23 -23.50 -45.44
C LYS B 206 -1.51 -23.72 -46.92
N HIS B 207 -2.32 -24.73 -47.22
CA HIS B 207 -2.66 -25.10 -48.59
C HIS B 207 -4.17 -25.10 -48.75
N THR B 208 -4.67 -24.35 -49.73
CA THR B 208 -6.10 -24.25 -49.95
C THR B 208 -6.38 -24.11 -51.45
N PRO B 209 -7.19 -24.98 -52.03
CA PRO B 209 -7.58 -24.81 -53.44
C PRO B 209 -8.38 -23.53 -53.63
N ILE B 210 -8.20 -22.90 -54.80
CA ILE B 210 -8.81 -21.61 -55.09
C ILE B 210 -9.46 -21.66 -56.47
N ASN B 211 -10.33 -20.68 -56.73
CA ASN B 211 -10.95 -20.50 -58.02
C ASN B 211 -10.60 -19.18 -58.68
N LEU B 212 -10.14 -18.19 -57.91
CA LEU B 212 -9.76 -16.88 -58.44
C LEU B 212 -8.25 -16.75 -58.37
N VAL B 213 -7.59 -16.91 -59.52
CA VAL B 213 -6.13 -16.85 -59.55
C VAL B 213 -5.65 -15.41 -59.35
N ARG B 214 -6.33 -14.44 -59.96
CA ARG B 214 -5.82 -13.08 -59.97
C ARG B 214 -5.80 -12.48 -58.56
N ASP B 215 -6.86 -12.69 -57.78
CA ASP B 215 -6.98 -12.07 -56.47
C ASP B 215 -6.99 -13.13 -55.38
N LEU B 216 -6.48 -12.75 -54.21
CA LEU B 216 -6.48 -13.65 -53.06
C LEU B 216 -7.92 -13.88 -52.60
N PRO B 217 -8.36 -15.13 -52.50
CA PRO B 217 -9.76 -15.37 -52.12
C PRO B 217 -10.10 -14.80 -50.75
N GLN B 218 -11.33 -14.33 -50.62
CA GLN B 218 -11.82 -13.88 -49.33
C GLN B 218 -12.14 -15.09 -48.46
N GLY B 219 -12.28 -14.83 -47.17
CA GLY B 219 -12.35 -15.87 -46.17
C GLY B 219 -11.05 -15.99 -45.39
N PHE B 220 -11.12 -16.74 -44.30
CA PHE B 220 -10.02 -16.83 -43.35
C PHE B 220 -9.47 -18.24 -43.33
N SER B 221 -8.13 -18.35 -43.36
CA SER B 221 -7.45 -19.64 -43.31
C SER B 221 -6.15 -19.47 -42.54
N ALA B 222 -6.09 -20.04 -41.33
CA ALA B 222 -4.91 -19.92 -40.50
C ALA B 222 -3.73 -20.67 -41.10
N LEU B 223 -2.52 -20.19 -40.81
CA LEU B 223 -1.30 -20.78 -41.33
C LEU B 223 -0.63 -21.59 -40.23
N GLU B 224 -0.75 -22.92 -40.32
CA GLU B 224 -0.15 -23.79 -39.32
C GLU B 224 1.37 -23.78 -39.43
N PRO B 225 2.09 -23.85 -38.31
CA PRO B 225 3.55 -23.86 -38.38
C PRO B 225 4.08 -25.17 -38.94
N LEU B 226 5.30 -25.13 -39.47
CA LEU B 226 5.92 -26.32 -40.03
C LEU B 226 7.13 -26.74 -39.21
N VAL B 227 8.08 -25.82 -39.00
CA VAL B 227 9.32 -26.12 -38.31
C VAL B 227 10.02 -24.81 -37.94
N ASP B 228 10.70 -24.81 -36.80
CA ASP B 228 11.49 -23.67 -36.34
C ASP B 228 12.95 -24.09 -36.30
N LEU B 229 13.83 -23.26 -36.85
CA LEU B 229 15.22 -23.63 -37.01
C LEU B 229 16.13 -22.68 -36.25
N PRO B 230 16.97 -23.20 -35.35
CA PRO B 230 17.97 -22.35 -34.66
C PRO B 230 19.13 -21.99 -35.58
N ILE B 231 18.83 -21.25 -36.65
CA ILE B 231 19.84 -20.92 -37.65
C ILE B 231 20.93 -20.04 -37.05
N GLY B 232 20.53 -19.02 -36.31
CA GLY B 232 21.51 -18.13 -35.68
C GLY B 232 22.21 -17.20 -36.64
N ILE B 233 21.64 -16.97 -37.82
CA ILE B 233 22.14 -15.99 -38.77
C ILE B 233 21.15 -14.84 -38.84
N ASN B 234 21.57 -13.74 -39.46
CA ASN B 234 20.85 -12.49 -39.42
C ASN B 234 20.65 -11.96 -40.84
N ILE B 235 19.40 -11.83 -41.24
CA ILE B 235 19.01 -11.64 -42.63
C ILE B 235 18.22 -10.35 -42.76
N THR B 236 18.51 -9.57 -43.81
CA THR B 236 17.79 -8.34 -44.09
C THR B 236 17.21 -8.27 -45.50
N ARG B 237 17.42 -9.30 -46.32
CA ARG B 237 16.97 -9.29 -47.71
C ARG B 237 16.79 -10.72 -48.18
N PHE B 238 15.88 -10.93 -49.13
CA PHE B 238 15.55 -12.26 -49.57
C PHE B 238 15.24 -12.31 -51.06
N GLN B 239 15.21 -13.53 -51.60
CA GLN B 239 14.98 -13.81 -53.01
C GLN B 239 14.03 -14.99 -53.16
N THR B 240 13.33 -15.01 -54.30
CA THR B 240 12.52 -16.15 -54.69
C THR B 240 13.26 -16.99 -55.73
N LEU B 241 13.03 -18.31 -55.67
CA LEU B 241 13.68 -19.25 -56.57
C LEU B 241 12.65 -19.88 -57.51
N LEU B 242 13.02 -20.02 -58.78
CA LEU B 242 12.16 -20.59 -59.81
C LEU B 242 12.92 -21.65 -60.57
N ALA B 243 12.26 -22.77 -60.85
CA ALA B 243 12.86 -23.81 -61.67
C ALA B 243 12.65 -23.52 -63.15
N LEU B 244 13.70 -23.76 -63.94
CA LEU B 244 13.67 -23.51 -65.38
C LEU B 244 13.74 -24.84 -66.12
N HIS B 245 12.81 -25.05 -67.04
CA HIS B 245 12.77 -26.28 -67.80
C HIS B 245 13.89 -26.31 -68.83
N ARG B 246 14.11 -27.50 -69.41
CA ARG B 246 15.11 -27.64 -70.46
C ARG B 246 14.76 -26.80 -71.68
N SER B 247 13.47 -26.75 -72.02
CA SER B 247 13.03 -25.86 -73.09
C SER B 247 13.28 -24.41 -72.71
N TYR B 248 13.06 -24.06 -71.44
CA TYR B 248 13.42 -22.72 -70.97
C TYR B 248 14.93 -22.52 -71.01
N LEU B 249 15.70 -23.60 -70.87
CA LEU B 249 17.15 -23.52 -70.91
C LEU B 249 17.71 -23.49 -72.33
N THR B 250 16.85 -23.57 -73.34
CA THR B 250 17.33 -23.52 -74.72
C THR B 250 18.01 -22.17 -75.00
N PRO B 251 19.05 -22.16 -75.83
CA PRO B 251 19.76 -20.89 -76.08
C PRO B 251 18.89 -19.81 -76.70
N GLY B 252 17.83 -20.20 -77.41
CA GLY B 252 16.94 -19.21 -77.97
C GLY B 252 16.28 -18.37 -76.89
N ASP B 253 16.24 -17.05 -77.12
CA ASP B 253 15.63 -16.15 -76.15
C ASP B 253 14.14 -16.40 -76.01
N SER B 254 13.47 -16.74 -77.11
CA SER B 254 12.05 -17.07 -77.10
C SER B 254 11.88 -18.58 -77.16
N SER B 255 11.23 -19.14 -76.15
CA SER B 255 10.99 -20.57 -76.05
C SER B 255 9.49 -20.82 -76.00
N SER B 256 8.98 -21.57 -76.97
CA SER B 256 7.57 -21.94 -77.02
C SER B 256 7.27 -23.28 -76.39
N GLY B 257 8.30 -24.03 -75.99
CA GLY B 257 8.05 -25.35 -75.39
C GLY B 257 7.34 -25.27 -74.06
N TRP B 258 7.76 -24.35 -73.21
CA TRP B 258 7.20 -24.21 -71.87
C TRP B 258 7.00 -22.74 -71.55
N THR B 259 5.93 -22.46 -70.80
CA THR B 259 5.61 -21.10 -70.35
C THR B 259 5.41 -21.10 -68.85
N ALA B 260 5.95 -20.09 -68.19
CA ALA B 260 5.84 -19.93 -66.74
C ALA B 260 4.93 -18.77 -66.36
N GLY B 261 3.82 -18.62 -67.08
CA GLY B 261 2.88 -17.55 -66.75
C GLY B 261 2.16 -17.76 -65.44
N ALA B 262 2.09 -19.01 -64.97
CA ALA B 262 1.44 -19.30 -63.71
C ALA B 262 2.28 -18.83 -62.51
N ALA B 263 3.52 -18.43 -62.74
CA ALA B 263 4.42 -18.01 -61.67
C ALA B 263 4.04 -16.61 -61.23
N ALA B 264 3.15 -16.51 -60.24
CA ALA B 264 2.72 -15.24 -59.67
C ALA B 264 2.72 -15.37 -58.15
N TYR B 265 3.48 -14.49 -57.48
CA TYR B 265 3.65 -14.54 -56.04
C TYR B 265 3.44 -13.16 -55.44
N TYR B 266 2.85 -13.12 -54.25
CA TYR B 266 2.59 -11.90 -53.52
C TYR B 266 3.53 -11.80 -52.33
N VAL B 267 3.98 -10.59 -52.02
CA VAL B 267 4.88 -10.34 -50.90
C VAL B 267 4.30 -9.22 -50.05
N GLY B 268 4.04 -9.51 -48.77
CA GLY B 268 3.60 -8.51 -47.84
C GLY B 268 4.50 -8.49 -46.61
N TYR B 269 4.52 -7.35 -45.94
CA TYR B 269 5.43 -7.12 -44.82
C TYR B 269 4.68 -7.15 -43.51
N LEU B 270 5.21 -7.91 -42.55
CA LEU B 270 4.58 -8.04 -41.25
C LEU B 270 4.91 -6.85 -40.36
N GLN B 271 3.99 -6.50 -39.48
CA GLN B 271 4.18 -5.41 -38.54
C GLN B 271 3.72 -5.84 -37.16
N PRO B 272 4.29 -5.25 -36.10
CA PRO B 272 3.79 -5.55 -34.74
C PRO B 272 2.38 -5.04 -34.58
N ARG B 273 1.46 -5.97 -34.31
CA ARG B 273 0.04 -5.65 -34.24
C ARG B 273 -0.60 -6.51 -33.16
N THR B 274 -1.75 -6.06 -32.68
CA THR B 274 -2.54 -6.79 -31.70
C THR B 274 -3.73 -7.42 -32.39
N PHE B 275 -3.89 -8.73 -32.21
CA PHE B 275 -4.90 -9.50 -32.91
C PHE B 275 -5.74 -10.27 -31.90
N LEU B 276 -7.02 -10.43 -32.20
CA LEU B 276 -7.91 -11.27 -31.43
C LEU B 276 -8.13 -12.57 -32.19
N LEU B 277 -7.68 -13.68 -31.62
CA LEU B 277 -7.72 -14.98 -32.27
C LEU B 277 -8.88 -15.79 -31.69
N LYS B 278 -9.77 -16.26 -32.55
CA LYS B 278 -10.94 -17.03 -32.11
C LYS B 278 -10.65 -18.50 -32.31
N TYR B 279 -10.26 -19.18 -31.23
CA TYR B 279 -10.07 -20.62 -31.26
C TYR B 279 -11.42 -21.32 -31.17
N ASN B 280 -11.58 -22.40 -31.93
CA ASN B 280 -12.83 -23.16 -31.92
C ASN B 280 -12.66 -24.42 -31.06
N GLU B 281 -13.67 -25.28 -31.07
CA GLU B 281 -13.60 -26.52 -30.30
C GLU B 281 -12.48 -27.41 -30.79
N ASN B 282 -12.33 -27.53 -32.11
CA ASN B 282 -11.25 -28.33 -32.68
C ASN B 282 -9.88 -27.73 -32.40
N GLY B 283 -9.82 -26.44 -32.08
CA GLY B 283 -8.57 -25.74 -31.91
C GLY B 283 -8.16 -24.88 -33.08
N THR B 284 -8.93 -24.89 -34.16
CA THR B 284 -8.61 -24.08 -35.33
C THR B 284 -9.15 -22.67 -35.17
N ILE B 285 -8.43 -21.70 -35.73
CA ILE B 285 -8.82 -20.29 -35.66
C ILE B 285 -9.85 -20.06 -36.75
N THR B 286 -11.12 -20.01 -36.37
CA THR B 286 -12.18 -19.76 -37.34
C THR B 286 -12.12 -18.33 -37.86
N ASP B 287 -11.84 -17.37 -36.98
CA ASP B 287 -11.90 -15.97 -37.34
C ASP B 287 -10.90 -15.18 -36.51
N ALA B 288 -10.57 -13.99 -36.99
CA ALA B 288 -9.64 -13.10 -36.29
C ALA B 288 -10.04 -11.65 -36.53
N VAL B 289 -9.61 -10.79 -35.62
CA VAL B 289 -9.91 -9.36 -35.68
C VAL B 289 -8.62 -8.58 -35.44
N ASP B 290 -8.31 -7.67 -36.36
CA ASP B 290 -7.15 -6.81 -36.21
C ASP B 290 -7.52 -5.57 -35.42
N CYS B 291 -6.81 -5.32 -34.33
CA CYS B 291 -7.24 -4.29 -33.38
C CYS B 291 -7.20 -2.90 -34.00
N ALA B 292 -6.16 -2.59 -34.78
CA ALA B 292 -5.96 -1.24 -35.28
C ALA B 292 -6.62 -0.97 -36.63
N LEU B 293 -7.40 -1.93 -37.15
CA LEU B 293 -7.95 -1.76 -38.49
C LEU B 293 -8.99 -0.65 -38.55
N ASP B 294 -9.95 -0.65 -37.62
CA ASP B 294 -11.05 0.30 -37.66
C ASP B 294 -11.61 0.44 -36.25
N PRO B 295 -12.38 1.50 -35.98
CA PRO B 295 -12.90 1.69 -34.62
C PRO B 295 -13.72 0.52 -34.11
N LEU B 296 -14.52 -0.12 -34.97
CA LEU B 296 -15.27 -1.28 -34.53
C LEU B 296 -14.34 -2.42 -34.14
N SER B 297 -13.24 -2.58 -34.86
CA SER B 297 -12.27 -3.61 -34.50
C SER B 297 -11.61 -3.31 -33.16
N GLU B 298 -11.30 -2.04 -32.90
CA GLU B 298 -10.76 -1.67 -31.60
C GLU B 298 -11.78 -1.93 -30.50
N THR B 299 -13.05 -1.69 -30.77
CA THR B 299 -14.10 -2.01 -29.80
C THR B 299 -14.17 -3.51 -29.55
N LYS B 300 -14.04 -4.32 -30.60
CA LYS B 300 -14.03 -5.77 -30.44
C LYS B 300 -12.86 -6.22 -29.59
N CYS B 301 -11.68 -5.65 -29.82
CA CYS B 301 -10.52 -5.99 -29.01
C CYS B 301 -10.71 -5.59 -27.55
N THR B 302 -11.25 -4.40 -27.31
CA THR B 302 -11.46 -3.95 -25.94
C THR B 302 -12.48 -4.80 -25.21
N LEU B 303 -13.58 -5.13 -25.88
CA LEU B 303 -14.60 -5.99 -25.29
C LEU B 303 -14.22 -7.46 -25.27
N LYS B 304 -13.18 -7.85 -26.00
CA LYS B 304 -12.77 -9.25 -26.13
C LYS B 304 -13.94 -10.12 -26.58
N SER B 305 -14.66 -9.64 -27.60
CA SER B 305 -15.83 -10.33 -28.12
C SER B 305 -15.93 -10.05 -29.61
N PHE B 306 -16.75 -10.84 -30.29
CA PHE B 306 -16.97 -10.70 -31.72
C PHE B 306 -18.32 -10.09 -32.05
N THR B 307 -19.20 -9.89 -31.06
CA THR B 307 -20.52 -9.29 -31.29
C THR B 307 -20.76 -8.24 -30.19
N VAL B 308 -20.36 -7.01 -30.47
CA VAL B 308 -20.54 -5.93 -29.52
C VAL B 308 -21.99 -5.47 -29.55
N GLU B 309 -22.59 -5.31 -28.37
CA GLU B 309 -23.99 -4.96 -28.25
C GLU B 309 -24.16 -3.45 -28.40
N LYS B 310 -25.41 -3.02 -28.57
CA LYS B 310 -25.71 -1.61 -28.79
C LYS B 310 -25.38 -0.80 -27.55
N GLY B 311 -24.47 0.16 -27.70
CA GLY B 311 -24.07 1.00 -26.59
C GLY B 311 -22.86 1.83 -26.97
N ILE B 312 -22.31 2.50 -25.97
CA ILE B 312 -21.11 3.30 -26.13
C ILE B 312 -19.97 2.64 -25.35
N TYR B 313 -18.85 2.43 -26.04
CA TYR B 313 -17.69 1.81 -25.42
C TYR B 313 -16.47 2.69 -25.66
N GLN B 314 -15.71 2.92 -24.59
CA GLN B 314 -14.47 3.69 -24.67
C GLN B 314 -13.33 2.74 -25.00
N THR B 315 -12.70 2.96 -26.15
CA THR B 315 -11.63 2.07 -26.63
C THR B 315 -10.24 2.61 -26.35
N SER B 316 -9.94 3.83 -26.75
CA SER B 316 -8.60 4.39 -26.59
C SER B 316 -8.71 5.84 -26.13
N ASN B 317 -7.56 6.46 -25.95
CA ASN B 317 -7.48 7.85 -25.52
C ASN B 317 -6.78 8.67 -26.60
N PHE B 318 -7.42 9.77 -27.00
CA PHE B 318 -6.88 10.66 -28.01
C PHE B 318 -5.90 11.62 -27.39
N ARG B 319 -4.75 11.78 -28.05
CA ARG B 319 -3.73 12.71 -27.59
C ARG B 319 -3.17 13.44 -28.80
N VAL B 320 -2.94 14.74 -28.63
CA VAL B 320 -2.39 15.58 -29.70
C VAL B 320 -0.89 15.70 -29.47
N GLN B 321 -0.11 15.05 -30.32
CA GLN B 321 1.34 15.13 -30.23
C GLN B 321 1.80 16.53 -30.61
N PRO B 322 2.74 17.12 -29.86
CA PRO B 322 3.19 18.49 -30.19
C PRO B 322 3.76 18.57 -31.59
N THR B 323 3.43 19.66 -32.28
CA THR B 323 3.88 19.82 -33.67
C THR B 323 5.36 20.15 -33.73
N GLU B 324 5.83 21.08 -32.89
CA GLU B 324 7.25 21.43 -32.87
C GLU B 324 7.59 22.00 -31.49
N SER B 325 8.87 22.28 -31.30
CA SER B 325 9.39 22.85 -30.06
C SER B 325 9.99 24.21 -30.33
N ILE B 326 9.65 25.18 -29.49
CA ILE B 326 10.18 26.55 -29.59
C ILE B 326 10.81 26.92 -28.26
N VAL B 327 11.99 27.56 -28.33
CA VAL B 327 12.71 28.02 -27.16
C VAL B 327 12.92 29.52 -27.29
N ARG B 328 12.57 30.26 -26.25
CA ARG B 328 12.68 31.72 -26.25
C ARG B 328 13.49 32.16 -25.03
N PHE B 329 14.39 33.10 -25.26
CA PHE B 329 15.25 33.67 -24.22
C PHE B 329 15.29 35.18 -24.39
N PRO B 330 15.50 35.93 -23.31
CA PRO B 330 15.59 37.38 -23.40
C PRO B 330 16.89 37.81 -24.07
N ASN B 331 16.91 39.09 -24.49
CA ASN B 331 18.11 39.65 -25.09
C ASN B 331 19.27 39.60 -24.11
N ILE B 332 20.43 39.14 -24.60
CA ILE B 332 21.60 38.99 -23.76
C ILE B 332 22.27 40.36 -23.61
N THR B 333 22.60 40.73 -22.37
CA THR B 333 23.27 42.00 -22.10
C THR B 333 24.71 41.84 -21.67
N ASN B 334 25.13 40.63 -21.31
CA ASN B 334 26.50 40.38 -20.85
C ASN B 334 27.42 40.12 -22.06
N LEU B 335 27.49 41.12 -22.92
CA LEU B 335 28.33 41.04 -24.11
C LEU B 335 29.79 41.24 -23.73
N CYS B 336 30.67 40.49 -24.39
CA CYS B 336 32.10 40.66 -24.16
C CYS B 336 32.54 42.04 -24.65
N PRO B 337 33.52 42.68 -23.99
CA PRO B 337 33.91 44.03 -24.39
C PRO B 337 34.76 44.06 -25.65
N PHE B 338 34.20 43.56 -26.76
CA PHE B 338 34.92 43.60 -28.02
C PHE B 338 34.97 45.02 -28.60
N GLY B 339 33.84 45.73 -28.52
CA GLY B 339 33.78 47.07 -29.08
C GLY B 339 34.72 48.03 -28.38
N GLU B 340 34.77 47.97 -27.06
CA GLU B 340 35.65 48.87 -26.29
C GLU B 340 37.11 48.63 -26.64
N VAL B 341 37.51 47.35 -26.73
CA VAL B 341 38.90 47.04 -27.06
C VAL B 341 39.22 47.46 -28.49
N PHE B 342 38.31 47.18 -29.42
CA PHE B 342 38.54 47.51 -30.83
C PHE B 342 38.55 49.02 -31.05
N ASN B 343 37.67 49.75 -30.38
CA ASN B 343 37.54 51.19 -30.57
C ASN B 343 38.41 52.00 -29.63
N ALA B 344 39.25 51.36 -28.82
CA ALA B 344 40.06 52.08 -27.86
C ALA B 344 40.94 53.11 -28.56
N THR B 345 40.84 54.37 -28.12
CA THR B 345 41.52 55.46 -28.80
C THR B 345 43.03 55.33 -28.70
N ARG B 346 43.53 54.93 -27.53
CA ARG B 346 44.98 54.88 -27.26
C ARG B 346 45.41 53.41 -27.16
N PHE B 347 45.88 52.86 -28.26
CA PHE B 347 46.59 51.59 -28.24
C PHE B 347 48.03 51.80 -27.83
N ALA B 348 48.57 50.83 -27.08
CA ALA B 348 49.96 50.90 -26.68
C ALA B 348 50.86 50.47 -27.84
N SER B 349 52.17 50.63 -27.63
CA SER B 349 53.13 50.27 -28.66
C SER B 349 53.20 48.76 -28.82
N VAL B 350 53.82 48.33 -29.93
CA VAL B 350 53.88 46.90 -30.23
C VAL B 350 54.77 46.17 -29.22
N TYR B 351 55.85 46.81 -28.77
CA TYR B 351 56.70 46.21 -27.75
C TYR B 351 55.99 46.14 -26.40
N ALA B 352 55.03 47.01 -26.15
CA ALA B 352 54.25 47.05 -24.93
C ALA B 352 52.79 46.75 -25.20
N TRP B 353 52.54 45.73 -26.03
CA TRP B 353 51.19 45.40 -26.45
C TRP B 353 50.31 45.09 -25.25
N ASN B 354 49.12 45.69 -25.22
CA ASN B 354 48.17 45.48 -24.14
C ASN B 354 47.48 44.13 -24.30
N ARG B 355 47.24 43.49 -23.16
CA ARG B 355 46.54 42.20 -23.12
C ARG B 355 45.30 42.34 -22.26
N LYS B 356 44.15 41.97 -22.83
CA LYS B 356 42.86 42.06 -22.14
C LYS B 356 42.25 40.67 -22.07
N ARG B 357 41.99 40.20 -20.85
CA ARG B 357 41.41 38.88 -20.66
C ARG B 357 39.90 38.95 -20.79
N ILE B 358 39.32 37.99 -21.52
CA ILE B 358 37.90 37.94 -21.77
C ILE B 358 37.34 36.64 -21.20
N SER B 359 36.35 36.76 -20.33
CA SER B 359 35.71 35.60 -19.72
C SER B 359 34.37 36.01 -19.14
N ASN B 360 33.53 35.01 -18.85
CA ASN B 360 32.23 35.21 -18.23
C ASN B 360 31.35 36.16 -19.04
N CYS B 361 31.39 36.03 -20.36
CA CYS B 361 30.57 36.84 -21.25
C CYS B 361 30.36 36.08 -22.55
N VAL B 362 29.41 36.57 -23.35
CA VAL B 362 29.11 35.99 -24.65
C VAL B 362 29.84 36.78 -25.72
N ALA B 363 30.45 36.07 -26.66
CA ALA B 363 31.21 36.70 -27.74
C ALA B 363 30.30 36.82 -28.96
N ASP B 364 29.97 38.06 -29.32
CA ASP B 364 29.12 38.35 -30.47
C ASP B 364 30.02 38.67 -31.66
N TYR B 365 30.25 37.67 -32.51
CA TYR B 365 31.12 37.84 -33.67
C TYR B 365 30.37 38.37 -34.90
N SER B 366 29.05 38.54 -34.81
CA SER B 366 28.29 39.04 -35.96
C SER B 366 28.73 40.45 -36.34
N VAL B 367 28.97 41.30 -35.34
CA VAL B 367 29.43 42.66 -35.63
C VAL B 367 30.83 42.64 -36.25
N LEU B 368 31.66 41.68 -35.86
CA LEU B 368 32.98 41.54 -36.48
C LEU B 368 32.86 41.19 -37.95
N TYR B 369 31.93 40.30 -38.29
CA TYR B 369 31.68 40.00 -39.70
C TYR B 369 31.13 41.21 -40.44
N ASN B 370 30.23 41.96 -39.80
CA ASN B 370 29.61 43.12 -40.43
C ASN B 370 30.54 44.31 -40.54
N SER B 371 31.68 44.30 -39.86
CA SER B 371 32.61 45.42 -39.90
C SER B 371 33.34 45.43 -41.24
N ALA B 372 33.18 46.52 -41.99
CA ALA B 372 33.81 46.66 -43.30
C ALA B 372 35.16 47.35 -43.24
N SER B 373 35.56 47.88 -42.08
CA SER B 373 36.84 48.56 -41.96
C SER B 373 38.02 47.59 -41.92
N PHE B 374 37.78 46.34 -41.52
CA PHE B 374 38.87 45.37 -41.40
C PHE B 374 39.49 45.08 -42.76
N SER B 375 40.82 45.06 -42.80
CA SER B 375 41.55 44.72 -44.02
C SER B 375 42.13 43.32 -44.01
N THR B 376 42.44 42.79 -42.82
CA THR B 376 42.99 41.44 -42.70
C THR B 376 42.19 40.68 -41.64
N PHE B 377 41.70 39.50 -42.01
CA PHE B 377 40.94 38.64 -41.09
C PHE B 377 41.35 37.20 -41.37
N LYS B 378 42.36 36.72 -40.64
CA LYS B 378 42.88 35.38 -40.80
C LYS B 378 42.84 34.66 -39.46
N CYS B 379 42.34 33.43 -39.47
CA CYS B 379 42.22 32.62 -38.27
C CYS B 379 43.03 31.34 -38.43
N TYR B 380 43.76 30.99 -37.37
CA TYR B 380 44.62 29.80 -37.35
C TYR B 380 44.05 28.81 -36.34
N GLY B 381 43.79 27.58 -36.78
CA GLY B 381 43.24 26.57 -35.92
C GLY B 381 41.75 26.66 -35.68
N VAL B 382 41.06 27.62 -36.29
CA VAL B 382 39.63 27.79 -36.10
C VAL B 382 39.05 28.42 -37.37
N SER B 383 37.84 27.97 -37.74
CA SER B 383 37.16 28.53 -38.89
C SER B 383 36.57 29.89 -38.54
N PRO B 384 36.72 30.89 -39.41
CA PRO B 384 36.14 32.22 -39.10
C PRO B 384 34.63 32.18 -38.90
N THR B 385 33.92 31.33 -39.67
CA THR B 385 32.47 31.25 -39.55
C THR B 385 32.03 30.39 -38.37
N LYS B 386 32.94 29.61 -37.78
CA LYS B 386 32.62 28.76 -36.66
C LYS B 386 32.90 29.41 -35.31
N LEU B 387 33.28 30.68 -35.30
CA LEU B 387 33.64 31.35 -34.04
C LEU B 387 32.43 31.44 -33.11
N ASN B 388 31.26 31.78 -33.64
CA ASN B 388 30.06 31.86 -32.82
C ASN B 388 29.60 30.49 -32.33
N ASP B 389 29.94 29.43 -33.04
CA ASP B 389 29.46 28.08 -32.72
C ASP B 389 30.44 27.30 -31.85
N LEU B 390 31.56 27.90 -31.47
CA LEU B 390 32.57 27.23 -30.66
C LEU B 390 32.72 27.92 -29.31
N CYS B 391 33.05 27.13 -28.29
CA CYS B 391 33.22 27.63 -26.93
C CYS B 391 34.70 27.53 -26.55
N PHE B 392 35.17 28.53 -25.80
CA PHE B 392 36.55 28.57 -25.34
C PHE B 392 36.58 28.86 -23.84
N THR B 393 37.54 28.24 -23.16
CA THR B 393 37.68 28.45 -21.72
C THR B 393 38.05 29.89 -21.40
N ASN B 394 38.98 30.47 -22.16
CA ASN B 394 39.42 31.83 -21.92
C ASN B 394 39.84 32.46 -23.24
N VAL B 395 39.64 33.77 -23.35
CA VAL B 395 39.98 34.53 -24.54
C VAL B 395 40.85 35.71 -24.11
N TYR B 396 41.99 35.90 -24.79
CA TYR B 396 42.90 37.00 -24.53
C TYR B 396 42.92 37.92 -25.74
N ALA B 397 42.73 39.21 -25.50
CA ALA B 397 42.69 40.21 -26.55
C ALA B 397 43.99 41.03 -26.50
N ASP B 398 44.77 40.94 -27.57
CA ASP B 398 46.03 41.66 -27.68
C ASP B 398 45.90 42.75 -28.74
N SER B 399 46.23 43.98 -28.36
CA SER B 399 46.11 45.11 -29.26
C SER B 399 47.43 45.86 -29.35
N PHE B 400 47.80 46.26 -30.56
CA PHE B 400 49.02 47.02 -30.80
C PHE B 400 48.89 47.72 -32.14
N VAL B 401 49.80 48.65 -32.40
CA VAL B 401 49.81 49.43 -33.63
C VAL B 401 51.15 49.20 -34.33
N ILE B 402 51.09 48.83 -35.60
CA ILE B 402 52.27 48.63 -36.44
C ILE B 402 52.00 49.22 -37.81
N ARG B 403 53.05 49.29 -38.62
CA ARG B 403 52.94 49.85 -39.96
C ARG B 403 52.25 48.85 -40.89
N GLY B 404 52.03 49.28 -42.14
CA GLY B 404 51.28 48.45 -43.07
C GLY B 404 52.00 47.17 -43.45
N ASP B 405 53.30 47.25 -43.72
CA ASP B 405 54.05 46.10 -44.22
C ASP B 405 54.42 45.11 -43.11
N GLU B 406 54.27 45.47 -41.85
CA GLU B 406 54.57 44.56 -40.75
C GLU B 406 53.37 43.79 -40.25
N VAL B 407 52.21 43.94 -40.91
CA VAL B 407 51.03 43.18 -40.52
C VAL B 407 51.24 41.69 -40.80
N ARG B 408 51.92 41.36 -41.89
CA ARG B 408 52.18 39.97 -42.23
C ARG B 408 53.07 39.26 -41.22
N GLN B 409 53.81 40.03 -40.40
CA GLN B 409 54.66 39.41 -39.39
C GLN B 409 53.86 38.83 -38.22
N ILE B 410 52.61 39.22 -38.06
CA ILE B 410 51.79 38.73 -36.93
C ILE B 410 51.11 37.46 -37.43
N ALA B 411 51.85 36.35 -37.35
CA ALA B 411 51.36 35.04 -37.75
C ALA B 411 52.34 33.97 -37.25
N PRO B 412 51.87 32.76 -36.98
CA PRO B 412 52.78 31.71 -36.49
C PRO B 412 53.85 31.39 -37.52
N GLY B 413 55.07 31.15 -37.03
CA GLY B 413 56.17 30.76 -37.89
C GLY B 413 56.78 31.87 -38.71
N GLN B 414 56.42 33.12 -38.45
CA GLN B 414 56.95 34.25 -39.21
C GLN B 414 58.23 34.78 -38.58
N THR B 415 58.95 35.59 -39.35
CA THR B 415 60.18 36.23 -38.90
C THR B 415 60.10 37.72 -39.21
N GLY B 416 61.08 38.45 -38.69
CA GLY B 416 61.15 39.89 -38.85
C GLY B 416 61.45 40.58 -37.54
N LYS B 417 61.52 41.91 -37.61
CA LYS B 417 61.83 42.70 -36.42
C LYS B 417 60.70 42.59 -35.39
N ILE B 418 59.46 42.82 -35.82
CA ILE B 418 58.33 42.77 -34.89
C ILE B 418 58.14 41.35 -34.36
N ALA B 419 58.14 40.35 -35.25
CA ALA B 419 57.85 38.99 -34.83
C ALA B 419 58.87 38.47 -33.84
N ASP B 420 60.11 38.97 -33.91
CA ASP B 420 61.17 38.45 -33.07
C ASP B 420 61.41 39.28 -31.81
N TYR B 421 61.23 40.59 -31.87
CA TYR B 421 61.59 41.46 -30.75
C TYR B 421 60.41 42.14 -30.09
N ASN B 422 59.22 42.12 -30.69
CA ASN B 422 58.08 42.84 -30.16
C ASN B 422 56.90 41.94 -29.83
N TYR B 423 56.51 41.05 -30.75
CA TYR B 423 55.34 40.21 -30.55
C TYR B 423 55.54 38.90 -31.30
N LYS B 424 55.69 37.81 -30.56
CA LYS B 424 55.94 36.49 -31.12
C LYS B 424 54.74 35.58 -30.86
N LEU B 425 54.29 34.88 -31.89
CA LEU B 425 53.18 33.95 -31.79
C LEU B 425 53.69 32.52 -31.78
N PRO B 426 53.03 31.64 -31.02
CA PRO B 426 53.46 30.23 -31.00
C PRO B 426 53.10 29.50 -32.29
N ASP B 427 53.79 28.38 -32.50
CA ASP B 427 53.52 27.57 -33.69
C ASP B 427 52.10 26.98 -33.64
N ASP B 428 51.64 26.59 -32.45
CA ASP B 428 50.31 26.04 -32.27
C ASP B 428 49.28 27.10 -31.88
N PHE B 429 49.46 28.34 -32.33
CA PHE B 429 48.56 29.43 -31.96
C PHE B 429 47.15 29.14 -32.46
N THR B 430 46.16 29.33 -31.58
CA THR B 430 44.76 29.13 -31.91
C THR B 430 44.04 30.46 -31.72
N GLY B 431 43.63 31.08 -32.81
CA GLY B 431 42.94 32.35 -32.73
C GLY B 431 42.87 33.02 -34.09
N CYS B 432 42.59 34.31 -34.08
CA CYS B 432 42.46 35.10 -35.30
C CYS B 432 43.29 36.36 -35.18
N VAL B 433 43.75 36.85 -36.33
CA VAL B 433 44.51 38.10 -36.43
C VAL B 433 43.67 39.10 -37.22
N ILE B 434 43.39 40.24 -36.61
CA ILE B 434 42.55 41.27 -37.20
C ILE B 434 43.34 42.57 -37.26
N ALA B 435 43.34 43.21 -38.43
CA ALA B 435 44.05 44.47 -38.62
C ALA B 435 43.28 45.34 -39.59
N TRP B 436 43.45 46.65 -39.46
CA TRP B 436 42.82 47.60 -40.35
C TRP B 436 43.63 48.89 -40.38
N ASN B 437 43.45 49.66 -41.44
CA ASN B 437 44.20 50.91 -41.59
C ASN B 437 43.77 51.91 -40.53
N SER B 438 44.76 52.64 -39.98
CA SER B 438 44.52 53.61 -38.92
C SER B 438 45.31 54.88 -39.17
N ASN B 439 45.33 55.33 -40.43
CA ASN B 439 46.06 56.55 -40.76
C ASN B 439 45.35 57.80 -40.22
N ASN B 440 44.02 57.74 -40.09
CA ASN B 440 43.25 58.91 -39.70
C ASN B 440 43.41 59.25 -38.22
N LEU B 441 43.80 58.29 -37.38
CA LEU B 441 43.86 58.52 -35.94
C LEU B 441 45.26 58.38 -35.35
N ASP B 442 46.11 57.52 -35.90
CA ASP B 442 47.44 57.28 -35.36
C ASP B 442 48.52 58.12 -36.04
N SER B 443 48.12 59.04 -36.92
CA SER B 443 49.07 59.90 -37.61
C SER B 443 48.60 61.35 -37.53
N LYS B 444 49.56 62.27 -37.54
CA LYS B 444 49.27 63.69 -37.48
C LYS B 444 50.16 64.42 -38.48
N VAL B 445 49.96 65.74 -38.58
CA VAL B 445 50.69 66.54 -39.57
C VAL B 445 52.18 66.51 -39.26
N GLY B 446 52.54 66.71 -38.00
CA GLY B 446 53.93 66.76 -37.61
C GLY B 446 54.62 65.43 -37.43
N GLY B 447 53.90 64.32 -37.56
CA GLY B 447 54.48 63.00 -37.38
C GLY B 447 54.31 62.46 -35.98
N ASN B 448 53.57 61.35 -35.85
CA ASN B 448 53.27 60.75 -34.56
C ASN B 448 54.38 59.77 -34.21
N TYR B 449 55.22 60.11 -33.24
CA TYR B 449 56.30 59.27 -32.78
C TYR B 449 55.97 58.55 -31.48
N ASN B 450 54.71 58.58 -31.04
CA ASN B 450 54.34 57.96 -29.78
C ASN B 450 54.36 56.43 -29.83
N TYR B 451 54.44 55.85 -31.02
CA TYR B 451 54.50 54.39 -31.17
C TYR B 451 55.94 53.97 -31.39
N LEU B 452 56.40 52.99 -30.61
CA LEU B 452 57.77 52.52 -30.65
C LEU B 452 57.79 51.01 -30.84
N TYR B 453 58.87 50.53 -31.44
CA TYR B 453 59.09 49.11 -31.63
C TYR B 453 60.51 48.76 -31.20
N ARG B 454 60.69 47.53 -30.74
CA ARG B 454 61.99 47.07 -30.24
C ARG B 454 62.89 46.77 -31.44
N LEU B 455 63.92 47.59 -31.62
CA LEU B 455 64.82 47.44 -32.76
C LEU B 455 65.95 46.46 -32.47
N PHE B 456 66.51 46.50 -31.26
CA PHE B 456 67.62 45.64 -30.88
C PHE B 456 67.27 44.86 -29.62
N ARG B 457 67.63 43.57 -29.63
CA ARG B 457 67.46 42.72 -28.46
C ARG B 457 68.49 41.60 -28.51
N LYS B 458 68.80 41.04 -27.34
CA LYS B 458 69.79 39.98 -27.27
C LYS B 458 69.25 38.67 -27.85
N SER B 459 67.99 38.35 -27.60
CA SER B 459 67.39 37.11 -28.07
C SER B 459 65.97 37.37 -28.53
N ASN B 460 65.48 36.49 -29.39
CA ASN B 460 64.12 36.60 -29.89
C ASN B 460 63.11 36.36 -28.76
N LEU B 461 62.00 37.08 -28.82
CA LEU B 461 60.99 36.97 -27.78
C LEU B 461 60.32 35.58 -27.81
N LYS B 462 60.04 35.06 -26.63
CA LYS B 462 59.26 33.84 -26.52
C LYS B 462 57.82 34.10 -26.94
N PRO B 463 57.08 33.07 -27.31
CA PRO B 463 55.66 33.25 -27.63
C PRO B 463 54.91 33.87 -26.46
N PHE B 464 54.09 34.88 -26.78
CA PHE B 464 53.31 35.61 -25.77
C PHE B 464 54.20 36.17 -24.66
N GLU B 465 55.34 36.74 -25.06
CA GLU B 465 56.24 37.41 -24.13
C GLU B 465 56.22 38.91 -24.41
N ARG B 466 56.02 39.70 -23.37
CA ARG B 466 55.96 41.17 -23.48
C ARG B 466 57.20 41.75 -22.81
N ASP B 467 58.01 42.44 -23.59
CA ASP B 467 59.24 43.05 -23.11
C ASP B 467 59.12 44.56 -23.21
N ILE B 468 59.29 45.25 -22.08
CA ILE B 468 59.22 46.70 -22.01
C ILE B 468 60.51 47.30 -21.44
N SER B 469 61.59 46.52 -21.42
CA SER B 469 62.85 46.99 -20.86
C SER B 469 63.45 48.09 -21.74
N THR B 470 64.04 49.09 -21.08
CA THR B 470 64.68 50.21 -21.77
C THR B 470 66.19 50.23 -21.55
N GLU B 471 66.77 49.09 -21.21
CA GLU B 471 68.21 49.01 -21.01
C GLU B 471 68.95 49.24 -22.33
N ILE B 472 70.11 49.87 -22.24
CA ILE B 472 70.89 50.19 -23.43
C ILE B 472 71.44 48.90 -24.03
N TYR B 473 71.22 48.72 -25.33
CA TYR B 473 71.68 47.52 -26.02
C TYR B 473 73.20 47.56 -26.19
N GLN B 474 73.86 46.45 -25.86
CA GLN B 474 75.31 46.34 -25.96
C GLN B 474 75.63 45.57 -27.23
N ALA B 475 76.02 46.30 -28.28
CA ALA B 475 76.33 45.68 -29.57
C ALA B 475 77.79 45.25 -29.68
N GLY B 476 78.64 45.63 -28.73
CA GLY B 476 80.05 45.27 -28.80
C GLY B 476 80.64 44.84 -27.48
N SER B 477 81.96 44.70 -27.43
CA SER B 477 82.62 44.29 -26.20
C SER B 477 82.69 45.42 -25.18
N THR B 478 82.67 46.66 -25.63
CA THR B 478 82.74 47.79 -24.71
C THR B 478 81.42 47.93 -23.97
N PRO B 479 81.42 47.93 -22.64
CA PRO B 479 80.16 48.08 -21.90
C PRO B 479 79.55 49.46 -22.10
N CYS B 480 78.21 49.50 -22.06
CA CYS B 480 77.48 50.74 -22.26
C CYS B 480 77.40 51.57 -20.99
N ASN B 481 77.26 50.92 -19.84
CA ASN B 481 77.15 51.60 -18.54
C ASN B 481 76.00 52.61 -18.53
N GLY B 482 74.92 52.28 -19.24
CA GLY B 482 73.76 53.13 -19.30
C GLY B 482 73.89 54.33 -20.21
N VAL B 483 74.96 54.41 -21.00
CA VAL B 483 75.20 55.53 -21.90
C VAL B 483 75.38 55.00 -23.31
N GLU B 484 74.63 55.54 -24.26
CA GLU B 484 74.76 55.15 -25.66
C GLU B 484 76.09 55.62 -26.22
N GLY B 485 76.63 54.84 -27.14
CA GLY B 485 77.91 55.16 -27.75
C GLY B 485 78.04 54.55 -29.13
N PHE B 486 79.28 54.25 -29.52
CA PHE B 486 79.53 53.69 -30.83
C PHE B 486 78.89 52.33 -31.00
N ASN B 487 79.00 51.47 -29.98
CA ASN B 487 78.44 50.13 -30.00
C ASN B 487 77.31 50.00 -28.98
N CYS B 488 76.57 51.09 -28.77
CA CYS B 488 75.46 51.11 -27.82
C CYS B 488 74.33 51.91 -28.44
N TYR B 489 73.20 51.27 -28.66
CA TYR B 489 72.03 51.90 -29.27
C TYR B 489 70.81 51.67 -28.41
N PHE B 490 69.85 52.60 -28.50
CA PHE B 490 68.60 52.44 -27.77
C PHE B 490 67.80 51.28 -28.36
N PRO B 491 67.25 50.40 -27.52
CA PRO B 491 66.52 49.24 -28.03
C PRO B 491 65.23 49.58 -28.76
N LEU B 492 64.67 50.76 -28.55
CA LEU B 492 63.38 51.14 -29.11
C LEU B 492 63.56 52.25 -30.14
N GLN B 493 62.80 52.16 -31.23
CA GLN B 493 62.79 53.17 -32.28
C GLN B 493 61.37 53.67 -32.45
N SER B 494 61.21 55.00 -32.49
CA SER B 494 59.90 55.61 -32.62
C SER B 494 59.45 55.59 -34.07
N TYR B 495 58.24 55.09 -34.32
CA TYR B 495 57.69 55.08 -35.66
C TYR B 495 57.37 56.51 -36.11
N GLY B 496 57.74 56.82 -37.36
CA GLY B 496 57.37 58.10 -37.94
C GLY B 496 56.15 57.97 -38.83
N PHE B 497 54.98 58.35 -38.31
CA PHE B 497 53.72 58.16 -39.02
C PHE B 497 53.27 59.51 -39.58
N GLN B 498 53.31 59.62 -40.91
CA GLN B 498 52.83 60.79 -41.62
C GLN B 498 51.66 60.43 -42.52
N PRO B 499 50.72 61.36 -42.76
CA PRO B 499 49.57 61.04 -43.61
C PRO B 499 49.94 60.68 -45.03
N THR B 500 51.07 61.19 -45.54
CA THR B 500 51.46 60.98 -46.93
C THR B 500 52.46 59.85 -47.12
N ASN B 501 52.74 59.07 -46.08
CA ASN B 501 53.69 57.97 -46.21
C ASN B 501 53.17 56.91 -47.17
N GLY B 502 51.89 56.60 -47.11
CA GLY B 502 51.29 55.57 -47.93
C GLY B 502 50.93 54.35 -47.12
N VAL B 503 50.06 53.51 -47.72
CA VAL B 503 49.54 52.34 -47.02
C VAL B 503 50.67 51.38 -46.64
N GLY B 504 51.78 51.40 -47.39
CA GLY B 504 52.92 50.58 -47.02
C GLY B 504 53.55 51.01 -45.72
N TYR B 505 53.54 52.30 -45.42
CA TYR B 505 54.14 52.84 -44.20
C TYR B 505 53.11 53.61 -43.38
N GLN B 506 51.84 53.18 -43.44
CA GLN B 506 50.81 53.83 -42.63
C GLN B 506 50.53 53.02 -41.37
N PRO B 507 50.15 53.67 -40.28
CA PRO B 507 49.85 52.92 -39.05
C PRO B 507 48.60 52.06 -39.21
N TYR B 508 48.65 50.86 -38.63
CA TYR B 508 47.54 49.92 -38.68
C TYR B 508 47.22 49.46 -37.26
N ARG B 509 45.96 49.60 -36.87
CA ARG B 509 45.51 49.06 -35.59
C ARG B 509 45.26 47.57 -35.72
N VAL B 510 45.96 46.78 -34.90
CA VAL B 510 45.92 45.33 -34.98
C VAL B 510 45.40 44.79 -33.65
N VAL B 511 44.35 43.96 -33.71
CA VAL B 511 43.80 43.29 -32.55
C VAL B 511 43.93 41.79 -32.77
N VAL B 512 44.61 41.11 -31.85
CA VAL B 512 44.86 39.69 -31.93
C VAL B 512 44.09 39.01 -30.80
N LEU B 513 43.22 38.07 -31.17
CA LEU B 513 42.42 37.32 -30.20
C LEU B 513 42.93 35.88 -30.18
N SER B 514 43.32 35.42 -28.99
CA SER B 514 43.84 34.08 -28.81
C SER B 514 42.83 33.25 -28.02
N PHE B 515 42.50 32.07 -28.54
CA PHE B 515 41.57 31.16 -27.91
C PHE B 515 42.30 29.93 -27.41
N GLU B 516 42.13 29.61 -26.14
CA GLU B 516 42.77 28.46 -25.50
C GLU B 516 41.71 27.51 -24.98
N LEU B 517 41.95 26.21 -25.17
CA LEU B 517 41.01 25.15 -24.78
C LEU B 517 41.64 24.33 -23.66
N LEU B 518 41.16 24.51 -22.45
CA LEU B 518 41.64 23.78 -21.30
C LEU B 518 40.56 22.82 -20.79
N HIS B 519 40.88 22.09 -19.73
CA HIS B 519 39.93 21.18 -19.11
C HIS B 519 38.93 21.87 -18.21
N ALA B 520 39.17 23.13 -17.85
CA ALA B 520 38.24 23.89 -17.01
C ALA B 520 36.97 24.21 -17.80
N PRO B 521 35.85 24.44 -17.10
CA PRO B 521 34.62 24.80 -17.80
C PRO B 521 34.79 26.08 -18.61
N ALA B 522 34.19 26.10 -19.80
CA ALA B 522 34.29 27.24 -20.68
C ALA B 522 33.50 28.42 -20.13
N THR B 523 34.08 29.62 -20.23
CA THR B 523 33.43 30.84 -19.78
C THR B 523 32.99 31.75 -20.92
N VAL B 524 33.47 31.53 -22.14
CA VAL B 524 33.11 32.33 -23.30
C VAL B 524 32.39 31.41 -24.28
N CYS B 525 31.12 31.71 -24.55
CA CYS B 525 30.32 30.95 -25.48
C CYS B 525 29.39 31.89 -26.25
N GLY B 526 29.01 31.47 -27.45
CA GLY B 526 28.10 32.24 -28.27
C GLY B 526 26.74 32.38 -27.63
N PRO B 527 26.13 33.55 -27.80
CA PRO B 527 24.79 33.77 -27.23
C PRO B 527 23.77 32.82 -27.84
N LYS B 528 22.83 32.37 -27.01
CA LYS B 528 21.80 31.45 -27.48
C LYS B 528 20.79 32.17 -28.37
N LYS B 529 20.20 31.41 -29.27
CA LYS B 529 19.21 31.93 -30.20
C LYS B 529 17.81 31.63 -29.70
N SER B 530 16.91 32.60 -29.90
CA SER B 530 15.52 32.48 -29.46
C SER B 530 14.64 32.23 -30.68
N THR B 531 13.87 31.15 -30.62
CA THR B 531 12.99 30.81 -31.73
C THR B 531 11.78 31.75 -31.77
N ASN B 532 11.11 31.76 -32.93
CA ASN B 532 9.95 32.61 -33.09
C ASN B 532 8.77 32.09 -32.29
N LEU B 533 7.93 33.01 -31.83
CA LEU B 533 6.82 32.65 -30.96
C LEU B 533 5.64 32.13 -31.79
N VAL B 534 5.01 31.06 -31.30
CA VAL B 534 3.93 30.39 -32.00
C VAL B 534 2.69 30.44 -31.12
N LYS B 535 1.54 30.75 -31.73
CA LYS B 535 0.28 30.89 -31.02
C LYS B 535 -0.75 29.90 -31.53
N ASN B 536 -1.63 29.46 -30.63
CA ASN B 536 -2.81 28.64 -30.93
C ASN B 536 -2.46 27.28 -31.51
N LYS B 537 -1.21 26.85 -31.42
CA LYS B 537 -0.79 25.56 -31.97
C LYS B 537 -0.04 24.80 -30.89
N CYS B 538 -0.31 23.49 -30.80
CA CYS B 538 0.33 22.68 -29.77
C CYS B 538 1.83 22.60 -30.03
N VAL B 539 2.60 23.30 -29.20
CA VAL B 539 4.04 23.42 -29.39
C VAL B 539 4.72 23.20 -28.04
N ASN B 540 5.86 22.52 -28.09
CA ASN B 540 6.72 22.44 -26.91
C ASN B 540 7.37 23.79 -26.69
N PHE B 541 7.29 24.30 -25.46
CA PHE B 541 7.80 25.62 -25.14
C PHE B 541 8.83 25.55 -24.03
N ASN B 542 9.90 26.34 -24.19
CA ASN B 542 10.95 26.47 -23.18
C ASN B 542 11.20 27.96 -22.95
N PHE B 543 10.41 28.55 -22.04
CA PHE B 543 10.54 29.96 -21.72
C PHE B 543 11.42 30.10 -20.48
N ASN B 544 12.73 30.24 -20.69
CA ASN B 544 13.69 30.41 -19.60
C ASN B 544 13.59 29.27 -18.59
N GLY B 545 13.40 28.06 -19.09
CA GLY B 545 13.41 26.89 -18.24
C GLY B 545 12.06 26.35 -17.81
N LEU B 546 10.96 26.85 -18.38
CA LEU B 546 9.65 26.27 -18.08
C LEU B 546 9.54 24.86 -18.65
N THR B 547 10.13 24.63 -19.84
CA THR B 547 10.16 23.33 -20.53
C THR B 547 8.85 22.55 -20.36
N GLY B 548 7.75 23.19 -20.75
CA GLY B 548 6.45 22.55 -20.71
C GLY B 548 5.85 22.34 -22.08
N THR B 549 4.74 21.61 -22.16
CA THR B 549 4.08 21.29 -23.42
C THR B 549 2.63 21.76 -23.35
N GLY B 550 2.23 22.59 -24.31
CA GLY B 550 0.85 23.05 -24.37
C GLY B 550 0.70 24.16 -25.39
N VAL B 551 -0.55 24.44 -25.72
CA VAL B 551 -0.83 25.53 -26.66
C VAL B 551 -0.67 26.86 -25.93
N LEU B 552 -0.25 27.88 -26.66
CA LEU B 552 -0.05 29.21 -26.12
C LEU B 552 -1.13 30.14 -26.67
N THR B 553 -1.84 30.82 -25.77
CA THR B 553 -2.92 31.72 -26.12
C THR B 553 -2.69 33.06 -25.45
N GLU B 554 -2.91 34.14 -26.18
CA GLU B 554 -2.77 35.47 -25.61
C GLU B 554 -3.88 35.73 -24.59
N SER B 555 -3.49 36.17 -23.40
CA SER B 555 -4.43 36.37 -22.30
C SER B 555 -4.28 37.78 -21.75
N ASN B 556 -5.39 38.32 -21.25
CA ASN B 556 -5.43 39.68 -20.74
C ASN B 556 -5.18 39.79 -19.24
N LYS B 557 -4.89 38.67 -18.57
CA LYS B 557 -4.62 38.74 -17.14
C LYS B 557 -3.34 39.52 -16.89
N LYS B 558 -3.33 40.30 -15.80
CA LYS B 558 -2.25 41.22 -15.52
C LYS B 558 -1.23 40.59 -14.59
N PHE B 559 0.05 40.75 -14.93
CA PHE B 559 1.16 40.33 -14.09
C PHE B 559 1.76 41.54 -13.38
N LEU B 560 2.38 41.29 -12.23
CA LEU B 560 3.24 42.29 -11.65
C LEU B 560 4.52 42.42 -12.48
N PRO B 561 5.17 43.58 -12.47
CA PRO B 561 6.38 43.75 -13.28
C PRO B 561 7.46 42.72 -13.00
N PHE B 562 7.64 42.32 -11.74
CA PHE B 562 8.64 41.30 -11.43
C PHE B 562 8.16 39.90 -11.80
N GLN B 563 6.88 39.61 -11.59
CA GLN B 563 6.39 38.25 -11.75
C GLN B 563 6.59 37.75 -13.18
N GLN B 564 7.16 36.55 -13.30
CA GLN B 564 7.53 35.99 -14.58
C GLN B 564 6.46 35.07 -15.16
N PHE B 565 6.11 34.00 -14.46
CA PHE B 565 5.11 33.06 -14.94
C PHE B 565 4.12 32.75 -13.82
N GLY B 566 2.88 32.48 -14.22
CA GLY B 566 1.80 32.27 -13.28
C GLY B 566 1.56 30.80 -12.97
N ARG B 567 0.60 30.56 -12.08
CA ARG B 567 0.20 29.22 -11.71
C ARG B 567 -1.25 29.23 -11.23
N ASP B 568 -1.85 28.05 -11.22
CA ASP B 568 -3.21 27.86 -10.77
C ASP B 568 -3.23 27.25 -9.37
N ILE B 569 -4.41 26.84 -8.91
CA ILE B 569 -4.54 26.23 -7.58
C ILE B 569 -3.75 24.92 -7.53
N ALA B 570 -3.86 24.10 -8.57
CA ALA B 570 -3.21 22.79 -8.57
C ALA B 570 -1.70 22.88 -8.77
N ASP B 571 -1.13 24.08 -8.71
CA ASP B 571 0.31 24.36 -8.81
C ASP B 571 0.84 24.11 -10.21
N THR B 572 -0.01 23.74 -11.17
CA THR B 572 0.45 23.56 -12.54
C THR B 572 0.66 24.92 -13.20
N THR B 573 1.62 24.97 -14.12
CA THR B 573 1.90 26.22 -14.84
C THR B 573 0.70 26.62 -15.67
N ASP B 574 0.24 27.85 -15.50
CA ASP B 574 -0.95 28.34 -16.17
C ASP B 574 -0.71 29.51 -17.11
N ALA B 575 0.27 30.36 -16.84
CA ALA B 575 0.55 31.50 -17.70
C ALA B 575 2.03 31.82 -17.64
N VAL B 576 2.57 32.21 -18.80
CA VAL B 576 3.98 32.55 -18.91
C VAL B 576 4.11 33.84 -19.70
N ARG B 577 4.97 34.74 -19.22
CA ARG B 577 5.27 36.00 -19.89
C ARG B 577 6.48 35.82 -20.78
N ASP B 578 6.38 36.31 -22.01
CA ASP B 578 7.48 36.18 -22.96
C ASP B 578 8.67 37.01 -22.48
N PRO B 579 9.87 36.41 -22.39
CA PRO B 579 11.05 37.21 -22.03
C PRO B 579 11.35 38.33 -23.02
N GLN B 580 11.09 38.12 -24.30
CA GLN B 580 11.40 39.15 -25.30
C GLN B 580 10.44 40.33 -25.18
N THR B 581 9.14 40.06 -25.10
CA THR B 581 8.13 41.11 -25.02
C THR B 581 7.24 40.88 -23.81
N LEU B 582 7.00 41.95 -23.05
CA LEU B 582 6.25 41.86 -21.81
C LEU B 582 4.77 41.65 -22.12
N GLU B 583 4.47 40.43 -22.56
CA GLU B 583 3.11 40.01 -22.88
C GLU B 583 2.80 38.71 -22.15
N ILE B 584 1.54 38.53 -21.79
CA ILE B 584 1.11 37.40 -20.99
C ILE B 584 0.52 36.34 -21.92
N LEU B 585 1.04 35.12 -21.83
CA LEU B 585 0.61 34.02 -22.69
C LEU B 585 0.01 32.94 -21.81
N ASP B 586 -1.32 32.79 -21.86
CA ASP B 586 -1.97 31.70 -21.15
C ASP B 586 -1.55 30.37 -21.76
N ILE B 587 -1.40 29.36 -20.91
CA ILE B 587 -0.99 28.03 -21.34
C ILE B 587 -1.99 27.02 -20.83
N THR B 588 -2.78 26.46 -21.73
CA THR B 588 -3.65 25.35 -21.41
C THR B 588 -3.14 24.10 -22.12
N PRO B 589 -3.24 22.93 -21.51
CA PRO B 589 -2.59 21.74 -22.10
C PRO B 589 -3.23 21.36 -23.42
N CYS B 590 -2.46 20.63 -24.23
CA CYS B 590 -2.95 20.13 -25.51
C CYS B 590 -4.19 19.28 -25.30
N SER B 591 -5.18 19.47 -26.17
CA SER B 591 -6.45 18.79 -26.01
C SER B 591 -6.26 17.28 -26.06
N PHE B 592 -6.85 16.60 -25.08
CA PHE B 592 -6.82 15.14 -25.05
C PHE B 592 -8.11 14.66 -24.40
N GLY B 593 -8.46 13.42 -24.70
CA GLY B 593 -9.67 12.84 -24.14
C GLY B 593 -9.91 11.42 -24.61
N GLY B 594 -10.71 10.68 -23.87
CA GLY B 594 -11.02 9.32 -24.25
C GLY B 594 -11.78 9.22 -25.55
N VAL B 595 -11.46 8.22 -26.35
CA VAL B 595 -12.13 7.98 -27.62
C VAL B 595 -13.24 6.96 -27.37
N SER B 596 -14.48 7.35 -27.64
CA SER B 596 -15.61 6.45 -27.54
C SER B 596 -16.04 6.03 -28.93
N VAL B 597 -16.55 4.80 -29.03
CA VAL B 597 -17.07 4.28 -30.29
C VAL B 597 -18.57 4.06 -30.11
N ILE B 598 -19.36 4.88 -30.79
CA ILE B 598 -20.82 4.78 -30.75
C ILE B 598 -21.23 3.74 -31.78
N THR B 599 -21.58 2.56 -31.31
CA THR B 599 -21.93 1.47 -32.21
C THR B 599 -23.30 0.90 -31.84
N PRO B 600 -24.12 0.59 -32.83
CA PRO B 600 -25.35 -0.16 -32.59
C PRO B 600 -25.01 -1.64 -32.46
N GLY B 601 -26.06 -2.46 -32.37
CA GLY B 601 -25.85 -3.89 -32.30
C GLY B 601 -25.08 -4.39 -33.50
N THR B 602 -24.22 -5.39 -33.28
CA THR B 602 -23.45 -5.95 -34.37
C THR B 602 -24.35 -6.59 -35.41
N ASN B 603 -25.45 -7.19 -34.98
CA ASN B 603 -26.36 -7.85 -35.93
C ASN B 603 -27.20 -6.83 -36.68
N THR B 604 -27.60 -5.74 -36.03
CA THR B 604 -28.50 -4.79 -36.68
C THR B 604 -27.76 -3.91 -37.69
N SER B 605 -26.47 -3.67 -37.47
CA SER B 605 -25.70 -2.81 -38.36
C SER B 605 -24.21 -3.10 -38.16
N ASN B 606 -23.40 -2.50 -39.03
CA ASN B 606 -21.96 -2.71 -39.01
C ASN B 606 -21.22 -1.38 -39.08
N GLN B 607 -21.91 -0.28 -38.83
CA GLN B 607 -21.33 1.05 -38.90
C GLN B 607 -21.09 1.58 -37.49
N VAL B 608 -20.07 2.43 -37.34
CA VAL B 608 -19.72 3.00 -36.05
C VAL B 608 -19.53 4.50 -36.18
N ALA B 609 -19.73 5.19 -35.07
CA ALA B 609 -19.49 6.62 -34.95
C ALA B 609 -18.52 6.85 -33.81
N VAL B 610 -17.50 7.63 -34.06
CA VAL B 610 -16.45 7.85 -33.08
C VAL B 610 -16.70 9.16 -32.33
N LEU B 611 -16.64 9.09 -31.01
CA LEU B 611 -16.82 10.25 -30.15
C LEU B 611 -15.45 10.69 -29.63
N TYR B 612 -15.11 11.95 -29.83
CA TYR B 612 -13.90 12.55 -29.30
C TYR B 612 -14.34 13.52 -28.20
N GLN B 613 -14.27 13.05 -26.96
CA GLN B 613 -14.76 13.83 -25.84
C GLN B 613 -13.88 15.05 -25.60
N ASP B 614 -14.54 16.18 -25.31
CA ASP B 614 -13.93 17.46 -24.93
C ASP B 614 -12.83 17.93 -25.89
N VAL B 615 -12.87 17.46 -27.14
CA VAL B 615 -11.89 17.83 -28.15
C VAL B 615 -12.65 18.39 -29.34
N ASN B 616 -12.32 19.62 -29.74
CA ASN B 616 -12.87 20.17 -30.97
C ASN B 616 -12.28 19.44 -32.17
N CYS B 617 -13.13 19.17 -33.16
CA CYS B 617 -12.64 18.50 -34.37
C CYS B 617 -11.68 19.39 -35.15
N THR B 618 -11.83 20.71 -35.01
CA THR B 618 -10.87 21.63 -35.58
C THR B 618 -9.50 21.40 -34.97
N GLU B 619 -9.49 21.03 -33.68
CA GLU B 619 -8.22 20.73 -33.01
C GLU B 619 -7.61 19.44 -33.57
N VAL B 620 -8.45 18.49 -33.98
CA VAL B 620 -7.97 17.25 -34.58
C VAL B 620 -7.17 17.54 -35.84
N TYR B 636 -12.95 6.92 -37.43
CA TYR B 636 -12.93 7.31 -38.83
C TYR B 636 -12.12 8.59 -39.04
N SER B 637 -11.76 8.86 -40.29
CA SER B 637 -11.04 10.08 -40.61
C SER B 637 -11.98 11.28 -40.55
N THR B 638 -11.40 12.45 -40.30
CA THR B 638 -12.19 13.67 -40.20
C THR B 638 -12.70 14.08 -41.58
N GLY B 639 -13.77 14.87 -41.57
CA GLY B 639 -14.37 15.35 -42.81
C GLY B 639 -15.57 14.58 -43.30
N SER B 640 -16.11 13.66 -42.50
CA SER B 640 -17.27 12.86 -42.88
C SER B 640 -18.40 13.16 -41.90
N ASN B 641 -19.17 14.21 -42.20
CA ASN B 641 -20.29 14.65 -41.38
C ASN B 641 -19.88 14.87 -39.93
N VAL B 642 -18.97 15.83 -39.73
CA VAL B 642 -18.49 16.17 -38.41
C VAL B 642 -19.57 16.94 -37.66
N PHE B 643 -19.88 16.50 -36.44
CA PHE B 643 -20.83 17.17 -35.58
C PHE B 643 -20.20 17.40 -34.21
N GLN B 644 -20.47 18.57 -33.64
CA GLN B 644 -19.85 18.98 -32.39
C GLN B 644 -20.92 19.26 -31.35
N THR B 645 -20.73 18.73 -30.14
CA THR B 645 -21.65 18.96 -29.03
C THR B 645 -20.85 19.21 -27.77
N ARG B 646 -21.56 19.45 -26.66
CA ARG B 646 -20.90 19.77 -25.40
C ARG B 646 -20.10 18.58 -24.87
N ALA B 647 -20.63 17.36 -25.05
CA ALA B 647 -19.91 16.18 -24.60
C ALA B 647 -18.65 15.93 -25.39
N GLY B 648 -18.59 16.39 -26.64
CA GLY B 648 -17.43 16.17 -27.48
C GLY B 648 -17.79 16.43 -28.92
N CYS B 649 -16.88 16.03 -29.81
CA CYS B 649 -17.08 16.18 -31.24
C CYS B 649 -17.11 14.80 -31.86
N LEU B 650 -18.31 14.29 -32.11
CA LEU B 650 -18.49 12.96 -32.66
C LEU B 650 -18.52 13.03 -34.19
N ILE B 651 -17.85 12.08 -34.81
CA ILE B 651 -17.73 12.01 -36.26
C ILE B 651 -18.27 10.68 -36.74
N GLY B 652 -19.08 10.72 -37.80
CA GLY B 652 -19.74 9.53 -38.32
C GLY B 652 -21.23 9.50 -38.10
N ALA B 653 -21.80 10.47 -37.39
CA ALA B 653 -23.23 10.53 -37.15
C ALA B 653 -23.73 11.92 -37.49
N GLU B 654 -24.91 11.97 -38.11
CA GLU B 654 -25.47 13.21 -38.63
C GLU B 654 -26.46 13.78 -37.61
N HIS B 655 -26.32 15.07 -37.31
CA HIS B 655 -27.25 15.74 -36.41
C HIS B 655 -28.60 15.93 -37.06
N VAL B 656 -29.67 15.70 -36.30
CA VAL B 656 -31.02 15.91 -36.76
C VAL B 656 -31.76 16.77 -35.73
N ASN B 657 -32.41 17.83 -36.19
CA ASN B 657 -33.17 18.68 -35.28
C ASN B 657 -34.33 17.93 -34.65
N ASN B 658 -34.87 16.95 -35.36
CA ASN B 658 -35.98 16.16 -34.83
C ASN B 658 -35.52 15.36 -33.62
N SER B 659 -36.35 15.35 -32.58
CA SER B 659 -35.99 14.78 -31.29
C SER B 659 -36.77 13.50 -31.04
N TYR B 660 -36.05 12.44 -30.64
CA TYR B 660 -36.63 11.15 -30.31
C TYR B 660 -36.29 10.79 -28.86
N GLU B 661 -36.71 9.60 -28.45
CA GLU B 661 -36.36 9.11 -27.12
C GLU B 661 -34.92 8.62 -27.12
N CYS B 662 -34.27 8.73 -25.95
CA CYS B 662 -32.85 8.41 -25.85
C CYS B 662 -32.60 6.93 -26.07
N ASP B 663 -31.59 6.63 -26.88
CA ASP B 663 -31.23 5.25 -27.20
C ASP B 663 -29.82 4.90 -26.74
N ILE B 664 -28.82 5.70 -27.11
CA ILE B 664 -27.43 5.45 -26.75
C ILE B 664 -26.93 6.67 -25.99
N PRO B 665 -26.37 6.51 -24.79
CA PRO B 665 -25.91 7.67 -24.05
C PRO B 665 -24.63 8.25 -24.62
N ILE B 666 -24.59 9.57 -24.77
CA ILE B 666 -23.38 10.26 -25.18
C ILE B 666 -23.02 11.30 -24.13
N GLY B 667 -23.94 12.20 -23.84
CA GLY B 667 -23.73 13.20 -22.82
C GLY B 667 -24.37 14.52 -23.20
N ALA B 668 -24.69 15.31 -22.16
CA ALA B 668 -25.25 16.65 -22.34
C ALA B 668 -26.53 16.64 -23.17
N GLY B 669 -27.36 15.62 -22.97
CA GLY B 669 -28.63 15.56 -23.66
C GLY B 669 -28.58 15.05 -25.07
N ILE B 670 -27.43 14.57 -25.54
CA ILE B 670 -27.29 14.03 -26.88
C ILE B 670 -27.33 12.51 -26.79
N CYS B 671 -28.29 11.91 -27.51
CA CYS B 671 -28.42 10.46 -27.55
C CYS B 671 -28.41 10.00 -29.01
N ALA B 672 -27.58 9.03 -29.31
CA ALA B 672 -27.43 8.51 -30.67
C ALA B 672 -28.36 7.33 -30.89
N SER B 673 -28.65 7.05 -32.16
CA SER B 673 -29.55 5.97 -32.52
C SER B 673 -29.28 5.57 -33.96
N TYR B 674 -29.80 4.41 -34.35
CA TYR B 674 -29.68 3.90 -35.72
C TYR B 674 -31.04 4.03 -36.39
N GLN B 675 -31.23 5.12 -37.14
CA GLN B 675 -32.50 5.36 -37.83
C GLN B 675 -32.20 5.88 -39.23
N THR B 676 -33.24 5.92 -40.05
CA THR B 676 -33.13 6.44 -41.41
C THR B 676 -33.06 7.96 -41.42
N SER B 686 -29.40 4.77 -46.90
CA SER B 686 -30.72 5.13 -46.40
C SER B 686 -30.78 5.03 -44.88
N GLN B 687 -29.81 4.33 -44.30
CA GLN B 687 -29.71 4.15 -42.86
C GLN B 687 -28.32 4.55 -42.39
N SER B 688 -28.25 5.30 -41.31
CA SER B 688 -26.98 5.76 -40.78
C SER B 688 -27.15 6.14 -39.32
N ILE B 689 -26.02 6.27 -38.62
CA ILE B 689 -26.03 6.69 -37.24
C ILE B 689 -26.43 8.16 -37.16
N ILE B 690 -27.33 8.49 -36.23
CA ILE B 690 -27.78 9.86 -36.05
C ILE B 690 -27.54 10.28 -34.61
N ALA B 691 -27.37 11.58 -34.41
CA ALA B 691 -27.24 12.17 -33.08
C ALA B 691 -28.23 13.31 -32.94
N TYR B 692 -28.86 13.42 -31.77
CA TYR B 692 -29.89 14.41 -31.58
C TYR B 692 -30.03 14.70 -30.09
N THR B 693 -30.71 15.81 -29.80
CA THR B 693 -31.08 16.12 -28.42
C THR B 693 -32.27 15.26 -28.03
N MET B 694 -32.14 14.56 -26.91
CA MET B 694 -33.17 13.60 -26.51
C MET B 694 -34.47 14.32 -26.15
N SER B 695 -35.58 13.63 -26.39
CA SER B 695 -36.91 14.14 -26.08
C SER B 695 -37.41 13.48 -24.81
N LEU B 696 -37.76 14.28 -23.83
CA LEU B 696 -38.07 13.77 -22.50
C LEU B 696 -39.45 13.12 -22.42
N GLY B 697 -40.27 13.27 -23.44
CA GLY B 697 -41.58 12.65 -23.45
C GLY B 697 -42.57 13.51 -24.19
N ALA B 698 -43.77 12.97 -24.36
CA ALA B 698 -44.81 13.69 -25.06
C ALA B 698 -45.38 14.80 -24.18
N GLU B 699 -45.44 16.01 -24.75
CA GLU B 699 -45.96 17.17 -24.04
C GLU B 699 -47.45 16.96 -23.81
N ASN B 700 -47.81 16.66 -22.56
CA ASN B 700 -49.19 16.41 -22.17
C ASN B 700 -49.65 17.54 -21.27
N SER B 701 -50.25 18.56 -21.88
CA SER B 701 -50.81 19.66 -21.10
C SER B 701 -52.15 19.23 -20.54
N VAL B 702 -52.22 19.05 -19.22
CA VAL B 702 -53.45 18.60 -18.57
C VAL B 702 -54.47 19.72 -18.64
N ALA B 703 -55.67 19.39 -19.10
CA ALA B 703 -56.73 20.39 -19.29
C ALA B 703 -57.30 20.82 -17.95
N TYR B 704 -56.50 21.56 -17.19
CA TYR B 704 -56.92 21.98 -15.87
C TYR B 704 -57.93 23.11 -15.96
N SER B 705 -59.06 22.92 -15.30
CA SER B 705 -60.01 23.98 -15.06
C SER B 705 -60.38 23.95 -13.60
N ASN B 706 -60.71 25.11 -13.04
CA ASN B 706 -60.98 25.18 -11.61
C ASN B 706 -62.31 24.53 -11.26
N ASN B 707 -63.06 24.05 -12.26
CA ASN B 707 -64.35 23.42 -12.04
C ASN B 707 -64.50 22.18 -12.93
N SER B 708 -63.45 21.36 -13.01
CA SER B 708 -63.50 20.18 -13.87
C SER B 708 -62.77 19.03 -13.17
N ILE B 709 -63.24 17.81 -13.39
CA ILE B 709 -62.68 16.62 -12.78
C ILE B 709 -62.76 15.49 -13.80
N ALA B 710 -61.73 14.65 -13.82
CA ALA B 710 -61.64 13.53 -14.74
C ALA B 710 -61.59 12.24 -13.92
N ILE B 711 -62.71 11.53 -13.89
CA ILE B 711 -62.85 10.28 -13.16
C ILE B 711 -62.70 9.13 -14.14
N PRO B 712 -61.83 8.16 -13.89
CA PRO B 712 -61.78 6.98 -14.75
C PRO B 712 -63.06 6.17 -14.62
N THR B 713 -63.46 5.57 -15.74
CA THR B 713 -64.62 4.69 -15.76
C THR B 713 -64.25 3.25 -16.09
N ASN B 714 -62.98 2.89 -15.97
CA ASN B 714 -62.48 1.58 -16.33
C ASN B 714 -61.18 1.35 -15.60
N PHE B 715 -60.71 0.10 -15.59
CA PHE B 715 -59.47 -0.25 -14.92
C PHE B 715 -58.66 -1.20 -15.77
N THR B 716 -57.37 -1.26 -15.48
CA THR B 716 -56.48 -2.20 -16.15
C THR B 716 -55.59 -2.84 -15.10
N ILE B 717 -55.76 -4.14 -14.90
CA ILE B 717 -55.03 -4.87 -13.88
C ILE B 717 -53.68 -5.26 -14.49
N SER B 718 -52.70 -4.39 -14.38
CA SER B 718 -51.42 -4.58 -15.04
C SER B 718 -50.41 -5.23 -14.10
N VAL B 719 -49.83 -6.34 -14.54
CA VAL B 719 -48.83 -7.09 -13.79
C VAL B 719 -47.46 -6.73 -14.35
N THR B 720 -46.59 -6.21 -13.51
CA THR B 720 -45.26 -5.79 -13.92
C THR B 720 -44.20 -6.55 -13.15
N THR B 721 -43.17 -6.99 -13.87
CA THR B 721 -42.05 -7.73 -13.29
C THR B 721 -41.05 -6.75 -12.72
N GLU B 722 -40.47 -7.08 -11.57
CA GLU B 722 -39.33 -6.34 -11.05
C GLU B 722 -38.29 -7.30 -10.52
N ILE B 723 -37.06 -7.13 -10.98
CA ILE B 723 -35.95 -8.02 -10.66
C ILE B 723 -35.10 -7.38 -9.58
N LEU B 724 -34.82 -8.14 -8.52
CA LEU B 724 -33.95 -7.67 -7.45
C LEU B 724 -32.95 -8.77 -7.12
N PRO B 725 -31.65 -8.50 -7.23
CA PRO B 725 -30.68 -9.47 -6.72
C PRO B 725 -30.83 -9.64 -5.22
N VAL B 726 -30.65 -10.87 -4.76
CA VAL B 726 -30.78 -11.17 -3.35
C VAL B 726 -29.49 -11.79 -2.85
N SER B 727 -28.78 -12.47 -3.74
CA SER B 727 -27.57 -13.15 -3.33
C SER B 727 -26.59 -13.17 -4.49
N MET B 728 -25.32 -13.13 -4.17
CA MET B 728 -24.26 -13.26 -5.14
C MET B 728 -23.54 -14.58 -4.93
N THR B 729 -22.60 -14.89 -5.81
CA THR B 729 -21.93 -16.17 -5.75
C THR B 729 -21.17 -16.31 -4.43
N LYS B 730 -21.47 -17.37 -3.69
CA LYS B 730 -20.91 -17.58 -2.37
C LYS B 730 -19.47 -18.04 -2.46
N THR B 731 -18.56 -17.13 -2.81
CA THR B 731 -17.18 -17.49 -3.10
C THR B 731 -16.30 -17.25 -1.89
N SER B 732 -15.34 -18.16 -1.69
CA SER B 732 -14.28 -17.99 -0.70
C SER B 732 -12.95 -18.32 -1.37
N VAL B 733 -11.92 -17.54 -1.06
CA VAL B 733 -10.62 -17.66 -1.68
C VAL B 733 -9.58 -17.94 -0.60
N ASP B 734 -8.74 -18.94 -0.84
CA ASP B 734 -7.68 -19.30 0.10
C ASP B 734 -6.48 -18.40 -0.13
N CYS B 735 -6.14 -17.59 0.87
CA CYS B 735 -4.98 -16.70 0.74
C CYS B 735 -3.69 -17.48 0.55
N THR B 736 -3.48 -18.52 1.35
CA THR B 736 -2.19 -19.21 1.34
C THR B 736 -1.91 -19.85 -0.01
N MET B 737 -2.91 -20.52 -0.59
CA MET B 737 -2.70 -21.17 -1.88
C MET B 737 -2.61 -20.16 -3.02
N TYR B 738 -3.44 -19.12 -2.98
CA TYR B 738 -3.42 -18.13 -4.05
C TYR B 738 -2.09 -17.40 -4.08
N ILE B 739 -1.65 -16.89 -2.93
CA ILE B 739 -0.39 -16.15 -2.86
C ILE B 739 0.78 -17.06 -3.19
N CYS B 740 0.80 -18.25 -2.63
CA CYS B 740 1.92 -19.18 -2.81
C CYS B 740 1.41 -20.56 -3.17
N GLY B 741 2.07 -21.20 -4.13
CA GLY B 741 1.67 -22.53 -4.55
C GLY B 741 2.15 -23.61 -3.62
N ASP B 742 2.68 -24.69 -4.19
CA ASP B 742 3.12 -25.82 -3.37
C ASP B 742 4.45 -25.51 -2.67
N SER B 743 5.15 -24.46 -3.11
CA SER B 743 6.43 -24.11 -2.52
C SER B 743 6.26 -23.68 -1.06
N THR B 744 7.13 -24.20 -0.20
CA THR B 744 6.98 -23.96 1.24
C THR B 744 7.68 -22.67 1.67
N GLU B 745 8.83 -22.37 1.07
CA GLU B 745 9.53 -21.14 1.43
C GLU B 745 8.72 -19.90 1.09
N CYS B 746 7.86 -19.99 0.07
CA CYS B 746 6.93 -18.91 -0.21
C CYS B 746 5.97 -18.72 0.96
N SER B 747 5.47 -19.81 1.52
CA SER B 747 4.60 -19.72 2.69
C SER B 747 5.36 -19.12 3.87
N ASN B 748 6.63 -19.50 4.03
CA ASN B 748 7.43 -18.94 5.12
C ASN B 748 7.60 -17.43 4.95
N LEU B 749 7.85 -16.98 3.72
CA LEU B 749 7.98 -15.55 3.47
C LEU B 749 6.66 -14.82 3.69
N LEU B 750 5.54 -15.46 3.33
CA LEU B 750 4.24 -14.83 3.54
C LEU B 750 3.88 -14.75 5.02
N LEU B 751 4.33 -15.72 5.82
CA LEU B 751 4.01 -15.73 7.24
C LEU B 751 4.48 -14.46 7.95
N GLN B 752 5.59 -13.88 7.49
CA GLN B 752 6.14 -12.68 8.11
C GLN B 752 5.41 -11.42 7.71
N TYR B 753 4.42 -11.50 6.82
CA TYR B 753 3.66 -10.32 6.44
C TYR B 753 2.53 -10.00 7.41
N GLY B 754 2.37 -10.78 8.47
CA GLY B 754 1.37 -10.49 9.47
C GLY B 754 0.11 -11.31 9.32
N SER B 755 -1.02 -10.74 9.74
CA SER B 755 -2.30 -11.42 9.68
C SER B 755 -3.15 -10.94 8.51
N PHE B 756 -2.50 -10.64 7.37
CA PHE B 756 -3.24 -10.25 6.19
C PHE B 756 -4.19 -11.36 5.73
N CYS B 757 -3.68 -12.59 5.63
CA CYS B 757 -4.48 -13.67 5.07
C CYS B 757 -5.60 -14.11 6.02
N THR B 758 -5.36 -14.02 7.32
CA THR B 758 -6.41 -14.41 8.26
C THR B 758 -7.62 -13.48 8.16
N GLN B 759 -7.40 -12.16 8.23
CA GLN B 759 -8.50 -11.23 8.08
C GLN B 759 -9.07 -11.28 6.67
N LEU B 760 -8.23 -11.59 5.70
CA LEU B 760 -8.70 -11.67 4.32
C LEU B 760 -9.68 -12.82 4.15
N ASN B 761 -9.38 -13.98 4.73
CA ASN B 761 -10.32 -15.10 4.72
C ASN B 761 -11.54 -14.80 5.57
N ARG B 762 -11.35 -14.07 6.67
CA ARG B 762 -12.48 -13.73 7.53
C ARG B 762 -13.49 -12.85 6.79
N ALA B 763 -13.00 -11.93 5.97
CA ALA B 763 -13.91 -11.08 5.19
C ALA B 763 -14.74 -11.90 4.23
N LEU B 764 -14.13 -12.84 3.52
CA LEU B 764 -14.87 -13.67 2.58
C LEU B 764 -15.86 -14.57 3.31
N THR B 765 -15.47 -15.11 4.45
CA THR B 765 -16.40 -15.93 5.23
C THR B 765 -17.60 -15.10 5.70
N GLY B 766 -17.34 -13.86 6.13
CA GLY B 766 -18.44 -12.99 6.49
C GLY B 766 -19.35 -12.70 5.32
N ILE B 767 -18.78 -12.49 4.13
CA ILE B 767 -19.59 -12.26 2.95
C ILE B 767 -20.46 -13.48 2.64
N ALA B 768 -19.89 -14.68 2.74
CA ALA B 768 -20.65 -15.89 2.44
C ALA B 768 -21.80 -16.07 3.43
N VAL B 769 -21.51 -15.90 4.73
CA VAL B 769 -22.56 -16.00 5.73
C VAL B 769 -23.63 -14.95 5.48
N GLU B 770 -23.21 -13.76 5.06
CA GLU B 770 -24.17 -12.70 4.77
C GLU B 770 -25.03 -13.05 3.56
N GLN B 771 -24.46 -13.78 2.60
CA GLN B 771 -25.25 -14.21 1.44
C GLN B 771 -26.33 -15.21 1.86
N ASP B 772 -25.96 -16.17 2.71
CA ASP B 772 -26.96 -17.10 3.22
C ASP B 772 -28.01 -16.36 4.03
N LYS B 773 -27.59 -15.39 4.83
CA LYS B 773 -28.54 -14.55 5.56
C LYS B 773 -29.48 -13.80 4.64
N ASN B 774 -28.96 -13.29 3.51
CA ASN B 774 -29.80 -12.58 2.56
C ASN B 774 -30.88 -13.50 2.01
N THR B 775 -30.48 -14.69 1.56
CA THR B 775 -31.46 -15.61 1.00
C THR B 775 -32.50 -16.00 2.04
N GLN B 776 -32.07 -16.31 3.26
CA GLN B 776 -33.01 -16.69 4.30
C GLN B 776 -33.94 -15.55 4.68
N GLU B 777 -33.42 -14.32 4.76
CA GLU B 777 -34.25 -13.18 5.13
C GLU B 777 -35.28 -12.89 4.05
N VAL B 778 -34.90 -12.98 2.79
CA VAL B 778 -35.83 -12.66 1.70
C VAL B 778 -36.88 -13.75 1.52
N PHE B 779 -36.49 -15.02 1.57
CA PHE B 779 -37.39 -16.10 1.18
C PHE B 779 -38.07 -16.81 2.35
N ALA B 780 -37.56 -16.70 3.57
CA ALA B 780 -38.05 -17.49 4.71
C ALA B 780 -38.86 -16.64 5.67
N GLN B 781 -39.71 -15.76 5.14
CA GLN B 781 -40.56 -14.93 5.98
C GLN B 781 -41.51 -15.80 6.79
N VAL B 782 -42.09 -16.82 6.17
CA VAL B 782 -43.00 -17.71 6.87
C VAL B 782 -42.29 -18.98 7.28
N LYS B 783 -42.66 -19.51 8.44
CA LYS B 783 -42.03 -20.71 8.98
C LYS B 783 -42.87 -21.96 8.77
N GLN B 784 -44.08 -21.84 8.24
CA GLN B 784 -44.91 -22.98 7.90
C GLN B 784 -45.06 -23.04 6.39
N ILE B 785 -44.80 -24.21 5.81
CA ILE B 785 -44.88 -24.40 4.37
C ILE B 785 -46.32 -24.70 4.01
N TYR B 786 -46.97 -23.78 3.29
CA TYR B 786 -48.33 -23.97 2.85
C TYR B 786 -48.34 -24.63 1.48
N LYS B 787 -49.47 -25.27 1.17
CA LYS B 787 -49.68 -25.88 -0.13
C LYS B 787 -51.08 -25.53 -0.62
N THR B 788 -51.21 -25.36 -1.93
CA THR B 788 -52.51 -25.05 -2.51
C THR B 788 -53.43 -26.26 -2.42
N PRO B 789 -54.74 -26.05 -2.46
CA PRO B 789 -55.66 -27.17 -2.45
C PRO B 789 -55.48 -28.02 -3.70
N PRO B 790 -55.83 -29.30 -3.64
CA PRO B 790 -55.65 -30.16 -4.82
C PRO B 790 -56.37 -29.65 -6.05
N ILE B 791 -57.54 -29.04 -5.89
CA ILE B 791 -58.27 -28.47 -7.00
C ILE B 791 -58.04 -26.97 -7.04
N LYS B 792 -57.62 -26.47 -8.20
CA LYS B 792 -57.30 -25.04 -8.35
C LYS B 792 -58.52 -24.27 -8.84
N ASP B 793 -59.50 -24.14 -7.95
CA ASP B 793 -60.67 -23.32 -8.17
C ASP B 793 -60.49 -22.02 -7.40
N PHE B 794 -60.25 -20.92 -8.12
CA PHE B 794 -59.89 -19.65 -7.51
C PHE B 794 -60.80 -18.56 -8.08
N GLY B 795 -62.08 -18.90 -8.25
CA GLY B 795 -63.05 -17.90 -8.69
C GLY B 795 -62.78 -17.33 -10.06
N GLY B 796 -62.26 -18.14 -10.97
CA GLY B 796 -61.97 -17.70 -12.32
C GLY B 796 -60.57 -17.17 -12.53
N PHE B 797 -59.78 -16.99 -11.48
CA PHE B 797 -58.39 -16.57 -11.61
C PHE B 797 -57.54 -17.80 -11.90
N ASN B 798 -56.67 -17.70 -12.89
CA ASN B 798 -55.85 -18.83 -13.31
C ASN B 798 -54.43 -18.64 -12.80
N PHE B 799 -54.07 -19.36 -11.75
CA PHE B 799 -52.76 -19.26 -11.12
C PHE B 799 -51.84 -20.39 -11.55
N SER B 800 -52.23 -21.13 -12.59
CA SER B 800 -51.45 -22.28 -13.00
C SER B 800 -50.05 -21.88 -13.44
N GLN B 801 -49.89 -20.67 -13.95
CA GLN B 801 -48.63 -20.29 -14.56
C GLN B 801 -47.60 -19.92 -13.50
N ILE B 802 -48.06 -19.36 -12.37
CA ILE B 802 -47.13 -18.98 -11.32
C ILE B 802 -46.96 -20.10 -10.30
N LEU B 803 -47.96 -20.96 -10.15
CA LEU B 803 -47.87 -22.05 -9.20
C LEU B 803 -47.01 -23.19 -9.76
N PRO B 804 -46.35 -23.95 -8.90
CA PRO B 804 -45.52 -25.05 -9.38
C PRO B 804 -46.35 -26.09 -10.13
N ASP B 805 -45.75 -26.67 -11.17
CA ASP B 805 -46.40 -27.68 -11.98
C ASP B 805 -45.80 -29.05 -11.68
N PRO B 806 -46.59 -30.00 -11.19
CA PRO B 806 -46.03 -31.31 -10.82
C PRO B 806 -45.42 -32.07 -11.98
N SER B 807 -45.83 -31.77 -13.21
CA SER B 807 -45.36 -32.54 -14.36
C SER B 807 -43.85 -32.35 -14.57
N LYS B 808 -43.34 -31.18 -14.23
CA LYS B 808 -41.92 -30.91 -14.47
C LYS B 808 -41.07 -31.76 -13.54
N PRO B 809 -39.88 -32.18 -13.98
CA PRO B 809 -39.01 -32.95 -13.08
C PRO B 809 -38.63 -32.18 -11.82
N SER B 810 -38.43 -30.88 -11.94
CA SER B 810 -38.23 -30.03 -10.78
C SER B 810 -39.52 -29.31 -10.42
N LYS B 811 -39.73 -29.11 -9.12
CA LYS B 811 -40.96 -28.51 -8.61
C LYS B 811 -40.91 -27.00 -8.78
N ARG B 812 -40.77 -26.56 -10.02
CA ARG B 812 -40.60 -25.16 -10.36
C ARG B 812 -41.75 -24.71 -11.26
N SER B 813 -42.12 -23.44 -11.14
CA SER B 813 -43.24 -22.90 -11.89
C SER B 813 -42.83 -22.61 -13.33
N PRO B 814 -43.81 -22.56 -14.25
CA PRO B 814 -43.48 -22.17 -15.64
C PRO B 814 -42.80 -20.82 -15.76
N ILE B 815 -43.16 -19.84 -14.93
CA ILE B 815 -42.44 -18.56 -14.94
C ILE B 815 -40.98 -18.78 -14.63
N GLU B 816 -40.69 -19.48 -13.54
CA GLU B 816 -39.32 -19.62 -13.09
C GLU B 816 -38.55 -20.70 -13.84
N ASP B 817 -39.22 -21.58 -14.58
CA ASP B 817 -38.48 -22.45 -15.49
C ASP B 817 -37.74 -21.61 -16.53
N LEU B 818 -38.44 -20.71 -17.21
CA LEU B 818 -37.77 -19.84 -18.17
C LEU B 818 -36.93 -18.77 -17.48
N LEU B 819 -37.21 -18.48 -16.21
CA LEU B 819 -36.33 -17.58 -15.48
C LEU B 819 -34.96 -18.21 -15.25
N PHE B 820 -34.92 -19.50 -14.89
CA PHE B 820 -33.64 -20.18 -14.74
C PHE B 820 -33.00 -20.50 -16.08
N ASN B 821 -33.81 -20.78 -17.10
CA ASN B 821 -33.25 -21.08 -18.41
C ASN B 821 -32.49 -19.89 -18.98
N LYS B 822 -33.02 -18.68 -18.80
CA LYS B 822 -32.38 -17.49 -19.35
C LYS B 822 -31.03 -17.23 -18.70
N VAL B 823 -30.94 -17.39 -17.38
CA VAL B 823 -29.72 -17.03 -16.66
C VAL B 823 -28.65 -18.09 -16.92
N THR B 824 -27.47 -17.64 -17.32
CA THR B 824 -26.36 -18.53 -17.61
C THR B 824 -25.34 -18.52 -16.48
N LYS B 851 -13.18 -24.14 -11.62
CA LYS B 851 -12.25 -23.09 -11.21
C LYS B 851 -11.48 -23.47 -9.94
N PHE B 852 -10.27 -24.02 -10.12
CA PHE B 852 -9.42 -24.49 -9.03
C PHE B 852 -8.03 -23.89 -9.21
N ASN B 853 -7.79 -22.74 -8.58
CA ASN B 853 -6.47 -22.17 -8.47
C ASN B 853 -6.29 -21.54 -7.09
N GLY B 854 -6.64 -22.29 -6.04
CA GLY B 854 -6.74 -21.75 -4.70
C GLY B 854 -8.11 -21.25 -4.34
N LEU B 855 -8.98 -21.03 -5.33
CA LEU B 855 -10.30 -20.47 -5.10
C LEU B 855 -11.35 -21.58 -5.11
N THR B 856 -12.35 -21.42 -4.25
CA THR B 856 -13.43 -22.39 -4.13
C THR B 856 -14.76 -21.66 -4.09
N VAL B 857 -15.81 -22.37 -4.48
CA VAL B 857 -17.16 -21.84 -4.47
C VAL B 857 -17.99 -22.67 -3.50
N LEU B 858 -18.54 -22.02 -2.48
CA LEU B 858 -19.34 -22.69 -1.48
C LEU B 858 -20.79 -22.79 -1.95
N PRO B 859 -21.41 -23.96 -1.88
CA PRO B 859 -22.79 -24.07 -2.28
C PRO B 859 -23.69 -23.27 -1.35
N PRO B 860 -24.77 -22.70 -1.87
CA PRO B 860 -25.70 -21.98 -1.00
C PRO B 860 -26.38 -22.94 -0.02
N LEU B 861 -26.72 -22.41 1.16
CA LEU B 861 -27.39 -23.24 2.16
C LEU B 861 -28.71 -23.78 1.62
N LEU B 862 -29.53 -22.91 1.06
CA LEU B 862 -30.82 -23.31 0.50
C LEU B 862 -30.63 -23.62 -0.98
N THR B 863 -30.93 -24.87 -1.35
CA THR B 863 -30.80 -25.27 -2.74
C THR B 863 -31.82 -24.52 -3.60
N ASP B 864 -31.53 -24.44 -4.90
CA ASP B 864 -32.43 -23.76 -5.82
C ASP B 864 -33.82 -24.39 -5.81
N GLU B 865 -33.89 -25.69 -5.48
CA GLU B 865 -35.19 -26.32 -5.29
C GLU B 865 -35.81 -25.95 -3.95
N MET B 866 -34.97 -25.68 -2.94
CA MET B 866 -35.50 -25.38 -1.61
C MET B 866 -36.13 -24.00 -1.57
N ILE B 867 -35.46 -22.99 -2.14
CA ILE B 867 -36.05 -21.66 -2.19
C ILE B 867 -37.29 -21.67 -3.06
N ALA B 868 -37.36 -22.59 -4.02
CA ALA B 868 -38.59 -22.77 -4.77
C ALA B 868 -39.73 -23.18 -3.84
N GLN B 869 -39.42 -23.93 -2.78
CA GLN B 869 -40.47 -24.35 -1.85
C GLN B 869 -40.92 -23.20 -0.96
N TYR B 870 -39.98 -22.34 -0.53
CA TYR B 870 -40.37 -21.10 0.14
C TYR B 870 -41.26 -20.24 -0.76
N THR B 871 -40.87 -20.09 -2.02
CA THR B 871 -41.66 -19.29 -2.94
C THR B 871 -43.05 -19.88 -3.14
N SER B 872 -43.13 -21.21 -3.27
CA SER B 872 -44.42 -21.86 -3.38
C SER B 872 -45.27 -21.70 -2.12
N ALA B 873 -44.65 -21.78 -0.95
CA ALA B 873 -45.38 -21.58 0.31
C ALA B 873 -45.93 -20.17 0.40
N LEU B 874 -45.10 -19.17 0.09
CA LEU B 874 -45.56 -17.79 0.11
C LEU B 874 -46.68 -17.58 -0.88
N LEU B 875 -46.55 -18.13 -2.09
CA LEU B 875 -47.57 -17.96 -3.10
C LEU B 875 -48.87 -18.65 -2.69
N ALA B 876 -48.78 -19.86 -2.14
CA ALA B 876 -49.98 -20.57 -1.72
C ALA B 876 -50.68 -19.84 -0.58
N GLY B 877 -49.92 -19.33 0.37
CA GLY B 877 -50.51 -18.55 1.44
C GLY B 877 -51.17 -17.28 0.93
N THR B 878 -50.52 -16.61 -0.02
CA THR B 878 -51.12 -15.40 -0.60
C THR B 878 -52.42 -15.72 -1.31
N ILE B 879 -52.46 -16.84 -2.03
CA ILE B 879 -53.68 -17.19 -2.76
C ILE B 879 -54.81 -17.56 -1.80
N THR B 880 -54.52 -18.41 -0.83
CA THR B 880 -55.61 -18.97 -0.02
C THR B 880 -55.92 -18.17 1.24
N SER B 881 -54.95 -17.42 1.78
CA SER B 881 -55.15 -16.73 3.04
C SER B 881 -55.14 -15.22 2.92
N GLY B 882 -54.29 -14.65 2.09
CA GLY B 882 -54.25 -13.20 1.93
C GLY B 882 -53.09 -12.59 2.67
N TRP B 883 -53.35 -11.59 3.50
CA TRP B 883 -52.32 -10.99 4.34
C TRP B 883 -52.34 -11.52 5.77
N THR B 884 -53.24 -12.43 6.10
CA THR B 884 -53.33 -12.91 7.47
C THR B 884 -52.19 -13.86 7.80
N PHE B 885 -51.69 -14.61 6.82
CA PHE B 885 -50.67 -15.59 7.11
C PHE B 885 -49.31 -14.96 7.42
N GLY B 886 -49.14 -13.68 7.12
CA GLY B 886 -47.95 -12.97 7.53
C GLY B 886 -48.10 -12.20 8.83
N ALA B 887 -49.25 -12.30 9.47
CA ALA B 887 -49.54 -11.58 10.71
C ALA B 887 -50.22 -12.49 11.71
N GLY B 888 -49.71 -13.71 11.86
CA GLY B 888 -50.28 -14.67 12.79
C GLY B 888 -50.63 -15.98 12.13
N PRO B 889 -51.79 -16.53 12.46
CA PRO B 889 -52.24 -17.79 11.85
C PRO B 889 -52.69 -17.54 10.42
N ALA B 890 -52.68 -18.59 9.60
CA ALA B 890 -53.20 -18.48 8.25
C ALA B 890 -54.70 -18.66 8.28
N LEU B 891 -55.42 -17.72 7.68
CA LEU B 891 -56.87 -17.71 7.69
C LEU B 891 -57.40 -17.82 6.27
N GLN B 892 -58.10 -18.91 5.98
CA GLN B 892 -58.58 -19.14 4.62
C GLN B 892 -59.64 -18.11 4.27
N ILE B 893 -59.67 -17.71 3.00
CA ILE B 893 -60.63 -16.74 2.49
C ILE B 893 -60.80 -16.98 0.99
N PRO B 894 -62.02 -17.00 0.46
CA PRO B 894 -62.19 -17.18 -0.97
C PRO B 894 -61.48 -16.07 -1.73
N PHE B 895 -60.81 -16.46 -2.81
CA PHE B 895 -59.98 -15.49 -3.53
C PHE B 895 -60.77 -14.31 -4.09
N PRO B 896 -61.98 -14.46 -4.62
CA PRO B 896 -62.74 -13.25 -5.00
C PRO B 896 -62.89 -12.27 -3.84
N MET B 897 -63.16 -12.76 -2.62
CA MET B 897 -63.23 -11.86 -1.48
C MET B 897 -61.86 -11.29 -1.13
N GLN B 898 -60.83 -12.13 -1.23
CA GLN B 898 -59.48 -11.68 -0.88
C GLN B 898 -58.97 -10.66 -1.88
N MET B 899 -59.56 -10.59 -3.07
CA MET B 899 -59.23 -9.52 -4.01
C MET B 899 -60.15 -8.32 -3.84
N ALA B 900 -61.41 -8.55 -3.46
CA ALA B 900 -62.31 -7.45 -3.18
C ALA B 900 -61.78 -6.62 -2.02
N TYR B 901 -61.08 -7.25 -1.08
CA TYR B 901 -60.53 -6.49 0.04
C TYR B 901 -59.29 -5.71 -0.38
N ARG B 902 -58.50 -6.26 -1.30
CA ARG B 902 -57.41 -5.47 -1.87
C ARG B 902 -57.94 -4.26 -2.63
N PHE B 903 -59.06 -4.43 -3.34
CA PHE B 903 -59.72 -3.25 -3.93
C PHE B 903 -60.15 -2.27 -2.86
N ASN B 904 -60.86 -2.73 -1.84
CA ASN B 904 -61.34 -1.84 -0.80
C ASN B 904 -60.20 -1.13 -0.09
N GLY B 905 -59.00 -1.69 -0.15
CA GLY B 905 -57.83 -1.05 0.43
C GLY B 905 -57.16 0.00 -0.42
N ILE B 906 -57.66 0.28 -1.62
CA ILE B 906 -57.09 1.34 -2.46
C ILE B 906 -58.16 2.35 -2.82
N GLY B 907 -59.16 2.50 -1.98
CA GLY B 907 -60.13 3.56 -2.14
C GLY B 907 -61.26 3.26 -3.10
N VAL B 908 -61.27 2.11 -3.74
CA VAL B 908 -62.35 1.70 -4.63
C VAL B 908 -63.11 0.55 -3.98
N THR B 909 -64.42 0.69 -3.87
CA THR B 909 -65.22 -0.26 -3.12
C THR B 909 -65.14 -1.65 -3.75
N GLN B 910 -65.48 -2.66 -2.94
CA GLN B 910 -65.53 -4.03 -3.45
C GLN B 910 -66.70 -4.25 -4.37
N ASN B 911 -67.57 -3.26 -4.43
CA ASN B 911 -68.68 -3.29 -5.37
C ASN B 911 -68.20 -3.54 -6.80
N VAL B 912 -67.06 -2.97 -7.15
CA VAL B 912 -66.55 -3.08 -8.51
C VAL B 912 -66.25 -4.54 -8.87
N LEU B 913 -65.65 -5.28 -7.95
CA LEU B 913 -65.13 -6.60 -8.29
C LEU B 913 -66.24 -7.58 -8.60
N TYR B 914 -67.10 -7.86 -7.61
CA TYR B 914 -68.13 -8.88 -7.80
C TYR B 914 -69.01 -8.57 -8.99
N GLU B 915 -69.15 -7.28 -9.32
CA GLU B 915 -69.89 -6.91 -10.52
C GLU B 915 -69.07 -7.20 -11.77
N ASN B 916 -67.74 -7.12 -11.67
CA ASN B 916 -66.84 -7.31 -12.81
C ASN B 916 -65.86 -8.45 -12.60
N GLN B 917 -66.31 -9.56 -12.00
CA GLN B 917 -65.38 -10.63 -11.64
C GLN B 917 -64.76 -11.28 -12.87
N LYS B 918 -65.59 -11.62 -13.86
CA LYS B 918 -65.10 -12.33 -15.03
C LYS B 918 -64.10 -11.49 -15.80
N LEU B 919 -64.39 -10.20 -15.98
CA LEU B 919 -63.50 -9.33 -16.72
C LEU B 919 -62.16 -9.19 -16.01
N ILE B 920 -62.17 -9.03 -14.69
CA ILE B 920 -60.92 -8.90 -13.94
C ILE B 920 -60.12 -10.19 -14.02
N ALA B 921 -60.80 -11.34 -13.95
CA ALA B 921 -60.10 -12.61 -14.08
C ALA B 921 -59.43 -12.72 -15.44
N ASN B 922 -60.14 -12.33 -16.50
CA ASN B 922 -59.57 -12.38 -17.84
C ASN B 922 -58.38 -11.44 -17.98
N GLN B 923 -58.49 -10.23 -17.42
CA GLN B 923 -57.36 -9.30 -17.44
C GLN B 923 -56.16 -9.88 -16.72
N PHE B 924 -56.38 -10.51 -15.57
CA PHE B 924 -55.29 -11.14 -14.83
C PHE B 924 -54.62 -12.23 -15.66
N ASN B 925 -55.42 -13.12 -16.26
CA ASN B 925 -54.85 -14.22 -17.02
C ASN B 925 -54.07 -13.71 -18.24
N SER B 926 -54.64 -12.72 -18.94
CA SER B 926 -53.94 -12.16 -20.09
C SER B 926 -52.66 -11.46 -19.67
N ALA B 927 -52.67 -10.82 -18.50
CA ALA B 927 -51.44 -10.19 -18.00
C ALA B 927 -50.38 -11.24 -17.74
N ILE B 928 -50.76 -12.40 -17.19
CA ILE B 928 -49.79 -13.46 -16.95
C ILE B 928 -49.22 -13.99 -18.27
N GLY B 929 -50.08 -14.19 -19.26
CA GLY B 929 -49.59 -14.61 -20.56
C GLY B 929 -48.63 -13.60 -21.16
N LYS B 930 -48.99 -12.31 -21.13
CA LYS B 930 -48.14 -11.28 -21.68
C LYS B 930 -46.82 -11.19 -20.93
N ILE B 931 -46.85 -11.43 -19.62
CA ILE B 931 -45.62 -11.29 -18.85
C ILE B 931 -44.67 -12.43 -19.17
N GLN B 932 -45.20 -13.64 -19.40
CA GLN B 932 -44.33 -14.72 -19.88
C GLN B 932 -43.75 -14.38 -21.25
N ASP B 933 -44.59 -13.85 -22.14
CA ASP B 933 -44.12 -13.49 -23.47
C ASP B 933 -42.99 -12.45 -23.40
N SER B 934 -43.15 -11.43 -22.56
CA SER B 934 -42.13 -10.41 -22.44
C SER B 934 -40.86 -10.96 -21.82
N LEU B 935 -40.99 -11.85 -20.84
CA LEU B 935 -39.82 -12.47 -20.24
C LEU B 935 -39.06 -13.31 -21.26
N SER B 936 -39.78 -14.11 -22.04
CA SER B 936 -39.12 -15.04 -22.95
C SER B 936 -38.54 -14.32 -24.16
N SER B 937 -39.21 -13.27 -24.63
CA SER B 937 -38.79 -12.61 -25.86
C SER B 937 -37.47 -11.87 -25.68
N THR B 938 -37.35 -11.08 -24.61
CA THR B 938 -36.20 -10.19 -24.44
C THR B 938 -35.14 -10.87 -23.60
N PRO B 939 -33.97 -11.18 -24.17
CA PRO B 939 -32.88 -11.73 -23.34
C PRO B 939 -32.41 -10.76 -22.26
N SER B 940 -32.48 -9.45 -22.53
CA SER B 940 -32.01 -8.46 -21.57
C SER B 940 -33.03 -8.20 -20.46
N ALA B 941 -34.08 -9.01 -20.36
CA ALA B 941 -35.07 -8.83 -19.29
C ALA B 941 -34.44 -9.03 -17.92
N LEU B 942 -33.62 -10.06 -17.76
CA LEU B 942 -33.00 -10.34 -16.47
C LEU B 942 -31.66 -9.61 -16.37
N GLY B 943 -31.70 -8.31 -16.65
CA GLY B 943 -30.47 -7.54 -16.72
C GLY B 943 -29.74 -7.46 -15.39
N LYS B 944 -30.48 -7.32 -14.30
CA LYS B 944 -29.83 -7.17 -13.00
C LYS B 944 -29.09 -8.43 -12.61
N LEU B 945 -29.73 -9.59 -12.75
CA LEU B 945 -29.07 -10.84 -12.41
C LEU B 945 -27.91 -11.14 -13.35
N GLN B 946 -28.08 -10.86 -14.64
CA GLN B 946 -26.95 -11.03 -15.56
C GLN B 946 -25.79 -10.13 -15.18
N ASP B 947 -26.07 -8.89 -14.80
CA ASP B 947 -25.00 -7.98 -14.40
C ASP B 947 -24.30 -8.48 -13.16
N VAL B 948 -25.05 -8.98 -12.17
CA VAL B 948 -24.43 -9.49 -10.96
C VAL B 948 -23.52 -10.66 -11.29
N VAL B 949 -24.03 -11.64 -12.03
CA VAL B 949 -23.25 -12.84 -12.33
C VAL B 949 -22.03 -12.49 -13.18
N ASN B 950 -22.22 -11.63 -14.19
CA ASN B 950 -21.11 -11.26 -15.06
C ASN B 950 -20.05 -10.48 -14.31
N GLN B 951 -20.45 -9.57 -13.42
CA GLN B 951 -19.48 -8.83 -12.62
C GLN B 951 -18.69 -9.78 -11.73
N ASN B 952 -19.35 -10.73 -11.10
CA ASN B 952 -18.64 -11.67 -10.24
C ASN B 952 -17.67 -12.54 -11.05
N ALA B 953 -18.14 -13.05 -12.20
CA ALA B 953 -17.28 -13.90 -13.02
C ALA B 953 -16.09 -13.12 -13.57
N GLN B 954 -16.32 -11.87 -13.97
CA GLN B 954 -15.22 -11.05 -14.46
C GLN B 954 -14.24 -10.74 -13.33
N ALA B 955 -14.74 -10.54 -12.11
CA ALA B 955 -13.84 -10.32 -10.98
C ALA B 955 -12.97 -11.54 -10.74
N LEU B 956 -13.57 -12.74 -10.73
CA LEU B 956 -12.76 -13.95 -10.56
C LEU B 956 -11.78 -14.13 -11.70
N ASN B 957 -12.20 -13.86 -12.93
CA ASN B 957 -11.31 -14.04 -14.08
C ASN B 957 -10.13 -13.07 -14.01
N THR B 958 -10.39 -11.81 -13.65
CA THR B 958 -9.29 -10.86 -13.47
C THR B 958 -8.37 -11.30 -12.35
N LEU B 959 -8.94 -11.78 -11.24
CA LEU B 959 -8.12 -12.22 -10.12
C LEU B 959 -7.21 -13.37 -10.52
N VAL B 960 -7.73 -14.33 -11.29
CA VAL B 960 -6.93 -15.47 -11.70
C VAL B 960 -5.90 -15.07 -12.74
N LYS B 961 -6.30 -14.26 -13.73
CA LYS B 961 -5.36 -13.82 -14.76
C LYS B 961 -4.26 -12.94 -14.18
N GLN B 962 -4.50 -12.35 -13.01
CA GLN B 962 -3.47 -11.54 -12.38
C GLN B 962 -2.27 -12.38 -11.95
N LEU B 963 -2.40 -13.70 -11.93
CA LEU B 963 -1.27 -14.56 -11.61
C LEU B 963 -0.20 -14.51 -12.70
N SER B 964 -0.59 -14.19 -13.93
CA SER B 964 0.33 -14.16 -15.05
C SER B 964 1.19 -12.89 -15.08
N SER B 965 0.94 -11.94 -14.20
CA SER B 965 1.68 -10.69 -14.21
C SER B 965 3.06 -10.86 -13.59
N ASN B 966 4.07 -10.27 -14.23
CA ASN B 966 5.42 -10.34 -13.71
C ASN B 966 5.56 -9.56 -12.41
N PHE B 967 4.83 -8.46 -12.26
CA PHE B 967 4.91 -7.60 -11.07
C PHE B 967 6.34 -7.10 -10.85
N GLY B 968 7.09 -6.96 -11.94
CA GLY B 968 8.47 -6.55 -11.86
C GLY B 968 9.47 -7.67 -11.71
N ALA B 969 9.04 -8.86 -11.32
CA ALA B 969 9.94 -9.99 -11.22
C ALA B 969 10.30 -10.50 -12.61
N ILE B 970 11.48 -11.14 -12.70
CA ILE B 970 11.96 -11.64 -13.99
C ILE B 970 11.21 -12.87 -14.45
N SER B 971 10.27 -13.38 -13.66
CA SER B 971 9.47 -14.52 -14.06
C SER B 971 8.09 -14.40 -13.44
N SER B 972 7.11 -14.99 -14.10
CA SER B 972 5.72 -14.92 -13.67
C SER B 972 5.26 -16.15 -12.89
N VAL B 973 6.01 -17.24 -12.93
CA VAL B 973 5.67 -18.46 -12.21
C VAL B 973 6.72 -18.68 -11.13
N LEU B 974 6.26 -18.96 -9.92
CA LEU B 974 7.17 -19.04 -8.78
C LEU B 974 8.01 -20.31 -8.77
N ASN B 975 7.66 -21.32 -9.57
CA ASN B 975 8.49 -22.52 -9.62
C ASN B 975 9.77 -22.27 -10.42
N ASP B 976 9.67 -21.56 -11.54
CA ASP B 976 10.83 -21.28 -12.36
C ASP B 976 11.84 -20.39 -11.64
N ILE B 977 11.35 -19.39 -10.91
CA ILE B 977 12.24 -18.47 -10.22
C ILE B 977 13.02 -19.17 -9.12
N LEU B 978 12.46 -20.22 -8.52
CA LEU B 978 13.19 -21.01 -7.55
C LEU B 978 14.37 -21.73 -8.19
N SER B 979 14.17 -22.29 -9.38
CA SER B 979 15.22 -23.05 -10.04
C SER B 979 16.28 -22.16 -10.65
N ARG B 980 15.91 -21.01 -11.19
CA ARG B 980 16.88 -20.18 -11.90
C ARG B 980 17.79 -19.37 -10.99
N LEU B 981 17.40 -19.16 -9.73
CA LEU B 981 18.16 -18.30 -8.83
C LEU B 981 18.31 -18.94 -7.46
N ASP B 982 19.39 -18.56 -6.78
CA ASP B 982 19.61 -19.00 -5.41
C ASP B 982 18.60 -18.34 -4.48
N PRO B 983 18.17 -19.03 -3.43
CA PRO B 983 17.14 -18.48 -2.54
C PRO B 983 17.56 -17.16 -1.92
N PRO B 984 18.86 -16.97 -1.57
CA PRO B 984 19.29 -15.61 -1.19
C PRO B 984 18.92 -14.55 -2.19
N GLU B 985 19.06 -14.83 -3.49
CA GLU B 985 18.73 -13.83 -4.50
C GLU B 985 17.26 -13.90 -4.91
N ALA B 986 16.71 -15.11 -4.98
CA ALA B 986 15.30 -15.26 -5.35
C ALA B 986 14.35 -14.73 -4.28
N GLU B 987 14.84 -14.49 -3.06
CA GLU B 987 13.97 -14.02 -1.99
C GLU B 987 13.34 -12.69 -2.34
N VAL B 988 14.13 -11.75 -2.88
CA VAL B 988 13.61 -10.41 -3.14
C VAL B 988 12.57 -10.44 -4.26
N GLN B 989 12.79 -11.25 -5.30
CA GLN B 989 11.85 -11.29 -6.40
C GLN B 989 10.58 -12.04 -6.01
N ILE B 990 10.72 -13.08 -5.18
CA ILE B 990 9.54 -13.70 -4.58
C ILE B 990 8.77 -12.67 -3.76
N ASP B 991 9.48 -11.81 -3.04
CA ASP B 991 8.81 -10.78 -2.25
C ASP B 991 8.04 -9.80 -3.13
N ARG B 992 8.65 -9.40 -4.25
CA ARG B 992 7.92 -8.52 -5.18
C ARG B 992 6.67 -9.20 -5.71
N LEU B 993 6.78 -10.49 -6.07
CA LEU B 993 5.61 -11.21 -6.53
C LEU B 993 4.54 -11.34 -5.46
N ILE B 994 4.95 -11.54 -4.20
CA ILE B 994 4.00 -11.64 -3.10
C ILE B 994 3.31 -10.30 -2.88
N THR B 995 4.05 -9.20 -2.96
CA THR B 995 3.41 -7.90 -2.86
C THR B 995 2.38 -7.72 -3.95
N GLY B 996 2.72 -8.09 -5.19
CA GLY B 996 1.77 -7.96 -6.28
C GLY B 996 0.51 -8.78 -6.06
N ARG B 997 0.67 -10.05 -5.71
CA ARG B 997 -0.50 -10.92 -5.57
C ARG B 997 -1.32 -10.55 -4.34
N LEU B 998 -0.66 -10.13 -3.26
CA LEU B 998 -1.38 -9.69 -2.07
C LEU B 998 -2.17 -8.42 -2.35
N GLN B 999 -1.59 -7.50 -3.11
CA GLN B 999 -2.35 -6.34 -3.55
C GLN B 999 -3.52 -6.73 -4.43
N SER B 1000 -3.33 -7.75 -5.27
CA SER B 1000 -4.43 -8.24 -6.11
C SER B 1000 -5.58 -8.77 -5.26
N LEU B 1001 -5.27 -9.58 -4.25
CA LEU B 1001 -6.32 -10.05 -3.36
C LEU B 1001 -6.95 -8.91 -2.57
N GLN B 1002 -6.14 -7.95 -2.12
CA GLN B 1002 -6.69 -6.84 -1.35
C GLN B 1002 -7.70 -6.06 -2.17
N THR B 1003 -7.34 -5.72 -3.41
CA THR B 1003 -8.27 -4.98 -4.25
C THR B 1003 -9.47 -5.83 -4.65
N TYR B 1004 -9.26 -7.14 -4.91
CA TYR B 1004 -10.39 -8.00 -5.24
C TYR B 1004 -11.37 -8.10 -4.08
N VAL B 1005 -10.86 -8.26 -2.86
CA VAL B 1005 -11.71 -8.41 -1.69
C VAL B 1005 -12.40 -7.09 -1.36
N THR B 1006 -11.72 -5.96 -1.57
CA THR B 1006 -12.40 -4.68 -1.38
C THR B 1006 -13.53 -4.49 -2.38
N GLN B 1007 -13.29 -4.85 -3.64
CA GLN B 1007 -14.36 -4.79 -4.63
C GLN B 1007 -15.48 -5.74 -4.24
N GLN B 1008 -15.13 -6.92 -3.73
CA GLN B 1008 -16.13 -7.89 -3.32
C GLN B 1008 -16.95 -7.38 -2.15
N LEU B 1009 -16.31 -6.65 -1.23
CA LEU B 1009 -17.04 -6.09 -0.10
C LEU B 1009 -17.98 -4.99 -0.55
N ILE B 1010 -17.55 -4.16 -1.51
CA ILE B 1010 -18.46 -3.16 -2.09
C ILE B 1010 -19.64 -3.86 -2.74
N ARG B 1011 -19.37 -4.90 -3.52
CA ARG B 1011 -20.43 -5.64 -4.19
C ARG B 1011 -21.37 -6.27 -3.17
N ALA B 1012 -20.82 -6.81 -2.09
CA ALA B 1012 -21.64 -7.45 -1.07
C ALA B 1012 -22.48 -6.44 -0.32
N ALA B 1013 -21.95 -5.23 -0.10
CA ALA B 1013 -22.76 -4.18 0.51
C ALA B 1013 -23.91 -3.76 -0.41
N GLU B 1014 -23.62 -3.65 -1.71
CA GLU B 1014 -24.67 -3.31 -2.67
C GLU B 1014 -25.74 -4.41 -2.72
N ILE B 1015 -25.30 -5.67 -2.71
CA ILE B 1015 -26.24 -6.80 -2.72
C ILE B 1015 -27.01 -6.87 -1.41
N ARG B 1016 -26.36 -6.52 -0.30
CA ARG B 1016 -27.04 -6.48 0.99
C ARG B 1016 -28.14 -5.43 0.99
N ALA B 1017 -27.84 -4.25 0.42
CA ALA B 1017 -28.88 -3.23 0.29
C ALA B 1017 -30.02 -3.73 -0.59
N SER B 1018 -29.68 -4.38 -1.70
CA SER B 1018 -30.72 -4.89 -2.61
C SER B 1018 -31.53 -6.00 -1.96
N ALA B 1019 -30.90 -6.82 -1.12
CA ALA B 1019 -31.61 -7.92 -0.49
C ALA B 1019 -32.47 -7.43 0.67
N ASN B 1020 -32.01 -6.42 1.40
CA ASN B 1020 -32.87 -5.79 2.39
C ASN B 1020 -34.06 -5.13 1.71
N LEU B 1021 -33.83 -4.49 0.56
CA LEU B 1021 -34.95 -3.94 -0.21
C LEU B 1021 -35.89 -5.03 -0.68
N ALA B 1022 -35.34 -6.17 -1.12
CA ALA B 1022 -36.19 -7.27 -1.60
C ALA B 1022 -37.00 -7.88 -0.46
N ALA B 1023 -36.38 -8.03 0.72
CA ALA B 1023 -37.12 -8.52 1.88
C ALA B 1023 -38.22 -7.54 2.26
N THR B 1024 -37.93 -6.24 2.18
CA THR B 1024 -38.96 -5.24 2.40
C THR B 1024 -40.09 -5.37 1.39
N LYS B 1025 -39.74 -5.56 0.12
CA LYS B 1025 -40.76 -5.73 -0.92
C LYS B 1025 -41.62 -6.94 -0.62
N MET B 1026 -41.00 -8.07 -0.29
CA MET B 1026 -41.74 -9.28 0.04
C MET B 1026 -42.68 -9.05 1.22
N SER B 1027 -42.13 -8.52 2.31
CA SER B 1027 -42.94 -8.33 3.52
C SER B 1027 -44.10 -7.38 3.28
N GLU B 1028 -43.84 -6.24 2.64
CA GLU B 1028 -44.83 -5.18 2.56
C GLU B 1028 -45.69 -5.22 1.31
N CYS B 1029 -45.43 -6.14 0.38
CA CYS B 1029 -46.25 -6.23 -0.82
C CYS B 1029 -46.73 -7.65 -1.10
N VAL B 1030 -45.90 -8.66 -0.86
CA VAL B 1030 -46.36 -10.04 -1.02
C VAL B 1030 -47.30 -10.41 0.11
N LEU B 1031 -46.87 -10.21 1.35
CA LEU B 1031 -47.70 -10.58 2.49
C LEU B 1031 -48.97 -9.75 2.52
N GLY B 1032 -48.85 -8.43 2.50
CA GLY B 1032 -50.00 -7.55 2.45
C GLY B 1032 -49.73 -6.42 1.49
N GLN B 1033 -50.80 -5.78 1.03
CA GLN B 1033 -50.66 -4.72 0.04
C GLN B 1033 -50.10 -3.46 0.71
N SER B 1034 -49.44 -2.63 -0.08
CA SER B 1034 -48.80 -1.41 0.41
C SER B 1034 -49.56 -0.20 -0.12
N LYS B 1035 -49.81 0.76 0.76
CA LYS B 1035 -50.32 2.06 0.33
C LYS B 1035 -49.19 2.98 -0.14
N ARG B 1036 -47.94 2.54 -0.04
CA ARG B 1036 -46.83 3.27 -0.62
C ARG B 1036 -46.95 3.25 -2.14
N VAL B 1037 -46.86 4.43 -2.75
CA VAL B 1037 -47.09 4.59 -4.18
C VAL B 1037 -45.77 4.50 -4.91
N ASP B 1038 -45.74 3.71 -5.98
CA ASP B 1038 -44.61 3.39 -6.84
C ASP B 1038 -43.57 2.51 -6.14
N PHE B 1039 -43.76 2.16 -4.87
CA PHE B 1039 -42.86 1.21 -4.22
C PHE B 1039 -42.96 -0.16 -4.86
N CYS B 1040 -44.19 -0.62 -5.10
CA CYS B 1040 -44.42 -1.92 -5.71
C CYS B 1040 -45.31 -1.75 -6.92
N GLY B 1041 -44.70 -1.69 -8.10
CA GLY B 1041 -45.45 -1.60 -9.34
C GLY B 1041 -45.87 -0.18 -9.65
N LYS B 1042 -46.38 -0.03 -10.87
CA LYS B 1042 -46.86 1.25 -11.37
C LYS B 1042 -48.38 1.27 -11.23
N GLY B 1043 -48.87 2.19 -10.41
CA GLY B 1043 -50.29 2.29 -10.14
C GLY B 1043 -50.62 1.84 -8.74
N TYR B 1044 -51.92 1.81 -8.46
CA TYR B 1044 -52.39 1.34 -7.17
C TYR B 1044 -52.12 -0.15 -7.03
N HIS B 1045 -51.60 -0.55 -5.88
CA HIS B 1045 -51.11 -1.89 -5.66
C HIS B 1045 -52.24 -2.83 -5.25
N LEU B 1046 -52.19 -4.05 -5.77
CA LEU B 1046 -53.14 -5.10 -5.40
C LEU B 1046 -52.48 -6.27 -4.70
N MET B 1047 -51.45 -6.86 -5.28
CA MET B 1047 -50.79 -8.03 -4.68
C MET B 1047 -49.33 -8.04 -5.10
N SER B 1048 -48.68 -9.17 -4.86
CA SER B 1048 -47.35 -9.44 -5.38
C SER B 1048 -47.02 -10.91 -5.23
N PHE B 1049 -46.61 -11.54 -6.32
CA PHE B 1049 -46.26 -12.94 -6.30
C PHE B 1049 -44.74 -13.10 -6.38
N PRO B 1050 -44.11 -13.70 -5.39
CA PRO B 1050 -42.69 -14.00 -5.50
C PRO B 1050 -42.45 -15.02 -6.60
N GLN B 1051 -41.29 -14.90 -7.23
CA GLN B 1051 -40.83 -15.92 -8.17
C GLN B 1051 -39.34 -16.07 -7.99
N SER B 1052 -38.89 -17.29 -7.73
CA SER B 1052 -37.48 -17.53 -7.55
C SER B 1052 -36.72 -17.30 -8.85
N ALA B 1053 -35.53 -16.75 -8.73
CA ALA B 1053 -34.63 -16.55 -9.85
C ALA B 1053 -33.23 -16.90 -9.41
N PRO B 1054 -32.36 -17.31 -10.32
CA PRO B 1054 -31.02 -17.75 -9.91
C PRO B 1054 -30.23 -16.58 -9.35
N HIS B 1055 -29.97 -16.64 -8.04
CA HIS B 1055 -29.30 -15.58 -7.30
C HIS B 1055 -30.07 -14.28 -7.34
N GLY B 1056 -31.39 -14.35 -7.16
CA GLY B 1056 -32.23 -13.18 -7.16
C GLY B 1056 -33.66 -13.57 -6.87
N VAL B 1057 -34.56 -12.60 -7.02
CA VAL B 1057 -36.00 -12.80 -6.84
C VAL B 1057 -36.73 -12.00 -7.90
N VAL B 1058 -37.83 -12.54 -8.39
CA VAL B 1058 -38.68 -11.87 -9.38
C VAL B 1058 -40.05 -11.67 -8.75
N PHE B 1059 -40.55 -10.46 -8.81
CA PHE B 1059 -41.86 -10.13 -8.28
C PHE B 1059 -42.84 -9.87 -9.41
N LEU B 1060 -44.08 -10.33 -9.25
CA LEU B 1060 -45.14 -10.06 -10.21
C LEU B 1060 -46.11 -9.09 -9.56
N HIS B 1061 -45.80 -7.80 -9.63
CA HIS B 1061 -46.52 -6.77 -8.91
C HIS B 1061 -47.87 -6.54 -9.59
N VAL B 1062 -48.91 -7.17 -9.08
CA VAL B 1062 -50.26 -7.00 -9.63
C VAL B 1062 -50.76 -5.63 -9.17
N THR B 1063 -50.95 -4.72 -10.12
CA THR B 1063 -51.31 -3.35 -9.80
C THR B 1063 -52.59 -2.95 -10.53
N TYR B 1064 -53.33 -2.03 -9.92
CA TYR B 1064 -54.60 -1.54 -10.42
C TYR B 1064 -54.34 -0.18 -11.08
N VAL B 1065 -54.53 -0.12 -12.38
CA VAL B 1065 -54.30 1.12 -13.13
C VAL B 1065 -55.60 1.55 -13.80
N PRO B 1066 -56.17 2.69 -13.43
CA PRO B 1066 -57.36 3.19 -14.13
C PRO B 1066 -57.05 3.50 -15.58
N ALA B 1067 -58.03 3.24 -16.45
CA ALA B 1067 -57.77 3.26 -17.89
C ALA B 1067 -58.54 4.35 -18.63
N GLN B 1068 -59.86 4.36 -18.57
CA GLN B 1068 -60.66 5.23 -19.42
C GLN B 1068 -61.24 6.35 -18.57
N GLU B 1069 -60.69 7.55 -18.74
CA GLU B 1069 -61.10 8.69 -17.94
C GLU B 1069 -62.07 9.56 -18.73
N LYS B 1070 -63.09 10.07 -18.02
CA LYS B 1070 -64.06 10.98 -18.57
C LYS B 1070 -64.06 12.25 -17.74
N ASN B 1071 -64.14 13.40 -18.41
CA ASN B 1071 -64.05 14.69 -17.73
C ASN B 1071 -65.44 15.14 -17.31
N PHE B 1072 -65.55 15.66 -16.09
CA PHE B 1072 -66.84 16.06 -15.53
C PHE B 1072 -66.71 17.44 -14.89
N THR B 1073 -67.87 18.01 -14.55
CA THR B 1073 -67.93 19.26 -13.81
C THR B 1073 -68.13 18.97 -12.34
N THR B 1074 -67.21 19.46 -11.50
CA THR B 1074 -67.20 19.16 -10.08
C THR B 1074 -67.64 20.38 -9.27
N ALA B 1075 -67.63 20.22 -7.94
CA ALA B 1075 -67.97 21.30 -7.03
C ALA B 1075 -67.51 20.92 -5.63
N PRO B 1076 -66.81 21.80 -4.92
CA PRO B 1076 -66.37 21.45 -3.56
C PRO B 1076 -67.49 21.01 -2.64
N ALA B 1077 -68.67 21.62 -2.74
CA ALA B 1077 -69.74 21.38 -1.79
C ALA B 1077 -71.07 21.41 -2.53
N ILE B 1078 -72.15 21.25 -1.79
CA ILE B 1078 -73.51 21.42 -2.30
C ILE B 1078 -74.34 22.11 -1.22
N CYS B 1079 -74.92 23.25 -1.55
CA CYS B 1079 -75.73 24.02 -0.61
C CYS B 1079 -77.19 23.71 -0.87
N HIS B 1080 -77.79 22.92 0.03
CA HIS B 1080 -79.21 22.63 -0.03
C HIS B 1080 -79.86 23.02 1.28
N ASP B 1081 -81.03 23.65 1.20
CA ASP B 1081 -81.79 24.07 2.38
C ASP B 1081 -80.95 24.98 3.28
N GLY B 1082 -80.13 25.83 2.67
CA GLY B 1082 -79.32 26.76 3.43
C GLY B 1082 -78.27 26.13 4.32
N LYS B 1083 -77.68 25.02 3.88
CA LYS B 1083 -76.63 24.37 4.64
C LYS B 1083 -75.73 23.61 3.68
N ALA B 1084 -74.43 23.60 3.97
CA ALA B 1084 -73.49 22.93 3.10
C ALA B 1084 -73.67 21.41 3.21
N HIS B 1085 -73.17 20.72 2.19
CA HIS B 1085 -73.22 19.26 2.14
C HIS B 1085 -71.97 18.76 1.44
N PHE B 1086 -71.06 18.16 2.18
CA PHE B 1086 -69.84 17.63 1.60
C PHE B 1086 -69.97 16.12 1.42
N PRO B 1087 -69.29 15.54 0.43
CA PRO B 1087 -69.40 14.09 0.23
C PRO B 1087 -68.73 13.33 1.35
N ARG B 1088 -69.43 12.30 1.84
CA ARG B 1088 -68.88 11.48 2.93
C ARG B 1088 -67.60 10.79 2.48
N GLU B 1089 -67.61 10.21 1.28
CA GLU B 1089 -66.41 9.62 0.70
C GLU B 1089 -66.58 9.58 -0.80
N GLY B 1090 -65.76 10.34 -1.52
CA GLY B 1090 -65.86 10.47 -2.95
C GLY B 1090 -65.77 11.92 -3.38
N VAL B 1091 -66.27 12.20 -4.58
CA VAL B 1091 -66.22 13.52 -5.18
C VAL B 1091 -67.63 13.88 -5.63
N PHE B 1092 -67.90 15.17 -5.79
CA PHE B 1092 -69.14 15.59 -6.45
C PHE B 1092 -68.88 15.84 -7.92
N VAL B 1093 -69.70 15.23 -8.78
CA VAL B 1093 -69.54 15.37 -10.22
C VAL B 1093 -70.90 15.59 -10.86
N SER B 1094 -70.87 16.08 -12.10
CA SER B 1094 -72.07 16.27 -12.89
C SER B 1094 -71.74 16.02 -14.35
N ASN B 1095 -72.62 15.31 -15.05
CA ASN B 1095 -72.40 15.09 -16.48
C ASN B 1095 -72.86 16.29 -17.31
N GLY B 1096 -73.49 17.27 -16.67
CA GLY B 1096 -73.94 18.46 -17.37
C GLY B 1096 -75.32 18.91 -16.94
N THR B 1097 -76.15 17.96 -16.52
CA THR B 1097 -77.51 18.26 -16.10
C THR B 1097 -77.80 17.87 -14.66
N HIS B 1098 -77.34 16.70 -14.21
CA HIS B 1098 -77.64 16.20 -12.89
C HIS B 1098 -76.35 16.08 -12.08
N TRP B 1099 -76.49 16.26 -10.76
CA TRP B 1099 -75.36 16.22 -9.84
C TRP B 1099 -75.30 14.85 -9.17
N PHE B 1100 -74.13 14.22 -9.24
CA PHE B 1100 -73.93 12.90 -8.67
C PHE B 1100 -72.68 12.91 -7.81
N VAL B 1101 -72.63 11.98 -6.85
CA VAL B 1101 -71.46 11.76 -6.03
C VAL B 1101 -70.83 10.44 -6.44
N THR B 1102 -69.52 10.48 -6.68
CA THR B 1102 -68.82 9.34 -7.25
C THR B 1102 -67.60 9.04 -6.40
N GLN B 1103 -67.29 7.75 -6.25
CA GLN B 1103 -66.09 7.37 -5.53
C GLN B 1103 -64.85 7.88 -6.24
N ARG B 1104 -63.70 7.70 -5.59
CA ARG B 1104 -62.45 8.27 -6.06
C ARG B 1104 -61.99 7.72 -7.41
N ASN B 1105 -62.04 6.40 -7.62
CA ASN B 1105 -61.28 5.79 -8.70
C ASN B 1105 -62.14 4.94 -9.61
N PHE B 1106 -63.44 5.22 -9.69
CA PHE B 1106 -64.31 4.49 -10.61
C PHE B 1106 -65.60 5.28 -10.79
N TYR B 1107 -65.94 5.64 -12.01
CA TYR B 1107 -67.14 6.43 -12.24
C TYR B 1107 -68.36 5.58 -11.95
N GLU B 1108 -68.93 5.72 -10.74
CA GLU B 1108 -70.17 5.07 -10.36
C GLU B 1108 -71.08 6.14 -9.77
N PRO B 1109 -71.89 6.81 -10.59
CA PRO B 1109 -72.72 7.89 -10.08
C PRO B 1109 -73.85 7.39 -9.19
N GLN B 1110 -74.00 8.05 -8.04
CA GLN B 1110 -75.08 7.73 -7.11
C GLN B 1110 -75.79 9.02 -6.73
N ILE B 1111 -77.12 8.94 -6.60
CA ILE B 1111 -77.90 10.13 -6.28
C ILE B 1111 -77.45 10.70 -4.94
N ILE B 1112 -77.48 12.03 -4.84
CA ILE B 1112 -77.03 12.68 -3.61
C ILE B 1112 -78.07 12.47 -2.53
N THR B 1113 -77.66 11.87 -1.41
CA THR B 1113 -78.54 11.64 -0.28
C THR B 1113 -77.81 12.03 1.00
N THR B 1114 -78.57 12.06 2.10
CA THR B 1114 -77.97 12.33 3.40
C THR B 1114 -77.09 11.19 3.89
N ASP B 1115 -77.17 10.02 3.25
CA ASP B 1115 -76.34 8.89 3.67
C ASP B 1115 -74.87 9.12 3.33
N ASN B 1116 -74.58 9.72 2.18
CA ASN B 1116 -73.21 9.91 1.71
C ASN B 1116 -72.81 11.38 1.71
N THR B 1117 -73.57 12.22 2.42
CA THR B 1117 -73.24 13.63 2.59
C THR B 1117 -73.41 14.01 4.05
N PHE B 1118 -72.52 14.88 4.53
CA PHE B 1118 -72.63 15.35 5.91
C PHE B 1118 -72.63 16.87 5.93
N VAL B 1119 -73.62 17.45 6.61
CA VAL B 1119 -73.76 18.90 6.68
C VAL B 1119 -72.62 19.46 7.52
N SER B 1120 -72.15 20.66 7.15
CA SER B 1120 -71.05 21.29 7.87
C SER B 1120 -71.30 22.79 8.03
N GLY B 1121 -72.51 23.17 8.43
CA GLY B 1121 -72.80 24.56 8.70
C GLY B 1121 -73.54 25.25 7.57
N ASN B 1122 -73.31 26.55 7.39
CA ASN B 1122 -73.96 27.32 6.34
C ASN B 1122 -73.08 27.34 5.10
N CYS B 1123 -73.70 27.66 3.97
CA CYS B 1123 -73.03 27.64 2.68
C CYS B 1123 -72.59 29.02 2.21
N ASP B 1124 -72.15 29.88 3.14
CA ASP B 1124 -71.66 31.19 2.76
C ASP B 1124 -70.14 31.23 2.71
N VAL B 1125 -69.49 30.71 3.76
CA VAL B 1125 -68.04 30.85 3.87
C VAL B 1125 -67.31 30.04 2.82
N VAL B 1126 -67.81 28.86 2.48
CA VAL B 1126 -67.17 28.04 1.46
C VAL B 1126 -67.49 28.57 0.07
N ILE B 1127 -66.45 28.72 -0.75
CA ILE B 1127 -66.57 29.26 -2.10
C ILE B 1127 -66.60 28.10 -3.09
N GLY B 1128 -67.24 28.31 -4.22
CA GLY B 1128 -67.33 27.30 -5.24
C GLY B 1128 -68.47 26.32 -5.09
N ILE B 1129 -69.37 26.53 -4.13
CA ILE B 1129 -70.51 25.65 -3.94
C ILE B 1129 -71.44 25.74 -5.14
N VAL B 1130 -72.36 24.79 -5.25
CA VAL B 1130 -73.39 24.80 -6.28
C VAL B 1130 -74.73 24.49 -5.62
N ASN B 1131 -75.75 25.25 -5.99
CA ASN B 1131 -77.09 24.94 -5.53
C ASN B 1131 -77.56 23.64 -6.16
N ASN B 1132 -78.23 22.82 -5.35
CA ASN B 1132 -78.75 21.53 -5.81
C ASN B 1132 -79.73 21.03 -4.77
N THR B 1133 -80.15 19.78 -4.91
CA THR B 1133 -81.02 19.12 -3.95
C THR B 1133 -80.36 17.82 -3.49
N VAL B 1134 -80.48 17.52 -2.20
CA VAL B 1134 -80.00 16.27 -1.64
C VAL B 1134 -81.20 15.45 -1.20
N TYR B 1135 -81.30 14.24 -1.72
CA TYR B 1135 -82.48 13.42 -1.49
C TYR B 1135 -82.50 12.90 -0.06
N ASP B 1136 -83.68 12.90 0.55
CA ASP B 1136 -83.84 12.44 1.93
C ASP B 1136 -84.44 11.04 1.92
N PRO B 1137 -83.70 10.02 2.35
CA PRO B 1137 -84.25 8.65 2.31
C PRO B 1137 -85.49 8.45 3.15
N LEU B 1138 -85.64 9.18 4.26
CA LEU B 1138 -86.72 8.92 5.19
C LEU B 1138 -88.05 9.52 4.73
N GLN B 1139 -88.01 10.60 3.94
CA GLN B 1139 -89.24 11.29 3.56
C GLN B 1139 -90.24 10.42 2.81
N PRO B 1140 -89.85 9.57 1.84
CA PRO B 1140 -90.86 8.75 1.14
C PRO B 1140 -91.63 7.80 2.04
N GLU B 1141 -91.10 7.46 3.22
CA GLU B 1141 -91.84 6.60 4.13
C GLU B 1141 -92.88 7.35 4.95
N LEU B 1142 -92.82 8.68 4.99
CA LEU B 1142 -93.75 9.44 5.82
C LEU B 1142 -95.16 9.40 5.24
N ASP B 1143 -95.30 9.68 3.94
CA ASP B 1143 -96.63 9.72 3.35
C ASP B 1143 -97.18 8.31 3.10
N SER B 1144 -96.31 7.38 2.73
CA SER B 1144 -96.74 6.01 2.46
C SER B 1144 -96.67 5.16 3.72
N TYR C 28 2.30 -47.24 26.80
CA TYR C 28 2.90 -47.44 28.12
C TYR C 28 2.12 -46.68 29.18
N THR C 29 2.20 -45.36 29.13
CA THR C 29 1.44 -44.48 30.01
C THR C 29 1.18 -43.18 29.27
N ASN C 30 -0.09 -42.84 29.09
CA ASN C 30 -0.44 -41.61 28.39
C ASN C 30 -0.27 -40.40 29.31
N SER C 31 0.28 -39.33 28.76
CA SER C 31 0.44 -38.07 29.48
C SER C 31 -0.73 -37.17 29.15
N PHE C 32 -1.74 -37.18 30.00
CA PHE C 32 -2.97 -36.43 29.77
C PHE C 32 -2.79 -35.00 30.31
N THR C 33 -2.54 -34.06 29.40
CA THR C 33 -2.38 -32.65 29.75
C THR C 33 -1.27 -32.46 30.78
N ARG C 34 -0.08 -32.95 30.46
CA ARG C 34 1.10 -32.79 31.30
C ARG C 34 2.30 -32.41 30.45
N GLY C 35 3.26 -31.76 31.09
CA GLY C 35 4.47 -31.34 30.40
C GLY C 35 4.46 -29.95 29.83
N VAL C 36 3.52 -29.10 30.25
CA VAL C 36 3.44 -27.75 29.73
C VAL C 36 4.18 -26.80 30.67
N TYR C 37 5.11 -26.04 30.11
CA TYR C 37 5.94 -25.11 30.86
C TYR C 37 5.66 -23.68 30.42
N TYR C 38 6.05 -22.73 31.24
CA TYR C 38 5.89 -21.33 30.87
C TYR C 38 6.87 -21.00 29.74
N PRO C 39 6.39 -20.64 28.55
CA PRO C 39 7.31 -20.43 27.42
C PRO C 39 8.28 -19.27 27.64
N ASP C 40 7.85 -18.23 28.35
CA ASP C 40 8.67 -17.04 28.53
C ASP C 40 8.36 -16.43 29.89
N LYS C 41 9.21 -15.48 30.30
CA LYS C 41 9.04 -14.81 31.58
C LYS C 41 7.96 -13.74 31.54
N VAL C 42 7.14 -13.71 30.48
CA VAL C 42 6.11 -12.68 30.36
C VAL C 42 4.98 -12.93 31.35
N PHE C 43 4.45 -11.86 31.92
CA PHE C 43 3.27 -11.89 32.76
C PHE C 43 2.05 -11.53 31.94
N ARG C 44 1.02 -12.37 32.00
CA ARG C 44 -0.25 -12.09 31.36
C ARG C 44 -1.37 -12.48 32.31
N SER C 45 -2.46 -11.70 32.29
CA SER C 45 -3.55 -11.87 33.23
C SER C 45 -4.87 -12.05 32.49
N SER C 46 -5.55 -13.16 32.77
CA SER C 46 -6.89 -13.44 32.25
C SER C 46 -6.94 -13.35 30.73
N VAL C 47 -5.92 -13.87 30.07
CA VAL C 47 -5.86 -13.87 28.61
C VAL C 47 -5.45 -15.25 28.14
N LEU C 48 -5.78 -15.54 26.88
CA LEU C 48 -5.45 -16.80 26.24
C LEU C 48 -4.37 -16.55 25.21
N HIS C 49 -3.16 -17.03 25.49
CA HIS C 49 -2.00 -16.77 24.65
C HIS C 49 -1.67 -18.00 23.82
N SER C 50 -1.69 -17.86 22.50
CA SER C 50 -1.38 -18.95 21.59
C SER C 50 0.09 -18.85 21.20
N THR C 51 0.91 -19.76 21.71
CA THR C 51 2.35 -19.75 21.47
C THR C 51 2.75 -21.02 20.74
N GLN C 52 3.70 -20.89 19.81
CA GLN C 52 4.25 -22.02 19.08
C GLN C 52 5.66 -22.28 19.60
N ASP C 53 5.84 -23.40 20.29
CA ASP C 53 7.12 -23.73 20.89
C ASP C 53 7.18 -25.23 21.09
N LEU C 54 8.38 -25.73 21.39
CA LEU C 54 8.56 -27.15 21.63
C LEU C 54 7.76 -27.56 22.86
N PHE C 55 6.81 -28.47 22.67
CA PHE C 55 5.92 -28.90 23.73
C PHE C 55 5.78 -30.41 23.69
N LEU C 56 5.37 -30.99 24.82
CA LEU C 56 5.02 -32.40 24.85
C LEU C 56 3.57 -32.55 24.43
N PRO C 57 3.28 -33.24 23.33
CA PRO C 57 1.90 -33.28 22.82
C PRO C 57 0.95 -33.93 23.81
N PHE C 58 -0.29 -33.44 23.80
CA PHE C 58 -1.30 -33.96 24.73
C PHE C 58 -1.65 -35.40 24.38
N PHE C 59 -1.91 -36.19 25.42
CA PHE C 59 -2.37 -37.58 25.26
C PHE C 59 -1.39 -38.39 24.41
N SER C 60 -0.10 -38.17 24.63
CA SER C 60 0.94 -38.92 23.94
C SER C 60 1.62 -39.86 24.91
N ASN C 61 1.72 -41.13 24.52
CA ASN C 61 2.32 -42.13 25.39
C ASN C 61 3.78 -41.81 25.66
N VAL C 62 4.17 -41.89 26.93
CA VAL C 62 5.54 -41.61 27.36
C VAL C 62 6.11 -42.90 27.93
N THR C 63 7.32 -43.25 27.49
CA THR C 63 7.94 -44.49 27.95
C THR C 63 8.18 -44.44 29.45
N TRP C 64 7.79 -45.52 30.13
CA TRP C 64 7.92 -45.64 31.58
C TRP C 64 8.95 -46.72 31.89
N PHE C 65 9.97 -46.35 32.66
CA PHE C 65 11.14 -47.20 32.88
C PHE C 65 11.25 -47.60 34.33
N HIS C 66 11.60 -48.86 34.56
CA HIS C 66 12.02 -49.33 35.88
C HIS C 66 13.54 -49.33 35.89
N ALA C 67 14.14 -48.33 36.55
CA ALA C 67 15.58 -48.20 36.52
C ALA C 67 16.27 -49.39 37.17
N ILE C 68 15.87 -49.73 38.38
CA ILE C 68 16.41 -50.90 39.09
C ILE C 68 15.25 -51.65 39.72
N HIS C 69 15.20 -52.95 39.50
CA HIS C 69 14.21 -53.82 40.11
C HIS C 69 14.90 -54.95 40.85
N VAL C 70 14.48 -55.19 42.09
CA VAL C 70 15.02 -56.26 42.93
C VAL C 70 13.90 -57.23 43.24
N SER C 71 14.12 -58.50 42.94
CA SER C 71 13.12 -59.53 43.19
C SER C 71 13.13 -59.96 44.65
N ASN C 74 13.85 -63.54 45.68
CA ASN C 74 15.17 -63.94 45.21
C ASN C 74 16.21 -62.87 45.53
N GLY C 75 15.82 -61.61 45.39
CA GLY C 75 16.72 -60.51 45.65
C GLY C 75 17.68 -60.18 44.53
N THR C 76 17.52 -60.77 43.35
CA THR C 76 18.39 -60.49 42.23
C THR C 76 18.22 -59.04 41.77
N LYS C 77 19.33 -58.39 41.46
CA LYS C 77 19.32 -57.00 41.02
C LYS C 77 19.16 -56.95 39.50
N ARG C 78 18.12 -56.26 39.04
CA ARG C 78 17.88 -56.04 37.63
C ARG C 78 18.16 -54.57 37.31
N PHE C 79 19.29 -54.32 36.66
CA PHE C 79 19.75 -52.96 36.37
C PHE C 79 19.44 -52.63 34.91
N ASP C 80 18.78 -51.49 34.71
CA ASP C 80 18.45 -51.02 33.37
C ASP C 80 18.46 -49.49 33.38
N ASN C 81 19.52 -48.91 32.82
CA ASN C 81 19.68 -47.45 32.75
C ASN C 81 20.00 -47.06 31.32
N PRO C 82 19.02 -47.17 30.42
CA PRO C 82 19.31 -46.91 29.01
C PRO C 82 19.62 -45.44 28.75
N VAL C 83 20.48 -45.19 27.78
CA VAL C 83 20.81 -43.83 27.38
C VAL C 83 19.85 -43.40 26.28
N LEU C 84 18.75 -42.77 26.65
CA LEU C 84 17.74 -42.38 25.68
C LEU C 84 18.26 -41.24 24.82
N PRO C 85 17.90 -41.19 23.54
CA PRO C 85 18.33 -40.08 22.69
C PRO C 85 17.63 -38.79 23.09
N PHE C 86 18.40 -37.72 23.21
CA PHE C 86 17.87 -36.41 23.56
C PHE C 86 17.52 -35.67 22.27
N ASN C 87 16.25 -35.70 21.90
CA ASN C 87 15.76 -35.02 20.70
C ASN C 87 14.82 -33.90 21.12
N ASP C 88 15.13 -32.69 20.68
CA ASP C 88 14.35 -31.49 21.01
C ASP C 88 14.27 -31.40 22.53
N GLY C 89 13.10 -31.54 23.15
CA GLY C 89 13.00 -31.49 24.59
C GLY C 89 12.57 -32.81 25.18
N VAL C 90 12.86 -33.02 26.46
CA VAL C 90 12.53 -34.25 27.16
C VAL C 90 11.73 -33.91 28.40
N TYR C 91 10.53 -34.50 28.51
CA TYR C 91 9.72 -34.35 29.71
C TYR C 91 10.06 -35.49 30.66
N PHE C 92 10.66 -35.17 31.79
CA PHE C 92 11.11 -36.16 32.76
C PHE C 92 10.29 -36.03 34.03
N ALA C 93 9.79 -37.17 34.53
CA ALA C 93 9.00 -37.21 35.74
C ALA C 93 9.47 -38.36 36.62
N SER C 94 9.21 -38.25 37.91
CA SER C 94 9.60 -39.28 38.86
C SER C 94 8.57 -39.39 39.96
N THR C 95 8.45 -40.59 40.52
CA THR C 95 7.51 -40.88 41.62
C THR C 95 8.26 -41.73 42.65
N GLU C 96 9.48 -41.29 42.99
CA GLU C 96 10.31 -41.99 43.95
C GLU C 96 10.37 -41.21 45.26
N LYS C 97 9.94 -41.83 46.34
CA LYS C 97 9.97 -41.22 47.66
C LYS C 97 11.31 -41.39 48.36
N SER C 98 12.18 -42.27 47.87
CA SER C 98 13.49 -42.50 48.45
C SER C 98 14.59 -41.69 47.77
N ASN C 99 14.24 -40.87 46.77
CA ASN C 99 15.21 -40.05 46.05
C ASN C 99 16.33 -40.91 45.46
N ILE C 100 15.96 -42.08 44.94
CA ILE C 100 16.93 -42.94 44.27
C ILE C 100 17.50 -42.25 43.04
N ILE C 101 16.64 -41.55 42.28
CA ILE C 101 17.10 -40.75 41.17
C ILE C 101 17.94 -39.60 41.70
N ARG C 102 19.14 -39.44 41.15
CA ARG C 102 20.10 -38.51 41.71
C ARG C 102 20.50 -37.39 40.75
N GLY C 103 20.33 -37.57 39.44
CA GLY C 103 20.76 -36.57 38.49
C GLY C 103 20.65 -37.06 37.07
N TRP C 104 21.34 -36.36 36.17
CA TRP C 104 21.23 -36.59 34.74
C TRP C 104 22.60 -36.56 34.09
N ILE C 105 22.67 -37.14 32.90
CA ILE C 105 23.84 -37.04 32.03
C ILE C 105 23.37 -36.44 30.71
N PHE C 106 24.15 -35.54 30.14
CA PHE C 106 23.89 -35.01 28.81
C PHE C 106 25.19 -34.99 28.02
N GLY C 107 25.20 -35.63 26.85
CA GLY C 107 26.36 -35.65 26.00
C GLY C 107 26.06 -36.11 24.59
N THR C 108 26.71 -35.51 23.60
CA THR C 108 26.48 -35.91 22.21
C THR C 108 27.18 -37.22 21.90
N THR C 109 28.26 -37.54 22.62
CA THR C 109 28.99 -38.79 22.43
C THR C 109 29.30 -39.51 23.74
N LEU C 110 29.10 -38.87 24.89
CA LEU C 110 29.37 -39.48 26.20
C LEU C 110 30.81 -39.94 26.31
N ASP C 111 31.73 -39.17 25.74
CA ASP C 111 33.14 -39.53 25.69
C ASP C 111 33.97 -38.28 25.93
N SER C 112 35.22 -38.49 26.35
CA SER C 112 36.11 -37.36 26.62
C SER C 112 36.45 -36.57 25.36
N LYS C 113 36.16 -37.12 24.18
CA LYS C 113 36.44 -36.38 22.95
C LYS C 113 35.58 -35.12 22.85
N THR C 114 34.32 -35.20 23.25
CA THR C 114 33.40 -34.07 23.18
C THR C 114 32.91 -33.71 24.57
N GLN C 115 32.63 -32.42 24.76
CA GLN C 115 32.15 -31.95 26.05
C GLN C 115 30.77 -32.51 26.36
N SER C 116 30.52 -32.75 27.64
CA SER C 116 29.27 -33.32 28.10
C SER C 116 28.77 -32.55 29.32
N LEU C 117 27.46 -32.59 29.53
CA LEU C 117 26.82 -31.85 30.61
C LEU C 117 26.40 -32.82 31.72
N LEU C 118 26.69 -32.46 32.96
CA LEU C 118 26.34 -33.25 34.13
C LEU C 118 25.49 -32.41 35.06
N ILE C 119 24.44 -33.01 35.61
CA ILE C 119 23.64 -32.42 36.67
C ILE C 119 23.62 -33.43 37.81
N VAL C 120 24.26 -33.10 38.92
CA VAL C 120 24.39 -34.01 40.05
C VAL C 120 23.82 -33.33 41.28
N ASN C 121 22.91 -34.02 41.96
CA ASN C 121 22.32 -33.54 43.20
C ASN C 121 22.92 -34.32 44.37
N ASN C 122 23.50 -33.59 45.33
CA ASN C 122 24.01 -34.19 46.55
C ASN C 122 23.67 -33.29 47.71
N ALA C 123 24.13 -33.70 48.91
CA ALA C 123 23.57 -33.16 50.15
C ALA C 123 23.64 -31.65 50.22
N THR C 124 24.81 -31.07 49.97
CA THR C 124 24.97 -29.63 50.19
C THR C 124 24.29 -28.82 49.09
N ASN C 125 24.38 -29.27 47.85
CA ASN C 125 23.98 -28.43 46.72
C ASN C 125 23.86 -29.30 45.47
N VAL C 126 23.37 -28.69 44.40
CA VAL C 126 23.41 -29.34 43.09
C VAL C 126 24.74 -29.03 42.42
N VAL C 127 25.32 -30.04 41.78
CA VAL C 127 26.61 -29.92 41.10
C VAL C 127 26.35 -29.99 39.61
N ILE C 128 26.60 -28.89 38.91
CA ILE C 128 26.45 -28.81 37.46
C ILE C 128 27.83 -28.55 36.87
N LYS C 129 28.27 -29.45 36.01
CA LYS C 129 29.59 -29.36 35.39
C LYS C 129 29.49 -29.72 33.92
N VAL C 130 29.99 -28.84 33.06
CA VAL C 130 30.03 -29.08 31.63
C VAL C 130 31.49 -29.21 31.24
N CYS C 131 31.88 -30.42 30.86
CA CYS C 131 33.29 -30.72 30.65
C CYS C 131 33.40 -31.99 29.83
N GLU C 132 34.58 -32.23 29.27
CA GLU C 132 34.82 -33.48 28.57
C GLU C 132 34.95 -34.61 29.58
N PHE C 133 33.97 -35.51 29.59
CA PHE C 133 33.85 -36.53 30.63
C PHE C 133 33.98 -37.90 30.01
N GLN C 134 34.84 -38.74 30.59
CA GLN C 134 34.95 -40.14 30.18
C GLN C 134 34.15 -40.97 31.17
N PHE C 135 32.90 -41.26 30.81
CA PHE C 135 31.97 -41.90 31.72
C PHE C 135 32.33 -43.38 31.91
N CYS C 136 31.88 -43.92 33.04
CA CYS C 136 31.94 -45.34 33.27
C CYS C 136 30.83 -46.04 32.48
N ASN C 137 30.91 -47.38 32.42
CA ASN C 137 29.90 -48.15 31.70
C ASN C 137 28.52 -47.96 32.32
N ASP C 138 28.44 -48.01 33.66
CA ASP C 138 27.18 -47.85 34.38
C ASP C 138 27.39 -46.84 35.51
N PRO C 139 27.30 -45.54 35.19
CA PRO C 139 27.55 -44.52 36.21
C PRO C 139 26.55 -44.60 37.36
N PHE C 140 27.04 -44.31 38.57
CA PHE C 140 26.20 -44.27 39.76
C PHE C 140 26.94 -43.54 40.86
N LEU C 141 26.27 -43.38 41.99
CA LEU C 141 26.84 -42.73 43.17
C LEU C 141 26.85 -43.72 44.34
N GLY C 142 28.00 -43.87 44.98
CA GLY C 142 28.07 -44.69 46.18
C GLY C 142 27.70 -43.89 47.41
N VAL C 143 26.76 -44.42 48.18
CA VAL C 143 26.29 -43.77 49.40
C VAL C 143 26.27 -44.79 50.52
N TYR C 144 26.71 -44.37 51.71
CA TYR C 144 26.82 -45.26 52.85
C TYR C 144 26.10 -44.66 54.05
N TYR C 145 25.74 -45.54 54.98
CA TYR C 145 24.98 -45.18 56.17
C TYR C 145 25.92 -45.09 57.37
N HIS C 146 25.87 -43.95 58.06
CA HIS C 146 26.70 -43.73 59.25
C HIS C 146 25.88 -44.15 60.47
N LYS C 147 26.36 -45.16 61.19
CA LYS C 147 25.64 -45.65 62.36
C LYS C 147 25.58 -44.61 63.46
N ASN C 148 26.67 -43.86 63.65
CA ASN C 148 26.71 -42.88 64.73
C ASN C 148 25.74 -41.73 64.49
N ASN C 149 25.71 -41.20 63.26
CA ASN C 149 24.85 -40.07 62.94
C ASN C 149 23.47 -40.48 62.45
N LYS C 150 23.24 -41.78 62.20
CA LYS C 150 21.95 -42.28 61.74
C LYS C 150 21.48 -41.55 60.48
N SER C 151 22.42 -41.31 59.56
CA SER C 151 22.12 -40.61 58.32
C SER C 151 22.93 -41.21 57.18
N TRP C 152 22.45 -40.97 55.96
CA TRP C 152 23.09 -41.47 54.76
C TRP C 152 23.87 -40.35 54.08
N MET C 153 25.14 -40.60 53.81
CA MET C 153 25.99 -39.66 53.09
C MET C 153 26.75 -40.40 52.01
N GLU C 154 27.02 -39.70 50.91
CA GLU C 154 27.67 -40.31 49.76
C GLU C 154 29.05 -40.81 50.12
N SER C 155 29.37 -42.06 49.73
CA SER C 155 30.69 -42.60 50.00
C SER C 155 31.69 -42.15 48.93
N GLU C 156 31.45 -42.52 47.68
CA GLU C 156 32.36 -42.17 46.59
C GLU C 156 31.53 -41.86 45.35
N PHE C 157 32.15 -41.17 44.40
CA PHE C 157 31.53 -40.80 43.14
C PHE C 157 32.14 -41.62 42.02
N ARG C 158 31.32 -42.40 41.33
CA ARG C 158 31.76 -43.22 40.20
C ARG C 158 30.87 -42.89 38.99
N VAL C 159 31.21 -41.82 38.29
CA VAL C 159 30.49 -41.40 37.10
C VAL C 159 31.42 -41.25 35.91
N TYR C 160 32.56 -40.59 36.11
CA TYR C 160 33.50 -40.30 35.04
C TYR C 160 34.90 -40.68 35.47
N SER C 161 35.71 -41.13 34.50
CA SER C 161 37.11 -41.44 34.79
C SER C 161 37.92 -40.17 34.99
N SER C 162 37.75 -39.18 34.11
CA SER C 162 38.51 -37.95 34.18
C SER C 162 37.75 -36.83 33.49
N ALA C 163 38.17 -35.60 33.76
CA ALA C 163 37.57 -34.40 33.18
C ALA C 163 38.66 -33.53 32.58
N ASN C 164 38.48 -33.13 31.33
CA ASN C 164 39.44 -32.29 30.63
C ASN C 164 38.71 -31.19 29.89
N ASN C 165 39.40 -30.06 29.69
CA ASN C 165 38.83 -28.90 29.00
C ASN C 165 37.53 -28.44 29.66
N CYS C 166 37.52 -28.45 30.99
CA CYS C 166 36.33 -28.05 31.74
C CYS C 166 36.03 -26.58 31.49
N THR C 167 34.77 -26.29 31.15
CA THR C 167 34.38 -24.95 30.72
C THR C 167 33.42 -24.27 31.68
N PHE C 168 32.28 -24.88 31.98
CA PHE C 168 31.22 -24.24 32.74
C PHE C 168 30.98 -25.00 34.03
N GLU C 169 30.87 -24.26 35.14
CA GLU C 169 30.57 -24.83 36.43
C GLU C 169 29.53 -23.95 37.13
N TYR C 170 28.51 -24.58 37.70
CA TYR C 170 27.41 -23.87 38.32
C TYR C 170 27.00 -24.60 39.59
N VAL C 171 26.56 -23.85 40.59
CA VAL C 171 26.13 -24.38 41.88
C VAL C 171 24.88 -23.65 42.33
N SER C 172 23.92 -24.39 42.88
CA SER C 172 22.69 -23.79 43.40
C SER C 172 22.13 -24.63 44.54
N GLN C 173 21.07 -24.11 45.14
CA GLN C 173 20.41 -24.79 46.24
C GLN C 173 19.68 -26.02 45.71
N PRO C 174 19.82 -27.18 46.36
CA PRO C 174 19.29 -28.42 45.78
C PRO C 174 17.77 -28.46 45.80
N PHE C 175 17.19 -28.72 44.63
CA PHE C 175 15.75 -28.62 44.41
C PHE C 175 15.05 -29.97 44.36
N LEU C 176 15.73 -31.01 43.87
CA LEU C 176 15.08 -32.30 43.67
C LEU C 176 14.68 -32.93 45.00
N MET C 177 15.39 -32.60 46.07
CA MET C 177 15.08 -33.20 47.37
C MET C 177 13.72 -32.76 47.88
N ASP C 178 13.10 -33.60 48.70
CA ASP C 178 11.83 -33.30 49.36
C ASP C 178 10.74 -32.95 48.36
N LYS C 187 5.65 -40.17 46.62
CA LYS C 187 4.38 -39.58 47.02
C LYS C 187 4.14 -38.25 46.31
N ASN C 188 5.17 -37.76 45.65
CA ASN C 188 5.09 -36.50 44.92
C ASN C 188 5.70 -36.67 43.54
N LEU C 189 5.21 -35.86 42.59
CA LEU C 189 5.64 -35.93 41.21
C LEU C 189 6.60 -34.78 40.92
N ARG C 190 7.80 -35.12 40.46
CA ARG C 190 8.81 -34.12 40.12
C ARG C 190 8.97 -34.11 38.60
N GLU C 191 8.42 -33.09 37.95
CA GLU C 191 8.44 -32.97 36.50
C GLU C 191 9.53 -32.00 36.09
N PHE C 192 10.41 -32.43 35.19
CA PHE C 192 11.48 -31.60 34.67
C PHE C 192 11.45 -31.64 33.15
N VAL C 193 11.52 -30.48 32.52
CA VAL C 193 11.58 -30.36 31.07
C VAL C 193 12.93 -29.78 30.70
N PHE C 194 13.65 -30.47 29.82
CA PHE C 194 15.00 -30.08 29.43
C PHE C 194 14.97 -29.63 27.97
N LYS C 195 15.47 -28.43 27.72
CA LYS C 195 15.52 -27.87 26.37
C LYS C 195 16.90 -27.27 26.12
N ASN C 196 17.34 -27.34 24.86
CA ASN C 196 18.60 -26.75 24.43
C ASN C 196 18.33 -25.99 23.13
N ILE C 197 18.13 -24.68 23.26
CA ILE C 197 17.77 -23.83 22.12
C ILE C 197 18.72 -22.64 22.09
N ASP C 198 19.34 -22.39 20.93
CA ASP C 198 20.31 -21.31 20.75
C ASP C 198 21.43 -21.36 21.79
N GLY C 199 21.92 -22.57 22.06
CA GLY C 199 23.01 -22.72 23.00
C GLY C 199 22.63 -22.52 24.45
N TYR C 200 21.33 -22.36 24.74
CA TYR C 200 20.85 -22.18 26.10
C TYR C 200 20.20 -23.47 26.58
N PHE C 201 20.75 -24.06 27.63
CA PHE C 201 20.17 -25.24 28.25
C PHE C 201 19.20 -24.79 29.33
N LYS C 202 17.91 -24.87 29.03
CA LYS C 202 16.86 -24.39 29.93
C LYS C 202 16.19 -25.58 30.58
N ILE C 203 16.08 -25.53 31.91
CA ILE C 203 15.46 -26.59 32.69
C ILE C 203 14.28 -25.99 33.45
N TYR C 204 13.13 -26.64 33.35
CA TYR C 204 11.92 -26.25 34.05
C TYR C 204 11.57 -27.33 35.06
N SER C 205 11.02 -26.93 36.20
CA SER C 205 10.72 -27.87 37.27
C SER C 205 9.35 -27.59 37.86
N LYS C 206 8.77 -28.60 38.48
CA LYS C 206 7.51 -28.48 39.18
C LYS C 206 7.33 -29.68 40.10
N HIS C 207 6.93 -29.42 41.33
CA HIS C 207 6.74 -30.46 42.34
C HIS C 207 5.28 -30.46 42.77
N THR C 208 4.65 -31.63 42.73
CA THR C 208 3.24 -31.77 43.10
C THR C 208 3.04 -33.07 43.86
N PRO C 209 2.49 -33.01 45.08
CA PRO C 209 2.13 -34.26 45.77
C PRO C 209 0.99 -34.96 45.04
N ILE C 210 1.06 -36.28 44.97
CA ILE C 210 0.12 -37.07 44.20
C ILE C 210 -0.39 -38.23 45.06
N ASN C 211 -1.50 -38.83 44.61
CA ASN C 211 -2.08 -40.00 45.23
C ASN C 211 -2.11 -41.21 44.30
N LEU C 212 -1.37 -41.16 43.19
CA LEU C 212 -1.32 -42.25 42.22
C LEU C 212 -0.02 -43.02 42.37
N VAL C 213 -0.01 -44.24 41.84
CA VAL C 213 1.13 -45.15 41.98
C VAL C 213 1.76 -45.45 40.62
N ARG C 214 0.99 -46.04 39.71
CA ARG C 214 1.57 -46.56 38.46
C ARG C 214 1.72 -45.47 37.41
N ASP C 215 0.69 -44.65 37.22
CA ASP C 215 0.64 -43.74 36.08
C ASP C 215 0.67 -42.29 36.53
N LEU C 216 0.94 -41.41 35.57
CA LEU C 216 0.94 -39.98 35.82
C LEU C 216 -0.47 -39.52 36.16
N PRO C 217 -0.68 -38.87 37.31
CA PRO C 217 -2.04 -38.44 37.67
C PRO C 217 -2.61 -37.48 36.63
N GLN C 218 -3.89 -37.66 36.33
CA GLN C 218 -4.58 -36.74 35.44
C GLN C 218 -4.81 -35.42 36.16
N GLY C 219 -4.58 -34.33 35.45
CA GLY C 219 -4.62 -32.99 36.01
C GLY C 219 -3.48 -32.16 35.45
N PHE C 220 -3.64 -30.85 35.55
CA PHE C 220 -2.75 -29.91 34.89
C PHE C 220 -2.00 -29.08 35.93
N SER C 221 -0.68 -28.96 35.75
CA SER C 221 0.15 -28.07 36.55
C SER C 221 1.30 -27.60 35.67
N ALA C 222 1.36 -26.30 35.42
CA ALA C 222 2.40 -25.74 34.58
C ALA C 222 3.75 -25.84 35.26
N LEU C 223 4.81 -25.92 34.45
CA LEU C 223 6.17 -26.09 34.94
C LEU C 223 6.89 -24.74 34.93
N GLU C 224 7.27 -24.27 36.11
CA GLU C 224 7.98 -23.00 36.21
C GLU C 224 9.42 -23.17 35.78
N PRO C 225 10.04 -22.13 35.22
CA PRO C 225 11.48 -22.20 34.93
C PRO C 225 12.29 -22.31 36.21
N LEU C 226 13.43 -22.98 36.11
CA LEU C 226 14.26 -23.17 37.30
C LEU C 226 15.57 -22.39 37.15
N VAL C 227 16.31 -22.65 36.08
CA VAL C 227 17.52 -21.91 35.76
C VAL C 227 17.83 -22.10 34.28
N ASP C 228 18.40 -21.07 33.68
CA ASP C 228 18.82 -21.11 32.28
C ASP C 228 20.34 -21.11 32.23
N LEU C 229 20.90 -21.99 31.40
CA LEU C 229 22.33 -22.18 31.33
C LEU C 229 22.85 -21.83 29.93
N PRO C 230 23.83 -20.95 29.82
CA PRO C 230 24.40 -20.63 28.50
C PRO C 230 25.46 -21.64 28.07
N ILE C 231 25.05 -22.90 27.98
CA ILE C 231 26.01 -23.99 27.78
C ILE C 231 26.65 -23.91 26.41
N GLY C 232 25.82 -23.73 25.38
CA GLY C 232 26.35 -23.61 24.02
C GLY C 232 26.90 -24.89 23.43
N ILE C 233 26.46 -26.04 23.92
CA ILE C 233 26.85 -27.32 23.37
C ILE C 233 25.61 -28.05 22.88
N ASN C 234 25.73 -28.62 21.67
CA ASN C 234 24.68 -29.44 21.09
C ASN C 234 24.76 -30.89 21.56
N ILE C 235 23.63 -31.39 22.06
CA ILE C 235 23.55 -32.66 22.77
C ILE C 235 22.46 -33.51 22.11
N THR C 236 22.70 -34.82 22.01
CA THR C 236 21.73 -35.72 21.39
C THR C 236 21.35 -36.91 22.27
N ARG C 237 21.99 -37.10 23.42
CA ARG C 237 21.71 -38.24 24.28
C ARG C 237 21.66 -37.79 25.72
N PHE C 238 20.88 -38.50 26.54
CA PHE C 238 20.83 -38.23 27.97
C PHE C 238 20.56 -39.51 28.74
N GLN C 239 20.98 -39.51 30.00
CA GLN C 239 20.86 -40.65 30.89
C GLN C 239 20.68 -40.14 32.32
N THR C 240 20.16 -41.00 33.19
CA THR C 240 19.81 -40.59 34.54
C THR C 240 20.78 -41.17 35.57
N LEU C 241 21.17 -40.33 36.53
CA LEU C 241 22.02 -40.72 37.64
C LEU C 241 21.19 -41.50 38.65
N LEU C 242 21.80 -42.52 39.25
CA LEU C 242 21.20 -43.28 40.35
C LEU C 242 22.20 -43.41 41.48
N ALA C 243 21.79 -43.07 42.69
CA ALA C 243 22.63 -43.27 43.85
C ALA C 243 22.46 -44.69 44.38
N LEU C 244 23.57 -45.41 44.51
CA LEU C 244 23.56 -46.81 44.91
C LEU C 244 24.01 -46.94 46.36
N HIS C 245 23.23 -47.65 47.16
CA HIS C 245 23.58 -47.86 48.55
C HIS C 245 24.75 -48.84 48.68
N ARG C 246 25.34 -48.87 49.88
CA ARG C 246 26.51 -49.71 50.11
C ARG C 246 26.19 -51.19 49.94
N SER C 247 24.98 -51.60 50.32
CA SER C 247 24.60 -53.00 50.16
C SER C 247 24.52 -53.39 48.69
N TYR C 248 24.06 -52.48 47.84
CA TYR C 248 23.95 -52.77 46.41
C TYR C 248 25.34 -52.97 45.80
N LEU C 249 26.35 -52.29 46.34
CA LEU C 249 27.71 -52.39 45.80
C LEU C 249 28.36 -53.73 46.13
N THR C 250 27.75 -54.53 46.99
CA THR C 250 28.37 -55.80 47.37
C THR C 250 28.45 -56.73 46.16
N PRO C 251 29.50 -57.54 46.05
CA PRO C 251 29.59 -58.45 44.89
C PRO C 251 28.48 -59.49 44.84
N GLY C 252 27.85 -59.79 45.98
CA GLY C 252 26.76 -60.73 45.97
C GLY C 252 25.62 -60.26 45.07
N ASP C 253 25.07 -61.20 44.30
CA ASP C 253 24.02 -60.85 43.35
C ASP C 253 22.74 -60.42 44.06
N SER C 254 22.60 -60.79 45.33
CA SER C 254 21.44 -60.39 46.12
C SER C 254 21.84 -59.32 47.14
N SER C 255 21.12 -58.21 47.13
CA SER C 255 21.35 -57.10 48.06
C SER C 255 20.16 -56.99 48.99
N SER C 256 20.36 -57.35 50.26
CA SER C 256 19.29 -57.35 51.25
C SER C 256 19.25 -56.10 52.10
N GLY C 257 20.11 -55.13 51.85
CA GLY C 257 20.16 -53.93 52.67
C GLY C 257 19.51 -52.71 52.04
N TRP C 258 19.10 -52.81 50.78
CA TRP C 258 18.51 -51.69 50.07
C TRP C 258 17.40 -52.18 49.15
N THR C 259 16.41 -51.32 48.94
CA THR C 259 15.29 -51.61 48.05
C THR C 259 15.17 -50.47 47.04
N ALA C 260 15.07 -50.83 45.76
CA ALA C 260 14.97 -49.86 44.68
C ALA C 260 13.67 -49.99 43.89
N GLY C 261 12.61 -50.52 44.52
CA GLY C 261 11.37 -50.72 43.81
C GLY C 261 10.71 -49.43 43.34
N ALA C 262 10.99 -48.33 44.02
CA ALA C 262 10.40 -47.04 43.65
C ALA C 262 11.17 -46.33 42.55
N ALA C 263 12.25 -46.92 42.05
CA ALA C 263 13.06 -46.31 40.99
C ALA C 263 12.31 -46.43 39.67
N ALA C 264 11.36 -45.52 39.47
CA ALA C 264 10.55 -45.48 38.26
C ALA C 264 10.47 -44.04 37.77
N TYR C 265 10.93 -43.81 36.55
CA TYR C 265 10.90 -42.47 35.95
C TYR C 265 10.32 -42.55 34.55
N TYR C 266 9.54 -41.53 34.20
CA TYR C 266 8.86 -41.45 32.92
C TYR C 266 9.62 -40.50 32.01
N VAL C 267 9.61 -40.77 30.71
CA VAL C 267 10.31 -39.94 29.73
C VAL C 267 9.37 -39.69 28.56
N GLY C 268 9.22 -38.41 28.20
CA GLY C 268 8.48 -38.04 27.02
C GLY C 268 9.31 -37.12 26.15
N TYR C 269 9.01 -37.11 24.86
CA TYR C 269 9.77 -36.35 23.89
C TYR C 269 8.96 -35.15 23.41
N LEU C 270 9.56 -33.97 23.50
CA LEU C 270 8.91 -32.75 23.04
C LEU C 270 8.92 -32.68 21.52
N GLN C 271 7.83 -32.16 20.95
CA GLN C 271 7.72 -31.96 19.52
C GLN C 271 7.21 -30.56 19.23
N PRO C 272 7.56 -29.98 18.09
CA PRO C 272 7.04 -28.66 17.75
C PRO C 272 5.52 -28.70 17.63
N ARG C 273 4.86 -27.80 18.35
CA ARG C 273 3.40 -27.80 18.43
C ARG C 273 2.92 -26.38 18.65
N THR C 274 1.62 -26.20 18.48
CA THR C 274 0.95 -24.94 18.81
C THR C 274 0.02 -25.19 19.98
N PHE C 275 0.11 -24.35 21.00
CA PHE C 275 -0.66 -24.51 22.22
C PHE C 275 -1.39 -23.23 22.53
N LEU C 276 -2.60 -23.36 23.07
CA LEU C 276 -3.35 -22.20 23.57
C LEU C 276 -3.27 -22.21 25.09
N LEU C 277 -2.41 -21.35 25.64
CA LEU C 277 -2.18 -21.31 27.07
C LEU C 277 -3.14 -20.34 27.72
N LYS C 278 -3.72 -20.74 28.85
CA LYS C 278 -4.66 -19.91 29.60
C LYS C 278 -3.96 -19.38 30.84
N TYR C 279 -3.86 -18.06 30.94
CA TYR C 279 -3.27 -17.40 32.10
C TYR C 279 -4.39 -16.90 32.99
N ASN C 280 -4.30 -17.17 34.29
CA ASN C 280 -5.28 -16.68 35.23
C ASN C 280 -4.91 -15.26 35.67
N GLU C 281 -5.68 -14.73 36.63
CA GLU C 281 -5.44 -13.35 37.06
C GLU C 281 -4.09 -13.20 37.74
N ASN C 282 -3.66 -14.21 38.51
CA ASN C 282 -2.39 -14.11 39.22
C ASN C 282 -1.21 -14.18 38.24
N GLY C 283 -1.39 -14.85 37.12
CA GLY C 283 -0.33 -15.02 36.13
C GLY C 283 0.07 -16.46 35.88
N THR C 284 -0.58 -17.44 36.49
CA THR C 284 -0.22 -18.84 36.29
C THR C 284 -1.05 -19.45 35.16
N ILE C 285 -0.58 -20.58 34.65
CA ILE C 285 -1.24 -21.28 33.55
C ILE C 285 -2.18 -22.31 34.16
N THR C 286 -3.49 -22.05 34.06
CA THR C 286 -4.47 -22.97 34.61
C THR C 286 -4.81 -24.09 33.63
N ASP C 287 -4.98 -23.77 32.36
CA ASP C 287 -5.41 -24.74 31.36
C ASP C 287 -4.67 -24.48 30.05
N ALA C 288 -4.58 -25.52 29.22
CA ALA C 288 -3.93 -25.42 27.93
C ALA C 288 -4.62 -26.35 26.94
N VAL C 289 -4.55 -25.99 25.66
CA VAL C 289 -5.16 -26.76 24.58
C VAL C 289 -4.09 -27.07 23.54
N ASP C 290 -3.96 -28.33 23.17
CA ASP C 290 -3.05 -28.75 22.12
C ASP C 290 -3.77 -28.71 20.79
N CYS C 291 -3.33 -27.81 19.90
CA CYS C 291 -4.11 -27.51 18.70
C CYS C 291 -4.24 -28.73 17.78
N ALA C 292 -3.17 -29.52 17.65
CA ALA C 292 -3.16 -30.63 16.71
C ALA C 292 -3.72 -31.92 17.30
N LEU C 293 -4.20 -31.91 18.54
CA LEU C 293 -4.63 -33.15 19.18
C LEU C 293 -5.87 -33.73 18.49
N ASP C 294 -6.90 -32.92 18.29
CA ASP C 294 -8.16 -33.39 17.75
C ASP C 294 -8.90 -32.19 17.16
N PRO C 295 -9.90 -32.44 16.30
CA PRO C 295 -10.56 -31.31 15.63
C PRO C 295 -11.16 -30.28 16.57
N LEU C 296 -11.71 -30.71 17.70
CA LEU C 296 -12.26 -29.73 18.65
C LEU C 296 -11.16 -28.85 19.21
N SER C 297 -9.98 -29.41 19.46
CA SER C 297 -8.86 -28.61 19.95
C SER C 297 -8.40 -27.61 18.91
N GLU C 298 -8.37 -28.02 17.64
CA GLU C 298 -8.03 -27.07 16.57
C GLU C 298 -9.07 -25.96 16.49
N THR C 299 -10.34 -26.30 16.66
CA THR C 299 -11.38 -25.28 16.70
C THR C 299 -11.18 -24.32 17.86
N LYS C 300 -10.82 -24.85 19.03
CA LYS C 300 -10.55 -23.99 20.18
C LYS C 300 -9.40 -23.04 19.91
N CYS C 301 -8.32 -23.55 19.29
CA CYS C 301 -7.20 -22.68 18.95
C CYS C 301 -7.60 -21.61 17.95
N THR C 302 -8.38 -21.97 16.93
CA THR C 302 -8.80 -21.00 15.93
C THR C 302 -9.68 -19.92 16.54
N LEU C 303 -10.63 -20.31 17.38
CA LEU C 303 -11.51 -19.36 18.05
C LEU C 303 -10.81 -18.61 19.17
N LYS C 304 -9.65 -19.08 19.63
CA LYS C 304 -8.96 -18.52 20.79
C LYS C 304 -9.89 -18.44 21.99
N SER C 305 -10.67 -19.49 22.20
CA SER C 305 -11.56 -19.61 23.33
C SER C 305 -11.62 -21.06 23.76
N PHE C 306 -12.01 -21.28 25.02
CA PHE C 306 -12.06 -22.62 25.57
C PHE C 306 -13.46 -23.23 25.55
N THR C 307 -14.49 -22.45 25.21
CA THR C 307 -15.85 -22.95 25.10
C THR C 307 -16.42 -22.49 23.76
N VAL C 308 -16.18 -23.28 22.72
CA VAL C 308 -16.68 -22.93 21.39
C VAL C 308 -18.19 -23.15 21.36
N GLU C 309 -18.89 -22.20 20.75
CA GLU C 309 -20.35 -22.24 20.70
C GLU C 309 -20.81 -23.18 19.58
N LYS C 310 -22.02 -23.72 19.74
CA LYS C 310 -22.60 -24.63 18.76
C LYS C 310 -22.66 -23.96 17.39
N GLY C 311 -22.04 -24.57 16.40
CA GLY C 311 -22.05 -24.05 15.05
C GLY C 311 -21.09 -24.77 14.12
N ILE C 312 -20.55 -24.05 13.13
CA ILE C 312 -19.56 -24.58 12.21
C ILE C 312 -18.41 -23.60 12.10
N TYR C 313 -17.19 -24.11 12.21
CA TYR C 313 -16.01 -23.27 12.17
C TYR C 313 -14.97 -23.87 11.24
N GLN C 314 -14.36 -23.01 10.42
CA GLN C 314 -13.31 -23.43 9.50
C GLN C 314 -11.97 -23.35 10.21
N THR C 315 -11.32 -24.49 10.40
CA THR C 315 -10.08 -24.55 11.15
C THR C 315 -8.84 -24.69 10.29
N SER C 316 -8.92 -25.45 9.19
CA SER C 316 -7.75 -25.68 8.36
C SER C 316 -8.21 -25.99 6.93
N ASN C 317 -7.25 -26.23 6.06
CA ASN C 317 -7.51 -26.59 4.67
C ASN C 317 -6.87 -27.93 4.36
N PHE C 318 -7.62 -28.80 3.71
CA PHE C 318 -7.17 -30.14 3.37
C PHE C 318 -6.52 -30.10 1.99
N ARG C 319 -5.30 -30.64 1.89
CA ARG C 319 -4.53 -30.61 0.66
C ARG C 319 -3.92 -31.99 0.42
N VAL C 320 -4.23 -32.59 -0.72
CA VAL C 320 -3.65 -33.88 -1.06
C VAL C 320 -2.23 -33.69 -1.57
N GLN C 321 -1.30 -34.44 -1.00
CA GLN C 321 0.10 -34.31 -1.38
C GLN C 321 0.41 -35.24 -2.55
N PRO C 322 1.23 -34.81 -3.51
CA PRO C 322 1.57 -35.68 -4.64
C PRO C 322 2.29 -36.93 -4.17
N THR C 323 1.96 -38.07 -4.80
CA THR C 323 2.60 -39.33 -4.43
C THR C 323 4.01 -39.42 -5.01
N GLU C 324 4.22 -38.94 -6.22
CA GLU C 324 5.49 -39.11 -6.91
C GLU C 324 5.62 -38.05 -8.01
N SER C 325 6.65 -38.20 -8.82
CA SER C 325 6.90 -37.33 -9.97
C SER C 325 7.02 -38.17 -11.22
N ILE C 326 6.48 -37.67 -12.33
CA ILE C 326 6.48 -38.37 -13.61
C ILE C 326 7.03 -37.43 -14.68
N VAL C 327 7.92 -37.96 -15.51
CA VAL C 327 8.44 -37.27 -16.69
C VAL C 327 8.33 -38.21 -17.87
N ARG C 328 7.78 -37.72 -18.97
CA ARG C 328 7.54 -38.55 -20.14
C ARG C 328 8.05 -37.87 -21.40
N PHE C 329 8.57 -38.67 -22.32
CA PHE C 329 9.12 -38.21 -23.58
C PHE C 329 8.75 -39.20 -24.66
N PRO C 330 8.71 -38.75 -25.93
CA PRO C 330 8.29 -39.65 -27.01
C PRO C 330 9.36 -40.64 -27.41
N ASN C 331 9.12 -41.41 -28.47
CA ASN C 331 10.14 -42.30 -29.02
C ASN C 331 11.19 -41.44 -29.72
N ILE C 332 12.02 -40.80 -28.90
CA ILE C 332 12.99 -39.84 -29.42
C ILE C 332 14.01 -40.55 -30.28
N THR C 333 14.28 -39.98 -31.45
CA THR C 333 15.25 -40.52 -32.39
C THR C 333 16.65 -39.95 -32.18
N ASN C 334 16.82 -39.01 -31.25
CA ASN C 334 18.14 -38.46 -30.97
C ASN C 334 19.02 -39.53 -30.34
N LEU C 335 20.22 -39.70 -30.89
CA LEU C 335 21.14 -40.72 -30.42
C LEU C 335 22.55 -40.36 -30.86
N CYS C 336 23.53 -40.90 -30.15
CA CYS C 336 24.92 -40.71 -30.53
C CYS C 336 25.34 -41.81 -31.51
N PRO C 337 26.17 -41.48 -32.51
CA PRO C 337 26.53 -42.48 -33.54
C PRO C 337 27.58 -43.47 -33.07
N PHE C 338 27.30 -44.13 -31.95
CA PHE C 338 28.19 -45.18 -31.47
C PHE C 338 28.23 -46.36 -32.44
N GLY C 339 27.06 -46.78 -32.92
CA GLY C 339 27.02 -47.90 -33.85
C GLY C 339 27.72 -47.61 -35.16
N GLU C 340 27.56 -46.39 -35.68
CA GLU C 340 28.23 -46.01 -36.91
C GLU C 340 29.74 -46.03 -36.75
N VAL C 341 30.23 -45.51 -35.62
CA VAL C 341 31.67 -45.52 -35.38
C VAL C 341 32.19 -46.94 -35.24
N PHE C 342 31.48 -47.78 -34.47
CA PHE C 342 31.89 -49.17 -34.32
C PHE C 342 31.72 -49.95 -35.61
N ASN C 343 30.56 -49.80 -36.26
CA ASN C 343 30.32 -50.43 -37.56
C ASN C 343 30.58 -49.42 -38.68
N ALA C 344 31.87 -49.23 -38.95
CA ALA C 344 32.34 -48.49 -40.13
C ALA C 344 33.25 -49.42 -40.93
N THR C 345 33.03 -49.46 -42.25
CA THR C 345 33.70 -50.44 -43.08
C THR C 345 35.21 -50.26 -43.07
N ARG C 346 35.68 -49.02 -43.15
CA ARG C 346 37.10 -48.72 -43.23
C ARG C 346 37.56 -47.95 -42.00
N PHE C 347 38.63 -48.43 -41.37
CA PHE C 347 39.29 -47.74 -40.27
C PHE C 347 40.68 -47.31 -40.72
N ALA C 348 41.06 -46.07 -40.41
CA ALA C 348 42.39 -45.59 -40.71
C ALA C 348 43.41 -46.27 -39.80
N SER C 349 44.69 -46.14 -40.17
CA SER C 349 45.76 -46.76 -39.41
C SER C 349 45.92 -46.10 -38.05
N VAL C 350 46.68 -46.76 -37.17
CA VAL C 350 46.84 -46.28 -35.81
C VAL C 350 47.60 -44.95 -35.78
N TYR C 351 48.56 -44.78 -36.70
CA TYR C 351 49.28 -43.52 -36.77
C TYR C 351 48.37 -42.39 -37.24
N ALA C 352 47.40 -42.71 -38.11
CA ALA C 352 46.44 -41.75 -38.63
C ALA C 352 45.05 -41.95 -38.03
N TRP C 353 45.00 -42.24 -36.73
CA TRP C 353 43.74 -42.58 -36.07
C TRP C 353 42.72 -41.46 -36.23
N ASN C 354 41.50 -41.85 -36.60
CA ASN C 354 40.42 -40.89 -36.78
C ASN C 354 39.82 -40.51 -35.43
N ARG C 355 39.50 -39.23 -35.29
CA ARG C 355 38.87 -38.71 -34.08
C ARG C 355 37.49 -38.17 -34.43
N LYS C 356 36.48 -38.59 -33.67
CA LYS C 356 35.10 -38.19 -33.90
C LYS C 356 34.58 -37.47 -32.66
N ARG C 357 33.95 -36.32 -32.87
CA ARG C 357 33.37 -35.55 -31.78
C ARG C 357 31.91 -35.91 -31.60
N ILE C 358 31.53 -36.26 -30.38
CA ILE C 358 30.17 -36.66 -30.04
C ILE C 358 29.61 -35.65 -29.06
N SER C 359 28.49 -35.02 -29.43
CA SER C 359 27.87 -34.01 -28.58
C SER C 359 26.41 -33.85 -28.98
N ASN C 360 25.64 -33.24 -28.08
CA ASN C 360 24.22 -32.94 -28.31
C ASN C 360 23.42 -34.21 -28.64
N CYS C 361 23.75 -35.30 -27.97
CA CYS C 361 23.03 -36.55 -28.13
C CYS C 361 23.11 -37.34 -26.84
N VAL C 362 22.17 -38.28 -26.69
CA VAL C 362 22.12 -39.14 -25.53
C VAL C 362 22.91 -40.41 -25.82
N ALA C 363 23.73 -40.83 -24.85
CA ALA C 363 24.62 -41.97 -25.03
C ALA C 363 23.92 -43.23 -24.52
N ASP C 364 23.76 -44.21 -25.41
CA ASP C 364 23.16 -45.49 -25.08
C ASP C 364 24.27 -46.53 -25.02
N TYR C 365 24.63 -46.95 -23.81
CA TYR C 365 25.68 -47.95 -23.61
C TYR C 365 25.15 -49.37 -23.52
N SER C 366 23.84 -49.56 -23.69
CA SER C 366 23.28 -50.91 -23.63
C SER C 366 23.79 -51.77 -24.78
N VAL C 367 23.96 -51.18 -25.96
CA VAL C 367 24.45 -51.94 -27.11
C VAL C 367 25.88 -52.42 -26.87
N LEU C 368 26.68 -51.59 -26.19
CA LEU C 368 28.04 -52.01 -25.85
C LEU C 368 28.05 -53.18 -24.89
N TYR C 369 27.17 -53.16 -23.88
CA TYR C 369 27.09 -54.27 -22.95
C TYR C 369 26.59 -55.53 -23.63
N ASN C 370 25.61 -55.41 -24.52
CA ASN C 370 25.06 -56.57 -25.20
C ASN C 370 26.00 -57.12 -26.25
N SER C 371 26.98 -56.32 -26.68
CA SER C 371 27.94 -56.77 -27.69
C SER C 371 28.96 -57.70 -27.06
N ALA C 372 28.94 -58.97 -27.48
CA ALA C 372 29.88 -59.97 -26.99
C ALA C 372 31.15 -60.05 -27.84
N SER C 373 31.21 -59.29 -28.95
CA SER C 373 32.39 -59.32 -29.79
C SER C 373 33.60 -58.73 -29.08
N PHE C 374 33.38 -57.75 -28.21
CA PHE C 374 34.48 -57.09 -27.52
C PHE C 374 35.22 -58.08 -26.64
N SER C 375 36.55 -58.05 -26.71
CA SER C 375 37.40 -58.90 -25.90
C SER C 375 38.05 -58.17 -24.73
N THR C 376 38.28 -56.86 -24.87
CA THR C 376 38.87 -56.06 -23.82
C THR C 376 37.99 -54.84 -23.57
N PHE C 377 37.58 -54.64 -22.31
CA PHE C 377 36.75 -53.50 -21.92
C PHE C 377 37.28 -52.99 -20.58
N LYS C 378 38.20 -52.04 -20.64
CA LYS C 378 38.82 -51.44 -19.47
C LYS C 378 38.54 -49.94 -19.47
N CYS C 379 38.06 -49.43 -18.33
CA CYS C 379 37.75 -48.02 -18.17
C CYS C 379 38.62 -47.44 -17.05
N TYR C 380 39.24 -46.31 -17.32
CA TYR C 380 40.14 -45.66 -16.37
C TYR C 380 39.51 -44.33 -15.92
N GLY C 381 39.31 -44.18 -14.62
CA GLY C 381 38.72 -42.98 -14.07
C GLY C 381 37.21 -42.93 -14.12
N VAL C 382 36.56 -43.95 -14.65
CA VAL C 382 35.11 -43.98 -14.77
C VAL C 382 34.64 -45.42 -14.65
N SER C 383 33.50 -45.61 -13.97
CA SER C 383 32.93 -46.94 -13.77
C SER C 383 32.18 -47.38 -15.03
N PRO C 384 32.49 -48.54 -15.59
CA PRO C 384 31.76 -49.00 -16.78
C PRO C 384 30.26 -49.14 -16.56
N THR C 385 29.85 -49.55 -15.35
CA THR C 385 28.42 -49.69 -15.06
C THR C 385 27.77 -48.32 -14.87
N LYS C 386 28.57 -47.31 -14.56
CA LYS C 386 28.06 -45.95 -14.34
C LYS C 386 28.08 -45.10 -15.60
N LEU C 387 28.39 -45.69 -16.77
CA LEU C 387 28.50 -44.91 -17.99
C LEU C 387 27.16 -44.26 -18.37
N ASN C 388 26.07 -45.02 -18.26
CA ASN C 388 24.76 -44.47 -18.61
C ASN C 388 24.34 -43.38 -17.63
N ASP C 389 24.63 -43.55 -16.34
CA ASP C 389 24.18 -42.61 -15.33
C ASP C 389 25.00 -41.33 -15.31
N LEU C 390 26.21 -41.33 -15.86
CA LEU C 390 27.09 -40.18 -15.80
C LEU C 390 26.87 -39.26 -17.01
N CYS C 391 27.15 -37.98 -16.83
CA CYS C 391 27.02 -36.97 -17.85
C CYS C 391 28.39 -36.40 -18.21
N PHE C 392 28.64 -36.25 -19.51
CA PHE C 392 29.91 -35.73 -20.01
C PHE C 392 29.64 -34.59 -20.98
N THR C 393 30.44 -33.53 -20.87
CA THR C 393 30.25 -32.37 -21.74
C THR C 393 30.60 -32.70 -23.19
N ASN C 394 31.73 -33.36 -23.41
CA ASN C 394 32.18 -33.72 -24.75
C ASN C 394 32.75 -35.12 -24.73
N VAL C 395 32.48 -35.86 -25.80
CA VAL C 395 32.96 -37.24 -25.97
C VAL C 395 33.70 -37.33 -27.29
N TYR C 396 34.95 -37.81 -27.24
CA TYR C 396 35.77 -38.00 -28.42
C TYR C 396 36.00 -39.49 -28.64
N ALA C 397 35.75 -39.96 -29.86
CA ALA C 397 35.91 -41.36 -30.21
C ALA C 397 37.11 -41.52 -31.12
N ASP C 398 38.05 -42.37 -30.72
CA ASP C 398 39.25 -42.67 -31.51
C ASP C 398 39.19 -44.13 -31.94
N SER C 399 39.27 -44.37 -33.24
CA SER C 399 39.21 -45.70 -33.81
C SER C 399 40.48 -45.98 -34.60
N PHE C 400 41.08 -47.15 -34.36
CA PHE C 400 42.28 -47.56 -35.07
C PHE C 400 42.41 -49.08 -34.97
N VAL C 401 43.26 -49.64 -35.82
CA VAL C 401 43.46 -51.08 -35.92
C VAL C 401 44.92 -51.39 -35.62
N ILE C 402 45.15 -52.30 -34.66
CA ILE C 402 46.48 -52.76 -34.31
C ILE C 402 46.43 -54.28 -34.13
N ARG C 403 47.62 -54.87 -34.00
CA ARG C 403 47.70 -56.31 -33.81
C ARG C 403 47.29 -56.68 -32.39
N GLY C 404 47.11 -57.99 -32.17
CA GLY C 404 46.58 -58.45 -30.90
C GLY C 404 47.51 -58.19 -29.72
N ASP C 405 48.82 -58.40 -29.91
CA ASP C 405 49.75 -58.29 -28.80
C ASP C 405 49.95 -56.84 -28.37
N GLU C 406 49.70 -55.88 -29.26
CA GLU C 406 49.85 -54.47 -28.93
C GLU C 406 48.57 -53.84 -28.38
N VAL C 407 47.54 -54.65 -28.13
CA VAL C 407 46.31 -54.13 -27.53
C VAL C 407 46.58 -53.58 -26.14
N ARG C 408 47.44 -54.27 -25.38
CA ARG C 408 47.75 -53.83 -24.02
C ARG C 408 48.44 -52.46 -24.01
N GLN C 409 49.04 -52.07 -25.14
CA GLN C 409 49.74 -50.79 -25.21
C GLN C 409 48.79 -49.61 -25.14
N ILE C 410 47.49 -49.83 -25.37
CA ILE C 410 46.51 -48.74 -25.31
C ILE C 410 46.02 -48.61 -23.88
N ALA C 411 46.77 -47.89 -23.05
CA ALA C 411 46.43 -47.67 -21.65
C ALA C 411 47.37 -46.62 -21.09
N PRO C 412 46.93 -45.84 -20.11
CA PRO C 412 47.83 -44.84 -19.50
C PRO C 412 49.04 -45.51 -18.85
N GLY C 413 50.19 -44.86 -18.98
CA GLY C 413 51.41 -45.35 -18.38
C GLY C 413 52.08 -46.49 -19.11
N GLN C 414 51.58 -46.90 -20.27
CA GLN C 414 52.16 -48.01 -21.00
C GLN C 414 53.32 -47.54 -21.88
N THR C 415 54.11 -48.51 -22.32
CA THR C 415 55.26 -48.25 -23.19
C THR C 415 55.26 -49.26 -24.33
N GLY C 416 55.88 -48.87 -25.43
CA GLY C 416 55.94 -49.72 -26.60
C GLY C 416 55.99 -48.88 -27.86
N LYS C 417 56.04 -49.58 -28.99
CA LYS C 417 56.06 -48.90 -30.28
C LYS C 417 54.79 -48.10 -30.50
N ILE C 418 53.64 -48.74 -30.33
CA ILE C 418 52.36 -48.07 -30.54
C ILE C 418 52.18 -46.94 -29.53
N ALA C 419 52.42 -47.23 -28.25
CA ALA C 419 52.19 -46.26 -27.20
C ALA C 419 53.05 -45.01 -27.38
N ASP C 420 54.29 -45.18 -27.85
CA ASP C 420 55.22 -44.06 -27.98
C ASP C 420 55.09 -43.32 -29.31
N TYR C 421 54.81 -44.03 -30.40
CA TYR C 421 54.91 -43.42 -31.72
C TYR C 421 53.59 -43.34 -32.49
N ASN C 422 52.55 -44.05 -32.06
CA ASN C 422 51.29 -44.08 -32.80
C ASN C 422 50.15 -43.46 -32.00
N TYR C 423 49.88 -43.95 -30.79
CA TYR C 423 48.80 -43.44 -29.97
C TYR C 423 49.28 -43.36 -28.53
N LYS C 424 49.23 -42.14 -27.96
CA LYS C 424 49.67 -41.90 -26.60
C LYS C 424 48.49 -41.50 -25.74
N LEU C 425 48.41 -42.08 -24.54
CA LEU C 425 47.34 -41.77 -23.60
C LEU C 425 47.89 -41.06 -22.39
N PRO C 426 47.26 -39.98 -21.95
CA PRO C 426 47.73 -39.28 -20.75
C PRO C 426 47.51 -40.11 -19.50
N ASP C 427 48.29 -39.80 -18.46
CA ASP C 427 48.19 -40.53 -17.20
C ASP C 427 46.81 -40.37 -16.58
N ASP C 428 46.26 -39.16 -16.61
CA ASP C 428 44.95 -38.87 -16.04
C ASP C 428 43.83 -39.03 -17.07
N PHE C 429 44.03 -39.86 -18.09
CA PHE C 429 43.02 -40.08 -19.11
C PHE C 429 41.76 -40.68 -18.51
N THR C 430 40.61 -40.12 -18.87
CA THR C 430 39.31 -40.62 -18.43
C THR C 430 38.57 -41.16 -19.64
N GLY C 431 38.20 -42.43 -19.60
CA GLY C 431 37.51 -43.05 -20.70
C GLY C 431 37.68 -44.56 -20.66
N CYS C 432 37.20 -45.19 -21.73
CA CYS C 432 37.21 -46.64 -21.85
C CYS C 432 37.90 -47.04 -23.14
N VAL C 433 38.67 -48.13 -23.08
CA VAL C 433 39.37 -48.68 -24.24
C VAL C 433 38.68 -49.97 -24.62
N ILE C 434 38.17 -50.04 -25.85
CA ILE C 434 37.43 -51.19 -26.34
C ILE C 434 38.15 -51.75 -27.56
N ALA C 435 38.42 -53.06 -27.53
CA ALA C 435 39.10 -53.74 -28.62
C ALA C 435 38.45 -55.10 -28.84
N TRP C 436 38.53 -55.59 -30.07
CA TRP C 436 37.98 -56.89 -30.43
C TRP C 436 38.69 -57.41 -31.67
N ASN C 437 38.54 -58.71 -31.90
CA ASN C 437 39.20 -59.36 -33.04
C ASN C 437 38.61 -58.86 -34.35
N SER C 438 39.47 -58.70 -35.36
CA SER C 438 39.07 -58.24 -36.67
C SER C 438 39.74 -59.03 -37.79
N ASN C 439 39.96 -60.34 -37.57
CA ASN C 439 40.63 -61.15 -38.57
C ASN C 439 39.78 -61.30 -39.84
N ASN C 440 38.46 -61.38 -39.68
CA ASN C 440 37.59 -61.64 -40.81
C ASN C 440 37.60 -60.48 -41.81
N LEU C 441 37.61 -59.24 -41.32
CA LEU C 441 37.46 -58.08 -42.18
C LEU C 441 38.76 -57.32 -42.43
N ASP C 442 39.73 -57.40 -41.53
CA ASP C 442 40.98 -56.66 -41.67
C ASP C 442 42.11 -57.51 -42.22
N SER C 443 41.83 -58.73 -42.67
CA SER C 443 42.83 -59.61 -43.25
C SER C 443 42.26 -60.30 -44.48
N LYS C 444 43.14 -60.60 -45.43
CA LYS C 444 42.75 -61.28 -46.66
C LYS C 444 43.78 -62.35 -46.98
N VAL C 445 43.47 -63.14 -48.03
CA VAL C 445 44.37 -64.23 -48.41
C VAL C 445 45.72 -63.69 -48.86
N GLY C 446 45.71 -62.66 -49.69
CA GLY C 446 46.97 -62.09 -50.15
C GLY C 446 47.75 -61.41 -49.04
N GLY C 447 47.05 -60.72 -48.14
CA GLY C 447 47.72 -60.03 -47.04
C GLY C 447 47.37 -58.55 -47.06
N ASN C 448 46.74 -58.09 -45.99
CA ASN C 448 46.28 -56.72 -45.88
C ASN C 448 47.44 -55.84 -45.41
N TYR C 449 48.11 -55.18 -46.36
CA TYR C 449 49.18 -54.25 -46.04
C TYR C 449 48.71 -52.81 -45.95
N ASN C 450 47.40 -52.57 -46.08
CA ASN C 450 46.88 -51.22 -45.97
C ASN C 450 47.09 -50.66 -44.56
N TYR C 451 46.84 -51.47 -43.54
CA TYR C 451 47.06 -51.03 -42.17
C TYR C 451 48.54 -50.85 -41.89
N LEU C 452 48.88 -49.82 -41.13
CA LEU C 452 50.26 -49.38 -40.97
C LEU C 452 50.46 -48.81 -39.58
N TYR C 453 51.71 -48.83 -39.11
CA TYR C 453 52.07 -48.25 -37.83
C TYR C 453 53.36 -47.45 -37.99
N ARG C 454 53.56 -46.50 -37.08
CA ARG C 454 54.75 -45.65 -37.11
C ARG C 454 55.90 -46.41 -36.47
N LEU C 455 56.82 -46.87 -37.31
CA LEU C 455 57.96 -47.65 -36.81
C LEU C 455 58.99 -46.76 -36.13
N PHE C 456 59.28 -45.59 -36.70
CA PHE C 456 60.33 -44.73 -36.20
C PHE C 456 59.80 -43.31 -36.03
N ARG C 457 60.24 -42.64 -34.96
CA ARG C 457 59.95 -41.23 -34.75
C ARG C 457 61.04 -40.63 -33.86
N LYS C 458 61.31 -39.35 -34.08
CA LYS C 458 62.38 -38.68 -33.33
C LYS C 458 62.04 -38.60 -31.84
N SER C 459 60.79 -38.31 -31.52
CA SER C 459 60.38 -38.14 -30.13
C SER C 459 59.07 -38.89 -29.89
N ASN C 460 58.85 -39.25 -28.63
CA ASN C 460 57.60 -39.92 -28.26
C ASN C 460 56.43 -38.97 -28.45
N LEU C 461 55.30 -39.52 -28.91
CA LEU C 461 54.12 -38.72 -29.17
C LEU C 461 53.55 -38.17 -27.87
N LYS C 462 53.09 -36.92 -27.93
CA LYS C 462 52.38 -36.34 -26.81
C LYS C 462 51.01 -36.98 -26.67
N PRO C 463 50.40 -36.90 -25.49
CA PRO C 463 49.04 -37.43 -25.33
C PRO C 463 48.06 -36.77 -26.31
N PHE C 464 47.23 -37.60 -26.91
CA PHE C 464 46.21 -37.15 -27.89
C PHE C 464 46.84 -36.34 -29.01
N GLU C 465 48.00 -36.80 -29.50
CA GLU C 465 48.69 -36.17 -30.63
C GLU C 465 48.69 -37.14 -31.80
N ARG C 466 48.26 -36.64 -32.96
CA ARG C 466 48.18 -37.42 -34.18
C ARG C 466 49.27 -36.98 -35.15
N ASP C 467 50.09 -37.92 -35.59
CA ASP C 467 51.20 -37.65 -36.51
C ASP C 467 50.98 -38.45 -37.79
N ILE C 468 51.02 -37.76 -38.93
CA ILE C 468 50.90 -38.40 -40.23
C ILE C 468 52.07 -38.02 -41.14
N SER C 469 53.17 -37.52 -40.58
CA SER C 469 54.31 -37.11 -41.39
C SER C 469 54.97 -38.33 -42.04
N THR C 470 55.28 -38.20 -43.33
CA THR C 470 55.96 -39.26 -44.07
C THR C 470 57.41 -38.92 -44.38
N GLU C 471 57.96 -37.90 -43.73
CA GLU C 471 59.35 -37.51 -43.98
C GLU C 471 60.29 -38.63 -43.56
N ILE C 472 61.38 -38.80 -44.32
CA ILE C 472 62.31 -39.89 -44.08
C ILE C 472 62.99 -39.69 -42.73
N TYR C 473 62.92 -40.70 -41.87
CA TYR C 473 63.56 -40.64 -40.57
C TYR C 473 65.07 -40.71 -40.71
N GLN C 474 65.76 -39.85 -39.99
CA GLN C 474 67.22 -39.76 -40.05
C GLN C 474 67.80 -40.45 -38.82
N ALA C 475 68.42 -41.61 -39.03
CA ALA C 475 69.07 -42.36 -37.98
C ALA C 475 70.59 -42.22 -38.01
N GLY C 476 71.12 -41.32 -38.84
CA GLY C 476 72.55 -41.13 -38.94
C GLY C 476 72.89 -39.66 -39.15
N SER C 477 74.19 -39.38 -39.06
CA SER C 477 74.67 -38.02 -39.24
C SER C 477 74.47 -37.54 -40.68
N THR C 478 74.60 -38.45 -41.63
CA THR C 478 74.43 -38.10 -43.03
C THR C 478 72.97 -37.73 -43.30
N PRO C 479 72.70 -36.56 -43.88
CA PRO C 479 71.31 -36.15 -44.13
C PRO C 479 70.64 -37.06 -45.16
N CYS C 480 69.34 -37.31 -44.95
CA CYS C 480 68.60 -38.18 -45.87
C CYS C 480 68.40 -37.53 -47.22
N ASN C 481 68.10 -36.22 -47.23
CA ASN C 481 67.83 -35.47 -48.45
C ASN C 481 66.65 -36.05 -49.22
N GLY C 482 65.71 -36.67 -48.51
CA GLY C 482 64.54 -37.25 -49.14
C GLY C 482 64.75 -38.58 -49.81
N VAL C 483 65.94 -39.15 -49.73
CA VAL C 483 66.26 -40.43 -50.37
C VAL C 483 66.71 -41.40 -49.28
N GLU C 484 66.09 -42.58 -49.25
CA GLU C 484 66.43 -43.59 -48.26
C GLU C 484 67.84 -44.12 -48.49
N GLY C 485 68.52 -44.47 -47.40
CA GLY C 485 69.86 -45.00 -47.49
C GLY C 485 70.19 -45.98 -46.38
N PHE C 486 71.48 -46.18 -46.10
CA PHE C 486 71.87 -47.08 -45.03
C PHE C 486 71.41 -46.58 -43.67
N ASN C 487 71.56 -45.28 -43.41
CA ASN C 487 71.15 -44.68 -42.16
C ASN C 487 69.76 -44.04 -42.22
N CYS C 488 69.08 -44.15 -43.35
CA CYS C 488 67.77 -43.54 -43.54
C CYS C 488 66.73 -44.64 -43.77
N TYR C 489 65.65 -44.58 -43.00
CA TYR C 489 64.57 -45.56 -43.13
C TYR C 489 63.23 -44.84 -43.12
N PHE C 490 62.24 -45.46 -43.75
CA PHE C 490 60.90 -44.90 -43.75
C PHE C 490 60.29 -45.05 -42.35
N PRO C 491 59.80 -43.96 -41.76
CA PRO C 491 59.25 -44.05 -40.40
C PRO C 491 58.02 -44.95 -40.30
N LEU C 492 57.37 -45.23 -41.43
CA LEU C 492 56.13 -45.98 -41.45
C LEU C 492 56.37 -47.39 -41.95
N GLN C 493 55.81 -48.38 -41.25
CA GLN C 493 55.91 -49.78 -41.62
C GLN C 493 54.51 -50.37 -41.71
N SER C 494 54.24 -51.10 -42.80
CA SER C 494 52.91 -51.64 -43.04
C SER C 494 52.77 -53.02 -42.40
N TYR C 495 51.63 -53.26 -41.77
CA TYR C 495 51.36 -54.56 -41.17
C TYR C 495 51.07 -55.60 -42.25
N GLY C 496 51.56 -56.82 -42.04
CA GLY C 496 51.22 -57.92 -42.90
C GLY C 496 50.23 -58.86 -42.24
N PHE C 497 48.96 -58.79 -42.64
CA PHE C 497 47.88 -59.51 -41.97
C PHE C 497 47.53 -60.75 -42.79
N GLN C 498 47.66 -61.92 -42.18
CA GLN C 498 47.25 -63.18 -42.78
C GLN C 498 46.22 -63.86 -41.88
N PRO C 499 45.29 -64.63 -42.47
CA PRO C 499 44.30 -65.32 -41.63
C PRO C 499 44.91 -66.32 -40.66
N THR C 500 46.08 -66.86 -40.96
CA THR C 500 46.67 -67.94 -40.19
C THR C 500 47.79 -67.49 -39.26
N ASN C 501 47.94 -66.18 -39.04
CA ASN C 501 48.98 -65.72 -38.11
C ASN C 501 48.69 -66.17 -36.69
N GLY C 502 47.44 -66.10 -36.27
CA GLY C 502 47.07 -66.39 -34.89
C GLY C 502 46.53 -65.16 -34.17
N VAL C 503 45.82 -65.41 -33.08
CA VAL C 503 45.14 -64.34 -32.36
C VAL C 503 46.15 -63.33 -31.81
N GLY C 504 47.37 -63.78 -31.55
CA GLY C 504 48.39 -62.86 -31.07
C GLY C 504 48.76 -61.81 -32.10
N TYR C 505 48.87 -62.20 -33.36
CA TYR C 505 49.25 -61.30 -34.43
C TYR C 505 48.07 -60.90 -35.32
N GLN C 506 46.88 -61.42 -35.05
CA GLN C 506 45.72 -61.07 -35.86
C GLN C 506 45.36 -59.60 -35.67
N PRO C 507 44.85 -58.94 -36.71
CA PRO C 507 44.43 -57.54 -36.57
C PRO C 507 43.27 -57.42 -35.60
N TYR C 508 43.27 -56.31 -34.85
CA TYR C 508 42.21 -56.03 -33.88
C TYR C 508 41.67 -54.63 -34.13
N ARG C 509 40.34 -54.51 -34.22
CA ARG C 509 39.70 -53.21 -34.32
C ARG C 509 39.54 -52.61 -32.93
N VAL C 510 40.10 -51.42 -32.73
CA VAL C 510 40.12 -50.77 -31.43
C VAL C 510 39.39 -49.45 -31.53
N VAL C 511 38.42 -49.24 -30.64
CA VAL C 511 37.70 -47.98 -30.52
C VAL C 511 37.90 -47.48 -29.11
N VAL C 512 38.40 -46.24 -28.97
CA VAL C 512 38.69 -45.65 -27.67
C VAL C 512 37.79 -44.45 -27.49
N LEU C 513 37.06 -44.42 -26.38
CA LEU C 513 36.20 -43.30 -26.03
C LEU C 513 36.87 -42.52 -24.90
N SER C 514 37.04 -41.22 -25.11
CA SER C 514 37.63 -40.34 -24.12
C SER C 514 36.57 -39.37 -23.60
N PHE C 515 36.41 -39.33 -22.28
CA PHE C 515 35.42 -38.48 -21.64
C PHE C 515 36.13 -37.37 -20.86
N GLU C 516 35.74 -36.13 -21.11
CA GLU C 516 36.27 -34.97 -20.42
C GLU C 516 35.15 -34.26 -19.68
N LEU C 517 35.45 -33.79 -18.47
CA LEU C 517 34.50 -33.03 -17.67
C LEU C 517 34.93 -31.58 -17.62
N LEU C 518 34.04 -30.68 -18.05
CA LEU C 518 34.34 -29.26 -18.15
C LEU C 518 33.23 -28.45 -17.49
N HIS C 519 33.55 -27.19 -17.20
CA HIS C 519 32.57 -26.29 -16.60
C HIS C 519 31.43 -25.96 -17.55
N ALA C 520 31.60 -26.20 -18.84
CA ALA C 520 30.53 -25.96 -19.80
C ALA C 520 29.39 -26.94 -19.57
N PRO C 521 28.16 -26.58 -19.92
CA PRO C 521 27.03 -27.50 -19.72
C PRO C 521 27.23 -28.79 -20.50
N ALA C 522 26.79 -29.90 -19.89
CA ALA C 522 26.97 -31.21 -20.49
C ALA C 522 26.10 -31.36 -21.72
N THR C 523 26.71 -31.86 -22.80
CA THR C 523 25.99 -32.10 -24.05
C THR C 523 25.70 -33.58 -24.30
N VAL C 524 26.43 -34.48 -23.63
CA VAL C 524 26.21 -35.92 -23.75
C VAL C 524 25.77 -36.44 -22.39
N CYS C 525 24.62 -37.11 -22.36
CA CYS C 525 24.08 -37.66 -21.12
C CYS C 525 23.35 -38.94 -21.46
N GLY C 526 22.62 -39.46 -20.47
CA GLY C 526 21.75 -40.59 -20.70
C GLY C 526 20.47 -40.15 -21.38
N PRO C 527 19.67 -41.11 -21.84
CA PRO C 527 18.39 -40.76 -22.46
C PRO C 527 17.48 -40.06 -21.45
N LYS C 528 16.63 -39.16 -21.96
CA LYS C 528 15.71 -38.44 -21.10
C LYS C 528 14.80 -39.42 -20.37
N LYS C 529 14.93 -39.46 -19.04
CA LYS C 529 14.30 -40.50 -18.26
C LYS C 529 12.78 -40.41 -18.36
N SER C 530 12.14 -41.57 -18.54
CA SER C 530 10.71 -41.64 -18.73
C SER C 530 10.09 -42.49 -17.61
N THR C 531 8.80 -42.26 -17.36
CA THR C 531 8.09 -42.97 -16.32
C THR C 531 6.76 -43.46 -16.87
N ASN C 532 6.32 -44.62 -16.40
CA ASN C 532 5.05 -45.17 -16.85
C ASN C 532 3.90 -44.23 -16.48
N LEU C 533 2.91 -44.15 -17.36
CA LEU C 533 1.80 -43.22 -17.18
C LEU C 533 1.01 -43.58 -15.93
N VAL C 534 0.62 -42.56 -15.17
CA VAL C 534 -0.16 -42.72 -13.96
C VAL C 534 -1.47 -41.96 -14.14
N LYS C 535 -2.59 -42.61 -13.80
CA LYS C 535 -3.91 -42.04 -14.01
C LYS C 535 -4.70 -42.13 -12.71
N ASN C 536 -5.46 -41.07 -12.42
CA ASN C 536 -6.15 -40.83 -11.14
C ASN C 536 -5.21 -40.79 -9.94
N LYS C 537 -3.97 -40.33 -10.09
CA LYS C 537 -3.07 -40.19 -8.96
C LYS C 537 -2.31 -38.87 -9.09
N CYS C 538 -2.42 -38.01 -8.07
CA CYS C 538 -1.76 -36.71 -8.14
C CYS C 538 -0.25 -36.87 -8.11
N VAL C 539 0.43 -36.23 -9.07
CA VAL C 539 1.86 -36.39 -9.25
C VAL C 539 2.45 -35.03 -9.61
N ASN C 540 3.78 -35.00 -9.72
CA ASN C 540 4.49 -33.80 -10.17
C ASN C 540 4.90 -34.02 -11.62
N PHE C 541 3.95 -33.79 -12.53
CA PHE C 541 4.14 -34.11 -13.93
C PHE C 541 5.04 -33.08 -14.59
N ASN C 542 5.91 -33.55 -15.49
CA ASN C 542 6.84 -32.69 -16.25
C ASN C 542 6.84 -33.18 -17.70
N PHE C 543 5.95 -32.60 -18.50
CA PHE C 543 5.81 -32.98 -19.90
C PHE C 543 6.42 -31.89 -20.77
N ASN C 544 7.65 -32.09 -21.21
CA ASN C 544 8.35 -31.14 -22.08
C ASN C 544 8.41 -29.75 -21.46
N GLY C 545 8.63 -29.70 -20.15
CA GLY C 545 8.87 -28.44 -19.47
C GLY C 545 7.69 -27.80 -18.77
N LEU C 546 6.51 -28.42 -18.79
CA LEU C 546 5.38 -27.87 -18.04
C LEU C 546 5.63 -27.93 -16.54
N THR C 547 6.30 -29.00 -16.07
CA THR C 547 6.73 -29.18 -14.67
C THR C 547 5.70 -28.65 -13.67
N GLY C 548 4.48 -29.15 -13.78
CA GLY C 548 3.41 -28.76 -12.88
C GLY C 548 2.95 -29.93 -12.02
N THR C 549 2.08 -29.61 -11.07
CA THR C 549 1.53 -30.60 -10.16
C THR C 549 0.04 -30.78 -10.42
N GLY C 550 -0.40 -32.02 -10.53
CA GLY C 550 -1.79 -32.30 -10.80
C GLY C 550 -2.02 -33.78 -10.91
N VAL C 551 -3.23 -34.13 -11.33
CA VAL C 551 -3.64 -35.52 -11.51
C VAL C 551 -3.90 -35.74 -13.01
N LEU C 552 -3.44 -36.87 -13.52
CA LEU C 552 -3.43 -37.14 -14.95
C LEU C 552 -4.65 -37.95 -15.34
N THR C 553 -5.33 -37.51 -16.41
CA THR C 553 -6.51 -38.18 -16.92
C THR C 553 -6.51 -38.10 -18.45
N GLU C 554 -7.02 -39.15 -19.08
CA GLU C 554 -7.20 -39.10 -20.53
C GLU C 554 -8.22 -38.02 -20.90
N SER C 555 -7.89 -37.24 -21.93
CA SER C 555 -8.72 -36.12 -22.34
C SER C 555 -9.50 -36.51 -23.60
N ASN C 556 -10.82 -36.35 -23.54
CA ASN C 556 -11.65 -36.62 -24.71
C ASN C 556 -11.37 -35.59 -25.80
N LYS C 557 -10.88 -34.42 -25.42
CA LYS C 557 -10.56 -33.39 -26.40
C LYS C 557 -9.47 -33.86 -27.34
N LYS C 558 -9.62 -33.53 -28.62
CA LYS C 558 -8.66 -33.91 -29.65
C LYS C 558 -7.87 -32.68 -30.07
N PHE C 559 -6.55 -32.79 -30.02
CA PHE C 559 -5.66 -31.68 -30.30
C PHE C 559 -5.14 -31.75 -31.74
N LEU C 560 -4.80 -30.57 -32.27
CA LEU C 560 -4.24 -30.49 -33.60
C LEU C 560 -2.84 -31.10 -33.62
N PRO C 561 -2.39 -31.59 -34.78
CA PRO C 561 -1.08 -32.27 -34.83
C PRO C 561 0.06 -31.40 -34.31
N PHE C 562 0.05 -30.10 -34.59
CA PHE C 562 1.08 -29.23 -34.05
C PHE C 562 0.84 -28.96 -32.57
N GLN C 563 -0.40 -28.67 -32.18
CA GLN C 563 -0.68 -28.20 -30.84
C GLN C 563 -0.44 -29.30 -29.81
N GLN C 564 0.27 -28.96 -28.74
CA GLN C 564 0.68 -29.95 -27.76
C GLN C 564 -0.11 -29.75 -26.48
N PHE C 565 -0.01 -28.60 -25.83
CA PHE C 565 -0.73 -28.43 -24.58
C PHE C 565 -1.75 -27.30 -24.71
N GLY C 566 -2.71 -27.30 -23.79
CA GLY C 566 -3.81 -26.37 -23.84
C GLY C 566 -3.82 -25.47 -22.63
N ARG C 567 -4.71 -24.48 -22.69
CA ARG C 567 -4.96 -23.58 -21.56
C ARG C 567 -6.44 -23.32 -21.46
N ASP C 568 -6.88 -22.96 -20.26
CA ASP C 568 -8.29 -22.70 -20.00
C ASP C 568 -8.58 -21.24 -20.33
N ILE C 569 -9.79 -20.76 -20.00
CA ILE C 569 -10.14 -19.38 -20.28
C ILE C 569 -9.19 -18.43 -19.55
N ALA C 570 -8.86 -18.73 -18.30
CA ALA C 570 -8.04 -17.88 -17.47
C ALA C 570 -6.55 -18.18 -17.61
N ASP C 571 -6.11 -18.72 -18.75
CA ASP C 571 -4.69 -18.98 -19.02
C ASP C 571 -4.10 -19.93 -17.99
N THR C 572 -4.82 -21.00 -17.67
CA THR C 572 -4.35 -22.03 -16.77
C THR C 572 -4.20 -23.33 -17.55
N THR C 573 -3.06 -24.00 -17.35
CA THR C 573 -2.77 -25.22 -18.08
C THR C 573 -3.83 -26.28 -17.78
N ASP C 574 -4.60 -26.65 -18.81
CA ASP C 574 -5.70 -27.59 -18.66
C ASP C 574 -5.37 -28.98 -19.19
N ALA C 575 -4.47 -29.08 -20.17
CA ALA C 575 -4.07 -30.37 -20.71
C ALA C 575 -2.66 -30.25 -21.27
N VAL C 576 -1.97 -31.39 -21.35
CA VAL C 576 -0.66 -31.46 -21.95
C VAL C 576 -0.56 -32.74 -22.77
N ARG C 577 0.09 -32.66 -23.92
CA ARG C 577 0.14 -33.81 -24.83
C ARG C 577 0.97 -34.94 -24.24
N ASP C 578 0.46 -36.15 -24.34
CA ASP C 578 1.26 -37.33 -24.05
C ASP C 578 2.24 -37.54 -25.20
N PRO C 579 3.53 -37.31 -25.00
CA PRO C 579 4.47 -37.46 -26.11
C PRO C 579 4.55 -38.88 -26.64
N GLN C 580 4.36 -39.86 -25.75
CA GLN C 580 4.52 -41.25 -26.14
C GLN C 580 3.38 -41.73 -27.02
N THR C 581 2.14 -41.40 -26.67
CA THR C 581 0.97 -41.94 -27.34
C THR C 581 0.09 -40.81 -27.84
N LEU C 582 -0.60 -41.06 -28.96
CA LEU C 582 -1.38 -40.02 -29.60
C LEU C 582 -2.49 -39.49 -28.70
N GLU C 583 -3.01 -40.33 -27.81
CA GLU C 583 -4.02 -39.87 -26.87
C GLU C 583 -3.41 -38.88 -25.88
N ILE C 584 -4.17 -37.87 -25.50
CA ILE C 584 -3.62 -36.77 -24.71
C ILE C 584 -4.14 -36.84 -23.27
N LEU C 585 -3.29 -36.44 -22.34
CA LEU C 585 -3.61 -36.43 -20.91
C LEU C 585 -4.15 -35.07 -20.51
N ASP C 586 -5.35 -35.08 -19.92
CA ASP C 586 -5.91 -33.87 -19.33
C ASP C 586 -5.22 -33.55 -18.01
N ILE C 587 -5.35 -32.31 -17.57
CA ILE C 587 -4.81 -31.87 -16.29
C ILE C 587 -5.94 -31.27 -15.46
N THR C 588 -6.13 -31.80 -14.25
CA THR C 588 -7.01 -31.24 -13.26
C THR C 588 -6.27 -31.14 -11.94
N PRO C 589 -6.50 -30.10 -11.13
CA PRO C 589 -5.70 -29.92 -9.93
C PRO C 589 -5.96 -31.00 -8.89
N CYS C 590 -4.95 -31.25 -8.06
CA CYS C 590 -5.13 -32.14 -6.92
C CYS C 590 -6.20 -31.57 -5.99
N SER C 591 -7.09 -32.44 -5.51
CA SER C 591 -8.26 -32.00 -4.75
C SER C 591 -7.86 -31.27 -3.48
N PHE C 592 -8.52 -30.15 -3.23
CA PHE C 592 -8.27 -29.35 -2.04
C PHE C 592 -9.60 -28.76 -1.58
N GLY C 593 -9.65 -28.40 -0.29
CA GLY C 593 -10.84 -27.78 0.25
C GLY C 593 -10.64 -27.48 1.72
N GLY C 594 -11.46 -26.57 2.22
CA GLY C 594 -11.39 -26.20 3.61
C GLY C 594 -11.89 -27.31 4.51
N VAL C 595 -11.41 -27.30 5.75
CA VAL C 595 -11.83 -28.26 6.76
C VAL C 595 -12.68 -27.52 7.77
N SER C 596 -13.93 -27.93 7.92
CA SER C 596 -14.85 -27.31 8.86
C SER C 596 -15.21 -28.31 9.94
N VAL C 597 -15.35 -27.82 11.16
CA VAL C 597 -15.67 -28.64 12.33
C VAL C 597 -17.11 -28.37 12.74
N ILE C 598 -17.96 -29.38 12.64
CA ILE C 598 -19.34 -29.31 13.06
C ILE C 598 -19.40 -29.72 14.52
N THR C 599 -19.62 -28.77 15.41
CA THR C 599 -19.64 -29.08 16.83
C THR C 599 -20.84 -28.43 17.49
N PRO C 600 -21.42 -29.08 18.50
CA PRO C 600 -22.34 -28.37 19.38
C PRO C 600 -21.56 -27.60 20.41
N GLY C 601 -22.22 -26.96 21.37
CA GLY C 601 -21.51 -26.20 22.38
C GLY C 601 -20.57 -27.09 23.19
N THR C 602 -19.47 -26.51 23.65
CA THR C 602 -18.52 -27.27 24.43
C THR C 602 -19.14 -27.75 25.73
N ASN C 603 -20.04 -26.96 26.32
CA ASN C 603 -20.59 -27.32 27.61
C ASN C 603 -21.55 -28.51 27.49
N THR C 604 -22.24 -28.62 26.35
CA THR C 604 -23.24 -29.66 26.18
C THR C 604 -22.68 -30.95 25.62
N SER C 605 -21.56 -30.92 24.92
CA SER C 605 -20.96 -32.13 24.36
C SER C 605 -19.51 -31.88 24.03
N ASN C 606 -18.80 -32.97 23.74
CA ASN C 606 -17.38 -32.92 23.42
C ASN C 606 -17.08 -33.64 22.11
N GLN C 607 -18.08 -33.77 21.25
CA GLN C 607 -17.96 -34.49 19.99
C GLN C 607 -18.06 -33.52 18.83
N VAL C 608 -17.35 -33.83 17.74
CA VAL C 608 -17.31 -32.98 16.56
C VAL C 608 -17.46 -33.83 15.31
N ALA C 609 -17.99 -33.22 14.26
CA ALA C 609 -18.06 -33.81 12.94
C ALA C 609 -17.27 -32.94 11.98
N VAL C 610 -16.28 -33.52 11.33
CA VAL C 610 -15.40 -32.79 10.43
C VAL C 610 -16.00 -32.79 9.03
N LEU C 611 -16.02 -31.63 8.39
CA LEU C 611 -16.63 -31.45 7.08
C LEU C 611 -15.53 -31.12 6.06
N TYR C 612 -15.00 -32.14 5.41
CA TYR C 612 -14.17 -31.91 4.24
C TYR C 612 -15.06 -31.54 3.06
N GLN C 613 -15.01 -30.28 2.64
CA GLN C 613 -15.98 -29.76 1.68
C GLN C 613 -15.42 -29.85 0.27
N ASP C 614 -16.31 -30.18 -0.67
CA ASP C 614 -16.02 -30.28 -2.10
C ASP C 614 -14.97 -31.34 -2.42
N VAL C 615 -14.89 -32.40 -1.60
CA VAL C 615 -13.92 -33.47 -1.80
C VAL C 615 -14.65 -34.81 -1.63
N ASN C 616 -14.44 -35.71 -2.58
CA ASN C 616 -14.77 -37.11 -2.33
C ASN C 616 -13.96 -37.65 -1.16
N CYS C 617 -14.66 -38.28 -0.22
CA CYS C 617 -13.96 -38.98 0.85
C CYS C 617 -13.38 -40.30 0.37
N THR C 618 -13.72 -40.71 -0.85
CA THR C 618 -12.93 -41.73 -1.52
C THR C 618 -11.59 -41.21 -1.96
N GLU C 619 -11.42 -39.89 -2.05
CA GLU C 619 -10.15 -39.27 -2.41
C GLU C 619 -9.31 -38.91 -1.19
N VAL C 620 -9.88 -38.97 0.00
CA VAL C 620 -9.13 -38.68 1.22
C VAL C 620 -8.02 -39.70 1.42
N TYR C 636 -11.47 -36.51 12.45
CA TYR C 636 -11.32 -37.83 13.03
C TYR C 636 -10.60 -38.80 12.10
N SER C 637 -10.36 -40.01 12.59
CA SER C 637 -9.82 -41.08 11.75
C SER C 637 -10.82 -41.43 10.65
N THR C 638 -10.31 -41.61 9.43
CA THR C 638 -11.17 -41.87 8.30
C THR C 638 -11.89 -43.21 8.46
N GLY C 639 -13.15 -43.24 8.04
CA GLY C 639 -13.93 -44.46 8.04
C GLY C 639 -15.00 -44.58 9.10
N SER C 640 -15.28 -43.52 9.85
CA SER C 640 -16.27 -43.56 10.92
C SER C 640 -17.48 -42.72 10.54
N ASN C 641 -18.61 -43.38 10.32
CA ASN C 641 -19.89 -42.71 10.03
C ASN C 641 -19.76 -41.77 8.84
N VAL C 642 -19.10 -42.25 7.80
CA VAL C 642 -18.81 -41.40 6.64
C VAL C 642 -20.09 -41.13 5.86
N PHE C 643 -20.33 -39.85 5.58
CA PHE C 643 -21.52 -39.41 4.84
C PHE C 643 -21.10 -38.44 3.76
N GLN C 644 -21.69 -38.59 2.57
CA GLN C 644 -21.35 -37.78 1.40
C GLN C 644 -22.54 -36.89 1.04
N THR C 645 -22.30 -35.60 0.91
CA THR C 645 -23.32 -34.65 0.45
C THR C 645 -22.71 -33.70 -0.57
N ARG C 646 -23.55 -32.75 -1.03
CA ARG C 646 -23.14 -31.85 -2.09
C ARG C 646 -21.99 -30.95 -1.66
N ALA C 647 -22.05 -30.42 -0.43
CA ALA C 647 -21.00 -29.54 0.04
C ALA C 647 -19.68 -30.27 0.24
N GLY C 648 -19.73 -31.54 0.59
CA GLY C 648 -18.54 -32.32 0.83
C GLY C 648 -18.92 -33.65 1.44
N CYS C 649 -17.91 -34.40 1.86
CA CYS C 649 -18.14 -35.68 2.51
C CYS C 649 -17.65 -35.56 3.95
N LEU C 650 -18.58 -35.29 4.85
CA LEU C 650 -18.26 -35.10 6.26
C LEU C 650 -18.15 -36.45 6.97
N ILE C 651 -17.21 -36.52 7.90
CA ILE C 651 -16.97 -37.73 8.68
C ILE C 651 -17.23 -37.42 10.15
N GLY C 652 -17.95 -38.32 10.81
CA GLY C 652 -18.26 -38.16 12.22
C GLY C 652 -19.72 -37.94 12.54
N ALA C 653 -20.58 -37.82 11.53
CA ALA C 653 -22.01 -37.66 11.74
C ALA C 653 -22.76 -38.65 10.85
N GLU C 654 -23.83 -39.22 11.40
CA GLU C 654 -24.60 -40.24 10.71
C GLU C 654 -25.78 -39.60 10.01
N HIS C 655 -26.00 -39.99 8.75
CA HIS C 655 -27.14 -39.50 7.99
C HIS C 655 -28.43 -40.08 8.56
N VAL C 656 -29.50 -39.29 8.53
CA VAL C 656 -30.81 -39.74 8.95
C VAL C 656 -31.85 -39.22 7.95
N ASN C 657 -32.83 -40.06 7.60
CA ASN C 657 -33.85 -39.66 6.64
C ASN C 657 -34.84 -38.69 7.29
N ASN C 658 -35.15 -38.87 8.56
CA ASN C 658 -36.07 -37.98 9.26
C ASN C 658 -35.52 -36.56 9.23
N SER C 659 -36.39 -35.62 8.87
CA SER C 659 -36.00 -34.23 8.66
C SER C 659 -36.47 -33.37 9.82
N TYR C 660 -35.57 -32.57 10.37
CA TYR C 660 -35.86 -31.67 11.48
C TYR C 660 -35.51 -30.23 11.07
N GLU C 661 -35.71 -29.31 12.00
CA GLU C 661 -35.35 -27.93 11.77
C GLU C 661 -33.84 -27.75 11.72
N CYS C 662 -33.39 -26.75 10.99
CA CYS C 662 -31.96 -26.55 10.81
C CYS C 662 -31.34 -25.94 12.06
N ASP C 663 -30.26 -26.55 12.54
CA ASP C 663 -29.53 -26.05 13.69
C ASP C 663 -28.13 -25.58 13.34
N ILE C 664 -27.30 -26.45 12.75
CA ILE C 664 -25.96 -26.11 12.32
C ILE C 664 -25.93 -26.15 10.79
N PRO C 665 -25.77 -25.02 10.11
CA PRO C 665 -25.70 -25.05 8.65
C PRO C 665 -24.49 -25.83 8.16
N ILE C 666 -24.68 -26.54 7.04
CA ILE C 666 -23.57 -27.24 6.40
C ILE C 666 -23.49 -26.80 4.94
N GLY C 667 -24.57 -26.94 4.21
CA GLY C 667 -24.61 -26.53 2.82
C GLY C 667 -25.54 -27.43 2.02
N ALA C 668 -26.15 -26.85 0.99
CA ALA C 668 -27.04 -27.56 0.08
C ALA C 668 -28.18 -28.23 0.83
N GLY C 669 -28.75 -27.54 1.80
CA GLY C 669 -29.91 -28.04 2.51
C GLY C 669 -29.60 -29.04 3.62
N ILE C 670 -28.34 -29.35 3.84
CA ILE C 670 -27.95 -30.27 4.90
C ILE C 670 -27.65 -29.47 6.16
N CYS C 671 -28.30 -29.84 7.26
CA CYS C 671 -28.07 -29.19 8.54
C CYS C 671 -27.81 -30.26 9.59
N ALA C 672 -26.80 -30.03 10.42
CA ALA C 672 -26.42 -30.98 11.46
C ALA C 672 -27.03 -30.56 12.80
N SER C 673 -27.15 -31.53 13.70
CA SER C 673 -27.71 -31.28 15.01
C SER C 673 -27.22 -32.35 15.97
N TYR C 674 -27.31 -32.04 17.27
CA TYR C 674 -26.94 -32.96 18.34
C TYR C 674 -28.21 -33.56 18.93
N GLN C 675 -28.50 -34.80 18.57
CA GLN C 675 -29.71 -35.46 19.02
C GLN C 675 -29.45 -36.96 19.17
N THR C 676 -30.29 -37.62 19.94
CA THR C 676 -30.17 -39.04 20.18
C THR C 676 -30.60 -39.85 18.96
N SER C 686 -25.45 -43.04 23.01
CA SER C 686 -26.87 -42.83 22.71
C SER C 686 -27.11 -41.45 22.11
N GLN C 687 -26.07 -40.62 22.13
CA GLN C 687 -26.13 -39.27 21.57
C GLN C 687 -25.00 -39.12 20.55
N SER C 688 -25.33 -38.61 19.36
CA SER C 688 -24.35 -38.46 18.31
C SER C 688 -24.78 -37.35 17.37
N ILE C 689 -23.83 -36.84 16.60
CA ILE C 689 -24.12 -35.81 15.61
C ILE C 689 -24.84 -36.44 14.43
N ILE C 690 -25.92 -35.82 13.98
CA ILE C 690 -26.70 -36.30 12.86
C ILE C 690 -26.71 -35.24 11.78
N ALA C 691 -26.62 -35.67 10.52
CA ALA C 691 -26.72 -34.79 9.37
C ALA C 691 -27.94 -35.20 8.54
N TYR C 692 -28.73 -34.21 8.15
CA TYR C 692 -30.00 -34.49 7.49
C TYR C 692 -30.36 -33.31 6.59
N THR C 693 -31.30 -33.56 5.69
CA THR C 693 -31.86 -32.49 4.88
C THR C 693 -32.80 -31.66 5.73
N MET C 694 -32.58 -30.34 5.75
CA MET C 694 -33.33 -29.48 6.64
C MET C 694 -34.81 -29.46 6.26
N SER C 695 -35.64 -29.22 7.27
CA SER C 695 -37.09 -29.14 7.10
C SER C 695 -37.50 -27.68 7.13
N LEU C 696 -38.26 -27.26 6.14
CA LEU C 696 -38.63 -25.86 6.01
C LEU C 696 -39.78 -25.46 6.92
N GLY C 697 -40.42 -26.42 7.57
CA GLY C 697 -41.50 -26.12 8.48
C GLY C 697 -42.58 -27.18 8.38
N ALA C 698 -43.65 -26.98 9.14
CA ALA C 698 -44.77 -27.91 9.15
C ALA C 698 -45.67 -27.65 7.96
N GLU C 699 -45.98 -28.72 7.23
CA GLU C 699 -46.83 -28.65 6.04
C GLU C 699 -48.24 -28.28 6.50
N ASN C 700 -48.63 -27.04 6.27
CA ASN C 700 -49.91 -26.51 6.71
C ASN C 700 -50.79 -26.27 5.49
N SER C 701 -51.57 -27.28 5.13
CA SER C 701 -52.53 -27.17 4.04
C SER C 701 -53.76 -26.42 4.55
N VAL C 702 -53.90 -25.16 4.15
CA VAL C 702 -55.02 -24.36 4.62
C VAL C 702 -56.30 -24.88 3.96
N ALA C 703 -57.33 -25.09 4.76
CA ALA C 703 -58.58 -25.68 4.28
C ALA C 703 -59.36 -24.68 3.43
N TYR C 704 -58.83 -24.44 2.24
CA TYR C 704 -59.42 -23.46 1.34
C TYR C 704 -60.70 -24.00 0.73
N SER C 705 -61.66 -23.10 0.50
CA SER C 705 -62.85 -23.40 -0.26
C SER C 705 -63.38 -22.10 -0.85
N ASN C 706 -64.25 -22.22 -1.85
CA ASN C 706 -64.79 -21.02 -2.47
C ASN C 706 -65.86 -20.35 -1.63
N ASN C 707 -66.24 -20.94 -0.49
CA ASN C 707 -67.18 -20.27 0.41
C ASN C 707 -66.81 -20.44 1.88
N SER C 708 -65.54 -20.61 2.21
CA SER C 708 -65.12 -20.83 3.59
C SER C 708 -64.26 -19.68 4.08
N ILE C 709 -64.62 -19.13 5.23
CA ILE C 709 -63.89 -18.03 5.86
C ILE C 709 -63.59 -18.39 7.30
N ALA C 710 -62.45 -17.94 7.79
CA ALA C 710 -62.04 -18.12 9.18
C ALA C 710 -61.81 -16.75 9.77
N ILE C 711 -62.55 -16.42 10.82
CA ILE C 711 -62.42 -15.14 11.53
C ILE C 711 -61.94 -15.46 12.94
N PRO C 712 -60.87 -14.83 13.42
CA PRO C 712 -60.42 -15.10 14.78
C PRO C 712 -61.42 -14.60 15.80
N THR C 713 -61.53 -15.32 16.90
CA THR C 713 -62.40 -14.93 17.99
C THR C 713 -61.64 -14.46 19.22
N ASN C 714 -60.31 -14.37 19.15
CA ASN C 714 -59.51 -13.95 20.28
C ASN C 714 -58.15 -13.49 19.76
N PHE C 715 -57.50 -12.62 20.52
CA PHE C 715 -56.25 -12.02 20.11
C PHE C 715 -55.13 -12.40 21.07
N THR C 716 -53.96 -11.83 20.82
CA THR C 716 -52.81 -12.04 21.68
C THR C 716 -51.86 -10.87 21.50
N ILE C 717 -51.76 -10.00 22.51
CA ILE C 717 -50.94 -8.81 22.44
C ILE C 717 -49.50 -9.23 22.73
N SER C 718 -48.79 -9.64 21.69
CA SER C 718 -47.45 -10.16 21.84
C SER C 718 -46.42 -9.08 21.58
N VAL C 719 -45.45 -8.96 22.49
CA VAL C 719 -44.38 -7.98 22.38
C VAL C 719 -43.13 -8.71 21.87
N THR C 720 -42.53 -8.19 20.82
CA THR C 720 -41.32 -8.74 20.24
C THR C 720 -40.20 -7.71 20.30
N THR C 721 -38.98 -8.19 20.47
CA THR C 721 -37.83 -7.32 20.68
C THR C 721 -36.95 -7.32 19.44
N GLU C 722 -36.57 -6.12 18.99
CA GLU C 722 -35.71 -5.97 17.82
C GLU C 722 -34.49 -5.14 18.19
N ILE C 723 -33.32 -5.64 17.80
CA ILE C 723 -32.05 -5.02 18.14
C ILE C 723 -31.43 -4.44 16.88
N LEU C 724 -31.03 -3.18 16.94
CA LEU C 724 -30.41 -2.52 15.81
C LEU C 724 -29.19 -1.73 16.27
N PRO C 725 -28.00 -2.00 15.72
CA PRO C 725 -26.85 -1.15 15.99
C PRO C 725 -27.07 0.24 15.43
N VAL C 726 -26.56 1.25 16.13
CA VAL C 726 -26.71 2.63 15.70
C VAL C 726 -25.34 3.29 15.58
N SER C 727 -24.39 2.80 16.36
CA SER C 727 -23.08 3.42 16.39
C SER C 727 -22.05 2.38 16.81
N MET C 728 -20.83 2.56 16.34
CA MET C 728 -19.70 1.76 16.81
C MET C 728 -18.74 2.68 17.56
N THR C 729 -17.62 2.10 17.99
CA THR C 729 -16.67 2.86 18.79
C THR C 729 -16.14 4.04 17.99
N LYS C 730 -16.31 5.24 18.55
CA LYS C 730 -15.92 6.47 17.89
C LYS C 730 -14.40 6.61 17.90
N THR C 731 -13.72 5.74 17.17
CA THR C 731 -12.27 5.67 17.24
C THR C 731 -11.61 6.67 16.30
N SER C 732 -10.35 6.96 16.56
CA SER C 732 -9.52 7.80 15.70
C SER C 732 -8.09 7.31 15.81
N VAL C 733 -7.34 7.39 14.71
CA VAL C 733 -5.97 6.94 14.65
C VAL C 733 -5.10 8.07 14.10
N ASP C 734 -3.98 8.33 14.77
CA ASP C 734 -3.00 9.28 14.28
C ASP C 734 -1.99 8.54 13.43
N CYS C 735 -1.92 8.90 12.14
CA CYS C 735 -1.05 8.15 11.22
C CYS C 735 0.41 8.28 11.61
N THR C 736 0.85 9.47 12.01
CA THR C 736 2.25 9.67 12.32
C THR C 736 2.71 8.82 13.49
N MET C 737 1.93 8.79 14.57
CA MET C 737 2.31 8.01 15.75
C MET C 737 2.25 6.52 15.45
N TYR C 738 1.23 6.07 14.72
CA TYR C 738 1.11 4.65 14.42
C TYR C 738 2.26 4.17 13.53
N ILE C 739 2.48 4.86 12.42
CA ILE C 739 3.46 4.41 11.44
C ILE C 739 4.88 4.51 12.00
N CYS C 740 5.18 5.60 12.71
CA CYS C 740 6.50 5.83 13.26
C CYS C 740 6.40 6.18 14.74
N GLY C 741 7.35 5.69 15.52
CA GLY C 741 7.37 5.96 16.94
C GLY C 741 7.97 7.31 17.28
N ASP C 742 8.83 7.35 18.30
CA ASP C 742 9.44 8.61 18.71
C ASP C 742 10.54 9.03 17.73
N SER C 743 11.00 8.10 16.90
CA SER C 743 12.10 8.39 15.99
C SER C 743 11.69 9.46 14.98
N THR C 744 12.60 10.41 14.76
CA THR C 744 12.28 11.54 13.88
C THR C 744 12.58 11.23 12.42
N GLU C 745 13.63 10.43 12.16
CA GLU C 745 13.97 10.08 10.80
C GLU C 745 12.85 9.29 10.13
N CYS C 746 12.14 8.47 10.91
CA CYS C 746 10.99 7.76 10.36
C CYS C 746 9.90 8.74 9.92
N SER C 747 9.63 9.76 10.72
CA SER C 747 8.63 10.75 10.34
C SER C 747 9.09 11.53 9.11
N ASN C 748 10.38 11.87 9.04
CA ASN C 748 10.89 12.58 7.88
C ASN C 748 10.72 11.74 6.61
N LEU C 749 11.02 10.44 6.70
CA LEU C 749 10.89 9.57 5.55
C LEU C 749 9.42 9.41 5.16
N LEU C 750 8.53 9.30 6.14
CA LEU C 750 7.10 9.19 5.85
C LEU C 750 6.58 10.47 5.21
N LEU C 751 7.16 11.62 5.55
CA LEU C 751 6.67 12.89 5.01
C LEU C 751 6.71 12.92 3.49
N GLN C 752 7.65 12.19 2.88
CA GLN C 752 7.79 12.21 1.44
C GLN C 752 6.81 11.28 0.73
N TYR C 753 6.01 10.52 1.47
CA TYR C 753 4.96 9.71 0.86
C TYR C 753 3.74 10.53 0.48
N GLY C 754 3.67 11.79 0.91
CA GLY C 754 2.60 12.67 0.49
C GLY C 754 1.49 12.86 1.50
N SER C 755 0.26 12.95 1.02
CA SER C 755 -0.90 13.26 1.84
C SER C 755 -1.67 12.00 2.23
N PHE C 756 -0.96 10.88 2.42
CA PHE C 756 -1.63 9.66 2.84
C PHE C 756 -2.15 9.77 4.27
N CYS C 757 -1.30 10.23 5.19
CA CYS C 757 -1.69 10.27 6.59
C CYS C 757 -2.83 11.24 6.84
N THR C 758 -2.80 12.41 6.18
CA THR C 758 -3.85 13.39 6.43
C THR C 758 -5.20 12.89 5.93
N GLN C 759 -5.24 12.23 4.78
CA GLN C 759 -6.52 11.73 4.30
C GLN C 759 -6.99 10.52 5.10
N LEU C 760 -6.05 9.69 5.58
CA LEU C 760 -6.44 8.59 6.46
C LEU C 760 -7.04 9.12 7.75
N ASN C 761 -6.45 10.16 8.33
CA ASN C 761 -7.01 10.74 9.55
C ASN C 761 -8.34 11.42 9.26
N ARG C 762 -8.46 12.05 8.09
CA ARG C 762 -9.72 12.70 7.72
C ARG C 762 -10.84 11.68 7.58
N ALA C 763 -10.53 10.49 7.07
CA ALA C 763 -11.54 9.46 6.95
C ALA C 763 -12.08 9.06 8.32
N LEU C 764 -11.20 8.88 9.30
CA LEU C 764 -11.64 8.52 10.64
C LEU C 764 -12.41 9.66 11.30
N THR C 765 -11.99 10.90 11.05
CA THR C 765 -12.76 12.03 11.57
C THR C 765 -14.16 12.07 10.99
N GLY C 766 -14.27 11.82 9.69
CA GLY C 766 -15.59 11.74 9.07
C GLY C 766 -16.43 10.62 9.66
N ILE C 767 -15.82 9.47 9.91
CA ILE C 767 -16.55 8.36 10.53
C ILE C 767 -17.04 8.76 11.92
N ALA C 768 -16.19 9.42 12.71
CA ALA C 768 -16.58 9.81 14.06
C ALA C 768 -17.75 10.79 14.05
N VAL C 769 -17.65 11.83 13.21
CA VAL C 769 -18.75 12.77 13.11
C VAL C 769 -20.01 12.06 12.61
N GLU C 770 -19.83 11.09 11.71
CA GLU C 770 -20.96 10.30 11.23
C GLU C 770 -21.63 9.52 12.36
N GLN C 771 -20.84 8.96 13.27
CA GLN C 771 -21.43 8.21 14.38
C GLN C 771 -22.21 9.12 15.31
N ASP C 772 -21.66 10.30 15.60
CA ASP C 772 -22.40 11.25 16.40
C ASP C 772 -23.70 11.65 15.71
N LYS C 773 -23.65 11.84 14.38
CA LYS C 773 -24.85 12.14 13.62
C LYS C 773 -25.85 10.99 13.70
N ASN C 774 -25.38 9.74 13.67
CA ASN C 774 -26.29 8.60 13.77
C ASN C 774 -27.02 8.61 15.10
N THR C 775 -26.29 8.81 16.19
CA THR C 775 -26.92 8.80 17.50
C THR C 775 -27.93 9.94 17.62
N GLN C 776 -27.55 11.15 17.18
CA GLN C 776 -28.47 12.27 17.26
C GLN C 776 -29.66 12.11 16.33
N GLU C 777 -29.51 11.36 15.25
CA GLU C 777 -30.62 11.14 14.33
C GLU C 777 -31.62 10.15 14.93
N VAL C 778 -31.13 9.08 15.52
CA VAL C 778 -32.04 8.06 16.04
C VAL C 778 -32.70 8.49 17.33
N PHE C 779 -31.98 9.14 18.24
CA PHE C 779 -32.51 9.39 19.59
C PHE C 779 -33.11 10.78 19.78
N ALA C 780 -32.67 11.78 19.01
CA ALA C 780 -33.11 13.15 19.21
C ALA C 780 -34.28 13.50 18.30
N GLN C 781 -35.17 12.54 18.09
CA GLN C 781 -36.35 12.75 17.26
C GLN C 781 -37.21 13.85 17.85
N VAL C 782 -37.38 13.84 19.17
CA VAL C 782 -38.15 14.87 19.84
C VAL C 782 -37.21 15.90 20.44
N LYS C 783 -37.63 17.17 20.44
CA LYS C 783 -36.80 18.26 20.92
C LYS C 783 -37.14 18.69 22.34
N GLN C 784 -38.28 18.28 22.88
CA GLN C 784 -38.69 18.64 24.23
C GLN C 784 -38.70 17.39 25.11
N ILE C 785 -37.99 17.46 26.24
CA ILE C 785 -37.88 16.33 27.14
C ILE C 785 -39.18 16.23 27.94
N TYR C 786 -39.93 15.17 27.70
CA TYR C 786 -41.18 14.93 28.39
C TYR C 786 -40.96 14.11 29.65
N LYS C 787 -41.89 14.24 30.59
CA LYS C 787 -41.82 13.54 31.87
C LYS C 787 -43.17 12.91 32.16
N THR C 788 -43.16 11.67 32.66
CA THR C 788 -44.38 10.99 33.03
C THR C 788 -44.97 11.61 34.30
N PRO C 789 -46.27 11.46 34.51
CA PRO C 789 -46.88 12.00 35.72
C PRO C 789 -46.32 11.31 36.95
N PRO C 790 -46.36 11.98 38.10
CA PRO C 790 -45.83 11.35 39.33
C PRO C 790 -46.53 10.05 39.68
N ILE C 791 -47.84 9.96 39.43
CA ILE C 791 -48.59 8.74 39.71
C ILE C 791 -48.81 7.99 38.40
N LYS C 792 -48.45 6.70 38.39
CA LYS C 792 -48.51 5.89 37.18
C LYS C 792 -49.82 5.09 37.11
N ASP C 793 -50.91 5.82 36.90
CA ASP C 793 -52.22 5.22 36.66
C ASP C 793 -52.52 5.29 35.17
N PHE C 794 -52.38 4.16 34.48
CA PHE C 794 -52.47 4.11 33.03
C PHE C 794 -53.60 3.16 32.64
N GLY C 795 -54.69 3.20 33.42
CA GLY C 795 -55.83 2.36 33.12
C GLY C 795 -55.54 0.88 33.18
N GLY C 796 -54.70 0.46 34.12
CA GLY C 796 -54.35 -0.94 34.27
C GLY C 796 -53.09 -1.38 33.59
N PHE C 797 -52.53 -0.57 32.68
CA PHE C 797 -51.28 -0.89 32.01
C PHE C 797 -50.13 -0.56 32.95
N ASN C 798 -49.15 -1.45 33.01
CA ASN C 798 -48.03 -1.30 33.93
C ASN C 798 -46.76 -1.01 33.16
N PHE C 799 -46.25 0.21 33.29
CA PHE C 799 -45.08 0.66 32.54
C PHE C 799 -43.86 0.83 33.44
N SER C 800 -44.00 0.54 34.72
CA SER C 800 -42.91 0.79 35.66
C SER C 800 -41.64 0.07 35.22
N GLN C 801 -41.80 -1.05 34.53
CA GLN C 801 -40.63 -1.78 34.03
C GLN C 801 -40.02 -1.08 32.81
N ILE C 802 -40.87 -0.61 31.89
CA ILE C 802 -40.35 0.10 30.72
C ILE C 802 -39.83 1.48 31.13
N LEU C 803 -40.54 2.14 32.05
CA LEU C 803 -40.20 3.49 32.46
C LEU C 803 -38.98 3.48 33.39
N PRO C 804 -38.20 4.56 33.39
CA PRO C 804 -37.09 4.68 34.36
C PRO C 804 -37.61 4.64 35.79
N ASP C 805 -36.82 4.06 36.68
CA ASP C 805 -37.16 4.01 38.10
C ASP C 805 -36.21 4.90 38.89
N PRO C 806 -36.73 5.84 39.68
CA PRO C 806 -35.83 6.73 40.44
C PRO C 806 -34.99 6.02 41.48
N SER C 807 -35.39 4.81 41.91
CA SER C 807 -34.67 4.14 42.98
C SER C 807 -33.23 3.83 42.59
N LYS C 808 -33.02 3.42 41.35
CA LYS C 808 -31.66 3.19 40.88
C LYS C 808 -30.90 4.51 40.84
N PRO C 809 -29.61 4.51 41.20
CA PRO C 809 -28.85 5.77 41.10
C PRO C 809 -28.81 6.35 39.70
N SER C 810 -28.84 5.50 38.69
CA SER C 810 -28.92 5.99 37.32
C SER C 810 -30.36 5.99 36.83
N LYS C 811 -30.67 6.99 36.00
CA LYS C 811 -32.03 7.16 35.47
C LYS C 811 -32.22 6.21 34.28
N ARG C 812 -32.25 4.93 34.60
CA ARG C 812 -32.29 3.86 33.62
C ARG C 812 -33.36 2.85 34.00
N SER C 813 -34.12 2.40 33.02
CA SER C 813 -35.21 1.49 33.28
C SER C 813 -34.70 0.08 33.56
N PRO C 814 -35.51 -0.77 34.20
CA PRO C 814 -35.05 -2.13 34.49
C PRO C 814 -34.60 -2.92 33.28
N ILE C 815 -35.29 -2.79 32.15
CA ILE C 815 -34.87 -3.53 30.95
C ILE C 815 -33.55 -3.01 30.43
N GLU C 816 -33.37 -1.68 30.40
CA GLU C 816 -32.11 -1.09 30.00
C GLU C 816 -30.95 -1.54 30.86
N ASP C 817 -31.18 -1.76 32.16
CA ASP C 817 -30.11 -2.16 33.06
C ASP C 817 -29.50 -3.48 32.62
N LEU C 818 -30.33 -4.49 32.41
CA LEU C 818 -29.82 -5.78 31.96
C LEU C 818 -29.41 -5.73 30.50
N LEU C 819 -29.90 -4.78 29.73
CA LEU C 819 -29.39 -4.60 28.38
C LEU C 819 -27.92 -4.18 28.41
N PHE C 820 -27.58 -3.23 29.27
CA PHE C 820 -26.19 -2.81 29.37
C PHE C 820 -25.33 -3.84 30.10
N ASN C 821 -25.89 -4.54 31.08
CA ASN C 821 -25.10 -5.50 31.85
C ASN C 821 -24.64 -6.66 30.97
N LYS C 822 -25.45 -7.04 29.98
CA LYS C 822 -25.10 -8.18 29.13
C LYS C 822 -23.93 -7.87 28.22
N VAL C 823 -23.94 -6.69 27.60
CA VAL C 823 -22.89 -6.32 26.65
C VAL C 823 -21.62 -5.96 27.40
N THR C 824 -20.51 -6.57 27.01
CA THR C 824 -19.23 -6.33 27.66
C THR C 824 -18.35 -5.39 26.83
N LYS C 851 -6.00 1.37 25.53
CA LYS C 851 -5.45 1.05 24.22
C LYS C 851 -4.75 2.26 23.61
N PHE C 852 -3.53 2.53 24.05
CA PHE C 852 -2.75 3.69 23.60
C PHE C 852 -1.49 3.20 22.90
N ASN C 853 -1.56 3.07 21.58
CA ASN C 853 -0.40 2.81 20.72
C ASN C 853 -0.44 3.67 19.48
N GLY C 854 -0.72 4.95 19.63
CA GLY C 854 -1.06 5.81 18.51
C GLY C 854 -2.54 5.92 18.24
N LEU C 855 -3.33 4.98 18.76
CA LEU C 855 -4.78 5.04 18.63
C LEU C 855 -5.37 5.90 19.75
N THR C 856 -6.61 6.33 19.53
CA THR C 856 -7.38 7.00 20.56
C THR C 856 -8.85 6.69 20.34
N VAL C 857 -9.63 6.78 21.42
CA VAL C 857 -11.06 6.55 21.37
C VAL C 857 -11.76 7.80 21.89
N LEU C 858 -12.53 8.45 21.03
CA LEU C 858 -13.19 9.69 21.39
C LEU C 858 -14.51 9.39 22.07
N PRO C 859 -14.80 10.03 23.19
CA PRO C 859 -16.10 9.81 23.84
C PRO C 859 -17.22 10.28 22.95
N PRO C 860 -18.36 9.59 22.96
CA PRO C 860 -19.50 10.05 22.16
C PRO C 860 -20.02 11.38 22.68
N LEU C 861 -20.59 12.17 21.78
CA LEU C 861 -21.15 13.46 22.17
C LEU C 861 -22.20 13.30 23.26
N LEU C 862 -23.15 12.38 23.04
CA LEU C 862 -24.20 12.12 24.01
C LEU C 862 -23.73 11.00 24.93
N THR C 863 -23.58 11.30 26.22
CA THR C 863 -23.17 10.28 27.16
C THR C 863 -24.31 9.28 27.39
N ASP C 864 -23.94 8.08 27.83
CA ASP C 864 -24.91 6.99 27.93
C ASP C 864 -26.06 7.34 28.86
N GLU C 865 -25.81 8.18 29.87
CA GLU C 865 -26.90 8.65 30.71
C GLU C 865 -27.79 9.64 29.96
N MET C 866 -27.25 10.32 28.95
CA MET C 866 -27.99 11.40 28.30
C MET C 866 -28.90 10.86 27.21
N ILE C 867 -28.44 9.84 26.47
CA ILE C 867 -29.35 9.19 25.51
C ILE C 867 -30.47 8.48 26.26
N ALA C 868 -30.22 8.07 27.49
CA ALA C 868 -31.28 7.53 28.32
C ALA C 868 -32.37 8.57 28.56
N GLN C 869 -31.99 9.84 28.63
CA GLN C 869 -32.99 10.89 28.80
C GLN C 869 -33.81 11.09 27.55
N TYR C 870 -33.19 11.03 26.37
CA TYR C 870 -33.96 11.02 25.12
C TYR C 870 -34.92 9.84 25.06
N THR C 871 -34.43 8.65 25.43
CA THR C 871 -35.30 7.48 25.38
C THR C 871 -36.47 7.63 26.35
N SER C 872 -36.20 8.15 27.55
CA SER C 872 -37.27 8.41 28.50
C SER C 872 -38.25 9.45 28.00
N ALA C 873 -37.78 10.49 27.31
CA ALA C 873 -38.67 11.50 26.75
C ALA C 873 -39.56 10.91 25.66
N LEU C 874 -38.96 10.13 24.76
CA LEU C 874 -39.74 9.48 23.71
C LEU C 874 -40.77 8.54 24.32
N LEU C 875 -40.37 7.78 25.33
CA LEU C 875 -41.28 6.85 25.98
C LEU C 875 -42.41 7.58 26.70
N ALA C 876 -42.10 8.68 27.39
CA ALA C 876 -43.12 9.45 28.07
C ALA C 876 -44.11 10.06 27.08
N GLY C 877 -43.60 10.58 25.96
CA GLY C 877 -44.48 11.10 24.93
C GLY C 877 -45.36 10.02 24.33
N THR C 878 -44.80 8.84 24.10
CA THR C 878 -45.59 7.73 23.57
C THR C 878 -46.68 7.33 24.55
N ILE C 879 -46.37 7.36 25.84
CA ILE C 879 -47.31 6.89 26.84
C ILE C 879 -48.43 7.89 27.06
N THR C 880 -48.08 9.14 27.35
CA THR C 880 -49.08 10.12 27.75
C THR C 880 -49.66 10.90 26.59
N SER C 881 -48.98 10.96 25.45
CA SER C 881 -49.42 11.77 24.32
C SER C 881 -49.79 10.94 23.09
N GLY C 882 -49.03 9.91 22.78
CA GLY C 882 -49.36 9.07 21.63
C GLY C 882 -48.46 9.34 20.45
N TRP C 883 -49.08 9.54 19.28
CA TRP C 883 -48.34 9.94 18.09
C TRP C 883 -48.37 11.44 17.85
N THR C 884 -49.10 12.19 18.67
CA THR C 884 -49.22 13.62 18.44
C THR C 884 -47.91 14.34 18.76
N PHE C 885 -47.15 13.85 19.72
CA PHE C 885 -45.91 14.53 20.09
C PHE C 885 -44.85 14.47 19.01
N GLY C 886 -44.96 13.54 18.07
CA GLY C 886 -44.06 13.52 16.94
C GLY C 886 -44.55 14.29 15.73
N ALA C 887 -45.69 14.97 15.85
CA ALA C 887 -46.28 15.73 14.77
C ALA C 887 -46.82 17.05 15.27
N GLY C 888 -46.10 17.70 16.18
CA GLY C 888 -46.50 18.98 16.71
C GLY C 888 -46.50 19.02 18.22
N PRO C 889 -47.42 19.80 18.80
CA PRO C 889 -47.50 19.89 20.26
C PRO C 889 -47.96 18.57 20.85
N ALA C 890 -47.35 18.17 21.96
CA ALA C 890 -47.76 16.96 22.64
C ALA C 890 -49.14 17.19 23.26
N LEU C 891 -50.06 16.26 23.01
CA LEU C 891 -51.43 16.37 23.47
C LEU C 891 -51.74 15.19 24.39
N GLN C 892 -52.16 15.47 25.62
CA GLN C 892 -52.33 14.39 26.58
C GLN C 892 -53.55 13.57 26.18
N ILE C 893 -53.50 12.27 26.44
CA ILE C 893 -54.63 11.40 26.12
C ILE C 893 -54.57 10.19 27.05
N PRO C 894 -55.69 9.80 27.67
CA PRO C 894 -55.68 8.62 28.53
C PRO C 894 -55.22 7.41 27.76
N PHE C 895 -54.38 6.60 28.39
CA PHE C 895 -53.79 5.45 27.70
C PHE C 895 -54.84 4.47 27.16
N PRO C 896 -55.93 4.16 27.87
CA PRO C 896 -56.96 3.34 27.23
C PRO C 896 -57.45 3.91 25.91
N MET C 897 -57.65 5.22 25.82
CA MET C 897 -58.05 5.79 24.53
C MET C 897 -56.92 5.75 23.53
N GLN C 898 -55.69 5.99 23.99
CA GLN C 898 -54.54 5.98 23.10
C GLN C 898 -54.22 4.57 22.63
N MET C 899 -54.83 3.55 23.22
CA MET C 899 -54.69 2.19 22.70
C MET C 899 -55.90 1.80 21.86
N ALA C 900 -57.08 2.30 22.22
CA ALA C 900 -58.24 2.09 21.35
C ALA C 900 -58.00 2.71 19.99
N TYR C 901 -57.23 3.79 19.93
CA TYR C 901 -56.94 4.40 18.64
C TYR C 901 -55.95 3.56 17.83
N ARG C 902 -54.99 2.94 18.50
CA ARG C 902 -54.13 2.00 17.79
C ARG C 902 -54.93 0.80 17.28
N PHE C 903 -55.94 0.36 18.04
CA PHE C 903 -56.83 -0.67 17.52
C PHE C 903 -57.58 -0.19 16.28
N ASN C 904 -58.18 1.00 16.34
CA ASN C 904 -58.86 1.53 15.16
C ASN C 904 -57.92 1.63 13.97
N GLY C 905 -56.62 1.77 14.22
CA GLY C 905 -55.68 1.83 13.13
C GLY C 905 -55.29 0.51 12.51
N ILE C 906 -55.80 -0.62 13.00
CA ILE C 906 -55.48 -1.91 12.40
C ILE C 906 -56.75 -2.63 12.00
N GLY C 907 -57.82 -1.87 11.77
CA GLY C 907 -59.04 -2.43 11.22
C GLY C 907 -59.97 -3.09 12.21
N VAL C 908 -59.60 -3.17 13.48
CA VAL C 908 -60.45 -3.73 14.52
C VAL C 908 -60.97 -2.58 15.38
N THR C 909 -62.28 -2.51 15.55
CA THR C 909 -62.88 -1.35 16.19
C THR C 909 -62.41 -1.22 17.62
N GLN C 910 -62.52 -0.01 18.15
CA GLN C 910 -62.17 0.32 19.52
C GLN C 910 -63.05 -0.34 20.52
N ASN C 911 -64.16 -0.90 20.02
CA ASN C 911 -65.08 -1.65 20.85
C ASN C 911 -64.37 -2.80 21.56
N VAL C 912 -63.33 -3.35 20.94
CA VAL C 912 -62.67 -4.53 21.49
C VAL C 912 -61.89 -4.18 22.75
N LEU C 913 -61.18 -3.06 22.74
CA LEU C 913 -60.30 -2.73 23.86
C LEU C 913 -61.09 -2.48 25.14
N TYR C 914 -62.10 -1.61 25.07
CA TYR C 914 -62.77 -1.19 26.29
C TYR C 914 -63.47 -2.35 26.98
N GLU C 915 -64.06 -3.27 26.21
CA GLU C 915 -64.70 -4.43 26.82
C GLU C 915 -63.66 -5.40 27.36
N ASN C 916 -62.48 -5.43 26.77
CA ASN C 916 -61.40 -6.32 27.19
C ASN C 916 -60.22 -5.57 27.79
N GLN C 917 -60.47 -4.46 28.47
CA GLN C 917 -59.39 -3.62 28.96
C GLN C 917 -58.51 -4.36 29.95
N LYS C 918 -59.12 -5.01 30.93
CA LYS C 918 -58.33 -5.73 31.94
C LYS C 918 -57.55 -6.87 31.34
N LEU C 919 -58.18 -7.64 30.45
CA LEU C 919 -57.49 -8.75 29.81
C LEU C 919 -56.31 -8.27 28.98
N ILE C 920 -56.50 -7.19 28.23
CA ILE C 920 -55.42 -6.68 27.39
C ILE C 920 -54.31 -6.10 28.24
N ALA C 921 -54.66 -5.45 29.35
CA ALA C 921 -53.64 -4.94 30.26
C ALA C 921 -52.81 -6.09 30.83
N ASN C 922 -53.46 -7.18 31.22
CA ASN C 922 -52.73 -8.33 31.71
C ASN C 922 -51.85 -8.95 30.63
N GLN C 923 -52.37 -9.02 29.40
CA GLN C 923 -51.57 -9.49 28.28
C GLN C 923 -50.31 -8.65 28.12
N PHE C 924 -50.47 -7.33 28.16
CA PHE C 924 -49.34 -6.42 28.02
C PHE C 924 -48.32 -6.63 29.13
N ASN C 925 -48.78 -6.68 30.38
CA ASN C 925 -47.87 -6.82 31.51
C ASN C 925 -47.10 -8.15 31.43
N SER C 926 -47.81 -9.24 31.14
CA SER C 926 -47.15 -10.53 31.03
C SER C 926 -46.17 -10.54 29.86
N ALA C 927 -46.52 -9.87 28.76
CA ALA C 927 -45.61 -9.80 27.63
C ALA C 927 -44.33 -9.08 28.00
N ILE C 928 -44.44 -7.97 28.74
CA ILE C 928 -43.25 -7.23 29.14
C ILE C 928 -42.39 -8.07 30.08
N GLY C 929 -43.03 -8.76 31.03
CA GLY C 929 -42.29 -9.65 31.90
C GLY C 929 -41.57 -10.75 31.14
N LYS C 930 -42.23 -11.31 30.13
CA LYS C 930 -41.60 -12.34 29.31
C LYS C 930 -40.43 -11.77 28.52
N ILE C 931 -40.54 -10.51 28.07
CA ILE C 931 -39.41 -9.87 27.42
C ILE C 931 -38.22 -9.78 28.36
N GLN C 932 -38.47 -9.37 29.61
CA GLN C 932 -37.38 -9.29 30.57
C GLN C 932 -36.75 -10.66 30.78
N ASP C 933 -37.58 -11.69 30.96
CA ASP C 933 -37.05 -13.03 31.20
C ASP C 933 -36.26 -13.54 30.00
N SER C 934 -36.76 -13.31 28.79
CA SER C 934 -36.07 -13.77 27.59
C SER C 934 -34.74 -13.05 27.43
N LEU C 935 -34.70 -11.75 27.69
CA LEU C 935 -33.44 -11.02 27.60
C LEU C 935 -32.45 -11.50 28.64
N SER C 936 -32.90 -11.72 29.88
CA SER C 936 -31.98 -12.12 30.94
C SER C 936 -31.46 -13.54 30.73
N SER C 937 -32.32 -14.45 30.25
CA SER C 937 -31.94 -15.86 30.19
C SER C 937 -30.95 -16.13 29.06
N THR C 938 -31.20 -15.56 27.88
CA THR C 938 -30.42 -15.90 26.70
C THR C 938 -29.28 -14.90 26.51
N PRO C 939 -28.02 -15.32 26.65
CA PRO C 939 -26.92 -14.38 26.38
C PRO C 939 -26.84 -13.95 24.94
N SER C 940 -27.28 -14.80 24.01
CA SER C 940 -27.18 -14.46 22.59
C SER C 940 -28.28 -13.51 22.12
N ALA C 941 -29.06 -12.97 23.05
CA ALA C 941 -30.13 -12.05 22.68
C ALA C 941 -29.57 -10.79 22.03
N LEU C 942 -28.51 -10.22 22.61
CA LEU C 942 -27.94 -8.97 22.10
C LEU C 942 -26.88 -9.27 21.05
N GLY C 943 -27.24 -10.12 20.10
CA GLY C 943 -26.25 -10.63 19.16
C GLY C 943 -25.70 -9.57 18.25
N LYS C 944 -26.56 -8.68 17.74
CA LYS C 944 -26.10 -7.67 16.78
C LYS C 944 -25.11 -6.71 17.43
N LEU C 945 -25.46 -6.18 18.61
CA LEU C 945 -24.56 -5.26 19.28
C LEU C 945 -23.27 -5.94 19.71
N GLN C 946 -23.37 -7.18 20.21
CA GLN C 946 -22.15 -7.89 20.58
C GLN C 946 -21.26 -8.12 19.37
N ASP C 947 -21.86 -8.46 18.22
CA ASP C 947 -21.06 -8.67 17.02
C ASP C 947 -20.41 -7.38 16.56
N VAL C 948 -21.11 -6.26 16.66
CA VAL C 948 -20.51 -4.98 16.26
C VAL C 948 -19.32 -4.66 17.16
N VAL C 949 -19.51 -4.76 18.47
CA VAL C 949 -18.43 -4.44 19.40
C VAL C 949 -17.25 -5.38 19.20
N ASN C 950 -17.54 -6.68 19.03
CA ASN C 950 -16.47 -7.65 18.84
C ASN C 950 -15.74 -7.40 17.53
N GLN C 951 -16.46 -7.02 16.47
CA GLN C 951 -15.81 -6.75 15.19
C GLN C 951 -14.87 -5.56 15.30
N ASN C 952 -15.33 -4.47 15.93
CA ASN C 952 -14.46 -3.30 16.08
C ASN C 952 -13.25 -3.63 16.96
N ALA C 953 -13.47 -4.34 18.06
CA ALA C 953 -12.36 -4.69 18.95
C ALA C 953 -11.37 -5.60 18.26
N GLN C 954 -11.87 -6.56 17.47
CA GLN C 954 -10.98 -7.47 16.74
C GLN C 954 -10.18 -6.71 15.69
N ALA C 955 -10.82 -5.75 15.01
CA ALA C 955 -10.09 -4.95 14.04
C ALA C 955 -8.98 -4.16 14.71
N LEU C 956 -9.27 -3.53 15.85
CA LEU C 956 -8.23 -2.78 16.55
C LEU C 956 -7.12 -3.70 17.06
N ASN C 957 -7.48 -4.87 17.57
CA ASN C 957 -6.47 -5.81 18.05
C ASN C 957 -5.57 -6.28 16.91
N THR C 958 -6.15 -6.56 15.74
CA THR C 958 -5.35 -6.92 14.58
C THR C 958 -4.44 -5.78 14.17
N LEU C 959 -4.98 -4.55 14.18
CA LEU C 959 -4.16 -3.39 13.83
C LEU C 959 -2.95 -3.27 14.75
N VAL C 960 -3.17 -3.44 16.05
CA VAL C 960 -2.06 -3.31 17.00
C VAL C 960 -1.09 -4.46 16.87
N LYS C 961 -1.61 -5.69 16.75
CA LYS C 961 -0.74 -6.86 16.69
C LYS C 961 0.09 -6.88 15.40
N GLN C 962 -0.40 -6.23 14.34
CA GLN C 962 0.32 -6.29 13.08
C GLN C 962 1.60 -5.44 13.12
N LEU C 963 1.79 -4.64 14.17
CA LEU C 963 3.06 -3.95 14.35
C LEU C 963 4.20 -4.93 14.58
N SER C 964 3.89 -6.14 15.02
CA SER C 964 4.91 -7.15 15.31
C SER C 964 5.36 -7.91 14.07
N SER C 965 4.79 -7.61 12.91
CA SER C 965 5.17 -8.30 11.69
C SER C 965 6.40 -7.65 11.07
N ASN C 966 7.32 -8.50 10.58
CA ASN C 966 8.56 -7.99 10.03
C ASN C 966 8.35 -7.25 8.72
N PHE C 967 7.31 -7.62 7.96
CA PHE C 967 6.97 -6.95 6.69
C PHE C 967 8.10 -7.04 5.69
N GLY C 968 8.97 -8.04 5.84
CA GLY C 968 10.12 -8.18 4.99
C GLY C 968 11.38 -7.50 5.50
N ALA C 969 11.26 -6.68 6.53
CA ALA C 969 12.44 -6.06 7.12
C ALA C 969 13.12 -7.03 8.08
N ILE C 970 14.39 -6.73 8.39
CA ILE C 970 15.17 -7.59 9.28
C ILE C 970 14.74 -7.46 10.73
N SER C 971 13.88 -6.50 11.06
CA SER C 971 13.40 -6.34 12.43
C SER C 971 12.02 -5.71 12.38
N SER C 972 11.28 -5.91 13.46
CA SER C 972 9.91 -5.40 13.56
C SER C 972 9.78 -4.15 14.41
N VAL C 973 10.84 -3.73 15.09
CA VAL C 973 10.82 -2.55 15.94
C VAL C 973 11.81 -1.54 15.38
N LEU C 974 11.37 -0.27 15.28
CA LEU C 974 12.17 0.76 14.64
C LEU C 974 13.43 1.11 15.40
N ASN C 975 13.42 1.00 16.73
CA ASN C 975 14.59 1.38 17.51
C ASN C 975 15.78 0.47 17.25
N ASP C 976 15.51 -0.83 17.03
CA ASP C 976 16.61 -1.78 16.89
C ASP C 976 17.32 -1.62 15.55
N ILE C 977 16.57 -1.33 14.49
CA ILE C 977 17.19 -1.18 13.17
C ILE C 977 18.15 -0.01 13.13
N LEU C 978 17.78 1.12 13.73
CA LEU C 978 18.68 2.26 13.78
C LEU C 978 19.94 1.93 14.59
N SER C 979 19.80 1.14 15.65
CA SER C 979 20.95 0.76 16.45
C SER C 979 21.89 -0.18 15.70
N ARG C 980 21.35 -1.16 14.98
CA ARG C 980 22.19 -2.19 14.36
C ARG C 980 22.65 -1.81 12.96
N LEU C 981 22.09 -0.78 12.35
CA LEU C 981 22.41 -0.42 10.97
C LEU C 981 22.74 1.05 10.85
N ASP C 982 23.57 1.37 9.86
CA ASP C 982 23.83 2.75 9.51
C ASP C 982 22.60 3.37 8.86
N PRO C 983 22.43 4.68 8.97
CA PRO C 983 21.22 5.34 8.42
C PRO C 983 21.00 5.05 6.95
N PRO C 984 22.00 5.21 6.07
CA PRO C 984 21.71 4.98 4.64
C PRO C 984 21.32 3.54 4.34
N GLU C 985 21.89 2.57 5.05
CA GLU C 985 21.50 1.19 4.84
C GLU C 985 20.17 0.87 5.51
N ALA C 986 19.92 1.43 6.69
CA ALA C 986 18.66 1.20 7.38
C ALA C 986 17.50 1.91 6.71
N GLU C 987 17.75 2.82 5.78
CA GLU C 987 16.67 3.54 5.13
C GLU C 987 15.76 2.60 4.36
N VAL C 988 16.33 1.59 3.70
CA VAL C 988 15.49 0.67 2.92
C VAL C 988 14.64 -0.19 3.84
N GLN C 989 15.19 -0.65 4.97
CA GLN C 989 14.40 -1.42 5.91
C GLN C 989 13.28 -0.58 6.50
N ILE C 990 13.59 0.67 6.85
CA ILE C 990 12.56 1.57 7.36
C ILE C 990 11.48 1.78 6.32
N ASP C 991 11.86 1.94 5.05
CA ASP C 991 10.87 2.13 3.99
C ASP C 991 10.00 0.89 3.84
N ARG C 992 10.59 -0.30 3.97
CA ARG C 992 9.79 -1.53 3.91
C ARG C 992 8.76 -1.57 5.03
N LEU C 993 9.18 -1.24 6.26
CA LEU C 993 8.22 -1.18 7.36
C LEU C 993 7.16 -0.12 7.12
N ILE C 994 7.55 1.03 6.56
CA ILE C 994 6.58 2.09 6.30
C ILE C 994 5.53 1.62 5.32
N THR C 995 5.97 0.96 4.24
CA THR C 995 5.03 0.47 3.25
C THR C 995 4.07 -0.55 3.86
N GLY C 996 4.62 -1.49 4.64
CA GLY C 996 3.75 -2.48 5.26
C GLY C 996 2.75 -1.89 6.22
N ARG C 997 3.21 -0.98 7.08
CA ARG C 997 2.32 -0.41 8.10
C ARG C 997 1.31 0.53 7.47
N LEU C 998 1.69 1.24 6.40
CA LEU C 998 0.75 2.10 5.72
C LEU C 998 -0.29 1.28 4.98
N GLN C 999 0.11 0.12 4.44
CA GLN C 999 -0.86 -0.81 3.89
C GLN C 999 -1.81 -1.30 4.97
N SER C 1000 -1.28 -1.57 6.16
CA SER C 1000 -2.13 -2.00 7.27
C SER C 1000 -3.15 -0.93 7.64
N LEU C 1001 -2.71 0.32 7.76
CA LEU C 1001 -3.64 1.40 8.03
C LEU C 1001 -4.65 1.57 6.91
N GLN C 1002 -4.20 1.44 5.66
CA GLN C 1002 -5.10 1.59 4.53
C GLN C 1002 -6.21 0.54 4.56
N THR C 1003 -5.85 -0.72 4.79
CA THR C 1003 -6.87 -1.75 4.84
C THR C 1003 -7.74 -1.63 6.08
N TYR C 1004 -7.19 -1.18 7.21
CA TYR C 1004 -8.02 -0.97 8.39
C TYR C 1004 -9.03 0.16 8.14
N VAL C 1005 -8.58 1.24 7.50
CA VAL C 1005 -9.49 2.36 7.24
C VAL C 1005 -10.54 1.95 6.22
N THR C 1006 -10.18 1.16 5.22
CA THR C 1006 -11.18 0.68 4.28
C THR C 1006 -12.20 -0.22 4.97
N GLN C 1007 -11.75 -1.11 5.85
CA GLN C 1007 -12.68 -1.94 6.60
C GLN C 1007 -13.57 -1.10 7.48
N GLN C 1008 -13.01 -0.04 8.09
CA GLN C 1008 -13.81 0.82 8.95
C GLN C 1008 -14.83 1.60 8.15
N LEU C 1009 -14.47 2.00 6.92
CA LEU C 1009 -15.43 2.67 6.05
C LEU C 1009 -16.56 1.73 5.67
N ILE C 1010 -16.24 0.47 5.37
CA ILE C 1010 -17.29 -0.51 5.08
C ILE C 1010 -18.19 -0.69 6.29
N ARG C 1011 -17.59 -0.86 7.47
CA ARG C 1011 -18.36 -1.06 8.69
C ARG C 1011 -19.22 0.16 8.98
N ALA C 1012 -18.68 1.36 8.74
CA ALA C 1012 -19.43 2.57 9.02
C ALA C 1012 -20.56 2.76 8.03
N ALA C 1013 -20.37 2.33 6.78
CA ALA C 1013 -21.48 2.35 5.84
C ALA C 1013 -22.58 1.39 6.27
N GLU C 1014 -22.20 0.19 6.71
CA GLU C 1014 -23.18 -0.75 7.22
C GLU C 1014 -23.92 -0.19 8.43
N ILE C 1015 -23.18 0.42 9.34
CA ILE C 1015 -23.78 0.98 10.56
C ILE C 1015 -24.64 2.18 10.23
N ARG C 1016 -24.25 2.97 9.22
CA ARG C 1016 -25.08 4.08 8.78
C ARG C 1016 -26.39 3.59 8.19
N ALA C 1017 -26.34 2.51 7.42
CA ALA C 1017 -27.57 1.91 6.92
C ALA C 1017 -28.44 1.42 8.07
N SER C 1018 -27.82 0.78 9.06
CA SER C 1018 -28.57 0.28 10.20
C SER C 1018 -29.14 1.42 11.04
N ALA C 1019 -28.41 2.54 11.13
CA ALA C 1019 -28.87 3.66 11.94
C ALA C 1019 -29.96 4.44 11.21
N ASN C 1020 -29.89 4.53 9.89
CA ASN C 1020 -30.99 5.09 9.13
C ASN C 1020 -32.23 4.21 9.25
N LEU C 1021 -32.05 2.89 9.20
CA LEU C 1021 -33.18 1.99 9.42
C LEU C 1021 -33.74 2.15 10.83
N ALA C 1022 -32.88 2.32 11.82
CA ALA C 1022 -33.34 2.51 13.20
C ALA C 1022 -34.07 3.83 13.36
N ALA C 1023 -33.57 4.89 12.72
CA ALA C 1023 -34.25 6.18 12.77
C ALA C 1023 -35.62 6.08 12.10
N THR C 1024 -35.70 5.37 10.98
CA THR C 1024 -37.00 5.15 10.34
C THR C 1024 -37.91 4.34 11.23
N LYS C 1025 -37.38 3.31 11.88
CA LYS C 1025 -38.18 2.53 12.82
C LYS C 1025 -38.73 3.40 13.91
N MET C 1026 -37.88 4.23 14.52
CA MET C 1026 -38.33 5.12 15.58
C MET C 1026 -39.40 6.07 15.08
N SER C 1027 -39.13 6.75 13.97
CA SER C 1027 -40.06 7.76 13.47
C SER C 1027 -41.39 7.15 13.10
N GLU C 1028 -41.40 5.97 12.46
CA GLU C 1028 -42.62 5.43 11.89
C GLU C 1028 -43.31 4.41 12.78
N CYS C 1029 -42.69 3.97 13.87
CA CYS C 1029 -43.29 3.04 14.79
C CYS C 1029 -43.38 3.56 16.21
N VAL C 1030 -42.28 4.13 16.73
CA VAL C 1030 -42.32 4.66 18.09
C VAL C 1030 -43.24 5.87 18.16
N LEU C 1031 -43.09 6.81 17.21
CA LEU C 1031 -43.94 7.99 17.20
C LEU C 1031 -45.39 7.62 16.90
N GLY C 1032 -45.66 7.13 15.70
CA GLY C 1032 -46.98 6.64 15.35
C GLY C 1032 -46.86 5.23 14.85
N GLN C 1033 -48.01 4.56 14.71
CA GLN C 1033 -48.01 3.16 14.30
C GLN C 1033 -47.88 3.05 12.79
N SER C 1034 -47.35 1.93 12.33
CA SER C 1034 -47.05 1.70 10.92
C SER C 1034 -48.05 0.70 10.35
N LYS C 1035 -48.66 1.05 9.21
CA LYS C 1035 -49.43 0.08 8.46
C LYS C 1035 -48.55 -0.82 7.61
N ARG C 1036 -47.25 -0.54 7.55
CA ARG C 1036 -46.33 -1.42 6.83
C ARG C 1036 -46.25 -2.76 7.55
N VAL C 1037 -46.68 -3.81 6.87
CA VAL C 1037 -46.79 -5.13 7.48
C VAL C 1037 -45.41 -5.78 7.53
N ASP C 1038 -45.07 -6.35 8.68
CA ASP C 1038 -43.82 -7.02 9.01
C ASP C 1038 -42.67 -6.04 9.16
N PHE C 1039 -42.87 -4.73 8.95
CA PHE C 1039 -41.80 -3.77 9.15
C PHE C 1039 -41.42 -3.67 10.63
N CYS C 1040 -42.42 -3.49 11.49
CA CYS C 1040 -42.20 -3.40 12.93
C CYS C 1040 -42.96 -4.53 13.61
N GLY C 1041 -42.25 -5.58 13.97
CA GLY C 1041 -42.84 -6.70 14.66
C GLY C 1041 -43.55 -7.65 13.72
N LYS C 1042 -43.93 -8.80 14.26
CA LYS C 1042 -44.67 -9.81 13.52
C LYS C 1042 -46.12 -9.73 13.95
N GLY C 1043 -47.00 -9.47 13.00
CA GLY C 1043 -48.41 -9.23 13.30
C GLY C 1043 -48.76 -7.77 13.12
N TYR C 1044 -50.04 -7.48 13.30
CA TYR C 1044 -50.51 -6.11 13.21
C TYR C 1044 -49.88 -5.28 14.32
N HIS C 1045 -49.39 -4.10 13.94
CA HIS C 1045 -48.60 -3.27 14.84
C HIS C 1045 -49.51 -2.41 15.71
N LEU C 1046 -49.14 -2.28 16.99
CA LEU C 1046 -49.84 -1.43 17.92
C LEU C 1046 -49.02 -0.25 18.40
N MET C 1047 -47.87 -0.50 19.03
CA MET C 1047 -47.04 0.57 19.56
C MET C 1047 -45.58 0.17 19.39
N SER C 1048 -44.69 0.95 20.01
CA SER C 1048 -43.28 0.60 20.08
C SER C 1048 -42.58 1.46 21.12
N PHE C 1049 -41.73 0.85 21.93
CA PHE C 1049 -41.04 1.57 22.99
C PHE C 1049 -39.55 1.49 22.77
N PRO C 1050 -38.86 2.63 22.64
CA PRO C 1050 -37.40 2.60 22.55
C PRO C 1050 -36.78 2.14 23.85
N GLN C 1051 -35.63 1.49 23.71
CA GLN C 1051 -34.82 1.12 24.87
C GLN C 1051 -33.37 1.37 24.51
N SER C 1052 -32.72 2.25 25.27
CA SER C 1052 -31.32 2.51 25.00
C SER C 1052 -30.49 1.25 25.24
N ALA C 1053 -29.53 1.03 24.34
CA ALA C 1053 -28.63 -0.11 24.45
C ALA C 1053 -27.23 0.39 24.14
N PRO C 1054 -26.20 -0.27 24.67
CA PRO C 1054 -24.84 0.23 24.46
C PRO C 1054 -24.43 0.13 23.01
N HIS C 1055 -24.32 1.29 22.36
CA HIS C 1055 -23.98 1.40 20.94
C HIS C 1055 -25.05 0.81 20.05
N GLY C 1056 -26.32 1.05 20.38
CA GLY C 1056 -27.42 0.53 19.61
C GLY C 1056 -28.73 1.00 20.21
N VAL C 1057 -29.82 0.44 19.70
CA VAL C 1057 -31.16 0.73 20.20
C VAL C 1057 -31.95 -0.57 20.22
N VAL C 1058 -32.81 -0.73 21.22
CA VAL C 1058 -33.66 -1.91 21.37
C VAL C 1058 -35.10 -1.44 21.31
N PHE C 1059 -35.90 -2.11 20.51
CA PHE C 1059 -37.30 -1.77 20.34
C PHE C 1059 -38.18 -2.84 20.97
N LEU C 1060 -39.31 -2.40 21.55
CA LEU C 1060 -40.29 -3.31 22.12
C LEU C 1060 -41.57 -3.19 21.28
N HIS C 1061 -41.63 -3.96 20.19
CA HIS C 1061 -42.69 -3.82 19.20
C HIS C 1061 -43.95 -4.50 19.72
N VAL C 1062 -44.85 -3.73 20.30
CA VAL C 1062 -46.12 -4.27 20.81
C VAL C 1062 -47.02 -4.49 19.60
N THR C 1063 -47.38 -5.75 19.35
CA THR C 1063 -48.11 -6.14 18.17
C THR C 1063 -49.38 -6.89 18.56
N TYR C 1064 -50.36 -6.86 17.66
CA TYR C 1064 -51.65 -7.51 17.84
C TYR C 1064 -51.66 -8.75 16.96
N VAL C 1065 -51.80 -9.92 17.57
CA VAL C 1065 -51.79 -11.18 16.82
C VAL C 1065 -53.07 -11.97 17.11
N PRO C 1066 -53.93 -12.17 16.12
CA PRO C 1066 -55.12 -13.01 16.34
C PRO C 1066 -54.72 -14.43 16.67
N ALA C 1067 -55.50 -15.07 17.54
CA ALA C 1067 -55.12 -16.36 18.10
C ALA C 1067 -56.06 -17.49 17.74
N GLN C 1068 -57.35 -17.37 18.05
CA GLN C 1068 -58.28 -18.50 17.97
C GLN C 1068 -59.21 -18.29 16.78
N GLU C 1069 -58.94 -18.97 15.68
CA GLU C 1069 -59.77 -18.86 14.50
C GLU C 1069 -60.94 -19.84 14.54
N LYS C 1070 -61.90 -19.62 13.66
CA LYS C 1070 -63.10 -20.44 13.62
C LYS C 1070 -63.64 -20.42 12.20
N ASN C 1071 -63.83 -21.61 11.62
CA ASN C 1071 -64.33 -21.70 10.25
C ASN C 1071 -65.75 -21.16 10.16
N PHE C 1072 -66.05 -20.47 9.07
CA PHE C 1072 -67.38 -19.96 8.80
C PHE C 1072 -67.67 -20.05 7.31
N THR C 1073 -68.95 -20.12 6.97
CA THR C 1073 -69.39 -20.11 5.59
C THR C 1073 -69.70 -18.68 5.18
N THR C 1074 -68.94 -18.16 4.22
CA THR C 1074 -69.04 -16.77 3.80
C THR C 1074 -69.86 -16.67 2.52
N ALA C 1075 -70.04 -15.42 2.07
CA ALA C 1075 -70.75 -15.11 0.84
C ALA C 1075 -70.41 -13.68 0.47
N PRO C 1076 -70.06 -13.42 -0.79
CA PRO C 1076 -69.61 -12.06 -1.14
C PRO C 1076 -70.71 -11.02 -1.03
N ALA C 1077 -71.97 -11.43 -1.00
CA ALA C 1077 -73.08 -10.49 -1.01
C ALA C 1077 -74.31 -11.16 -0.42
N ILE C 1078 -75.41 -10.42 -0.37
CA ILE C 1078 -76.70 -10.95 0.09
C ILE C 1078 -77.80 -10.32 -0.76
N CYS C 1079 -78.58 -11.16 -1.43
CA CYS C 1079 -79.67 -10.69 -2.28
C CYS C 1079 -80.94 -10.61 -1.45
N HIS C 1080 -81.34 -9.39 -1.11
CA HIS C 1080 -82.60 -9.16 -0.41
C HIS C 1080 -83.44 -8.18 -1.21
N ASP C 1081 -84.71 -8.50 -1.38
CA ASP C 1081 -85.62 -7.71 -2.21
C ASP C 1081 -85.08 -7.55 -3.63
N GLY C 1082 -84.43 -8.58 -4.14
CA GLY C 1082 -83.92 -8.56 -5.50
C GLY C 1082 -82.82 -7.57 -5.74
N LYS C 1083 -82.09 -7.17 -4.70
CA LYS C 1083 -80.98 -6.25 -4.85
C LYS C 1083 -79.83 -6.70 -3.96
N ALA C 1084 -78.62 -6.60 -4.49
CA ALA C 1084 -77.45 -7.07 -3.76
C ALA C 1084 -77.21 -6.20 -2.53
N HIS C 1085 -76.47 -6.76 -1.58
CA HIS C 1085 -76.10 -6.04 -0.36
C HIS C 1085 -74.69 -6.46 0.03
N PHE C 1086 -73.76 -5.54 -0.06
CA PHE C 1086 -72.38 -5.82 0.29
C PHE C 1086 -72.07 -5.27 1.67
N PRO C 1087 -71.12 -5.85 2.39
CA PRO C 1087 -70.81 -5.34 3.73
C PRO C 1087 -70.13 -3.98 3.65
N ARG C 1088 -70.65 -3.02 4.44
CA ARG C 1088 -70.02 -1.71 4.48
C ARG C 1088 -68.61 -1.80 5.02
N GLU C 1089 -68.40 -2.58 6.07
CA GLU C 1089 -67.07 -2.85 6.59
C GLU C 1089 -67.13 -4.16 7.35
N GLY C 1090 -66.49 -5.19 6.81
CA GLY C 1090 -66.47 -6.50 7.41
C GLY C 1090 -66.76 -7.58 6.39
N VAL C 1091 -66.96 -8.80 6.88
CA VAL C 1091 -67.23 -9.98 6.06
C VAL C 1091 -68.62 -10.47 6.39
N PHE C 1092 -69.28 -11.11 5.42
CA PHE C 1092 -70.52 -11.80 5.72
C PHE C 1092 -70.23 -13.24 6.10
N VAL C 1093 -70.74 -13.65 7.27
CA VAL C 1093 -70.50 -14.99 7.78
C VAL C 1093 -71.80 -15.61 8.22
N SER C 1094 -71.79 -16.94 8.34
CA SER C 1094 -72.92 -17.70 8.84
C SER C 1094 -72.42 -18.70 9.87
N ASN C 1095 -73.18 -18.84 10.95
CA ASN C 1095 -72.85 -19.84 11.96
C ASN C 1095 -73.60 -21.15 11.74
N GLY C 1096 -74.20 -21.33 10.57
CA GLY C 1096 -74.86 -22.58 10.22
C GLY C 1096 -76.26 -22.38 9.69
N THR C 1097 -77.01 -21.45 10.29
CA THR C 1097 -78.37 -21.16 9.85
C THR C 1097 -78.66 -19.67 9.72
N HIS C 1098 -77.92 -18.81 10.40
CA HIS C 1098 -78.17 -17.37 10.38
C HIS C 1098 -76.97 -16.64 9.81
N TRP C 1099 -77.23 -15.57 9.06
CA TRP C 1099 -76.19 -14.80 8.41
C TRP C 1099 -75.86 -13.57 9.22
N PHE C 1100 -74.58 -13.37 9.49
CA PHE C 1100 -74.11 -12.25 10.30
C PHE C 1100 -72.97 -11.56 9.57
N VAL C 1101 -72.82 -10.28 9.83
CA VAL C 1101 -71.70 -9.49 9.34
C VAL C 1101 -70.71 -9.30 10.47
N THR C 1102 -69.43 -9.53 10.17
CA THR C 1102 -68.40 -9.56 11.19
C THR C 1102 -67.23 -8.71 10.75
N GLN C 1103 -66.70 -7.94 11.68
CA GLN C 1103 -65.49 -7.18 11.38
C GLN C 1103 -64.35 -8.14 11.05
N ARG C 1104 -63.39 -7.65 10.27
CA ARG C 1104 -62.43 -8.55 9.63
C ARG C 1104 -61.51 -9.26 10.60
N ASN C 1105 -61.24 -8.71 11.79
CA ASN C 1105 -60.16 -9.24 12.61
C ASN C 1105 -60.63 -9.64 14.01
N PHE C 1106 -61.92 -9.83 14.19
CA PHE C 1106 -62.45 -10.25 15.49
C PHE C 1106 -63.87 -10.75 15.30
N TYR C 1107 -64.17 -11.96 15.76
CA TYR C 1107 -65.51 -12.49 15.58
C TYR C 1107 -66.47 -11.74 16.48
N GLU C 1108 -67.16 -10.74 15.91
CA GLU C 1108 -68.22 -10.01 16.60
C GLU C 1108 -69.42 -9.98 15.68
N PRO C 1109 -70.28 -11.00 15.72
CA PRO C 1109 -71.42 -11.06 14.80
C PRO C 1109 -72.40 -9.93 15.06
N GLN C 1110 -72.99 -9.42 14.00
CA GLN C 1110 -74.03 -8.40 14.07
C GLN C 1110 -75.12 -8.74 13.07
N ILE C 1111 -76.38 -8.55 13.48
CA ILE C 1111 -77.50 -8.83 12.60
C ILE C 1111 -77.42 -7.93 11.38
N ILE C 1112 -77.79 -8.46 10.22
CA ILE C 1112 -77.66 -7.71 8.97
C ILE C 1112 -78.72 -6.62 8.93
N THR C 1113 -78.27 -5.37 8.82
CA THR C 1113 -79.16 -4.24 8.69
C THR C 1113 -78.64 -3.34 7.57
N THR C 1114 -79.47 -2.36 7.20
CA THR C 1114 -79.08 -1.42 6.15
C THR C 1114 -77.97 -0.47 6.60
N ASP C 1115 -77.68 -0.41 7.89
CA ASP C 1115 -76.65 0.51 8.38
C ASP C 1115 -75.26 0.05 8.01
N ASN C 1116 -75.00 -1.25 8.00
CA ASN C 1116 -73.69 -1.80 7.70
C ASN C 1116 -73.66 -2.54 6.37
N THR C 1117 -74.64 -2.28 5.50
CA THR C 1117 -74.69 -2.83 4.17
C THR C 1117 -75.10 -1.74 3.19
N PHE C 1118 -74.55 -1.80 1.98
CA PHE C 1118 -74.93 -0.84 0.94
C PHE C 1118 -75.31 -1.59 -0.33
N VAL C 1119 -76.45 -1.21 -0.91
CA VAL C 1119 -76.97 -1.87 -2.09
C VAL C 1119 -76.09 -1.54 -3.29
N SER C 1120 -76.02 -2.47 -4.24
CA SER C 1120 -75.18 -2.29 -5.42
C SER C 1120 -75.86 -2.88 -6.66
N GLY C 1121 -77.13 -2.54 -6.86
CA GLY C 1121 -77.84 -2.98 -8.05
C GLY C 1121 -78.63 -4.26 -7.83
N ASN C 1122 -78.82 -5.04 -8.88
CA ASN C 1122 -79.55 -6.29 -8.79
C ASN C 1122 -78.59 -7.45 -8.51
N CYS C 1123 -79.16 -8.56 -8.04
CA CYS C 1123 -78.37 -9.69 -7.57
C CYS C 1123 -78.21 -10.79 -8.61
N ASP C 1124 -78.10 -10.42 -9.89
CA ASP C 1124 -77.90 -11.42 -10.94
C ASP C 1124 -76.42 -11.51 -11.35
N VAL C 1125 -75.73 -10.37 -11.39
CA VAL C 1125 -74.39 -10.34 -11.97
C VAL C 1125 -73.35 -10.86 -10.99
N VAL C 1126 -73.60 -10.73 -9.68
CA VAL C 1126 -72.62 -11.20 -8.70
C VAL C 1126 -72.67 -12.72 -8.62
N ILE C 1127 -71.48 -13.33 -8.50
CA ILE C 1127 -71.34 -14.77 -8.45
C ILE C 1127 -71.05 -15.19 -7.01
N GLY C 1128 -71.88 -16.10 -6.49
CA GLY C 1128 -71.73 -16.57 -5.13
C GLY C 1128 -72.67 -15.93 -4.13
N ILE C 1129 -73.54 -15.03 -4.56
CA ILE C 1129 -74.44 -14.36 -3.64
C ILE C 1129 -75.47 -15.35 -3.11
N VAL C 1130 -75.93 -15.12 -1.89
CA VAL C 1130 -76.83 -16.03 -1.19
C VAL C 1130 -78.09 -15.28 -0.77
N ASN C 1131 -79.24 -15.92 -0.98
CA ASN C 1131 -80.51 -15.35 -0.54
C ASN C 1131 -80.54 -15.29 0.98
N ASN C 1132 -80.97 -14.16 1.52
CA ASN C 1132 -81.06 -13.96 2.96
C ASN C 1132 -81.87 -12.71 3.22
N THR C 1133 -82.30 -12.56 4.46
CA THR C 1133 -83.05 -11.37 4.86
C THR C 1133 -82.12 -10.32 5.43
N VAL C 1134 -82.51 -9.05 5.26
CA VAL C 1134 -81.78 -7.91 5.78
C VAL C 1134 -82.75 -7.06 6.58
N TYR C 1135 -82.45 -6.85 7.86
CA TYR C 1135 -83.32 -6.11 8.76
C TYR C 1135 -83.34 -4.64 8.38
N ASP C 1136 -84.53 -4.03 8.45
CA ASP C 1136 -84.68 -2.61 8.21
C ASP C 1136 -84.90 -1.90 9.53
N PRO C 1137 -83.93 -1.12 10.03
CA PRO C 1137 -84.14 -0.45 11.33
C PRO C 1137 -85.28 0.56 11.30
N LEU C 1138 -85.64 1.07 10.13
CA LEU C 1138 -86.73 2.05 10.05
C LEU C 1138 -88.10 1.41 10.21
N GLN C 1139 -88.24 0.13 9.84
CA GLN C 1139 -89.54 -0.51 9.83
C GLN C 1139 -90.22 -0.58 11.20
N PRO C 1140 -89.56 -0.99 12.29
CA PRO C 1140 -90.29 -1.17 13.55
C PRO C 1140 -90.91 0.11 14.10
N GLU C 1141 -90.43 1.28 13.71
CA GLU C 1141 -91.01 2.52 14.23
C GLU C 1141 -92.26 2.95 13.49
N LEU C 1142 -92.54 2.37 12.32
CA LEU C 1142 -93.68 2.82 11.53
C LEU C 1142 -95.00 2.44 12.18
N ASP C 1143 -95.15 1.18 12.59
CA ASP C 1143 -96.42 0.73 13.16
C ASP C 1143 -96.60 1.27 14.58
N SER C 1144 -95.54 1.29 15.37
CA SER C 1144 -95.60 1.76 16.75
C SER C 1144 -95.20 3.23 16.84
N GLN D 1 50.69 -0.94 3.94
CA GLN D 1 51.68 -0.62 4.96
C GLN D 1 51.14 0.47 5.90
N VAL D 2 51.59 0.45 7.15
CA VAL D 2 51.10 1.41 8.14
C VAL D 2 51.58 2.80 7.77
N GLN D 3 50.62 3.73 7.67
CA GLN D 3 50.92 5.12 7.38
C GLN D 3 50.12 6.02 8.30
N LEU D 4 50.77 7.08 8.79
CA LEU D 4 50.12 8.11 9.59
C LEU D 4 50.39 9.45 8.90
N GLN D 5 49.41 9.93 8.15
CA GLN D 5 49.57 11.09 7.28
C GLN D 5 49.11 12.35 8.01
N GLN D 6 49.92 13.40 7.91
CA GLN D 6 49.61 14.70 8.47
C GLN D 6 49.84 15.80 7.44
N PRO D 7 49.01 16.85 7.43
CA PRO D 7 49.14 17.86 6.37
C PRO D 7 50.42 18.68 6.47
N GLY D 8 50.71 19.25 7.64
CA GLY D 8 51.90 20.06 7.82
C GLY D 8 51.68 21.52 7.47
N THR D 9 52.78 22.29 7.57
CA THR D 9 52.86 23.71 7.22
C THR D 9 51.62 24.50 7.66
N GLU D 10 51.13 24.21 8.86
CA GLU D 10 49.99 24.94 9.40
C GLU D 10 50.37 26.38 9.71
N LEU D 11 49.47 27.31 9.39
CA LEU D 11 49.70 28.74 9.59
C LEU D 11 48.47 29.32 10.29
N VAL D 12 48.67 29.83 11.52
CA VAL D 12 47.59 30.40 12.30
C VAL D 12 48.09 31.68 12.96
N MET D 13 47.14 32.49 13.45
CA MET D 13 47.26 33.74 14.18
C MET D 13 47.12 33.49 15.68
N PRO D 14 47.89 34.19 16.51
CA PRO D 14 47.83 33.95 17.96
C PRO D 14 46.43 34.20 18.52
N GLY D 15 46.05 33.35 19.48
CA GLY D 15 44.75 33.44 20.11
C GLY D 15 43.66 32.63 19.45
N ALA D 16 43.93 32.00 18.30
CA ALA D 16 42.93 31.21 17.61
C ALA D 16 43.04 29.75 18.04
N SER D 17 42.28 28.88 17.38
CA SER D 17 42.28 27.46 17.66
C SER D 17 42.55 26.68 16.38
N VAL D 18 43.36 25.63 16.47
CA VAL D 18 43.73 24.82 15.33
C VAL D 18 43.35 23.37 15.61
N LYS D 19 43.02 22.64 14.54
CA LYS D 19 42.63 21.24 14.63
C LYS D 19 43.58 20.42 13.76
N LEU D 20 44.65 19.90 14.37
CA LEU D 20 45.64 19.13 13.63
C LEU D 20 45.12 17.72 13.37
N SER D 21 45.28 17.26 12.14
CA SER D 21 44.76 15.97 11.71
C SER D 21 45.88 14.97 11.50
N CYS D 22 45.64 13.73 11.90
CA CYS D 22 46.58 12.62 11.69
C CYS D 22 45.80 11.47 11.05
N LYS D 23 45.86 11.38 9.72
CA LYS D 23 45.17 10.32 8.99
C LYS D 23 45.97 9.03 9.07
N THR D 24 45.29 7.94 9.38
CA THR D 24 45.93 6.64 9.55
C THR D 24 45.38 5.66 8.52
N SER D 25 46.25 4.76 8.07
CA SER D 25 45.87 3.74 7.09
C SER D 25 46.79 2.55 7.22
N GLY D 26 46.33 1.41 6.69
CA GLY D 26 47.15 0.21 6.68
C GLY D 26 47.21 -0.52 8.01
N TYR D 27 46.35 -0.14 8.96
CA TYR D 27 46.32 -0.81 10.26
C TYR D 27 44.99 -0.49 10.94
N THR D 28 44.58 -1.37 11.85
CA THR D 28 43.29 -1.24 12.53
C THR D 28 43.37 -0.12 13.56
N PHE D 29 42.47 0.85 13.43
CA PHE D 29 42.51 2.03 14.30
C PHE D 29 41.96 1.73 15.69
N THR D 30 40.94 0.89 15.77
CA THR D 30 40.23 0.65 17.03
C THR D 30 41.05 -0.15 18.04
N HIS D 31 42.01 -0.96 17.58
CA HIS D 31 42.76 -1.83 18.48
C HIS D 31 43.92 -1.13 19.18
N TYR D 32 44.23 0.11 18.81
CA TYR D 32 45.35 0.83 19.40
C TYR D 32 44.92 2.24 19.77
N TRP D 33 45.63 2.83 20.73
CA TRP D 33 45.39 4.20 21.12
C TRP D 33 46.02 5.17 20.12
N MET D 34 46.04 6.44 20.49
CA MET D 34 46.65 7.49 19.68
C MET D 34 47.38 8.49 20.57
N HIS D 35 48.61 8.83 20.18
CA HIS D 35 49.45 9.72 20.97
C HIS D 35 49.97 10.84 20.08
N TRP D 36 50.25 11.99 20.71
CA TRP D 36 50.79 13.14 20.01
C TRP D 36 52.07 13.60 20.70
N VAL D 37 53.02 14.05 19.89
CA VAL D 37 54.31 14.52 20.37
C VAL D 37 54.62 15.87 19.74
N LYS D 38 55.07 16.81 20.55
CA LYS D 38 55.39 18.17 20.11
C LYS D 38 56.90 18.33 20.01
N GLN D 39 57.34 18.94 18.90
CA GLN D 39 58.77 19.08 18.61
C GLN D 39 59.11 20.57 18.51
N ARG D 40 59.84 21.08 19.50
CA ARG D 40 60.41 22.41 19.43
C ARG D 40 61.92 22.32 19.29
N PRO D 41 62.53 23.14 18.43
CA PRO D 41 63.98 23.04 18.23
C PRO D 41 64.81 23.24 19.49
N GLY D 42 64.33 24.07 20.43
CA GLY D 42 65.08 24.31 21.65
C GLY D 42 64.68 23.41 22.80
N GLU D 43 63.55 22.72 22.68
CA GLU D 43 63.07 21.86 23.74
C GLU D 43 62.97 20.41 23.26
N GLY D 44 63.46 20.15 22.05
CA GLY D 44 63.42 18.82 21.48
C GLY D 44 62.01 18.26 21.32
N LEU D 45 61.81 17.03 21.77
CA LEU D 45 60.53 16.33 21.61
C LEU D 45 59.90 16.10 22.98
N GLU D 46 58.61 16.40 23.08
CA GLU D 46 57.85 16.23 24.31
C GLU D 46 56.53 15.54 24.00
N TRP D 47 56.18 14.54 24.81
CA TRP D 47 54.92 13.83 24.65
C TRP D 47 53.76 14.71 25.11
N ILE D 48 52.67 14.71 24.35
CA ILE D 48 51.53 15.56 24.60
C ILE D 48 50.46 14.85 25.43
N GLY D 49 49.94 13.75 24.91
CA GLY D 49 48.87 13.05 25.60
C GLY D 49 48.47 11.80 24.84
N GLU D 50 47.47 11.12 25.38
CA GLU D 50 46.97 9.88 24.81
C GLU D 50 45.45 9.92 24.72
N ILE D 51 44.93 9.40 23.61
CA ILE D 51 43.49 9.31 23.38
C ILE D 51 43.15 7.90 22.92
N ALA D 52 42.11 7.34 23.53
CA ALA D 52 41.67 5.98 23.21
C ALA D 52 40.52 6.04 22.23
N PRO D 53 40.67 5.48 21.02
CA PRO D 53 39.56 5.51 20.06
C PRO D 53 38.34 4.78 20.59
N SER D 54 37.16 5.32 20.26
CA SER D 54 35.87 4.79 20.70
C SER D 54 35.84 4.65 22.22
N ASP D 55 36.37 5.67 22.88
CA ASP D 55 36.43 5.69 24.34
C ASP D 55 36.42 7.13 24.82
N ASN D 56 36.02 7.32 26.07
CA ASN D 56 35.99 8.64 26.70
C ASN D 56 37.18 8.87 27.63
N TYR D 57 38.13 7.95 27.70
CA TYR D 57 39.32 8.11 28.51
C TYR D 57 40.35 8.97 27.80
N VAL D 58 40.71 10.09 28.41
CA VAL D 58 41.70 11.00 27.85
C VAL D 58 42.70 11.35 28.94
N LYS D 59 43.98 11.36 28.58
CA LYS D 59 45.05 11.73 29.49
C LYS D 59 45.97 12.72 28.80
N TYR D 60 46.14 13.90 29.40
CA TYR D 60 47.04 14.92 28.91
C TYR D 60 48.24 15.06 29.83
N ASN D 61 49.39 15.40 29.27
CA ASN D 61 50.54 15.78 30.07
C ASN D 61 50.22 17.05 30.85
N GLN D 62 50.74 17.13 32.09
CA GLN D 62 50.37 18.23 32.98
C GLN D 62 50.65 19.59 32.37
N LYS D 63 51.78 19.73 31.66
CA LYS D 63 52.12 21.00 31.05
C LYS D 63 51.14 21.39 29.95
N PHE D 64 50.62 20.42 29.19
CA PHE D 64 49.77 20.69 28.05
C PHE D 64 48.29 20.50 28.34
N LYS D 65 47.90 20.34 29.61
CA LYS D 65 46.48 20.26 29.95
C LYS D 65 45.79 21.58 29.62
N GLY D 66 44.63 21.49 29.00
CA GLY D 66 43.90 22.68 28.59
C GLY D 66 44.36 23.27 27.27
N LYS D 67 45.68 23.34 27.07
CA LYS D 67 46.23 23.85 25.82
C LYS D 67 45.83 22.96 24.65
N SER D 68 45.90 21.64 24.83
CA SER D 68 45.60 20.69 23.77
C SER D 68 44.35 19.89 24.13
N THR D 69 43.46 19.74 23.15
CA THR D 69 42.24 18.94 23.30
C THR D 69 42.29 17.80 22.31
N LEU D 70 42.06 16.59 22.80
CA LEU D 70 42.18 15.38 21.99
C LEU D 70 40.82 14.92 21.52
N SER D 71 40.65 14.80 20.21
CA SER D 71 39.41 14.33 19.60
C SER D 71 39.72 13.16 18.69
N VAL D 72 38.78 12.21 18.64
CA VAL D 72 38.94 11.00 17.84
C VAL D 72 37.64 10.72 17.08
N ASP D 73 37.79 10.37 15.81
CA ASP D 73 36.66 9.98 14.96
C ASP D 73 36.86 8.54 14.54
N ARG D 74 35.92 7.67 14.94
CA ARG D 74 36.01 6.26 14.56
C ARG D 74 35.90 6.09 13.05
N SER D 75 34.99 6.84 12.42
CA SER D 75 34.86 6.80 10.97
C SER D 75 36.07 7.42 10.30
N SER D 76 36.49 6.86 9.16
CA SER D 76 37.59 7.36 8.35
C SER D 76 38.94 7.19 9.06
N SER D 77 38.92 6.69 10.29
CA SER D 77 40.12 6.40 11.07
C SER D 77 41.05 7.62 11.13
N THR D 78 40.54 8.69 11.71
CA THR D 78 41.27 9.95 11.81
C THR D 78 41.38 10.36 13.27
N ALA D 79 42.55 10.87 13.64
CA ALA D 79 42.81 11.37 14.98
C ALA D 79 43.05 12.87 14.94
N TYR D 80 42.50 13.58 15.91
CA TYR D 80 42.57 15.03 15.95
C TYR D 80 43.11 15.47 17.31
N MET D 81 43.78 16.62 17.30
CA MET D 81 44.30 17.24 18.51
C MET D 81 44.13 18.74 18.37
N GLN D 82 43.25 19.32 19.19
CA GLN D 82 42.89 20.73 19.08
C GLN D 82 43.74 21.55 20.04
N LEU D 83 44.37 22.60 19.53
CA LEU D 83 45.15 23.53 20.34
C LEU D 83 44.38 24.84 20.44
N SER D 84 44.08 25.27 21.66
CA SER D 84 43.36 26.50 21.92
C SER D 84 44.27 27.51 22.61
N SER D 85 43.99 28.79 22.36
CA SER D 85 44.78 29.90 22.91
C SER D 85 46.26 29.75 22.52
N LEU D 86 46.50 29.80 21.21
CA LEU D 86 47.84 29.59 20.67
C LEU D 86 48.69 30.84 20.88
N THR D 87 49.92 30.63 21.36
CA THR D 87 50.89 31.70 21.55
C THR D 87 52.13 31.43 20.70
N SER D 88 53.11 32.32 20.83
CA SER D 88 54.36 32.15 20.09
C SER D 88 55.11 30.91 20.54
N GLU D 89 54.99 30.54 21.81
CA GLU D 89 55.64 29.34 22.31
C GLU D 89 55.08 28.07 21.68
N ASP D 90 53.81 28.09 21.28
CA ASP D 90 53.18 26.95 20.65
C ASP D 90 53.65 26.73 19.22
N SER D 91 54.42 27.66 18.66
CA SER D 91 54.96 27.49 17.31
C SER D 91 55.97 26.35 17.31
N ALA D 92 55.55 25.18 16.83
CA ALA D 92 56.41 24.00 16.85
C ALA D 92 55.85 23.00 15.84
N VAL D 93 56.47 21.83 15.78
CA VAL D 93 56.08 20.75 14.88
C VAL D 93 55.52 19.61 15.72
N TYR D 94 54.31 19.17 15.39
CA TYR D 94 53.60 18.18 16.18
C TYR D 94 53.59 16.84 15.46
N PHE D 95 53.92 15.78 16.18
CA PHE D 95 53.95 14.42 15.65
C PHE D 95 52.83 13.59 16.27
N CYS D 96 52.05 12.92 15.43
CA CYS D 96 51.15 11.88 15.91
C CYS D 96 51.86 10.54 15.86
N ALA D 97 51.61 9.71 16.88
CA ALA D 97 52.34 8.47 17.04
C ALA D 97 51.36 7.31 17.19
N ARG D 98 51.75 6.16 16.65
CA ARG D 98 50.98 4.92 16.81
C ARG D 98 51.58 4.12 17.95
N PRO D 99 50.87 3.92 19.05
CA PRO D 99 51.41 3.11 20.14
C PRO D 99 51.52 1.64 19.77
N ASP D 100 52.54 0.98 20.32
CA ASP D 100 52.69 -0.45 20.10
C ASP D 100 51.61 -1.23 20.84
N ASN D 101 51.16 -0.72 21.97
CA ASN D 101 50.08 -1.31 22.74
C ASN D 101 49.15 -0.20 23.25
N SER D 102 47.87 -0.54 23.40
CA SER D 102 46.89 0.40 23.90
C SER D 102 46.99 0.43 25.41
N GLY D 103 47.98 1.16 25.92
CA GLY D 103 48.18 1.24 27.34
C GLY D 103 49.55 1.83 27.66
N TYR D 104 49.97 1.62 28.90
CA TYR D 104 51.28 2.08 29.35
C TYR D 104 52.04 0.94 30.02
N PRO D 105 53.36 0.87 29.82
CA PRO D 105 54.19 1.78 29.02
C PRO D 105 54.07 1.61 27.50
N VAL D 106 54.65 2.57 26.77
CA VAL D 106 54.65 2.59 25.31
C VAL D 106 55.93 3.25 24.84
N TYR D 107 56.43 2.81 23.68
CA TYR D 107 57.68 3.35 23.14
C TYR D 107 57.51 3.93 21.73
N PHE D 108 56.27 4.08 21.25
CA PHE D 108 55.97 4.76 20.00
C PHE D 108 56.68 4.11 18.82
N ASP D 109 56.29 2.87 18.52
CA ASP D 109 56.96 2.11 17.47
C ASP D 109 56.80 2.77 16.10
N TYR D 110 55.69 3.48 15.88
CA TYR D 110 55.44 4.16 14.62
C TYR D 110 55.11 5.62 14.85
N TRP D 111 55.34 6.43 13.80
CA TRP D 111 55.21 7.88 13.91
C TRP D 111 54.50 8.42 12.68
N GLY D 112 53.92 9.62 12.83
CA GLY D 112 53.27 10.28 11.73
C GLY D 112 54.19 11.25 11.00
N GLN D 113 53.67 11.80 9.90
CA GLN D 113 54.45 12.74 9.10
C GLN D 113 54.73 14.04 9.85
N GLY D 114 53.77 14.52 10.64
CA GLY D 114 53.99 15.71 11.44
C GLY D 114 53.47 16.98 10.81
N THR D 115 52.89 17.85 11.63
CA THR D 115 52.41 19.16 11.20
C THR D 115 53.29 20.24 11.82
N SER D 116 53.80 21.13 10.97
CA SER D 116 54.65 22.24 11.43
C SER D 116 53.74 23.43 11.71
N LEU D 117 53.45 23.66 12.99
CA LEU D 117 52.57 24.74 13.39
C LEU D 117 53.36 26.02 13.56
N THR D 118 52.90 27.09 12.91
CA THR D 118 53.49 28.41 13.05
C THR D 118 52.42 29.38 13.53
N VAL D 119 52.75 30.13 14.58
CA VAL D 119 51.81 31.06 15.22
C VAL D 119 52.33 32.46 14.94
N SER D 120 51.70 33.16 14.00
CA SER D 120 52.14 34.50 13.60
C SER D 120 50.94 35.41 13.34
N ASP E 1 58.58 14.36 37.04
CA ASP E 1 58.63 13.05 36.43
C ASP E 1 60.06 12.72 35.98
N ILE E 2 60.24 11.54 35.38
CA ILE E 2 61.56 11.11 34.95
C ILE E 2 61.96 11.90 33.71
N VAL E 3 63.18 12.42 33.72
CA VAL E 3 63.70 13.24 32.63
C VAL E 3 64.87 12.53 31.97
N MET E 4 64.93 12.62 30.65
CA MET E 4 66.05 12.13 29.84
C MET E 4 66.94 13.29 29.45
N THR E 5 68.24 13.13 29.71
CA THR E 5 69.24 14.16 29.43
C THR E 5 70.32 13.58 28.53
N GLN E 6 70.40 14.06 27.30
CA GLN E 6 71.52 13.76 26.41
C GLN E 6 72.50 14.91 26.54
N SER E 7 73.67 14.63 27.11
CA SER E 7 74.60 15.68 27.51
C SER E 7 75.11 16.47 26.32
N GLN E 8 75.46 15.78 25.23
CA GLN E 8 76.08 16.42 24.08
C GLN E 8 75.02 16.69 23.01
N LYS E 9 74.98 17.93 22.53
CA LYS E 9 73.97 18.31 21.54
C LYS E 9 74.45 18.10 20.11
N PHE E 10 75.61 18.65 19.74
CA PHE E 10 76.21 18.43 18.44
C PHE E 10 77.57 17.77 18.60
N MET E 11 77.76 16.67 17.88
CA MET E 11 78.99 15.89 17.96
C MET E 11 79.43 15.47 16.56
N SER E 12 80.74 15.24 16.42
CA SER E 12 81.34 14.95 15.12
C SER E 12 81.87 13.52 15.09
N THR E 13 81.71 12.88 13.92
CA THR E 13 82.21 11.54 13.69
C THR E 13 82.48 11.39 12.20
N SER E 14 83.46 10.55 11.87
CA SER E 14 83.85 10.30 10.49
C SER E 14 83.13 9.06 9.96
N LEU E 15 82.97 9.02 8.64
CA LEU E 15 82.29 7.90 8.00
C LEU E 15 83.06 6.61 8.20
N GLY E 16 82.34 5.54 8.54
CA GLY E 16 82.93 4.23 8.72
C GLY E 16 83.46 3.94 10.10
N ASP E 17 83.48 4.93 10.99
CA ASP E 17 83.99 4.75 12.33
C ASP E 17 82.88 4.30 13.28
N ARG E 18 83.30 3.77 14.43
CA ARG E 18 82.36 3.35 15.46
C ARG E 18 82.09 4.51 16.42
N VAL E 19 80.82 4.75 16.70
CA VAL E 19 80.39 5.88 17.51
C VAL E 19 79.41 5.40 18.56
N SER E 20 79.32 6.12 19.68
CA SER E 20 78.41 5.80 20.77
C SER E 20 77.67 7.07 21.18
N ILE E 21 76.35 6.94 21.33
CA ILE E 21 75.50 8.05 21.78
C ILE E 21 75.03 7.78 23.19
N SER E 22 75.25 8.74 24.08
CA SER E 22 74.99 8.57 25.50
C SER E 22 73.65 9.19 25.91
N CYS E 23 72.96 8.49 26.81
CA CYS E 23 71.73 8.98 27.41
C CYS E 23 71.75 8.67 28.89
N LYS E 24 71.35 9.63 29.71
CA LYS E 24 71.37 9.51 31.16
C LYS E 24 69.94 9.48 31.69
N ALA E 25 69.73 8.68 32.73
CA ALA E 25 68.42 8.57 33.38
C ALA E 25 68.51 9.03 34.83
N SER E 26 67.50 9.79 35.25
CA SER E 26 67.47 10.29 36.62
C SER E 26 67.14 9.20 37.63
N GLN E 27 66.37 8.19 37.24
CA GLN E 27 66.02 7.09 38.11
C GLN E 27 66.32 5.77 37.42
N ASP E 28 66.47 4.72 38.22
CA ASP E 28 66.66 3.38 37.67
C ASP E 28 65.40 2.93 36.94
N VAL E 29 65.50 2.84 35.62
CA VAL E 29 64.35 2.51 34.78
C VAL E 29 64.50 1.10 34.24
N GLY E 30 65.34 0.30 34.88
CA GLY E 30 65.58 -1.05 34.40
C GLY E 30 66.26 -1.03 33.05
N THR E 31 65.59 -1.59 32.04
CA THR E 31 66.07 -1.58 30.67
C THR E 31 65.06 -0.98 29.70
N THR E 32 64.20 -0.09 30.19
CA THR E 32 63.14 0.50 29.38
C THR E 32 63.61 1.84 28.81
N VAL E 33 64.41 1.74 27.75
CA VAL E 33 64.92 2.90 27.03
C VAL E 33 64.78 2.63 25.54
N ALA E 34 64.22 3.61 24.81
CA ALA E 34 64.02 3.50 23.37
C ALA E 34 64.82 4.57 22.66
N TRP E 35 65.21 4.28 21.42
CA TRP E 35 65.97 5.21 20.59
C TRP E 35 65.26 5.44 19.26
N TYR E 36 65.30 6.68 18.79
CA TYR E 36 64.70 7.06 17.52
C TYR E 36 65.72 7.82 16.69
N GLN E 37 65.53 7.81 15.37
CA GLN E 37 66.35 8.59 14.45
C GLN E 37 65.44 9.47 13.60
N GLN E 38 65.83 10.74 13.45
CA GLN E 38 65.04 11.70 12.69
C GLN E 38 65.91 12.39 11.66
N LYS E 39 65.62 12.15 10.39
CA LYS E 39 66.23 12.90 9.30
C LYS E 39 65.51 14.22 9.13
N PRO E 40 66.20 15.25 8.60
CA PRO E 40 65.55 16.54 8.39
C PRO E 40 64.37 16.42 7.45
N GLY E 41 63.24 17.00 7.85
CA GLY E 41 62.01 16.92 7.08
C GLY E 41 61.52 15.49 6.92
N GLN E 42 61.71 14.67 7.95
CA GLN E 42 61.29 13.28 7.93
C GLN E 42 60.74 12.89 9.29
N SER E 43 59.86 11.90 9.29
CA SER E 43 59.30 11.39 10.53
C SER E 43 60.35 10.60 11.30
N PRO E 44 60.31 10.62 12.62
CA PRO E 44 61.20 9.76 13.40
C PRO E 44 60.86 8.29 13.19
N LYS E 45 61.90 7.45 13.23
CA LYS E 45 61.73 6.02 13.09
C LYS E 45 62.31 5.33 14.31
N LEU E 46 61.59 4.34 14.83
CA LEU E 46 62.10 3.57 15.95
C LEU E 46 63.31 2.74 15.51
N LEU E 47 64.33 2.71 16.36
CA LEU E 47 65.53 1.92 16.10
C LEU E 47 65.67 0.75 17.05
N ILE E 48 65.66 1.00 18.37
CA ILE E 48 65.85 -0.05 19.37
C ILE E 48 64.93 0.28 20.54
N TYR E 49 63.88 -0.52 20.74
CA TYR E 49 62.72 -0.12 21.53
C TYR E 49 62.88 -0.36 23.03
N TRP E 50 63.28 -1.57 23.45
CA TRP E 50 63.98 -1.68 24.73
C TRP E 50 65.49 -1.68 24.52
N ALA E 51 66.22 -2.04 25.59
CA ALA E 51 67.61 -1.63 25.71
C ALA E 51 68.46 -2.17 24.56
N SER E 52 68.24 -3.41 24.16
CA SER E 52 69.10 -4.04 23.18
C SER E 52 68.38 -4.60 21.96
N THR E 53 67.09 -4.92 22.04
CA THR E 53 66.40 -5.51 20.91
C THR E 53 66.06 -4.45 19.87
N ARG E 54 66.65 -4.61 18.69
CA ARG E 54 66.49 -3.67 17.59
C ARG E 54 65.09 -3.78 17.00
N HIS E 55 64.61 -2.67 16.42
CA HIS E 55 63.32 -2.65 15.75
C HIS E 55 63.38 -3.42 14.43
N THR E 56 62.21 -3.78 13.92
CA THR E 56 62.13 -4.49 12.65
C THR E 56 62.55 -3.58 11.51
N GLY E 57 63.46 -4.08 10.67
CA GLY E 57 63.93 -3.33 9.53
C GLY E 57 65.26 -2.64 9.73
N VAL E 58 65.56 -2.18 10.94
CA VAL E 58 66.78 -1.42 11.16
C VAL E 58 67.99 -2.33 11.01
N PRO E 59 69.10 -1.86 10.44
CA PRO E 59 70.28 -2.72 10.29
C PRO E 59 70.89 -3.13 11.62
N ASP E 60 71.85 -4.07 11.56
CA ASP E 60 72.61 -4.48 12.73
C ASP E 60 73.60 -3.42 13.19
N ARG E 61 73.79 -2.36 12.41
CA ARG E 61 74.75 -1.31 12.77
C ARG E 61 74.37 -0.64 14.08
N PHE E 62 73.09 -0.36 14.28
CA PHE E 62 72.62 0.26 15.51
C PHE E 62 72.55 -0.80 16.60
N THR E 63 73.24 -0.55 17.72
CA THR E 63 73.26 -1.47 18.86
C THR E 63 73.05 -0.66 20.13
N GLY E 64 71.95 -0.92 20.82
CA GLY E 64 71.67 -0.26 22.09
C GLY E 64 72.26 -0.98 23.27
N THR E 65 73.13 -0.29 24.02
CA THR E 65 73.76 -0.84 25.21
C THR E 65 73.49 0.05 26.42
N GLY E 66 73.53 -0.57 27.59
CA GLY E 66 73.37 0.15 28.84
C GLY E 66 72.33 -0.50 29.72
N SER E 67 72.41 -0.19 31.01
CA SER E 67 71.47 -0.73 31.99
C SER E 67 71.44 0.18 33.20
N GLY E 68 70.35 0.13 33.96
CA GLY E 68 70.21 0.98 35.13
C GLY E 68 69.84 2.40 34.79
N THR E 69 70.79 3.31 34.93
CA THR E 69 70.59 4.71 34.57
C THR E 69 71.45 5.17 33.40
N ASP E 70 72.43 4.36 33.00
CA ASP E 70 73.32 4.70 31.89
C ASP E 70 72.92 3.86 30.68
N TYR E 71 72.72 4.53 29.55
CA TYR E 71 72.29 3.87 28.32
C TYR E 71 73.03 4.49 27.14
N THR E 72 73.46 3.64 26.21
CA THR E 72 74.30 4.05 25.10
C THR E 72 73.76 3.49 23.79
N LEU E 73 73.69 4.34 22.77
CA LEU E 73 73.35 3.92 21.42
C LEU E 73 74.62 3.91 20.58
N THR E 74 74.99 2.74 20.07
CA THR E 74 76.22 2.55 19.33
C THR E 74 75.95 2.21 17.87
N ILE E 75 76.78 2.76 16.99
CA ILE E 75 76.72 2.48 15.56
C ILE E 75 78.10 2.00 15.14
N SER E 76 78.17 0.78 14.59
CA SER E 76 79.45 0.19 14.25
C SER E 76 80.16 0.97 13.15
N SER E 77 79.41 1.37 12.11
CA SER E 77 79.96 2.15 11.02
C SER E 77 78.97 3.25 10.64
N VAL E 78 79.46 4.48 10.60
CA VAL E 78 78.63 5.65 10.35
C VAL E 78 78.48 5.83 8.85
N ALA E 79 77.23 5.81 8.37
CA ALA E 79 76.94 6.06 6.97
C ALA E 79 76.40 7.47 6.79
N ALA E 80 76.30 7.88 5.51
CA ALA E 80 75.75 9.19 5.18
C ALA E 80 74.31 9.31 5.65
N GLU E 81 73.57 8.19 5.60
CA GLU E 81 72.19 8.20 6.05
C GLU E 81 72.07 8.33 7.56
N ASP E 82 73.14 7.99 8.29
CA ASP E 82 73.14 8.05 9.75
C ASP E 82 73.35 9.45 10.30
N LEU E 83 73.66 10.42 9.45
CA LEU E 83 73.86 11.81 9.89
C LEU E 83 72.50 12.45 10.07
N ALA E 84 71.93 12.28 11.26
CA ALA E 84 70.58 12.75 11.55
C ALA E 84 70.48 13.10 13.03
N LEU E 85 69.26 13.27 13.51
CA LEU E 85 68.99 13.59 14.91
C LEU E 85 68.48 12.35 15.64
N TYR E 86 69.03 12.08 16.81
CA TYR E 86 68.71 10.89 17.58
C TYR E 86 68.19 11.28 18.95
N TYR E 87 67.23 10.51 19.47
CA TYR E 87 66.59 10.76 20.75
C TYR E 87 66.58 9.49 21.58
N CYS E 88 66.59 9.65 22.90
CA CYS E 88 66.44 8.55 23.84
C CYS E 88 65.17 8.76 24.66
N GLN E 89 64.37 7.69 24.79
CA GLN E 89 63.07 7.77 25.43
C GLN E 89 62.98 6.73 26.53
N GLN E 90 62.45 7.13 27.68
CA GLN E 90 62.18 6.20 28.77
C GLN E 90 60.70 5.85 28.78
N HIS E 91 60.41 4.55 28.92
CA HIS E 91 59.06 4.07 29.11
C HIS E 91 58.94 3.30 30.42
N TYR E 92 59.47 3.88 31.50
CA TYR E 92 59.26 3.30 32.82
C TYR E 92 57.83 3.53 33.29
N ASN E 93 57.31 4.75 33.12
CA ASN E 93 55.95 5.07 33.54
C ASN E 93 55.53 6.38 32.89
N THR E 94 54.21 6.59 32.84
CA THR E 94 53.65 7.87 32.43
C THR E 94 53.95 8.93 33.49
N PRO E 95 54.29 10.16 33.07
CA PRO E 95 54.43 10.78 31.74
C PRO E 95 55.71 10.42 30.98
N TYR E 96 55.64 10.62 29.67
CA TYR E 96 56.73 10.20 28.79
C TYR E 96 57.65 11.37 28.46
N THR E 97 58.96 11.14 28.62
CA THR E 97 59.94 12.18 28.37
C THR E 97 61.02 11.64 27.45
N PHE E 98 61.40 12.46 26.46
CA PHE E 98 62.42 12.10 25.49
C PHE E 98 63.71 12.84 25.82
N GLY E 99 64.77 12.53 25.08
CA GLY E 99 66.03 13.20 25.30
C GLY E 99 66.08 14.58 24.68
N GLY E 100 67.21 15.25 24.89
CA GLY E 100 67.41 16.58 24.36
C GLY E 100 67.83 16.58 22.90
N GLY E 101 68.09 15.39 22.37
CA GLY E 101 68.50 15.24 20.99
C GLY E 101 70.01 15.35 20.82
N THR E 102 70.49 14.72 19.76
CA THR E 102 71.90 14.74 19.42
C THR E 102 72.05 14.56 17.92
N LYS E 103 72.76 15.47 17.27
CA LYS E 103 72.90 15.45 15.82
C LYS E 103 74.30 15.00 15.43
N LEU E 104 74.38 14.05 14.51
CA LEU E 104 75.65 13.58 14.00
C LEU E 104 76.14 14.49 12.88
N GLU E 105 77.46 14.67 12.81
CA GLU E 105 78.05 15.51 11.78
C GLU E 105 79.46 15.02 11.48
N ILE E 106 80.02 15.52 10.40
CA ILE E 106 81.38 15.18 10.01
C ILE E 106 82.39 16.08 10.72
#